data_8IOF
#
_entry.id   8IOF
#
_cell.length_a   78.967
_cell.length_b   103.603
_cell.length_c   114.254
_cell.angle_alpha   83.13
_cell.angle_beta   75.71
_cell.angle_gamma   79.84
#
_symmetry.space_group_name_H-M   'P 1'
#
loop_
_entity.id
_entity.type
_entity.pdbx_description
1 polymer 'Benzylsuccinate synthase alpha subunit'
2 non-polymer '(2R,4R)-1-methyl-4-hydroxyl-pyrrolidine-2-carboxylic acid'
3 water water
#
_entity_poly.entity_id   1
_entity_poly.type   'polypeptide(L)'
_entity_poly.pdbx_seq_one_letter_code
;MSKDYMKRIQALRENYMSRRVEMDILDAYYVTQGFKATEGQPWQIQKAVAMKTVYENKPIFIQDHELLVGGVAFKPRAGI
LNPDSACSVIEKELDTISTRKYDPFYLSEENKKLFMEEVAPYWRGKCVLDRWNAMMPEDVRTMRDGGMLYVDKKFVRGYG
ENTPGWRTLLAKGITGIKKEAEEKLAALDDAHGEDVLKQIIFYKSLIISAEGIIALANRHADLAEKMAEKEADEKRRAEL
LKIAEVNRNVPANPPRNFYEALQSMLTYEFCIFMEQNASSYNLGRMDQYLIQYYEKDLADGTMTQDEAQELMDCFWIKIS
EMGLFQDGESAAFSAGYNMTVQVCAGGIDQYGNDAVNDLSYMTIQATQDTALKEPNMTVRYSISKNPDSFLRKAAECIRM
GRTMPAVYHDDAGIKMLLNKGIPMSQAWDWTPCGCVETNLEGRLKSYTDIGEISMGGVVDMVMNNGRSRKTGEQISIRTG
DPRDFKTFDDFMAAVKKQIDHFVHTMATMNSYLDYLSENYRPVPALSLTYPNCMAVGKDYANGGAEFNVGNGINIIGQAD
IINSVADIKYLVFDEKKISMDELCRALDADFEGYEHIHKMCMDAPKYGNDDPKADFCVGEIYNYLVDQIEQYDSPFGKLT
AGMLPVSGNVPIGQSVGALPSGRKAWTPLADGIGATGGTDINGATALLKSISNLPHARFTQGTQMNLKIDPKLLEGERGL
NSMMVLLKTQCTLDIYHTQYNVINPEILMDAQKNPGDHKDLLVRVAGYTAFFVELGKDIQDDIIQRTEIENWG
;
_entity_poly.pdbx_strand_id   A,B,C,D
#
# COMPACT_ATOMS: atom_id res chain seq x y z
N LYS A 3 -60.16 6.39 19.77
CA LYS A 3 -59.40 5.15 19.63
C LYS A 3 -59.02 4.58 21.00
N ASP A 4 -59.35 3.31 21.24
CA ASP A 4 -59.23 2.72 22.57
C ASP A 4 -57.82 2.87 23.13
N TYR A 5 -56.82 2.33 22.42
CA TYR A 5 -55.45 2.37 22.93
C TYR A 5 -55.02 3.78 23.31
N MET A 6 -55.71 4.81 22.82
CA MET A 6 -55.31 6.17 23.20
C MET A 6 -55.49 6.39 24.69
N LYS A 7 -56.42 5.68 25.32
CA LYS A 7 -56.52 5.78 26.77
C LYS A 7 -55.18 5.47 27.41
N ARG A 8 -54.56 4.35 27.03
CA ARG A 8 -53.26 4.03 27.60
C ARG A 8 -52.22 5.08 27.25
N ILE A 9 -52.23 5.53 26.00
CA ILE A 9 -51.20 6.46 25.54
C ILE A 9 -51.29 7.76 26.31
N GLN A 10 -52.51 8.27 26.48
CA GLN A 10 -52.70 9.47 27.30
C GLN A 10 -52.14 9.27 28.69
N ALA A 11 -52.38 8.11 29.30
CA ALA A 11 -51.85 7.85 30.64
C ALA A 11 -50.34 7.91 30.65
N LEU A 12 -49.69 7.19 29.72
CA LEU A 12 -48.24 7.21 29.66
C LEU A 12 -47.74 8.62 29.46
N ARG A 13 -48.40 9.37 28.58
CA ARG A 13 -48.03 10.75 28.34
C ARG A 13 -48.09 11.57 29.61
N GLU A 14 -49.23 11.50 30.31
CA GLU A 14 -49.37 12.24 31.55
C GLU A 14 -48.24 11.90 32.52
N ASN A 15 -47.88 10.62 32.61
CA ASN A 15 -46.77 10.27 33.48
C ASN A 15 -45.47 10.85 32.98
N TYR A 16 -45.29 10.96 31.66
CA TYR A 16 -44.09 11.60 31.13
C TYR A 16 -44.06 13.08 31.49
N MET A 17 -45.21 13.75 31.42
CA MET A 17 -45.20 15.19 31.59
C MET A 17 -44.86 15.57 33.01
N SER A 18 -45.42 14.84 33.99
CA SER A 18 -45.20 15.12 35.40
C SER A 18 -43.78 14.81 35.87
N ARG A 19 -42.89 14.41 34.98
CA ARG A 19 -41.56 13.95 35.37
C ARG A 19 -40.60 15.12 35.50
N ARG A 20 -40.02 15.28 36.68
CA ARG A 20 -38.93 16.23 36.86
C ARG A 20 -37.68 15.69 36.18
N VAL A 21 -36.88 16.57 35.60
CA VAL A 21 -35.62 16.15 35.01
C VAL A 21 -34.55 16.11 36.10
N GLU A 22 -33.95 14.94 36.27
CA GLU A 22 -33.00 14.69 37.33
C GLU A 22 -31.69 14.16 36.76
N MET A 23 -30.61 14.40 37.49
CA MET A 23 -29.31 13.90 37.10
C MET A 23 -29.13 12.49 37.66
N ASP A 24 -28.84 11.54 36.78
CA ASP A 24 -28.49 10.19 37.20
C ASP A 24 -27.00 10.11 37.49
N ILE A 25 -26.67 9.39 38.57
CA ILE A 25 -25.26 9.14 38.87
C ILE A 25 -24.97 7.67 39.04
N LEU A 26 -25.95 6.83 39.35
CA LEU A 26 -25.70 5.41 39.46
C LEU A 26 -24.95 4.86 38.26
N ASP A 27 -25.38 5.24 37.04
CA ASP A 27 -24.66 4.86 35.84
C ASP A 27 -23.17 5.17 35.96
N ALA A 28 -22.84 6.46 36.16
CA ALA A 28 -21.45 6.86 36.31
C ALA A 28 -20.76 6.06 37.39
N TYR A 29 -21.47 5.81 38.49
CA TYR A 29 -20.87 5.06 39.59
C TYR A 29 -20.53 3.64 39.15
N TYR A 30 -21.41 3.01 38.37
CA TYR A 30 -21.16 1.64 37.92
C TYR A 30 -20.08 1.57 36.85
N VAL A 31 -20.01 2.58 35.99
CA VAL A 31 -18.88 2.61 35.05
C VAL A 31 -17.57 2.64 35.82
N THR A 32 -17.51 3.48 36.84
CA THR A 32 -16.30 3.59 37.64
C THR A 32 -15.95 2.27 38.30
N GLN A 33 -16.93 1.60 38.90
CA GLN A 33 -16.70 0.26 39.44
C GLN A 33 -16.13 -0.64 38.36
N GLY A 34 -16.76 -0.61 37.17
CA GLY A 34 -16.27 -1.42 36.07
C GLY A 34 -14.81 -1.13 35.75
N PHE A 35 -14.47 0.15 35.59
CA PHE A 35 -13.09 0.48 35.28
C PHE A 35 -12.14 0.03 36.41
N LYS A 36 -12.48 0.36 37.66
CA LYS A 36 -11.66 -0.09 38.78
C LYS A 36 -11.54 -1.63 38.81
N ALA A 37 -12.63 -2.33 38.53
CA ALA A 37 -12.63 -3.78 38.50
C ALA A 37 -11.73 -4.35 37.43
N THR A 38 -11.22 -3.52 36.52
CA THR A 38 -10.43 -4.02 35.42
C THR A 38 -9.18 -3.17 35.21
N GLU A 39 -8.64 -2.59 36.28
CA GLU A 39 -7.45 -1.78 36.16
C GLU A 39 -6.34 -2.57 35.49
N GLY A 40 -5.71 -1.95 34.49
CA GLY A 40 -4.67 -2.61 33.73
C GLY A 40 -5.14 -3.35 32.49
N GLN A 41 -6.45 -3.50 32.31
CA GLN A 41 -6.94 -4.07 31.06
C GLN A 41 -7.04 -2.98 29.99
N PRO A 42 -7.08 -3.38 28.72
CA PRO A 42 -7.32 -2.40 27.66
C PRO A 42 -8.61 -1.63 27.90
N TRP A 43 -8.53 -0.32 27.63
CA TRP A 43 -9.67 0.57 27.80
C TRP A 43 -10.93 0.04 27.16
N GLN A 44 -10.80 -0.71 26.05
CA GLN A 44 -11.99 -1.32 25.43
C GLN A 44 -12.58 -2.43 26.30
N ILE A 45 -11.72 -3.24 26.94
CA ILE A 45 -12.23 -4.20 27.91
C ILE A 45 -12.86 -3.46 29.08
N GLN A 46 -12.05 -2.61 29.72
CA GLN A 46 -12.54 -1.79 30.82
C GLN A 46 -13.90 -1.20 30.50
N LYS A 47 -14.04 -0.60 29.33
CA LYS A 47 -15.27 0.11 29.03
C LYS A 47 -16.42 -0.85 28.83
N ALA A 48 -16.16 -2.00 28.21
CA ALA A 48 -17.23 -2.96 28.04
C ALA A 48 -17.68 -3.53 29.38
N VAL A 49 -16.71 -3.86 30.24
CA VAL A 49 -17.07 -4.38 31.55
C VAL A 49 -17.85 -3.33 32.33
N ALA A 50 -17.44 -2.07 32.23
CA ALA A 50 -18.18 -1.01 32.91
C ALA A 50 -19.64 -1.01 32.47
N MET A 51 -19.89 -1.05 31.15
CA MET A 51 -21.27 -1.06 30.70
C MET A 51 -22.00 -2.34 31.07
N LYS A 52 -21.30 -3.48 31.09
CA LYS A 52 -21.93 -4.67 31.66
C LYS A 52 -22.24 -4.46 33.14
N THR A 53 -21.36 -3.76 33.85
CA THR A 53 -21.65 -3.44 35.24
C THR A 53 -22.85 -2.51 35.33
N VAL A 54 -23.00 -1.60 34.37
CA VAL A 54 -24.13 -0.68 34.36
C VAL A 54 -25.41 -1.42 34.04
N TYR A 55 -25.38 -2.25 33.01
CA TYR A 55 -26.57 -3.00 32.61
C TYR A 55 -27.00 -3.96 33.71
N GLU A 56 -26.04 -4.63 34.33
CA GLU A 56 -26.40 -5.63 35.33
C GLU A 56 -26.88 -4.98 36.62
N ASN A 57 -26.53 -3.73 36.87
CA ASN A 57 -26.71 -3.19 38.21
C ASN A 57 -27.59 -1.97 38.25
N LYS A 58 -27.68 -1.19 37.18
CA LYS A 58 -28.50 0.00 37.22
C LYS A 58 -29.88 -0.32 37.79
N PRO A 59 -30.54 0.63 38.43
CA PRO A 59 -31.97 0.48 38.71
C PRO A 59 -32.74 0.33 37.40
N ILE A 60 -33.78 -0.48 37.44
CA ILE A 60 -34.70 -0.63 36.32
C ILE A 60 -36.11 -0.51 36.88
N PHE A 61 -37.05 -0.25 35.97
CA PHE A 61 -38.42 0.03 36.36
C PHE A 61 -39.33 -0.39 35.21
N ILE A 62 -40.59 -0.56 35.55
CA ILE A 62 -41.65 -0.81 34.59
C ILE A 62 -42.80 0.08 35.03
N GLN A 63 -42.99 1.22 34.39
CA GLN A 63 -44.01 2.13 34.86
C GLN A 63 -45.41 1.61 34.54
N ASP A 64 -46.40 2.17 35.23
CA ASP A 64 -47.78 1.86 34.92
C ASP A 64 -48.06 2.01 33.43
N HIS A 65 -48.86 1.07 32.91
CA HIS A 65 -49.38 1.08 31.56
C HIS A 65 -48.35 0.84 30.50
N GLU A 66 -47.07 0.70 30.86
CA GLU A 66 -46.06 0.48 29.84
C GLU A 66 -46.25 -0.88 29.18
N LEU A 67 -46.12 -0.89 27.86
CA LEU A 67 -46.00 -2.13 27.10
C LEU A 67 -44.57 -2.39 26.67
N LEU A 68 -43.88 -1.35 26.23
CA LEU A 68 -42.45 -1.37 25.97
C LEU A 68 -41.73 -0.81 27.20
N VAL A 69 -40.61 -1.42 27.57
CA VAL A 69 -40.00 -1.04 28.83
C VAL A 69 -38.50 -0.80 28.69
N GLY A 70 -37.96 -0.06 29.64
CA GLY A 70 -36.54 0.21 29.63
C GLY A 70 -36.20 1.60 30.10
N GLY A 71 -34.91 1.86 30.18
CA GLY A 71 -34.43 3.16 30.57
C GLY A 71 -32.96 3.25 30.32
N VAL A 72 -32.48 4.48 30.31
CA VAL A 72 -31.05 4.75 30.30
C VAL A 72 -30.56 5.13 31.67
N ALA A 73 -31.46 5.44 32.59
CA ALA A 73 -31.12 5.95 33.90
C ALA A 73 -32.07 5.31 34.91
N PHE A 74 -32.12 5.89 36.10
CA PHE A 74 -32.95 5.34 37.17
C PHE A 74 -34.36 5.89 37.15
N LYS A 75 -34.62 6.90 36.31
CA LYS A 75 -35.92 7.54 36.16
C LYS A 75 -36.05 8.02 34.72
N PRO A 76 -37.27 8.08 34.19
CA PRO A 76 -37.47 8.76 32.91
C PRO A 76 -36.95 10.18 32.95
N ARG A 77 -36.48 10.66 31.79
CA ARG A 77 -35.96 12.00 31.54
C ARG A 77 -34.68 12.29 32.31
N ALA A 78 -34.11 11.31 33.01
CA ALA A 78 -32.88 11.54 33.77
C ALA A 78 -31.67 11.58 32.84
N GLY A 79 -30.80 12.56 33.07
CA GLY A 79 -29.54 12.60 32.36
C GLY A 79 -28.52 11.68 33.01
N ILE A 80 -27.81 10.95 32.17
CA ILE A 80 -26.78 10.06 32.67
C ILE A 80 -25.44 10.73 32.50
N LEU A 81 -24.51 10.38 33.37
CA LEU A 81 -23.15 10.90 33.27
C LEU A 81 -22.23 9.77 32.83
N ASN A 82 -21.52 9.99 31.74
CA ASN A 82 -20.51 9.05 31.31
C ASN A 82 -19.20 9.61 31.77
N PRO A 83 -18.66 9.15 32.90
CA PRO A 83 -17.49 9.83 33.45
C PRO A 83 -16.26 9.65 32.60
N ASP A 84 -16.16 8.55 31.87
CA ASP A 84 -15.11 8.43 30.87
C ASP A 84 -15.11 9.60 29.88
N SER A 85 -16.20 10.36 29.78
CA SER A 85 -16.19 11.53 28.92
C SER A 85 -16.27 12.83 29.71
N ALA A 86 -17.33 13.05 30.49
CA ALA A 86 -17.68 14.38 30.93
C ALA A 86 -17.72 14.49 32.44
N CYS A 87 -16.83 13.77 33.12
CA CYS A 87 -16.92 13.69 34.58
C CYS A 87 -16.71 15.05 35.24
N SER A 88 -15.71 15.82 34.79
CA SER A 88 -15.46 17.16 35.34
C SER A 88 -16.65 18.10 35.19
N VAL A 89 -17.54 17.87 34.22
CA VAL A 89 -18.69 18.75 34.06
C VAL A 89 -19.52 18.75 35.34
N ILE A 90 -19.89 17.56 35.81
CA ILE A 90 -20.69 17.44 37.03
C ILE A 90 -19.91 17.94 38.23
N GLU A 91 -18.59 17.82 38.21
CA GLU A 91 -17.81 18.32 39.34
C GLU A 91 -17.74 19.85 39.34
N LYS A 92 -17.73 20.47 38.15
CA LYS A 92 -17.67 21.93 38.08
C LYS A 92 -19.02 22.58 38.35
N GLU A 93 -20.13 21.94 37.95
CA GLU A 93 -21.44 22.49 38.23
C GLU A 93 -22.23 21.60 39.18
N LEU A 94 -21.54 20.88 40.05
CA LEU A 94 -22.15 20.08 41.10
C LEU A 94 -23.29 20.83 41.77
N ASP A 95 -23.09 22.11 42.07
CA ASP A 95 -24.07 22.84 42.85
C ASP A 95 -24.97 23.74 42.01
N THR A 96 -24.64 23.97 40.74
CA THR A 96 -25.42 24.87 39.90
C THR A 96 -26.30 24.15 38.90
N ILE A 97 -25.97 22.90 38.55
CA ILE A 97 -26.69 22.24 37.47
C ILE A 97 -28.18 22.17 37.75
N SER A 98 -28.55 22.10 39.02
CA SER A 98 -29.97 22.00 39.36
C SER A 98 -30.74 23.24 38.96
N THR A 99 -30.09 24.39 38.84
CA THR A 99 -30.80 25.62 38.52
C THR A 99 -30.12 26.43 37.42
N ARG A 100 -29.24 25.82 36.62
CA ARG A 100 -28.52 26.52 35.57
C ARG A 100 -29.48 27.02 34.47
N LYS A 101 -29.03 28.03 33.73
CA LYS A 101 -29.87 28.69 32.74
C LYS A 101 -30.49 27.70 31.76
N TYR A 102 -29.69 26.79 31.23
CA TYR A 102 -30.14 25.96 30.13
C TYR A 102 -30.14 24.51 30.57
N ASP A 103 -31.24 23.82 30.31
CA ASP A 103 -31.31 22.39 30.51
C ASP A 103 -30.84 21.99 31.91
N PRO A 104 -31.43 22.56 32.97
CA PRO A 104 -31.09 22.13 34.33
C PRO A 104 -31.40 20.66 34.55
N PHE A 105 -30.60 20.03 35.40
CA PHE A 105 -30.87 18.69 35.91
C PHE A 105 -30.88 18.73 37.42
N TYR A 106 -31.98 18.28 38.03
CA TYR A 106 -32.02 18.17 39.48
C TYR A 106 -31.07 17.08 39.92
N LEU A 107 -30.05 17.46 40.65
CA LEU A 107 -29.03 16.54 41.13
C LEU A 107 -29.22 16.42 42.64
N SER A 108 -29.72 15.27 43.08
CA SER A 108 -29.99 15.08 44.51
C SER A 108 -28.72 15.22 45.34
N GLU A 109 -28.90 15.62 46.60
CA GLU A 109 -27.78 15.63 47.53
C GLU A 109 -27.18 14.25 47.67
N GLU A 110 -28.02 13.21 47.70
CA GLU A 110 -27.51 11.85 47.68
C GLU A 110 -26.53 11.69 46.53
N ASN A 111 -26.98 11.96 45.31
CA ASN A 111 -26.16 11.69 44.14
C ASN A 111 -24.95 12.61 44.08
N LYS A 112 -25.02 13.83 44.63
CA LYS A 112 -23.81 14.63 44.71
C LYS A 112 -22.72 13.90 45.47
N LYS A 113 -23.08 13.31 46.62
CA LYS A 113 -22.09 12.64 47.45
C LYS A 113 -21.55 11.40 46.77
N LEU A 114 -22.46 10.60 46.20
CA LEU A 114 -22.01 9.48 45.37
C LEU A 114 -21.04 9.98 44.33
N PHE A 115 -21.42 11.05 43.65
CA PHE A 115 -20.55 11.55 42.60
C PHE A 115 -19.19 11.92 43.18
N MET A 116 -19.18 12.88 44.11
CA MET A 116 -17.92 13.42 44.61
C MET A 116 -17.06 12.35 45.23
N GLU A 117 -17.67 11.36 45.85
CA GLU A 117 -16.92 10.39 46.62
C GLU A 117 -16.49 9.20 45.79
N GLU A 118 -17.42 8.64 45.02
CA GLU A 118 -17.20 7.38 44.35
C GLU A 118 -16.87 7.52 42.88
N VAL A 119 -17.07 8.70 42.28
CA VAL A 119 -16.91 8.84 40.84
C VAL A 119 -15.83 9.85 40.48
N ALA A 120 -16.05 11.11 40.83
CA ALA A 120 -15.16 12.19 40.44
C ALA A 120 -13.69 11.89 40.67
N PRO A 121 -13.25 11.38 41.82
CA PRO A 121 -11.80 11.19 42.01
C PRO A 121 -11.18 10.30 40.94
N TYR A 122 -11.82 9.19 40.60
CA TYR A 122 -11.20 8.26 39.66
C TYR A 122 -10.95 8.91 38.30
N TRP A 123 -11.77 9.87 37.91
CA TRP A 123 -11.82 10.34 36.53
C TRP A 123 -11.08 11.64 36.28
N ARG A 124 -10.53 12.28 37.32
CA ARG A 124 -9.77 13.50 37.14
C ARG A 124 -8.57 13.25 36.24
N GLY A 125 -8.41 14.09 35.21
CA GLY A 125 -7.36 13.95 34.23
C GLY A 125 -7.48 12.72 33.35
N LYS A 126 -8.62 12.04 33.35
CA LYS A 126 -8.72 10.74 32.73
C LYS A 126 -9.89 10.73 31.75
N CYS A 127 -10.96 11.46 32.08
CA CYS A 127 -12.07 11.54 31.15
C CYS A 127 -11.63 12.29 29.90
N VAL A 128 -12.41 12.10 28.83
CA VAL A 128 -12.10 12.73 27.55
C VAL A 128 -12.07 14.25 27.71
N LEU A 129 -13.08 14.80 28.39
CA LEU A 129 -13.15 16.24 28.56
C LEU A 129 -11.92 16.80 29.24
N ASP A 130 -11.36 16.07 30.22
CA ASP A 130 -10.21 16.58 30.95
C ASP A 130 -8.95 16.52 30.10
N ARG A 131 -8.80 15.44 29.34
CA ARG A 131 -7.75 15.35 28.34
C ARG A 131 -7.78 16.57 27.41
N TRP A 132 -8.93 16.83 26.81
CA TRP A 132 -9.08 17.97 25.90
C TRP A 132 -8.67 19.28 26.56
N ASN A 133 -9.22 19.57 27.73
CA ASN A 133 -8.82 20.79 28.45
C ASN A 133 -7.33 20.83 28.68
N ALA A 134 -6.71 19.66 28.82
CA ALA A 134 -5.27 19.59 29.01
C ALA A 134 -4.53 19.85 27.71
N MET A 135 -5.06 19.33 26.60
CA MET A 135 -4.35 19.36 25.33
C MET A 135 -4.71 20.53 24.45
N MET A 136 -5.81 21.22 24.72
CA MET A 136 -6.31 22.23 23.84
C MET A 136 -5.18 23.16 23.39
N PRO A 137 -4.87 23.21 22.10
CA PRO A 137 -3.86 24.15 21.62
C PRO A 137 -4.36 25.59 21.72
N GLU A 138 -3.42 26.51 21.64
CA GLU A 138 -3.73 27.87 22.07
C GLU A 138 -4.58 28.61 21.06
N ASP A 139 -4.44 28.32 19.76
CA ASP A 139 -5.31 28.96 18.78
C ASP A 139 -6.75 28.56 19.01
N VAL A 140 -6.99 27.28 19.33
CA VAL A 140 -8.34 26.82 19.68
C VAL A 140 -8.82 27.57 20.92
N ARG A 141 -8.00 27.59 21.97
CA ARG A 141 -8.42 28.25 23.21
C ARG A 141 -8.66 29.74 22.99
N THR A 142 -7.79 30.39 22.22
CA THR A 142 -8.02 31.78 21.88
C THR A 142 -9.31 31.94 21.11
N MET A 143 -9.52 31.09 20.10
CA MET A 143 -10.70 31.26 19.25
C MET A 143 -11.96 30.93 20.03
N ARG A 144 -11.93 29.83 20.77
CA ARG A 144 -13.05 29.45 21.64
C ARG A 144 -13.34 30.53 22.67
N ASP A 145 -12.31 31.02 23.36
CA ASP A 145 -12.57 31.97 24.45
C ASP A 145 -13.17 33.25 23.91
N GLY A 146 -12.81 33.63 22.71
CA GLY A 146 -13.43 34.76 22.06
C GLY A 146 -14.77 34.46 21.42
N GLY A 147 -15.30 33.24 21.59
CA GLY A 147 -16.63 32.94 21.09
C GLY A 147 -16.77 32.87 19.59
N MET A 148 -15.65 32.74 18.86
CA MET A 148 -15.74 32.60 17.41
C MET A 148 -16.01 31.16 17.01
N LEU A 149 -15.62 30.23 17.88
CA LEU A 149 -15.86 28.82 17.73
C LEU A 149 -16.52 28.29 19.00
N TYR A 150 -17.29 27.24 18.84
CA TYR A 150 -17.64 26.36 19.95
C TYR A 150 -17.04 25.01 19.64
N VAL A 151 -16.21 24.52 20.54
CA VAL A 151 -15.35 23.39 20.19
C VAL A 151 -15.45 22.25 21.20
N ASP A 152 -16.38 22.34 22.14
CA ASP A 152 -16.36 21.46 23.31
C ASP A 152 -17.41 20.36 23.27
N LYS A 153 -18.46 20.55 22.48
CA LYS A 153 -19.61 19.66 22.49
C LYS A 153 -19.21 18.19 22.46
N LYS A 154 -18.52 17.77 21.41
CA LYS A 154 -18.29 16.35 21.21
C LYS A 154 -17.24 15.80 22.16
N PHE A 155 -16.41 16.64 22.73
CA PHE A 155 -15.59 16.16 23.84
C PHE A 155 -16.44 15.83 25.06
N VAL A 156 -17.58 16.50 25.22
CA VAL A 156 -18.40 16.26 26.41
C VAL A 156 -19.23 15.00 26.23
N ARG A 157 -19.90 14.86 25.08
CA ARG A 157 -20.88 13.80 24.87
C ARG A 157 -20.48 12.93 23.70
N GLY A 158 -20.35 11.61 23.97
CA GLY A 158 -19.94 10.50 23.10
C GLY A 158 -20.07 10.69 21.62
N TYR A 159 -20.25 9.62 20.85
CA TYR A 159 -20.44 9.84 19.41
C TYR A 159 -21.87 10.28 19.14
N GLY A 160 -22.81 9.35 19.33
CA GLY A 160 -24.13 9.67 18.81
C GLY A 160 -23.94 9.91 17.33
N GLU A 161 -24.87 10.64 16.74
CA GLU A 161 -24.71 11.05 15.36
C GLU A 161 -24.48 9.82 14.47
N ASN A 162 -25.39 8.85 14.57
CA ASN A 162 -25.25 7.68 13.72
C ASN A 162 -26.51 6.84 13.83
N THR A 163 -26.80 6.10 12.75
CA THR A 163 -27.88 5.14 12.78
C THR A 163 -27.27 3.77 13.02
N PRO A 164 -27.46 3.18 14.19
CA PRO A 164 -27.04 1.80 14.42
C PRO A 164 -27.49 0.83 13.34
N GLY A 165 -27.01 -0.40 13.40
CA GLY A 165 -27.38 -1.42 12.44
C GLY A 165 -28.64 -2.13 12.86
N TRP A 166 -29.74 -1.37 12.93
CA TRP A 166 -31.04 -1.93 13.35
C TRP A 166 -31.37 -3.21 12.61
N ARG A 167 -30.96 -3.32 11.35
CA ARG A 167 -31.27 -4.51 10.57
C ARG A 167 -30.43 -5.68 11.02
N THR A 168 -29.22 -5.43 11.51
CA THR A 168 -28.42 -6.53 12.03
C THR A 168 -28.97 -6.99 13.37
N LEU A 169 -29.20 -6.06 14.29
CA LEU A 169 -29.85 -6.40 15.55
C LEU A 169 -31.18 -7.13 15.34
N LEU A 170 -32.00 -6.74 14.39
CA LEU A 170 -33.22 -7.48 14.12
C LEU A 170 -33.00 -8.83 13.47
N ALA A 171 -32.06 -8.91 12.57
CA ALA A 171 -31.80 -10.12 11.88
C ALA A 171 -31.08 -11.18 12.72
N LYS A 172 -30.19 -10.74 13.56
CA LYS A 172 -29.40 -11.71 14.29
C LYS A 172 -29.71 -11.78 15.77
N GLY A 173 -30.17 -10.69 16.38
CA GLY A 173 -30.22 -10.59 17.81
C GLY A 173 -28.84 -10.39 18.41
N ILE A 174 -28.82 -9.95 19.66
CA ILE A 174 -27.54 -9.69 20.30
C ILE A 174 -26.77 -10.99 20.48
N THR A 175 -27.49 -12.11 20.56
CA THR A 175 -26.83 -13.40 20.71
C THR A 175 -26.16 -13.85 19.42
N GLY A 176 -26.85 -13.72 18.30
CA GLY A 176 -26.22 -14.06 17.04
C GLY A 176 -24.97 -13.24 16.81
N ILE A 177 -25.01 -11.96 17.15
CA ILE A 177 -23.84 -11.11 16.99
C ILE A 177 -22.72 -11.60 17.90
N LYS A 178 -23.05 -11.85 19.18
CA LYS A 178 -22.03 -12.32 20.10
C LYS A 178 -21.47 -13.68 19.68
N LYS A 179 -22.32 -14.55 19.15
CA LYS A 179 -21.85 -15.79 18.54
C LYS A 179 -20.83 -15.52 17.43
N GLU A 180 -21.11 -14.58 16.53
CA GLU A 180 -20.11 -14.23 15.51
C GLU A 180 -18.82 -13.73 16.15
N ALA A 181 -18.95 -12.79 17.09
CA ALA A 181 -17.73 -12.34 17.77
C ALA A 181 -17.01 -13.53 18.40
N GLU A 182 -17.75 -14.42 19.05
CA GLU A 182 -17.12 -15.62 19.59
C GLU A 182 -16.41 -16.41 18.49
N GLU A 183 -17.02 -16.47 17.31
CA GLU A 183 -16.41 -17.17 16.19
C GLU A 183 -15.14 -16.46 15.75
N LYS A 184 -15.21 -15.16 15.47
CA LYS A 184 -14.01 -14.39 15.14
C LYS A 184 -12.94 -14.60 16.19
N LEU A 185 -13.33 -14.52 17.45
CA LEU A 185 -12.39 -14.59 18.55
C LEU A 185 -11.69 -15.94 18.59
N ALA A 186 -12.46 -17.01 18.45
CA ALA A 186 -11.84 -18.33 18.39
C ALA A 186 -10.89 -18.46 17.20
N ALA A 187 -11.19 -17.81 16.07
CA ALA A 187 -10.31 -17.93 14.90
C ALA A 187 -8.98 -17.22 15.11
N LEU A 188 -8.94 -16.20 15.96
CA LEU A 188 -7.74 -15.41 16.13
C LEU A 188 -6.77 -16.08 17.09
N ASP A 189 -5.49 -15.74 16.93
CA ASP A 189 -4.43 -16.32 17.75
C ASP A 189 -3.62 -15.17 18.31
N ASP A 190 -3.56 -15.07 19.64
CA ASP A 190 -2.74 -14.03 20.25
C ASP A 190 -1.24 -14.23 20.00
N ALA A 191 -0.84 -15.34 19.40
CA ALA A 191 0.57 -15.48 19.08
C ALA A 191 0.93 -14.76 17.80
N HIS A 192 -0.06 -14.29 17.05
CA HIS A 192 0.16 -13.72 15.74
C HIS A 192 0.36 -12.21 15.78
N GLY A 193 0.72 -11.66 16.93
CA GLY A 193 1.26 -10.31 16.98
C GLY A 193 0.25 -9.29 17.47
N GLU A 194 0.78 -8.08 17.70
CA GLU A 194 0.04 -7.08 18.46
C GLU A 194 -1.25 -6.68 17.75
N ASP A 195 -1.22 -6.61 16.42
CA ASP A 195 -2.42 -6.24 15.67
C ASP A 195 -3.54 -7.23 15.92
N VAL A 196 -3.19 -8.51 16.00
CA VAL A 196 -4.23 -9.51 16.24
C VAL A 196 -4.76 -9.39 17.66
N LEU A 197 -3.86 -9.17 18.62
CA LEU A 197 -4.27 -8.92 20.00
C LEU A 197 -5.27 -7.77 20.06
N LYS A 198 -5.01 -6.70 19.32
CA LYS A 198 -5.97 -5.60 19.27
C LYS A 198 -7.34 -6.08 18.82
N GLN A 199 -7.37 -6.91 17.77
CA GLN A 199 -8.64 -7.50 17.34
C GLN A 199 -9.22 -8.38 18.44
N ILE A 200 -8.39 -9.20 19.07
CA ILE A 200 -8.87 -10.04 20.17
C ILE A 200 -9.53 -9.17 21.22
N ILE A 201 -8.87 -8.08 21.60
CA ILE A 201 -9.40 -7.18 22.62
C ILE A 201 -10.76 -6.64 22.19
N PHE A 202 -10.89 -6.25 20.93
CA PHE A 202 -12.11 -5.63 20.48
C PHE A 202 -13.24 -6.64 20.44
N TYR A 203 -12.95 -7.85 19.99
CA TYR A 203 -13.97 -8.90 19.99
C TYR A 203 -14.33 -9.29 21.41
N LYS A 204 -13.35 -9.50 22.27
CA LYS A 204 -13.67 -9.70 23.69
C LYS A 204 -14.53 -8.56 24.21
N SER A 205 -14.21 -7.34 23.84
CA SER A 205 -15.01 -6.24 24.33
C SER A 205 -16.41 -6.28 23.73
N LEU A 206 -16.54 -6.77 22.50
CA LEU A 206 -17.87 -6.94 21.92
C LEU A 206 -18.66 -7.95 22.72
N ILE A 207 -18.00 -9.02 23.16
CA ILE A 207 -18.72 -10.12 23.77
C ILE A 207 -19.20 -9.71 25.15
N ILE A 208 -18.37 -9.01 25.91
CA ILE A 208 -18.80 -8.52 27.21
C ILE A 208 -20.01 -7.63 27.06
N SER A 209 -19.90 -6.66 26.16
CA SER A 209 -21.02 -5.79 25.86
C SER A 209 -22.28 -6.60 25.55
N ALA A 210 -22.13 -7.61 24.69
CA ALA A 210 -23.27 -8.41 24.30
C ALA A 210 -23.86 -9.13 25.51
N GLU A 211 -23.01 -9.67 26.37
CA GLU A 211 -23.49 -10.29 27.60
C GLU A 211 -24.23 -9.28 28.47
N GLY A 212 -23.67 -8.08 28.63
CA GLY A 212 -24.35 -7.05 29.40
C GLY A 212 -25.75 -6.75 28.90
N ILE A 213 -25.89 -6.57 27.58
CA ILE A 213 -27.17 -6.12 27.02
C ILE A 213 -28.24 -7.17 27.23
N ILE A 214 -27.91 -8.42 26.92
CA ILE A 214 -28.87 -9.51 27.12
C ILE A 214 -29.27 -9.60 28.59
N ALA A 215 -28.33 -9.36 29.51
CA ALA A 215 -28.64 -9.38 30.93
C ALA A 215 -29.70 -8.34 31.28
N LEU A 216 -29.44 -7.09 30.91
CA LEU A 216 -30.40 -6.02 31.18
C LEU A 216 -31.79 -6.37 30.66
N ALA A 217 -31.86 -6.98 29.47
CA ALA A 217 -33.16 -7.41 28.96
C ALA A 217 -33.75 -8.52 29.84
N ASN A 218 -32.89 -9.38 30.39
CA ASN A 218 -33.38 -10.44 31.26
C ASN A 218 -33.78 -9.90 32.62
N ARG A 219 -33.02 -8.92 33.13
CA ARG A 219 -33.41 -8.27 34.37
C ARG A 219 -34.84 -7.73 34.29
N HIS A 220 -35.17 -7.03 33.19
CA HIS A 220 -36.54 -6.52 33.03
C HIS A 220 -37.55 -7.66 33.01
N ALA A 221 -37.23 -8.76 32.33
CA ALA A 221 -38.15 -9.89 32.30
C ALA A 221 -38.35 -10.43 33.72
N ASP A 222 -37.26 -10.66 34.43
CA ASP A 222 -37.37 -11.02 35.82
C ASP A 222 -38.28 -10.06 36.57
N LEU A 223 -38.09 -8.75 36.38
CA LEU A 223 -38.91 -7.80 37.09
C LEU A 223 -40.39 -7.97 36.74
N ALA A 224 -40.70 -7.98 35.45
CA ALA A 224 -42.09 -8.15 35.02
C ALA A 224 -42.68 -9.45 35.54
N GLU A 225 -41.90 -10.53 35.54
CA GLU A 225 -42.31 -11.76 36.21
C GLU A 225 -42.75 -11.48 37.64
N LYS A 226 -41.83 -10.93 38.44
CA LYS A 226 -42.17 -10.70 39.83
C LYS A 226 -43.36 -9.75 39.97
N MET A 227 -43.38 -8.68 39.17
CA MET A 227 -44.51 -7.76 39.22
C MET A 227 -45.83 -8.47 38.91
N ALA A 228 -45.80 -9.44 37.99
CA ALA A 228 -47.06 -10.06 37.58
C ALA A 228 -47.63 -10.93 38.70
N GLU A 229 -46.77 -11.69 39.38
CA GLU A 229 -47.22 -12.41 40.58
C GLU A 229 -47.94 -11.46 41.53
N LYS A 230 -47.41 -10.25 41.67
CA LYS A 230 -47.89 -9.26 42.62
C LYS A 230 -49.11 -8.49 42.13
N GLU A 231 -49.63 -8.77 40.94
CA GLU A 231 -50.53 -7.87 40.23
C GLU A 231 -51.97 -8.38 40.27
N ALA A 232 -52.86 -7.61 40.93
CA ALA A 232 -54.25 -8.02 41.08
C ALA A 232 -55.02 -7.96 39.76
N ASP A 233 -54.73 -6.98 38.91
CA ASP A 233 -55.47 -6.79 37.66
C ASP A 233 -55.03 -7.82 36.63
N GLU A 234 -55.99 -8.63 36.18
CA GLU A 234 -55.69 -9.70 35.23
C GLU A 234 -55.33 -9.16 33.83
N LYS A 235 -55.80 -7.96 33.48
CA LYS A 235 -55.38 -7.37 32.21
C LYS A 235 -53.94 -6.90 32.29
N ARG A 236 -53.57 -6.21 33.37
CA ARG A 236 -52.18 -5.82 33.56
C ARG A 236 -51.29 -7.05 33.75
N ARG A 237 -51.69 -7.97 34.64
CA ARG A 237 -50.90 -9.18 34.82
C ARG A 237 -50.61 -9.85 33.49
N ALA A 238 -51.61 -9.99 32.64
CA ALA A 238 -51.38 -10.57 31.32
C ALA A 238 -50.32 -9.77 30.56
N GLU A 239 -50.49 -8.44 30.48
CA GLU A 239 -49.50 -7.70 29.71
C GLU A 239 -48.14 -7.68 30.37
N LEU A 240 -48.09 -7.89 31.70
CA LEU A 240 -46.81 -7.96 32.38
C LEU A 240 -46.10 -9.26 32.04
N LEU A 241 -46.81 -10.38 32.09
CA LEU A 241 -46.20 -11.65 31.68
C LEU A 241 -45.79 -11.62 30.20
N LYS A 242 -46.52 -10.87 29.38
CA LYS A 242 -46.12 -10.69 27.99
C LYS A 242 -44.81 -9.93 27.91
N ILE A 243 -44.70 -8.84 28.69
CA ILE A 243 -43.44 -8.11 28.82
C ILE A 243 -42.32 -9.04 29.23
N ALA A 244 -42.62 -9.99 30.14
CA ALA A 244 -41.62 -10.97 30.54
C ALA A 244 -41.18 -11.82 29.34
N GLU A 245 -42.13 -12.35 28.59
CA GLU A 245 -41.76 -13.18 27.46
C GLU A 245 -41.07 -12.37 26.37
N VAL A 246 -41.55 -11.16 26.11
CA VAL A 246 -40.92 -10.35 25.07
C VAL A 246 -39.47 -10.05 25.44
N ASN A 247 -39.27 -9.58 26.66
CA ASN A 247 -37.94 -9.14 27.04
C ASN A 247 -36.99 -10.29 27.21
N ARG A 248 -37.50 -11.50 27.48
CA ARG A 248 -36.66 -12.68 27.52
C ARG A 248 -36.12 -13.01 26.13
N ASN A 249 -36.89 -12.68 25.11
CA ASN A 249 -36.49 -13.08 23.77
C ASN A 249 -35.56 -12.07 23.12
N VAL A 250 -35.82 -10.77 23.32
CA VAL A 250 -35.05 -9.72 22.66
C VAL A 250 -34.49 -8.77 23.71
N PRO A 251 -33.32 -8.16 23.45
CA PRO A 251 -32.75 -8.25 22.11
C PRO A 251 -31.80 -9.43 21.92
N ALA A 252 -31.80 -10.39 22.83
CA ALA A 252 -30.93 -11.54 22.70
C ALA A 252 -31.14 -12.24 21.37
N ASN A 253 -32.39 -12.45 20.98
CA ASN A 253 -32.73 -13.21 19.78
C ASN A 253 -33.44 -12.32 18.76
N PRO A 254 -33.51 -12.73 17.51
CA PRO A 254 -34.24 -11.95 16.52
C PRO A 254 -35.70 -11.84 16.92
N PRO A 255 -36.32 -10.68 16.70
CA PRO A 255 -37.71 -10.51 17.13
C PRO A 255 -38.63 -11.55 16.51
N ARG A 256 -39.60 -11.99 17.28
CA ARG A 256 -40.61 -12.91 16.78
C ARG A 256 -41.83 -12.21 16.19
N ASN A 257 -42.04 -10.95 16.54
CA ASN A 257 -43.25 -10.26 16.13
C ASN A 257 -42.96 -8.77 16.22
N PHE A 258 -43.96 -7.96 15.87
CA PHE A 258 -43.80 -6.52 15.91
C PHE A 258 -43.54 -6.04 17.34
N TYR A 259 -44.31 -6.55 18.30
CA TYR A 259 -44.05 -6.24 19.69
C TYR A 259 -42.57 -6.40 20.01
N GLU A 260 -42.01 -7.56 19.68
CA GLU A 260 -40.64 -7.84 20.10
C GLU A 260 -39.65 -7.00 19.31
N ALA A 261 -39.90 -6.78 18.02
CA ALA A 261 -38.97 -5.99 17.24
C ALA A 261 -38.84 -4.60 17.82
N LEU A 262 -39.97 -4.02 18.24
CA LEU A 262 -39.94 -2.72 18.88
C LEU A 262 -39.11 -2.78 20.16
N GLN A 263 -39.37 -3.77 21.01
CA GLN A 263 -38.63 -3.79 22.27
C GLN A 263 -37.15 -4.02 22.02
N SER A 264 -36.81 -4.84 21.02
CA SER A 264 -35.42 -5.08 20.66
C SER A 264 -34.69 -3.75 20.40
N MET A 265 -35.20 -2.96 19.45
CA MET A 265 -34.62 -1.65 19.18
C MET A 265 -34.53 -0.81 20.43
N LEU A 266 -35.63 -0.72 21.18
CA LEU A 266 -35.68 0.09 22.39
C LEU A 266 -34.61 -0.31 23.40
N THR A 267 -34.50 -1.60 23.68
CA THR A 267 -33.48 -2.03 24.61
C THR A 267 -32.08 -1.69 24.08
N TYR A 268 -31.86 -1.87 22.78
CA TYR A 268 -30.54 -1.60 22.25
C TYR A 268 -30.28 -0.11 22.19
N GLU A 269 -31.28 0.65 21.76
CA GLU A 269 -31.21 2.10 21.78
C GLU A 269 -30.80 2.59 23.17
N PHE A 270 -31.47 2.10 24.20
CA PHE A 270 -31.10 2.47 25.57
C PHE A 270 -29.69 2.07 25.91
N CYS A 271 -29.24 0.90 25.43
CA CYS A 271 -27.94 0.39 25.81
C CYS A 271 -26.81 1.20 25.18
N ILE A 272 -26.87 1.45 23.87
CA ILE A 272 -25.85 2.27 23.24
C ILE A 272 -25.90 3.69 23.78
N PHE A 273 -27.09 4.17 24.15
CA PHE A 273 -27.13 5.50 24.74
C PHE A 273 -26.43 5.53 26.09
N MET A 274 -26.69 4.52 26.93
CA MET A 274 -26.02 4.43 28.21
C MET A 274 -24.51 4.32 28.05
N GLU A 275 -24.06 3.64 27.00
CA GLU A 275 -22.62 3.54 26.75
C GLU A 275 -21.97 4.90 26.52
N GLN A 276 -22.69 5.84 25.90
CA GLN A 276 -22.17 7.19 25.69
C GLN A 276 -23.37 8.11 25.52
N ASN A 277 -23.66 8.94 26.52
CA ASN A 277 -24.69 9.97 26.34
C ASN A 277 -24.36 10.81 25.10
N ALA A 278 -25.31 10.92 24.20
CA ALA A 278 -25.04 11.71 23.00
C ALA A 278 -26.31 11.82 22.18
N SER A 279 -26.34 12.81 21.31
CA SER A 279 -27.51 12.98 20.48
C SER A 279 -27.44 12.05 19.28
N SER A 280 -28.60 11.84 18.66
CA SER A 280 -28.61 11.32 17.31
C SER A 280 -28.31 9.83 17.26
N TYR A 281 -28.91 9.08 18.13
CA TYR A 281 -28.80 7.68 18.03
C TYR A 281 -30.05 7.36 17.27
N ASN A 282 -30.01 7.58 16.01
CA ASN A 282 -31.14 7.45 15.17
C ASN A 282 -31.77 6.07 14.96
N LEU A 283 -33.03 6.04 15.21
CA LEU A 283 -33.87 4.89 14.94
C LEU A 283 -33.93 4.74 13.43
N GLY A 284 -33.86 5.85 12.70
CA GLY A 284 -33.86 5.80 11.27
C GLY A 284 -35.18 5.32 10.74
N ARG A 285 -35.11 4.34 9.85
CA ARG A 285 -36.23 3.98 9.01
C ARG A 285 -36.99 2.81 9.61
N MET A 286 -37.61 3.08 10.76
CA MET A 286 -38.41 2.04 11.41
C MET A 286 -39.48 1.50 10.48
N ASP A 287 -40.03 2.34 9.60
CA ASP A 287 -41.07 1.87 8.68
C ASP A 287 -40.53 0.86 7.68
N GLN A 288 -39.21 0.84 7.44
CA GLN A 288 -38.59 -0.17 6.60
C GLN A 288 -38.13 -1.38 7.40
N TYR A 289 -37.50 -1.14 8.57
CA TYR A 289 -37.00 -2.25 9.37
C TYR A 289 -38.11 -3.16 9.87
N LEU A 290 -39.24 -2.59 10.26
CA LEU A 290 -40.29 -3.33 10.96
C LEU A 290 -41.46 -3.73 10.07
N ILE A 291 -41.43 -3.40 8.79
CA ILE A 291 -42.56 -3.76 7.95
C ILE A 291 -42.75 -5.26 7.91
N GLN A 292 -41.66 -6.03 7.94
CA GLN A 292 -41.81 -7.48 7.85
C GLN A 292 -42.57 -8.05 9.05
N TYR A 293 -42.41 -7.47 10.22
CA TYR A 293 -43.07 -8.06 11.39
C TYR A 293 -44.48 -7.56 11.54
N TYR A 294 -44.69 -6.27 11.27
CA TYR A 294 -46.04 -5.73 11.22
C TYR A 294 -46.90 -6.51 10.23
N GLU A 295 -46.42 -6.68 8.99
CA GLU A 295 -47.18 -7.38 7.96
C GLU A 295 -47.44 -8.84 8.34
N LYS A 296 -46.44 -9.52 8.91
CA LYS A 296 -46.68 -10.90 9.34
C LYS A 296 -47.82 -10.97 10.37
N ASP A 297 -47.76 -10.11 11.39
CA ASP A 297 -48.75 -10.20 12.47
C ASP A 297 -50.16 -9.90 11.98
N LEU A 298 -50.33 -8.78 11.28
CA LEU A 298 -51.62 -8.51 10.68
C LEU A 298 -52.13 -9.73 9.93
N ALA A 299 -51.26 -10.32 9.10
CA ALA A 299 -51.66 -11.50 8.34
C ALA A 299 -51.98 -12.68 9.24
N ASP A 300 -51.37 -12.74 10.43
CA ASP A 300 -51.52 -13.92 11.27
C ASP A 300 -52.65 -13.80 12.28
N GLY A 301 -53.11 -12.59 12.55
CA GLY A 301 -54.05 -12.36 13.61
C GLY A 301 -53.40 -12.08 14.95
N THR A 302 -52.10 -12.34 15.08
CA THR A 302 -51.42 -12.10 16.35
C THR A 302 -51.34 -10.62 16.71
N MET A 303 -51.75 -9.72 15.81
CA MET A 303 -51.71 -8.30 16.13
C MET A 303 -52.57 -7.54 15.14
N THR A 304 -53.10 -6.43 15.62
CA THR A 304 -53.96 -5.53 14.86
C THR A 304 -53.20 -4.25 14.55
N GLN A 305 -53.70 -3.52 13.54
CA GLN A 305 -53.05 -2.27 13.18
C GLN A 305 -53.10 -1.26 14.35
N ASP A 306 -54.21 -1.22 15.08
CA ASP A 306 -54.32 -0.29 16.19
C ASP A 306 -53.42 -0.69 17.35
N GLU A 307 -53.25 -2.00 17.58
CA GLU A 307 -52.32 -2.44 18.60
C GLU A 307 -50.88 -2.10 18.22
N ALA A 308 -50.58 -2.16 16.91
CA ALA A 308 -49.28 -1.73 16.41
C ALA A 308 -49.08 -0.24 16.63
N GLN A 309 -50.12 0.56 16.36
CA GLN A 309 -50.06 1.98 16.68
C GLN A 309 -49.84 2.18 18.18
N GLU A 310 -50.55 1.41 19.00
CA GLU A 310 -50.36 1.54 20.43
C GLU A 310 -48.91 1.28 20.78
N LEU A 311 -48.34 0.21 20.23
CA LEU A 311 -46.96 -0.15 20.54
C LEU A 311 -46.01 0.92 20.06
N MET A 312 -46.24 1.45 18.86
CA MET A 312 -45.40 2.52 18.36
C MET A 312 -45.52 3.75 19.22
N ASP A 313 -46.72 4.02 19.73
CA ASP A 313 -46.90 5.21 20.56
C ASP A 313 -46.11 5.09 21.87
N CYS A 314 -46.13 3.91 22.49
CA CYS A 314 -45.32 3.67 23.68
C CYS A 314 -43.85 3.78 23.36
N PHE A 315 -43.45 3.26 22.20
CA PHE A 315 -42.08 3.38 21.76
C PHE A 315 -41.67 4.84 21.73
N TRP A 316 -42.49 5.67 21.07
CA TRP A 316 -42.25 7.10 21.06
C TRP A 316 -42.03 7.62 22.49
N ILE A 317 -42.92 7.25 23.41
CA ILE A 317 -42.84 7.81 24.75
C ILE A 317 -41.57 7.34 25.44
N LYS A 318 -41.21 6.07 25.29
CA LYS A 318 -39.98 5.59 25.89
C LYS A 318 -38.79 6.35 25.31
N ILE A 319 -38.74 6.48 23.98
CA ILE A 319 -37.67 7.24 23.34
C ILE A 319 -37.54 8.61 23.99
N SER A 320 -38.66 9.28 24.19
CA SER A 320 -38.68 10.60 24.77
C SER A 320 -38.18 10.65 26.20
N GLU A 321 -38.03 9.53 26.86
CA GLU A 321 -37.60 9.54 28.25
C GLU A 321 -36.09 9.58 28.39
N MET A 322 -35.33 9.65 27.30
CA MET A 322 -33.92 10.03 27.42
C MET A 322 -33.82 11.55 27.39
N GLY A 323 -32.70 12.06 27.86
CA GLY A 323 -32.50 13.49 27.78
C GLY A 323 -31.03 13.84 27.71
N LEU A 324 -30.61 14.44 26.60
CA LEU A 324 -29.21 14.82 26.50
C LEU A 324 -28.76 15.55 27.75
N PHE A 325 -27.72 15.03 28.37
CA PHE A 325 -26.98 15.73 29.40
C PHE A 325 -25.80 16.46 28.78
N GLN A 326 -25.50 17.63 29.32
CA GLN A 326 -24.28 18.32 28.89
C GLN A 326 -23.95 19.42 29.88
N ASP A 327 -22.73 19.95 29.75
CA ASP A 327 -22.31 21.09 30.53
C ASP A 327 -23.16 22.32 30.19
N GLY A 328 -23.12 23.31 31.08
CA GLY A 328 -24.03 24.45 30.98
C GLY A 328 -23.80 25.34 29.78
N GLU A 329 -22.55 25.44 29.31
CA GLU A 329 -22.28 26.18 28.08
C GLU A 329 -22.86 25.48 26.87
N SER A 330 -22.42 24.24 26.64
CA SER A 330 -22.94 23.44 25.54
C SER A 330 -24.45 23.39 25.51
N ALA A 331 -25.10 23.54 26.67
CA ALA A 331 -26.55 23.45 26.72
C ALA A 331 -27.22 24.62 25.99
N ALA A 332 -26.63 25.83 26.07
CA ALA A 332 -27.19 26.91 25.27
C ALA A 332 -27.05 26.64 23.77
N PHE A 333 -26.01 25.90 23.37
CA PHE A 333 -25.81 25.51 21.99
C PHE A 333 -26.66 24.33 21.59
N SER A 334 -27.21 23.60 22.57
CA SER A 334 -27.96 22.35 22.37
C SER A 334 -29.01 22.27 23.48
N ALA A 335 -30.13 22.95 23.28
CA ALA A 335 -31.03 23.26 24.39
C ALA A 335 -32.32 22.47 24.27
N GLY A 336 -32.90 22.16 25.41
CA GLY A 336 -34.10 21.35 25.46
C GLY A 336 -33.86 19.88 25.66
N TYR A 337 -32.70 19.48 26.18
CA TYR A 337 -32.33 18.08 26.33
C TYR A 337 -32.61 17.32 25.03
N ASN A 338 -31.94 17.76 23.98
CA ASN A 338 -32.23 17.25 22.65
C ASN A 338 -31.18 16.18 22.34
N MET A 339 -31.40 14.99 22.91
CA MET A 339 -30.65 13.82 22.45
C MET A 339 -31.06 13.47 21.02
N THR A 340 -32.22 13.98 20.59
CA THR A 340 -32.48 14.23 19.18
C THR A 340 -32.37 12.92 18.38
N VAL A 341 -33.24 12.00 18.75
CA VAL A 341 -33.25 10.65 18.19
C VAL A 341 -34.17 10.71 16.96
N GLN A 342 -33.56 10.79 15.78
CA GLN A 342 -34.31 10.94 14.53
C GLN A 342 -34.82 9.59 14.04
N VAL A 343 -36.13 9.44 13.96
CA VAL A 343 -36.75 8.36 13.21
C VAL A 343 -37.34 8.99 11.97
N CYS A 344 -37.35 8.25 10.87
CA CYS A 344 -37.84 8.81 9.63
C CYS A 344 -38.77 7.84 8.92
N ALA A 345 -39.54 8.40 8.00
CA ALA A 345 -40.56 7.68 7.26
C ALA A 345 -40.46 8.06 5.80
N GLY A 346 -40.80 7.11 4.92
CA GLY A 346 -40.88 7.39 3.50
C GLY A 346 -39.58 7.11 2.77
N GLY A 347 -39.42 7.80 1.64
CA GLY A 347 -38.26 7.57 0.81
C GLY A 347 -38.47 6.41 -0.15
N ILE A 348 -37.38 5.77 -0.55
CA ILE A 348 -37.41 4.72 -1.57
C ILE A 348 -36.84 3.43 -0.98
N ASP A 349 -37.18 2.32 -1.63
CA ASP A 349 -36.71 1.02 -1.21
C ASP A 349 -35.49 0.66 -2.05
N GLN A 350 -35.03 -0.58 -1.90
CA GLN A 350 -33.80 -1.03 -2.58
C GLN A 350 -33.98 -1.19 -4.08
N TYR A 351 -35.21 -1.07 -4.58
CA TYR A 351 -35.49 -1.02 -6.00
C TYR A 351 -35.76 0.42 -6.45
N GLY A 352 -35.50 1.39 -5.58
CA GLY A 352 -35.83 2.77 -5.88
C GLY A 352 -37.31 3.03 -5.95
N ASN A 353 -38.13 2.03 -5.63
CA ASN A 353 -39.56 2.24 -5.57
C ASN A 353 -39.94 2.97 -4.30
N ASP A 354 -41.16 3.48 -4.31
CA ASP A 354 -41.72 4.18 -3.16
C ASP A 354 -41.71 3.26 -1.95
N ALA A 355 -41.10 3.75 -0.87
CA ALA A 355 -40.92 2.99 0.37
C ALA A 355 -42.06 3.19 1.34
N VAL A 356 -43.08 3.98 1.00
CA VAL A 356 -44.10 4.34 1.96
C VAL A 356 -45.03 3.15 2.18
N ASN A 357 -45.26 2.80 3.44
CA ASN A 357 -46.10 1.67 3.79
C ASN A 357 -46.94 2.05 5.02
N ASP A 358 -47.68 1.09 5.57
CA ASP A 358 -48.50 1.37 6.75
C ASP A 358 -47.67 1.96 7.88
N LEU A 359 -46.51 1.35 8.16
CA LEU A 359 -45.63 1.90 9.18
C LEU A 359 -45.27 3.36 8.90
N SER A 360 -44.99 3.69 7.64
CA SER A 360 -44.68 5.08 7.32
C SER A 360 -45.75 6.01 7.87
N TYR A 361 -47.01 5.74 7.51
CA TYR A 361 -48.11 6.57 8.00
C TYR A 361 -48.18 6.54 9.52
N MET A 362 -47.99 5.38 10.13
CA MET A 362 -48.16 5.28 11.57
C MET A 362 -47.02 5.93 12.32
N THR A 363 -45.83 6.02 11.70
CA THR A 363 -44.75 6.80 12.30
C THR A 363 -45.17 8.24 12.48
N ILE A 364 -45.78 8.82 11.45
CA ILE A 364 -46.40 10.14 11.62
C ILE A 364 -47.49 10.09 12.67
N GLN A 365 -48.31 9.04 12.63
CA GLN A 365 -49.43 8.93 13.56
C GLN A 365 -48.95 8.78 15.01
N ALA A 366 -47.76 8.21 15.21
CA ALA A 366 -47.21 8.11 16.56
C ALA A 366 -46.85 9.49 17.10
N THR A 367 -46.37 10.37 16.22
CA THR A 367 -46.02 11.72 16.65
C THR A 367 -47.27 12.54 16.96
N GLN A 368 -48.30 12.44 16.12
CA GLN A 368 -49.56 13.15 16.40
C GLN A 368 -50.17 12.66 17.71
N ASP A 369 -50.25 11.34 17.89
CA ASP A 369 -50.77 10.77 19.13
C ASP A 369 -50.01 11.31 20.34
N THR A 370 -48.69 11.10 20.36
CA THR A 370 -47.93 11.24 21.59
C THR A 370 -47.49 12.67 21.86
N ALA A 371 -47.19 13.43 20.81
CA ALA A 371 -47.05 14.88 20.91
C ALA A 371 -45.99 15.29 21.91
N LEU A 372 -44.88 14.58 21.92
CA LEU A 372 -43.73 14.95 22.72
C LEU A 372 -42.64 15.52 21.81
N LYS A 373 -41.56 15.97 22.44
CA LYS A 373 -40.46 16.56 21.70
C LYS A 373 -39.63 15.51 20.97
N GLU A 374 -39.73 14.24 21.34
CA GLU A 374 -38.98 13.20 20.67
C GLU A 374 -39.88 11.99 20.51
N PRO A 375 -39.50 11.04 19.64
CA PRO A 375 -38.31 11.15 18.81
C PRO A 375 -38.44 12.27 17.80
N ASN A 376 -37.32 12.64 17.21
CA ASN A 376 -37.31 13.66 16.17
C ASN A 376 -37.81 13.00 14.89
N MET A 377 -39.10 13.12 14.67
CA MET A 377 -39.77 12.30 13.66
C MET A 377 -39.85 13.10 12.37
N THR A 378 -39.30 12.55 11.28
CA THR A 378 -39.17 13.27 10.01
C THR A 378 -39.48 12.32 8.87
N VAL A 379 -39.62 12.87 7.66
CA VAL A 379 -40.01 12.11 6.50
C VAL A 379 -39.01 12.37 5.39
N ARG A 380 -38.44 11.29 4.87
CA ARG A 380 -37.72 11.33 3.61
C ARG A 380 -38.79 11.40 2.54
N TYR A 381 -38.93 12.53 1.92
CA TYR A 381 -40.02 12.71 0.98
C TYR A 381 -39.45 12.67 -0.42
N SER A 382 -39.81 11.65 -1.18
CA SER A 382 -39.43 11.53 -2.59
C SER A 382 -40.58 12.07 -3.41
N ILE A 383 -40.38 13.24 -4.00
CA ILE A 383 -41.46 13.82 -4.80
C ILE A 383 -41.78 12.91 -5.98
N SER A 384 -40.76 12.23 -6.53
CA SER A 384 -40.99 11.41 -7.71
C SER A 384 -41.74 10.13 -7.42
N LYS A 385 -41.84 9.73 -6.15
CA LYS A 385 -42.29 8.38 -5.84
C LYS A 385 -43.28 8.30 -4.69
N ASN A 386 -43.14 9.15 -3.68
CA ASN A 386 -43.97 8.96 -2.51
C ASN A 386 -45.38 9.53 -2.73
N PRO A 387 -46.41 8.89 -2.17
CA PRO A 387 -47.78 9.33 -2.45
C PRO A 387 -48.10 10.68 -1.82
N ASP A 388 -49.00 11.40 -2.50
CA ASP A 388 -49.55 12.63 -1.95
C ASP A 388 -50.12 12.40 -0.56
N SER A 389 -50.82 11.28 -0.36
CA SER A 389 -51.42 11.00 0.93
C SER A 389 -50.39 11.03 2.03
N PHE A 390 -49.16 10.61 1.73
CA PHE A 390 -48.13 10.57 2.74
C PHE A 390 -47.59 11.97 3.02
N LEU A 391 -47.38 12.75 1.97
CA LEU A 391 -47.05 14.15 2.16
C LEU A 391 -48.19 14.89 2.86
N ARG A 392 -49.44 14.53 2.53
CA ARG A 392 -50.58 15.13 3.19
C ARG A 392 -50.60 14.86 4.69
N LYS A 393 -50.49 13.59 5.07
CA LYS A 393 -50.50 13.30 6.50
C LYS A 393 -49.40 14.07 7.21
N ALA A 394 -48.24 14.26 6.55
CA ALA A 394 -47.20 15.07 7.16
C ALA A 394 -47.64 16.52 7.30
N ALA A 395 -48.40 17.02 6.34
CA ALA A 395 -48.84 18.40 6.43
C ALA A 395 -49.85 18.56 7.55
N GLU A 396 -50.72 17.56 7.74
CA GLU A 396 -51.67 17.61 8.84
C GLU A 396 -50.96 17.54 10.19
N CYS A 397 -49.97 16.66 10.29
CA CYS A 397 -49.17 16.59 11.51
C CYS A 397 -48.57 17.95 11.83
N ILE A 398 -47.93 18.57 10.84
CA ILE A 398 -47.39 19.92 11.00
C ILE A 398 -48.50 20.88 11.42
N ARG A 399 -49.60 20.90 10.68
CA ARG A 399 -50.66 21.84 10.98
C ARG A 399 -51.16 21.70 12.42
N MET A 400 -51.12 20.49 12.97
CA MET A 400 -51.51 20.32 14.37
C MET A 400 -50.54 20.95 15.35
N GLY A 401 -49.51 21.66 14.89
CA GLY A 401 -48.51 22.18 15.81
C GLY A 401 -47.59 21.15 16.43
N ARG A 402 -47.50 19.93 15.85
CA ARG A 402 -46.56 18.94 16.35
C ARG A 402 -45.11 19.29 16.02
N THR A 403 -44.86 20.33 15.22
CA THR A 403 -43.53 20.80 14.86
C THR A 403 -42.76 19.77 14.04
N MET A 404 -43.34 18.59 13.85
CA MET A 404 -42.81 17.54 13.00
C MET A 404 -43.94 17.04 12.10
N PRO A 405 -43.60 16.33 11.01
CA PRO A 405 -42.21 16.01 10.68
C PRO A 405 -41.43 17.16 10.06
N ALA A 406 -40.11 17.06 10.19
CA ALA A 406 -39.24 17.74 9.25
C ALA A 406 -39.24 16.97 7.94
N VAL A 407 -39.29 17.69 6.84
CA VAL A 407 -39.46 17.10 5.54
C VAL A 407 -38.15 17.23 4.78
N TYR A 408 -37.62 16.09 4.35
CA TYR A 408 -36.37 16.03 3.60
C TYR A 408 -36.66 15.76 2.14
N HIS A 409 -36.03 16.53 1.27
CA HIS A 409 -35.97 16.20 -0.14
C HIS A 409 -35.13 14.94 -0.28
N ASP A 410 -35.78 13.79 -0.49
CA ASP A 410 -35.06 12.52 -0.42
C ASP A 410 -33.77 12.56 -1.23
N ASP A 411 -33.84 13.09 -2.45
CA ASP A 411 -32.71 13.00 -3.37
C ASP A 411 -31.55 13.86 -2.91
N ALA A 412 -31.84 15.05 -2.37
CA ALA A 412 -30.81 15.80 -1.67
C ALA A 412 -30.10 14.94 -0.63
N GLY A 413 -30.88 14.18 0.15
CA GLY A 413 -30.27 13.30 1.12
C GLY A 413 -29.42 12.23 0.48
N ILE A 414 -29.88 11.68 -0.64
CA ILE A 414 -29.07 10.69 -1.34
C ILE A 414 -27.80 11.34 -1.86
N LYS A 415 -27.93 12.50 -2.49
CA LYS A 415 -26.76 13.19 -3.01
C LYS A 415 -25.70 13.36 -1.94
N MET A 416 -26.12 13.72 -0.73
CA MET A 416 -25.17 13.95 0.35
C MET A 416 -24.43 12.68 0.71
N LEU A 417 -25.13 11.54 0.69
CA LEU A 417 -24.46 10.28 0.98
C LEU A 417 -23.49 9.90 -0.14
N LEU A 418 -23.88 10.06 -1.40
CA LEU A 418 -22.92 9.90 -2.49
C LEU A 418 -21.72 10.82 -2.29
N ASN A 419 -21.97 12.09 -1.95
CA ASN A 419 -20.84 12.98 -1.75
C ASN A 419 -20.01 12.57 -0.55
N LYS A 420 -20.54 11.71 0.31
CA LYS A 420 -19.78 11.13 1.41
C LYS A 420 -19.01 9.88 1.01
N GLY A 421 -19.12 9.45 -0.25
CA GLY A 421 -18.37 8.31 -0.73
C GLY A 421 -19.12 7.00 -0.67
N ILE A 422 -20.43 7.04 -0.40
CA ILE A 422 -21.25 5.85 -0.30
C ILE A 422 -21.82 5.60 -1.69
N PRO A 423 -21.80 4.38 -2.21
CA PRO A 423 -22.33 4.13 -3.55
C PRO A 423 -23.85 4.20 -3.55
N MET A 424 -24.37 4.42 -4.76
CA MET A 424 -25.81 4.54 -4.93
C MET A 424 -26.52 3.25 -4.55
N SER A 425 -25.85 2.12 -4.69
CA SER A 425 -26.44 0.85 -4.32
C SER A 425 -26.84 0.81 -2.85
N GLN A 426 -26.24 1.69 -2.05
CA GLN A 426 -26.58 1.80 -0.64
C GLN A 426 -27.17 3.16 -0.26
N ALA A 427 -27.03 4.18 -1.10
CA ALA A 427 -27.38 5.54 -0.67
C ALA A 427 -28.88 5.77 -0.68
N TRP A 428 -29.62 4.95 -1.41
CA TRP A 428 -31.07 5.06 -1.34
C TRP A 428 -31.55 4.89 0.07
N ASP A 429 -30.76 4.23 0.91
CA ASP A 429 -31.15 3.86 2.26
C ASP A 429 -30.67 4.84 3.32
N TRP A 430 -30.29 6.05 2.91
CA TRP A 430 -29.83 7.04 3.88
C TRP A 430 -30.91 7.34 4.92
N THR A 431 -30.44 7.80 6.09
CA THR A 431 -31.32 8.20 7.17
C THR A 431 -30.90 9.59 7.62
N PRO A 432 -31.82 10.51 7.79
CA PRO A 432 -31.48 11.78 8.42
C PRO A 432 -31.04 11.53 9.86
N CYS A 433 -30.15 12.38 10.35
CA CYS A 433 -29.46 12.11 11.61
C CYS A 433 -29.64 13.28 12.56
N GLY A 434 -29.94 12.97 13.82
CA GLY A 434 -29.92 13.99 14.85
C GLY A 434 -30.70 15.23 14.52
N CYS A 435 -30.01 16.31 14.15
CA CYS A 435 -30.71 17.48 13.63
C CYS A 435 -31.11 17.25 12.17
N VAL A 436 -30.19 17.46 11.24
CA VAL A 436 -30.50 17.31 9.82
C VAL A 436 -29.39 16.55 9.10
N GLU A 437 -28.55 15.84 9.83
CA GLU A 437 -27.39 15.27 9.18
C GLU A 437 -27.79 14.01 8.40
N THR A 438 -26.79 13.35 7.82
CA THR A 438 -27.05 12.19 7.01
C THR A 438 -26.28 11.00 7.57
N ASN A 439 -26.98 9.87 7.64
CA ASN A 439 -26.48 8.65 8.24
C ASN A 439 -26.81 7.48 7.32
N LEU A 440 -26.30 6.31 7.69
CA LEU A 440 -26.58 5.11 6.91
C LEU A 440 -26.53 3.93 7.88
N GLU A 441 -27.69 3.32 8.13
CA GLU A 441 -27.85 2.23 9.10
C GLU A 441 -26.66 1.27 9.17
N GLY A 442 -25.93 1.32 10.28
CA GLY A 442 -24.92 0.34 10.59
C GLY A 442 -23.73 0.37 9.66
N ARG A 443 -23.45 1.51 9.03
CA ARG A 443 -22.49 1.45 7.93
C ARG A 443 -21.64 2.70 7.80
N LEU A 444 -22.11 3.84 8.30
CA LEU A 444 -21.39 5.11 8.16
C LEU A 444 -20.96 5.62 9.52
N LYS A 445 -19.69 6.01 9.62
CA LYS A 445 -19.14 6.48 10.88
C LYS A 445 -18.66 7.92 10.72
N SER A 446 -19.22 8.81 11.53
CA SER A 446 -18.72 10.16 11.55
C SER A 446 -19.26 10.90 12.76
N TYR A 447 -18.43 11.79 13.31
CA TYR A 447 -18.97 12.91 14.06
C TYR A 447 -19.64 13.83 13.06
N THR A 448 -20.94 14.01 13.19
CA THR A 448 -21.55 14.89 12.21
C THR A 448 -21.41 16.35 12.57
N ASP A 449 -20.99 16.67 13.80
CA ASP A 449 -20.94 18.06 14.26
C ASP A 449 -19.90 18.14 15.38
N ILE A 450 -18.66 18.43 15.02
CA ILE A 450 -17.63 18.50 16.05
C ILE A 450 -17.74 19.82 16.79
N GLY A 451 -18.26 20.84 16.12
CA GLY A 451 -18.16 22.19 16.65
C GLY A 451 -18.62 23.20 15.63
N GLU A 452 -18.71 24.43 16.10
CA GLU A 452 -19.40 25.49 15.38
C GLU A 452 -18.42 26.59 15.03
N ILE A 453 -18.45 27.02 13.80
CA ILE A 453 -17.86 28.28 13.40
C ILE A 453 -18.95 29.33 13.37
N SER A 454 -18.63 30.54 13.78
CA SER A 454 -19.59 31.64 13.76
C SER A 454 -19.35 32.48 12.51
N MET A 455 -20.13 32.24 11.46
CA MET A 455 -20.03 33.10 10.28
C MET A 455 -20.21 34.57 10.68
N GLY A 456 -21.10 34.84 11.65
CA GLY A 456 -21.16 36.17 12.22
C GLY A 456 -19.82 36.62 12.78
N GLY A 457 -19.14 35.74 13.50
CA GLY A 457 -17.79 36.06 13.92
C GLY A 457 -16.90 36.41 12.75
N VAL A 458 -17.04 35.68 11.65
CA VAL A 458 -16.19 35.92 10.49
C VAL A 458 -16.36 37.36 9.99
N VAL A 459 -17.60 37.89 10.00
CA VAL A 459 -17.81 39.26 9.55
C VAL A 459 -17.28 40.24 10.58
N ASP A 460 -17.45 39.91 11.86
CA ASP A 460 -16.93 40.76 12.92
C ASP A 460 -15.40 40.83 12.88
N MET A 461 -14.75 39.71 12.55
CA MET A 461 -13.29 39.73 12.51
C MET A 461 -12.79 40.56 11.34
N VAL A 462 -13.45 40.45 10.20
CA VAL A 462 -13.16 41.32 9.07
C VAL A 462 -13.32 42.77 9.49
N MET A 463 -14.49 43.10 10.05
CA MET A 463 -14.82 44.49 10.31
C MET A 463 -13.95 45.09 11.40
N ASN A 464 -13.52 44.28 12.36
CA ASN A 464 -12.72 44.74 13.48
C ASN A 464 -11.29 44.23 13.41
N ASN A 465 -10.84 43.82 12.24
CA ASN A 465 -9.45 43.38 11.97
C ASN A 465 -8.96 42.35 12.97
N GLY A 466 -9.79 41.33 13.22
CA GLY A 466 -9.40 40.20 14.03
C GLY A 466 -9.55 40.38 15.52
N ARG A 467 -10.21 41.44 15.96
CA ARG A 467 -10.26 41.77 17.38
C ARG A 467 -11.66 41.52 17.92
N SER A 468 -11.75 41.06 19.15
CA SER A 468 -13.05 40.90 19.75
C SER A 468 -13.65 42.27 20.01
N ARG A 469 -14.88 42.47 19.56
CA ARG A 469 -15.56 43.71 19.89
C ARG A 469 -15.87 43.77 21.38
N LYS A 470 -16.18 42.61 22.00
CA LYS A 470 -16.42 42.56 23.44
C LYS A 470 -15.18 42.99 24.22
N THR A 471 -14.10 42.25 24.05
CA THR A 471 -12.93 42.42 24.90
C THR A 471 -11.84 43.30 24.28
N GLY A 472 -11.71 43.32 22.96
CA GLY A 472 -10.67 44.08 22.29
C GLY A 472 -9.43 43.29 21.96
N GLU A 473 -9.25 42.13 22.58
CA GLU A 473 -8.11 41.27 22.28
C GLU A 473 -8.12 40.85 20.81
N GLN A 474 -6.94 40.57 20.30
CA GLN A 474 -6.79 39.96 18.98
C GLN A 474 -7.22 38.51 19.10
N ILE A 475 -8.43 38.22 18.63
CA ILE A 475 -8.95 36.85 18.63
C ILE A 475 -8.64 36.14 17.33
N SER A 476 -8.74 36.83 16.20
CA SER A 476 -8.43 36.21 14.94
C SER A 476 -7.15 36.80 14.35
N ILE A 477 -6.90 36.45 13.09
CA ILE A 477 -5.82 37.04 12.31
C ILE A 477 -6.20 38.45 11.87
N ARG A 478 -5.18 39.22 11.49
CA ARG A 478 -5.34 40.61 11.06
C ARG A 478 -5.43 40.64 9.54
N THR A 479 -6.65 40.68 9.02
CA THR A 479 -6.87 40.77 7.59
C THR A 479 -6.93 42.21 7.11
N GLY A 480 -6.68 43.17 7.99
CA GLY A 480 -6.50 44.55 7.62
C GLY A 480 -7.61 45.43 8.17
N ASP A 481 -7.34 46.72 8.17
CA ASP A 481 -8.31 47.72 8.50
C ASP A 481 -9.35 47.78 7.38
N PRO A 482 -10.64 47.59 7.65
CA PRO A 482 -11.63 47.59 6.57
C PRO A 482 -11.70 48.89 5.78
N ARG A 483 -11.20 50.01 6.30
CA ARG A 483 -11.14 51.23 5.49
C ARG A 483 -10.08 51.15 4.41
N ASP A 484 -9.12 50.23 4.51
CA ASP A 484 -8.17 50.11 3.43
C ASP A 484 -8.70 49.31 2.25
N PHE A 485 -9.93 48.79 2.33
CA PHE A 485 -10.50 48.00 1.25
C PHE A 485 -10.88 48.94 0.11
N LYS A 486 -10.12 48.93 -0.97
CA LYS A 486 -10.47 49.78 -2.10
C LYS A 486 -11.72 49.26 -2.79
N THR A 487 -11.77 47.96 -3.07
CA THR A 487 -12.90 47.37 -3.78
C THR A 487 -13.58 46.32 -2.92
N PHE A 488 -14.79 45.96 -3.33
CA PHE A 488 -15.50 44.89 -2.65
C PHE A 488 -14.71 43.59 -2.70
N ASP A 489 -13.86 43.43 -3.70
CA ASP A 489 -13.02 42.24 -3.80
C ASP A 489 -12.03 42.15 -2.64
N ASP A 490 -11.49 43.28 -2.23
CA ASP A 490 -10.58 43.26 -1.07
C ASP A 490 -11.34 42.91 0.20
N PHE A 491 -12.54 43.47 0.36
CA PHE A 491 -13.39 43.03 1.46
C PHE A 491 -13.60 41.52 1.41
N MET A 492 -13.97 41.01 0.23
CA MET A 492 -14.21 39.58 0.10
C MET A 492 -12.95 38.76 0.37
N ALA A 493 -11.79 39.24 -0.07
CA ALA A 493 -10.55 38.58 0.30
C ALA A 493 -10.43 38.47 1.80
N ALA A 494 -10.76 39.55 2.52
CA ALA A 494 -10.71 39.52 3.97
C ALA A 494 -11.62 38.43 4.52
N VAL A 495 -12.88 38.42 4.09
CA VAL A 495 -13.79 37.38 4.53
C VAL A 495 -13.15 36.01 4.32
N LYS A 496 -12.58 35.80 3.13
CA LYS A 496 -12.07 34.47 2.83
C LYS A 496 -10.87 34.12 3.71
N LYS A 497 -9.96 35.07 3.95
CA LYS A 497 -8.83 34.76 4.83
C LYS A 497 -9.31 34.35 6.22
N GLN A 498 -10.35 35.02 6.72
CA GLN A 498 -10.87 34.72 8.04
C GLN A 498 -11.50 33.34 8.08
N ILE A 499 -12.25 33.00 7.04
CA ILE A 499 -12.79 31.66 6.95
C ILE A 499 -11.66 30.64 7.04
N ASP A 500 -10.58 30.84 6.26
CA ASP A 500 -9.44 29.94 6.35
C ASP A 500 -8.99 29.74 7.79
N HIS A 501 -8.96 30.83 8.55
CA HIS A 501 -8.51 30.73 9.93
C HIS A 501 -9.53 30.01 10.80
N PHE A 502 -10.81 30.34 10.67
CA PHE A 502 -11.83 29.67 11.47
C PHE A 502 -11.88 28.20 11.13
N VAL A 503 -11.82 27.89 9.85
CA VAL A 503 -11.83 26.50 9.42
C VAL A 503 -10.54 25.80 9.84
N HIS A 504 -9.39 26.42 9.55
CA HIS A 504 -8.15 25.84 10.03
C HIS A 504 -8.23 25.53 11.52
N THR A 505 -8.85 26.42 12.32
CA THR A 505 -8.86 26.18 13.76
C THR A 505 -9.78 25.02 14.11
N MET A 506 -10.95 24.96 13.49
CA MET A 506 -11.82 23.80 13.66
C MET A 506 -11.11 22.51 13.26
N ALA A 507 -10.29 22.53 12.23
CA ALA A 507 -9.57 21.34 11.86
C ALA A 507 -8.48 20.93 12.87
N THR A 508 -7.90 21.93 13.50
CA THR A 508 -6.97 21.73 14.54
C THR A 508 -7.70 20.95 15.64
N MET A 509 -8.89 21.46 16.02
CA MET A 509 -9.67 20.83 17.08
C MET A 509 -10.02 19.41 16.69
N ASN A 510 -10.30 19.20 15.40
CA ASN A 510 -10.73 17.89 14.95
C ASN A 510 -9.65 16.84 15.14
N SER A 511 -8.38 17.22 15.05
CA SER A 511 -7.33 16.25 15.27
C SER A 511 -7.33 15.76 16.72
N TYR A 512 -7.42 16.69 17.68
CA TYR A 512 -7.50 16.28 19.08
C TYR A 512 -8.73 15.42 19.32
N LEU A 513 -9.85 15.79 18.68
CA LEU A 513 -11.09 15.04 18.93
C LEU A 513 -10.96 13.62 18.42
N ASP A 514 -10.48 13.47 17.20
CA ASP A 514 -10.24 12.14 16.65
C ASP A 514 -9.20 11.39 17.47
N TYR A 515 -8.16 12.11 17.93
CA TYR A 515 -7.21 11.47 18.82
C TYR A 515 -7.90 10.97 20.08
N LEU A 516 -8.50 11.86 20.85
CA LEU A 516 -9.11 11.43 22.12
C LEU A 516 -10.19 10.39 21.90
N SER A 517 -10.93 10.47 20.78
CA SER A 517 -12.03 9.55 20.53
C SER A 517 -11.50 8.14 20.29
N GLU A 518 -10.58 8.00 19.34
CA GLU A 518 -9.96 6.73 19.03
C GLU A 518 -9.34 6.09 20.26
N ASN A 519 -8.83 6.90 21.17
CA ASN A 519 -8.14 6.27 22.28
C ASN A 519 -9.06 6.00 23.44
N TYR A 520 -10.04 6.87 23.67
CA TYR A 520 -10.76 6.88 24.92
C TYR A 520 -12.27 6.82 24.74
N ARG A 521 -12.77 6.57 23.53
CA ARG A 521 -14.20 6.42 23.31
C ARG A 521 -14.50 5.22 22.42
N PRO A 522 -14.08 4.04 22.85
CA PRO A 522 -14.60 2.82 22.23
C PRO A 522 -16.07 2.66 22.57
N VAL A 523 -16.87 2.30 21.59
CA VAL A 523 -18.27 2.03 21.87
C VAL A 523 -18.61 0.62 21.41
N PRO A 524 -18.26 -0.42 22.19
CA PRO A 524 -18.52 -1.80 21.73
C PRO A 524 -20.00 -2.13 21.56
N ALA A 525 -20.85 -1.78 22.52
CA ALA A 525 -22.29 -1.98 22.33
C ALA A 525 -22.76 -1.46 20.99
N LEU A 526 -22.25 -0.28 20.57
CA LEU A 526 -22.62 0.23 19.26
C LEU A 526 -21.95 -0.56 18.15
N SER A 527 -20.71 -1.00 18.38
CA SER A 527 -19.99 -1.69 17.33
C SER A 527 -20.62 -3.03 17.01
N LEU A 528 -21.41 -3.57 17.95
CA LEU A 528 -22.13 -4.82 17.73
C LEU A 528 -23.02 -4.77 16.50
N THR A 529 -23.53 -3.59 16.15
CA THR A 529 -24.52 -3.50 15.09
C THR A 529 -23.98 -2.86 13.83
N TYR A 530 -22.66 -2.70 13.76
CA TYR A 530 -21.95 -2.30 12.55
C TYR A 530 -21.26 -3.54 12.01
N PRO A 531 -21.83 -4.22 11.01
CA PRO A 531 -21.25 -5.50 10.58
C PRO A 531 -19.83 -5.38 10.13
N ASN A 532 -19.45 -4.30 9.44
CA ASN A 532 -18.07 -4.25 9.02
C ASN A 532 -17.12 -4.27 10.21
N CYS A 533 -17.56 -3.77 11.37
CA CYS A 533 -16.74 -3.86 12.57
C CYS A 533 -16.40 -5.29 12.89
N MET A 534 -17.37 -6.20 12.74
CA MET A 534 -17.15 -7.63 12.93
C MET A 534 -16.16 -8.19 11.92
N ALA A 535 -16.27 -7.76 10.67
CA ALA A 535 -15.39 -8.28 9.62
C ALA A 535 -13.94 -7.91 9.90
N VAL A 536 -13.69 -6.65 10.24
CA VAL A 536 -12.30 -6.19 10.30
C VAL A 536 -11.77 -6.17 11.72
N GLY A 537 -12.62 -6.36 12.72
CA GLY A 537 -12.17 -6.41 14.09
C GLY A 537 -11.74 -5.09 14.67
N LYS A 538 -12.47 -4.02 14.36
CA LYS A 538 -12.12 -2.70 14.88
C LYS A 538 -13.40 -1.99 15.30
N ASP A 539 -13.35 -1.35 16.46
CA ASP A 539 -14.48 -0.58 16.95
C ASP A 539 -14.90 0.48 15.93
N TYR A 540 -16.20 0.82 15.97
CA TYR A 540 -16.76 2.01 15.35
C TYR A 540 -15.85 3.22 15.51
N ALA A 541 -15.24 3.34 16.71
CA ALA A 541 -14.35 4.46 16.99
C ALA A 541 -13.07 4.39 16.17
N ASN A 542 -12.65 3.20 15.79
CA ASN A 542 -11.38 3.05 15.09
C ASN A 542 -11.58 2.68 13.63
N GLY A 543 -12.66 3.19 13.02
CA GLY A 543 -12.93 3.03 11.61
C GLY A 543 -13.37 1.64 11.21
N GLY A 544 -13.88 0.84 12.15
CA GLY A 544 -14.41 -0.45 11.77
C GLY A 544 -15.63 -0.37 10.88
N ALA A 545 -16.36 0.74 10.90
CA ALA A 545 -17.57 0.82 10.11
C ALA A 545 -17.24 0.65 8.62
N GLU A 546 -18.25 0.29 7.83
CA GLU A 546 -18.02 0.13 6.40
C GLU A 546 -17.53 1.43 5.80
N PHE A 547 -18.21 2.52 6.11
CA PHE A 547 -17.89 3.83 5.59
C PHE A 547 -17.50 4.73 6.73
N ASN A 548 -16.36 5.39 6.56
CA ASN A 548 -15.94 6.45 7.44
C ASN A 548 -15.82 7.67 6.59
N VAL A 549 -16.32 8.79 7.11
CA VAL A 549 -16.04 10.10 6.55
C VAL A 549 -15.43 10.94 7.66
N GLY A 550 -14.88 12.08 7.25
CA GLY A 550 -14.36 13.03 8.20
C GLY A 550 -15.48 13.66 8.99
N ASN A 551 -15.15 14.05 10.22
CA ASN A 551 -16.12 14.69 11.08
C ASN A 551 -16.61 16.01 10.46
N GLY A 552 -17.79 16.43 10.92
CA GLY A 552 -18.47 17.56 10.34
C GLY A 552 -18.15 18.85 11.07
N ILE A 553 -17.79 19.87 10.32
CA ILE A 553 -17.71 21.24 10.83
C ILE A 553 -19.08 21.89 10.61
N ASN A 554 -19.59 22.55 11.63
CA ASN A 554 -20.92 23.15 11.65
C ASN A 554 -20.79 24.66 11.51
N ILE A 555 -21.75 25.26 10.82
CA ILE A 555 -21.63 26.64 10.38
C ILE A 555 -22.89 27.40 10.78
N ILE A 556 -22.71 28.43 11.61
CA ILE A 556 -23.80 29.21 12.18
C ILE A 556 -23.72 30.64 11.66
N GLY A 557 -24.85 31.16 11.15
CA GLY A 557 -24.95 32.55 10.78
C GLY A 557 -25.11 32.86 9.30
N GLN A 558 -25.77 31.98 8.55
CA GLN A 558 -25.94 32.21 7.12
C GLN A 558 -26.47 33.61 6.84
N ALA A 559 -27.62 33.94 7.43
CA ALA A 559 -28.21 35.23 7.17
C ALA A 559 -27.29 36.36 7.63
N ASP A 560 -26.47 36.10 8.65
CA ASP A 560 -25.64 37.19 9.15
C ASP A 560 -24.44 37.44 8.24
N ILE A 561 -23.80 36.39 7.76
CA ILE A 561 -22.68 36.54 6.82
C ILE A 561 -23.19 37.04 5.48
N ILE A 562 -24.33 36.54 5.03
CA ILE A 562 -24.79 36.86 3.69
C ILE A 562 -25.26 38.31 3.62
N ASN A 563 -25.95 38.76 4.67
CA ASN A 563 -26.50 40.12 4.64
C ASN A 563 -25.39 41.14 4.86
N SER A 564 -24.41 40.81 5.71
CA SER A 564 -23.32 41.74 5.94
C SER A 564 -22.48 41.91 4.69
N VAL A 565 -22.25 40.83 3.95
CA VAL A 565 -21.50 40.95 2.72
C VAL A 565 -22.29 41.74 1.70
N ALA A 566 -23.55 41.33 1.48
CA ALA A 566 -24.42 42.03 0.53
C ALA A 566 -24.60 43.48 0.93
N ASP A 567 -24.80 43.74 2.22
CA ASP A 567 -25.12 45.09 2.61
C ASP A 567 -23.88 45.98 2.60
N ILE A 568 -22.71 45.40 2.82
CA ILE A 568 -21.47 46.17 2.71
C ILE A 568 -21.18 46.50 1.26
N LYS A 569 -21.22 45.51 0.38
CA LYS A 569 -21.19 45.80 -1.06
C LYS A 569 -22.21 46.87 -1.43
N TYR A 570 -23.47 46.65 -1.07
CA TYR A 570 -24.52 47.60 -1.42
C TYR A 570 -24.25 48.98 -0.83
N LEU A 571 -24.01 49.05 0.48
CA LEU A 571 -23.99 50.35 1.14
C LEU A 571 -22.66 51.07 0.97
N VAL A 572 -21.56 50.32 0.98
CA VAL A 572 -20.24 50.93 0.89
C VAL A 572 -19.75 50.99 -0.55
N PHE A 573 -19.96 49.94 -1.34
CA PHE A 573 -19.22 49.77 -2.59
C PHE A 573 -20.02 50.02 -3.86
N ASP A 574 -21.35 49.92 -3.84
CA ASP A 574 -22.16 50.14 -5.03
C ASP A 574 -23.01 51.39 -4.94
N GLU A 575 -23.83 51.50 -3.89
CA GLU A 575 -24.52 52.74 -3.60
C GLU A 575 -23.58 53.82 -3.08
N LYS A 576 -22.56 53.43 -2.32
CA LYS A 576 -21.71 54.40 -1.63
C LYS A 576 -22.56 55.30 -0.72
N LYS A 577 -23.56 54.70 -0.07
CA LYS A 577 -24.45 55.46 0.82
C LYS A 577 -23.71 55.97 2.04
N ILE A 578 -22.63 55.30 2.44
CA ILE A 578 -21.84 55.68 3.61
C ILE A 578 -20.41 55.23 3.38
N SER A 579 -19.47 55.97 3.96
CA SER A 579 -18.09 55.53 3.94
C SER A 579 -17.90 54.27 4.80
N MET A 580 -16.86 53.50 4.45
CA MET A 580 -16.37 52.42 5.28
C MET A 580 -16.05 52.92 6.69
N ASP A 581 -15.42 54.08 6.77
CA ASP A 581 -15.12 54.67 8.07
C ASP A 581 -16.38 54.90 8.88
N GLU A 582 -17.39 55.56 8.29
CA GLU A 582 -18.61 55.84 9.02
C GLU A 582 -19.29 54.54 9.41
N LEU A 583 -19.29 53.56 8.49
CA LEU A 583 -19.88 52.27 8.77
C LEU A 583 -19.26 51.65 9.99
N CYS A 584 -17.92 51.60 10.01
CA CYS A 584 -17.18 51.03 11.14
C CYS A 584 -17.53 51.73 12.45
N ARG A 585 -17.57 53.07 12.44
CA ARG A 585 -17.97 53.81 13.63
C ARG A 585 -19.39 53.45 14.04
N ALA A 586 -20.32 53.47 13.08
CA ALA A 586 -21.67 52.98 13.38
C ALA A 586 -21.59 51.60 14.02
N LEU A 587 -20.73 50.75 13.46
CA LEU A 587 -20.61 49.37 13.94
C LEU A 587 -19.96 49.28 15.31
N ASP A 588 -19.04 50.21 15.61
CA ASP A 588 -18.42 50.25 16.94
C ASP A 588 -19.39 50.79 17.98
N ALA A 589 -20.20 51.77 17.60
CA ALA A 589 -21.20 52.32 18.50
C ALA A 589 -22.36 51.37 18.76
N ASP A 590 -22.36 50.17 18.18
CA ASP A 590 -23.56 49.34 18.13
C ASP A 590 -24.76 50.13 17.60
N PHE A 591 -24.50 51.06 16.70
CA PHE A 591 -25.51 51.87 16.02
C PHE A 591 -26.07 52.98 16.90
N GLU A 592 -25.79 52.98 18.20
CA GLU A 592 -26.18 54.10 19.06
C GLU A 592 -25.54 55.38 18.53
N GLY A 593 -26.36 56.40 18.30
CA GLY A 593 -25.86 57.62 17.71
C GLY A 593 -25.71 57.59 16.21
N TYR A 594 -25.93 56.44 15.58
CA TYR A 594 -25.95 56.33 14.12
C TYR A 594 -27.21 55.57 13.70
N GLU A 595 -28.38 56.13 13.98
CA GLU A 595 -29.57 55.35 13.70
C GLU A 595 -30.03 55.49 12.26
N HIS A 596 -29.66 56.57 11.57
CA HIS A 596 -29.90 56.62 10.13
C HIS A 596 -29.06 55.58 9.38
N ILE A 597 -27.85 55.32 9.87
CA ILE A 597 -27.02 54.25 9.30
C ILE A 597 -27.67 52.89 9.55
N HIS A 598 -28.12 52.65 10.78
CA HIS A 598 -28.84 51.43 11.10
C HIS A 598 -30.04 51.24 10.19
N LYS A 599 -30.88 52.26 10.03
CA LYS A 599 -32.00 52.09 9.12
C LYS A 599 -31.49 51.82 7.71
N MET A 600 -30.35 52.41 7.34
CA MET A 600 -29.74 52.09 6.05
C MET A 600 -29.30 50.64 5.99
N CYS A 601 -28.78 50.12 7.09
CA CYS A 601 -28.39 48.73 7.08
C CYS A 601 -29.62 47.84 6.98
N MET A 602 -30.62 48.10 7.83
CA MET A 602 -31.87 47.32 7.80
C MET A 602 -32.52 47.34 6.42
N ASP A 603 -32.41 48.43 5.69
CA ASP A 603 -33.09 48.53 4.41
C ASP A 603 -32.28 47.93 3.28
N ALA A 604 -30.99 47.74 3.46
CA ALA A 604 -30.17 47.18 2.41
C ALA A 604 -30.62 45.75 2.12
N PRO A 605 -30.25 45.21 0.94
CA PRO A 605 -30.73 43.88 0.56
C PRO A 605 -30.66 42.90 1.71
N LYS A 606 -31.68 42.08 1.87
CA LYS A 606 -31.73 41.08 2.93
C LYS A 606 -31.95 39.70 2.30
N TYR A 607 -31.07 38.77 2.65
CA TYR A 607 -31.21 37.38 2.27
C TYR A 607 -32.56 36.83 2.72
N GLY A 608 -33.22 36.07 1.85
CA GLY A 608 -34.51 35.52 2.18
C GLY A 608 -35.68 36.08 1.39
N ASN A 609 -35.42 36.93 0.40
CA ASN A 609 -36.48 37.61 -0.34
C ASN A 609 -36.43 37.33 -1.83
N ASP A 610 -35.60 36.38 -2.27
CA ASP A 610 -35.30 36.25 -3.68
C ASP A 610 -34.75 37.55 -4.25
N ASP A 611 -34.07 38.31 -3.42
CA ASP A 611 -33.44 39.55 -3.87
C ASP A 611 -32.05 39.21 -4.40
N PRO A 612 -31.76 39.45 -5.68
CA PRO A 612 -30.40 39.15 -6.17
C PRO A 612 -29.32 39.99 -5.54
N LYS A 613 -29.63 41.22 -5.10
CA LYS A 613 -28.65 42.09 -4.43
C LYS A 613 -28.23 41.54 -3.09
N ALA A 614 -29.04 40.65 -2.50
CA ALA A 614 -28.70 39.93 -1.28
C ALA A 614 -28.13 38.55 -1.57
N ASP A 615 -28.68 37.83 -2.54
CA ASP A 615 -28.40 36.42 -2.72
C ASP A 615 -27.24 36.14 -3.65
N PHE A 616 -26.75 37.15 -4.38
CA PHE A 616 -25.67 36.93 -5.35
C PHE A 616 -24.46 36.27 -4.70
N CYS A 617 -24.23 36.48 -3.39
CA CYS A 617 -23.00 36.05 -2.74
C CYS A 617 -23.10 34.68 -2.05
N VAL A 618 -24.29 34.11 -1.93
CA VAL A 618 -24.46 32.91 -1.11
C VAL A 618 -23.65 31.75 -1.70
N GLY A 619 -23.78 31.52 -3.01
CA GLY A 619 -23.06 30.41 -3.63
C GLY A 619 -21.56 30.51 -3.45
N GLU A 620 -21.03 31.71 -3.64
CA GLU A 620 -19.58 31.89 -3.53
C GLU A 620 -19.09 31.65 -2.11
N ILE A 621 -19.68 32.33 -1.13
CA ILE A 621 -19.18 32.22 0.24
C ILE A 621 -19.20 30.76 0.67
N TYR A 622 -20.32 30.08 0.46
CA TYR A 622 -20.50 28.77 1.07
C TYR A 622 -19.84 27.65 0.28
N ASN A 623 -19.62 27.82 -1.04
CA ASN A 623 -18.75 26.88 -1.74
C ASN A 623 -17.30 27.12 -1.36
N TYR A 624 -16.91 28.39 -1.21
CA TYR A 624 -15.59 28.68 -0.66
C TYR A 624 -15.40 28.02 0.70
N LEU A 625 -16.33 28.25 1.61
CA LEU A 625 -16.27 27.68 2.96
C LEU A 625 -16.10 26.17 2.90
N VAL A 626 -16.99 25.50 2.20
CA VAL A 626 -16.87 24.05 2.08
C VAL A 626 -15.55 23.65 1.41
N ASP A 627 -15.06 24.48 0.47
CA ASP A 627 -13.75 24.21 -0.14
C ASP A 627 -12.65 24.14 0.92
N GLN A 628 -12.62 25.10 1.85
CA GLN A 628 -11.60 25.07 2.89
C GLN A 628 -11.73 23.82 3.76
N ILE A 629 -12.94 23.59 4.30
CA ILE A 629 -13.22 22.45 5.17
C ILE A 629 -12.65 21.17 4.58
N GLU A 630 -12.89 20.96 3.28
CA GLU A 630 -12.60 19.66 2.68
C GLU A 630 -11.13 19.43 2.43
N GLN A 631 -10.29 20.44 2.49
CA GLN A 631 -8.87 20.19 2.29
C GLN A 631 -8.25 19.43 3.46
N TYR A 632 -8.94 19.34 4.59
CA TYR A 632 -8.35 18.71 5.75
C TYR A 632 -8.68 17.24 5.79
N ASP A 633 -7.63 16.44 5.98
CA ASP A 633 -7.71 15.00 5.96
C ASP A 633 -7.69 14.47 7.39
N SER A 634 -8.32 13.36 7.58
CA SER A 634 -8.15 12.70 8.86
C SER A 634 -8.03 11.21 8.58
N PRO A 635 -7.81 10.39 9.61
CA PRO A 635 -7.85 8.94 9.42
C PRO A 635 -9.20 8.45 8.90
N PHE A 636 -10.23 9.27 9.02
CA PHE A 636 -11.56 8.86 8.62
C PHE A 636 -12.00 9.53 7.33
N GLY A 637 -11.12 10.25 6.67
CA GLY A 637 -11.46 10.93 5.44
C GLY A 637 -11.45 12.43 5.63
N LYS A 638 -11.67 13.12 4.50
CA LYS A 638 -11.69 14.56 4.49
C LYS A 638 -12.89 15.10 5.26
N LEU A 639 -12.65 16.17 6.03
CA LEU A 639 -13.68 16.75 6.87
C LEU A 639 -14.91 17.10 6.06
N THR A 640 -16.05 17.10 6.72
CA THR A 640 -17.32 17.41 6.11
C THR A 640 -17.89 18.70 6.70
N ALA A 641 -19.06 19.11 6.21
CA ALA A 641 -19.62 20.39 6.62
C ALA A 641 -21.13 20.27 6.74
N GLY A 642 -21.68 21.08 7.62
CA GLY A 642 -23.11 21.09 7.82
C GLY A 642 -23.50 22.45 8.31
N MET A 643 -24.78 22.73 8.20
CA MET A 643 -25.34 24.00 8.62
C MET A 643 -26.57 23.64 9.44
N LEU A 644 -26.29 23.20 10.66
CA LEU A 644 -27.28 22.77 11.63
C LEU A 644 -27.00 23.52 12.91
N PRO A 645 -27.31 24.81 12.95
CA PRO A 645 -26.88 25.63 14.11
C PRO A 645 -27.43 25.18 15.44
N VAL A 646 -28.46 24.34 15.47
CA VAL A 646 -29.08 23.96 16.76
C VAL A 646 -29.58 25.24 17.42
N SER A 647 -29.39 25.36 18.73
CA SER A 647 -29.68 26.63 19.38
C SER A 647 -28.45 27.51 19.48
N GLY A 648 -27.32 27.09 18.90
CA GLY A 648 -26.07 27.78 19.06
C GLY A 648 -26.03 29.18 18.47
N ASN A 649 -26.93 29.49 17.53
CA ASN A 649 -26.99 30.86 17.03
C ASN A 649 -27.23 31.85 18.17
N VAL A 650 -27.86 31.41 19.25
CA VAL A 650 -28.22 32.37 20.29
C VAL A 650 -26.97 32.67 21.13
N PRO A 651 -26.36 31.65 21.74
CA PRO A 651 -25.10 31.90 22.45
C PRO A 651 -24.00 32.43 21.56
N ILE A 652 -23.85 31.91 20.34
CA ILE A 652 -22.67 32.32 19.57
C ILE A 652 -22.79 33.77 19.14
N GLY A 653 -24.02 34.30 19.08
CA GLY A 653 -24.20 35.70 18.74
C GLY A 653 -23.78 36.65 19.84
N GLN A 654 -23.81 36.20 21.09
CA GLN A 654 -23.33 37.04 22.19
C GLN A 654 -21.87 37.42 22.02
N SER A 655 -21.14 36.74 21.15
CA SER A 655 -19.75 37.09 20.92
C SER A 655 -19.56 38.06 19.77
N VAL A 656 -20.60 38.28 18.97
CA VAL A 656 -20.48 39.01 17.71
C VAL A 656 -21.11 40.38 17.89
N GLY A 657 -20.33 41.41 17.60
CA GLY A 657 -20.82 42.76 17.70
C GLY A 657 -21.82 43.10 16.59
N ALA A 658 -22.13 44.39 16.50
CA ALA A 658 -23.03 44.87 15.45
C ALA A 658 -22.46 44.55 14.08
N LEU A 659 -23.34 44.23 13.15
CA LEU A 659 -22.98 43.80 11.82
C LEU A 659 -23.55 44.75 10.77
N PRO A 660 -22.87 44.87 9.63
CA PRO A 660 -23.40 45.70 8.53
C PRO A 660 -24.79 45.31 8.06
N SER A 661 -25.27 44.11 8.40
CA SER A 661 -26.62 43.74 7.99
C SER A 661 -27.69 44.48 8.79
N GLY A 662 -27.30 45.19 9.85
CA GLY A 662 -28.22 45.84 10.77
C GLY A 662 -28.33 45.14 12.11
N ARG A 663 -27.77 43.93 12.22
CA ARG A 663 -27.83 43.19 13.48
C ARG A 663 -27.09 43.96 14.58
N LYS A 664 -27.78 44.16 15.70
CA LYS A 664 -27.19 44.82 16.85
C LYS A 664 -26.37 43.83 17.66
N ALA A 665 -25.37 44.36 18.36
CA ALA A 665 -24.40 43.53 19.05
C ALA A 665 -25.04 42.58 20.05
N TRP A 666 -24.43 41.40 20.19
CA TRP A 666 -24.70 40.35 21.17
C TRP A 666 -26.07 39.70 21.01
N THR A 667 -26.85 40.09 20.00
CA THR A 667 -28.12 39.41 19.78
C THR A 667 -27.85 38.08 19.10
N PRO A 668 -28.88 37.28 18.90
CA PRO A 668 -28.68 36.03 18.18
C PRO A 668 -28.33 36.26 16.72
N LEU A 669 -27.48 35.37 16.20
CA LEU A 669 -27.34 35.15 14.77
C LEU A 669 -28.60 34.47 14.27
N ALA A 670 -28.72 34.42 12.94
CA ALA A 670 -29.92 33.84 12.34
C ALA A 670 -29.92 32.35 12.64
N ASP A 671 -31.10 31.83 12.94
CA ASP A 671 -31.27 30.38 12.97
C ASP A 671 -30.96 29.79 11.59
N GLY A 672 -30.71 28.48 11.58
CA GLY A 672 -30.65 27.71 10.35
C GLY A 672 -30.05 28.43 9.16
N ILE A 673 -30.51 28.09 7.97
CA ILE A 673 -29.98 28.70 6.76
C ILE A 673 -30.87 29.83 6.27
N GLY A 674 -31.90 30.20 7.04
CA GLY A 674 -32.96 31.06 6.58
C GLY A 674 -32.75 32.53 6.86
N ALA A 675 -33.86 33.26 6.87
CA ALA A 675 -33.77 34.70 6.99
C ALA A 675 -33.62 35.12 8.45
N THR A 676 -32.97 36.25 8.64
CA THR A 676 -33.01 36.92 9.92
C THR A 676 -34.45 37.28 10.25
N GLY A 677 -34.80 37.19 11.54
CA GLY A 677 -36.17 37.47 11.91
C GLY A 677 -36.68 38.82 11.41
N GLY A 678 -37.79 38.80 10.68
CA GLY A 678 -38.44 40.02 10.25
C GLY A 678 -37.89 40.66 9.00
N THR A 679 -36.79 40.15 8.46
CA THR A 679 -36.21 40.70 7.23
C THR A 679 -36.74 40.00 5.99
N ASP A 680 -37.53 38.93 6.15
CA ASP A 680 -38.26 38.24 5.08
C ASP A 680 -39.78 38.31 5.33
N ILE A 681 -40.13 39.06 4.31
CA ILE A 681 -41.33 39.67 3.88
C ILE A 681 -41.68 39.51 2.42
N ASN A 682 -41.30 38.43 1.80
CA ASN A 682 -41.67 38.13 0.45
C ASN A 682 -42.38 36.77 0.28
N GLY A 683 -42.86 36.19 1.36
CA GLY A 683 -43.47 34.90 1.36
C GLY A 683 -42.52 33.70 1.48
N ALA A 684 -43.06 32.56 1.81
CA ALA A 684 -42.37 31.34 1.97
C ALA A 684 -41.55 30.92 0.76
N THR A 685 -42.20 30.92 -0.40
CA THR A 685 -41.59 30.58 -1.63
C THR A 685 -40.37 31.43 -1.97
N ALA A 686 -40.47 32.71 -1.81
CA ALA A 686 -39.30 33.55 -2.05
C ALA A 686 -38.19 33.20 -1.05
N LEU A 687 -38.55 32.90 0.19
CA LEU A 687 -37.52 32.51 1.16
C LEU A 687 -36.86 31.20 0.73
N LEU A 688 -37.64 30.23 0.28
CA LEU A 688 -37.04 28.99 -0.21
C LEU A 688 -36.10 29.28 -1.37
N LYS A 689 -36.52 30.14 -2.29
CA LYS A 689 -35.63 30.45 -3.40
C LYS A 689 -34.29 30.97 -2.90
N SER A 690 -34.31 31.89 -1.92
CA SER A 690 -33.05 32.39 -1.36
C SER A 690 -32.20 31.25 -0.81
N ILE A 691 -32.80 30.35 -0.02
CA ILE A 691 -31.99 29.31 0.60
C ILE A 691 -31.51 28.32 -0.44
N SER A 692 -32.25 28.17 -1.53
CA SER A 692 -31.75 27.29 -2.58
C SER A 692 -30.43 27.78 -3.19
N ASN A 693 -30.03 29.04 -2.92
CA ASN A 693 -28.73 29.49 -3.40
C ASN A 693 -27.58 28.82 -2.70
N LEU A 694 -27.81 28.27 -1.50
CA LEU A 694 -26.79 27.50 -0.82
C LEU A 694 -26.53 26.21 -1.59
N PRO A 695 -25.28 25.75 -1.66
CA PRO A 695 -25.00 24.44 -2.29
C PRO A 695 -25.22 23.33 -1.27
N HIS A 696 -26.49 22.96 -1.11
CA HIS A 696 -26.88 21.99 -0.09
C HIS A 696 -26.05 20.72 -0.17
N ALA A 697 -25.85 20.19 -1.39
CA ALA A 697 -25.11 18.94 -1.53
C ALA A 697 -23.67 19.06 -1.07
N ARG A 698 -23.10 20.27 -1.05
CA ARG A 698 -21.75 20.41 -0.51
C ARG A 698 -21.73 20.09 0.97
N PHE A 699 -22.84 20.30 1.68
CA PHE A 699 -22.89 20.16 3.13
C PHE A 699 -23.43 18.78 3.46
N THR A 700 -22.53 17.81 3.52
CA THR A 700 -22.94 16.43 3.66
C THR A 700 -23.45 16.12 5.06
N GLN A 701 -23.07 16.92 6.05
CA GLN A 701 -23.67 16.83 7.38
C GLN A 701 -25.00 17.54 7.48
N GLY A 702 -25.56 17.98 6.36
CA GLY A 702 -26.94 18.44 6.34
C GLY A 702 -27.06 19.95 6.43
N THR A 703 -28.28 20.39 6.21
CA THR A 703 -28.68 21.78 6.12
C THR A 703 -30.02 21.89 6.81
N GLN A 704 -30.20 22.88 7.66
CA GLN A 704 -31.37 22.93 8.52
C GLN A 704 -32.04 24.28 8.37
N MET A 705 -33.27 24.27 7.87
CA MET A 705 -34.04 25.45 7.57
C MET A 705 -35.26 25.48 8.48
N ASN A 706 -35.62 26.67 8.99
CA ASN A 706 -36.85 26.86 9.74
C ASN A 706 -37.86 27.65 8.92
N LEU A 707 -39.12 27.43 9.21
CA LEU A 707 -40.19 28.27 8.70
C LEU A 707 -41.21 28.33 9.81
N LYS A 708 -41.76 29.52 10.03
CA LYS A 708 -42.85 29.65 10.96
C LYS A 708 -44.03 30.15 10.16
N ILE A 709 -45.04 29.34 10.06
CA ILE A 709 -46.19 29.68 9.25
C ILE A 709 -47.30 30.21 10.13
N ASP A 710 -47.92 31.29 9.70
CA ASP A 710 -49.14 31.74 10.31
C ASP A 710 -50.20 30.63 10.20
N PRO A 711 -50.77 30.16 11.31
CA PRO A 711 -51.72 29.04 11.22
C PRO A 711 -52.88 29.30 10.27
N LYS A 712 -53.30 30.54 10.08
CA LYS A 712 -54.45 30.75 9.19
C LYS A 712 -54.15 30.30 7.77
N LEU A 713 -52.87 30.30 7.38
CA LEU A 713 -52.50 29.81 6.06
C LEU A 713 -52.67 28.31 5.90
N LEU A 714 -52.85 27.56 6.98
CA LEU A 714 -52.96 26.11 6.87
C LEU A 714 -54.37 25.59 7.10
N GLU A 715 -55.34 26.47 7.28
CA GLU A 715 -56.71 26.02 7.49
C GLU A 715 -57.30 25.44 6.21
N GLY A 716 -58.25 24.53 6.39
CA GLY A 716 -58.96 23.97 5.25
C GLY A 716 -58.07 23.17 4.33
N GLU A 717 -58.71 22.43 3.43
CA GLU A 717 -57.95 21.72 2.41
C GLU A 717 -57.09 22.68 1.60
N ARG A 718 -57.60 23.88 1.35
CA ARG A 718 -56.79 24.87 0.64
C ARG A 718 -55.46 25.08 1.34
N GLY A 719 -55.49 25.34 2.65
CA GLY A 719 -54.26 25.45 3.41
C GLY A 719 -53.37 24.22 3.29
N LEU A 720 -53.96 23.02 3.40
CA LEU A 720 -53.18 21.80 3.25
C LEU A 720 -52.50 21.73 1.89
N ASN A 721 -53.27 21.90 0.82
CA ASN A 721 -52.70 21.89 -0.53
C ASN A 721 -51.54 22.87 -0.61
N SER A 722 -51.70 24.06 -0.02
CA SER A 722 -50.64 25.05 -0.09
C SER A 722 -49.41 24.61 0.68
N MET A 723 -49.60 23.90 1.78
CA MET A 723 -48.46 23.33 2.48
C MET A 723 -47.75 22.32 1.61
N MET A 724 -48.52 21.48 0.92
CA MET A 724 -47.91 20.48 0.08
C MET A 724 -47.25 21.12 -1.14
N VAL A 725 -47.89 22.12 -1.73
CA VAL A 725 -47.24 22.85 -2.83
C VAL A 725 -45.90 23.38 -2.36
N LEU A 726 -45.86 24.03 -1.20
CA LEU A 726 -44.59 24.56 -0.71
C LEU A 726 -43.56 23.45 -0.55
N LEU A 727 -43.97 22.32 0.03
CA LEU A 727 -43.02 21.23 0.27
C LEU A 727 -42.49 20.67 -1.04
N LYS A 728 -43.39 20.44 -2.00
CA LYS A 728 -42.94 20.09 -3.34
C LYS A 728 -42.06 21.18 -3.92
N THR A 729 -42.36 22.44 -3.62
CA THR A 729 -41.50 23.50 -4.10
C THR A 729 -40.09 23.34 -3.56
N GLN A 730 -39.97 22.88 -2.32
CA GLN A 730 -38.66 22.72 -1.70
C GLN A 730 -37.85 21.66 -2.43
N CYS A 731 -38.47 20.51 -2.70
CA CYS A 731 -37.80 19.48 -3.49
C CYS A 731 -37.39 20.01 -4.85
N THR A 732 -38.29 20.74 -5.51
CA THR A 732 -37.96 21.28 -6.82
C THR A 732 -36.74 22.20 -6.73
N LEU A 733 -36.69 23.06 -5.71
CA LEU A 733 -35.55 23.93 -5.51
C LEU A 733 -34.33 23.21 -4.93
N ASP A 734 -34.41 21.90 -4.75
CA ASP A 734 -33.29 21.10 -4.26
C ASP A 734 -32.94 21.44 -2.81
N ILE A 735 -33.89 21.95 -2.04
CA ILE A 735 -33.62 22.28 -0.64
C ILE A 735 -33.66 21.02 0.18
N TYR A 736 -32.56 20.74 0.87
CA TYR A 736 -32.45 19.51 1.64
C TYR A 736 -33.59 19.37 2.65
N HIS A 737 -33.86 20.43 3.39
CA HIS A 737 -34.59 20.26 4.63
C HIS A 737 -35.47 21.46 4.91
N THR A 738 -36.69 21.20 5.36
CA THR A 738 -37.47 22.26 5.98
C THR A 738 -38.26 21.70 7.15
N GLN A 739 -38.61 22.61 8.05
CA GLN A 739 -39.41 22.29 9.21
C GLN A 739 -40.21 23.53 9.55
N TYR A 740 -41.32 23.29 10.23
CA TYR A 740 -42.36 24.28 10.39
C TYR A 740 -42.75 24.40 11.85
N ASN A 741 -42.61 25.61 12.40
CA ASN A 741 -43.44 26.01 13.53
C ASN A 741 -44.76 26.54 13.00
N VAL A 742 -45.86 26.05 13.56
CA VAL A 742 -47.20 26.56 13.29
C VAL A 742 -47.86 26.77 14.65
N ILE A 743 -47.83 28.00 15.14
CA ILE A 743 -48.23 28.26 16.52
C ILE A 743 -48.83 29.66 16.59
N ASN A 744 -50.05 29.76 17.11
CA ASN A 744 -50.59 31.06 17.43
C ASN A 744 -49.56 31.83 18.28
N PRO A 745 -49.05 32.97 17.81
CA PRO A 745 -47.91 33.61 18.49
C PRO A 745 -48.23 34.08 19.91
N GLU A 746 -49.51 34.22 20.26
CA GLU A 746 -49.88 34.52 21.64
C GLU A 746 -49.66 33.31 22.54
N ILE A 747 -49.70 32.10 21.99
CA ILE A 747 -49.42 30.92 22.81
C ILE A 747 -47.97 30.91 23.27
N LEU A 748 -47.05 31.42 22.43
CA LEU A 748 -45.65 31.44 22.84
C LEU A 748 -45.39 32.52 23.89
N MET A 749 -46.08 33.65 23.79
CA MET A 749 -45.88 34.70 24.77
C MET A 749 -46.52 34.32 26.10
N ASP A 750 -47.72 33.73 26.07
CA ASP A 750 -48.29 33.20 27.30
C ASP A 750 -47.40 32.14 27.93
N ALA A 751 -46.71 31.35 27.12
CA ALA A 751 -45.85 30.33 27.71
C ALA A 751 -44.68 30.94 28.46
N GLN A 752 -44.25 32.16 28.08
CA GLN A 752 -43.20 32.84 28.84
C GLN A 752 -43.69 33.26 30.21
N LYS A 753 -44.95 33.72 30.31
CA LYS A 753 -45.47 34.27 31.55
C LYS A 753 -46.12 33.23 32.44
N ASN A 754 -46.76 32.22 31.85
CA ASN A 754 -47.44 31.18 32.60
C ASN A 754 -46.92 29.82 32.13
N PRO A 755 -45.63 29.55 32.31
CA PRO A 755 -45.09 28.27 31.81
C PRO A 755 -45.86 27.09 32.35
N GLY A 756 -46.32 27.17 33.60
CA GLY A 756 -47.02 26.04 34.20
C GLY A 756 -48.17 25.54 33.35
N ASP A 757 -48.77 26.41 32.56
CA ASP A 757 -49.93 26.05 31.75
C ASP A 757 -49.57 25.69 30.32
N HIS A 758 -48.29 25.48 30.03
CA HIS A 758 -47.85 25.15 28.68
C HIS A 758 -46.71 24.14 28.74
N LYS A 759 -46.79 23.19 29.67
CA LYS A 759 -45.65 22.31 29.90
C LYS A 759 -45.37 21.41 28.69
N ASP A 760 -46.38 21.08 27.90
CA ASP A 760 -46.16 20.27 26.71
C ASP A 760 -46.13 21.10 25.43
N LEU A 761 -46.01 22.42 25.54
CA LEU A 761 -45.91 23.26 24.36
C LEU A 761 -44.63 22.95 23.60
N LEU A 762 -44.78 22.44 22.39
CA LEU A 762 -43.66 22.08 21.53
C LEU A 762 -43.31 23.21 20.58
N VAL A 763 -42.03 23.42 20.38
CA VAL A 763 -41.56 24.34 19.36
C VAL A 763 -40.44 23.64 18.62
N ARG A 764 -40.34 23.96 17.34
CA ARG A 764 -39.23 23.54 16.52
C ARG A 764 -38.13 24.56 16.68
N VAL A 765 -36.98 24.12 17.21
CA VAL A 765 -35.85 25.01 17.43
C VAL A 765 -35.00 25.02 16.18
N ALA A 766 -34.17 23.99 16.03
CA ALA A 766 -33.24 23.91 14.89
C ALA A 766 -32.95 22.43 14.62
N GLY A 767 -33.71 21.86 13.70
CA GLY A 767 -33.61 20.45 13.40
C GLY A 767 -34.19 19.52 14.44
N TYR A 768 -34.60 20.04 15.60
CA TYR A 768 -35.17 19.22 16.66
C TYR A 768 -36.24 20.02 17.37
N THR A 769 -37.12 19.30 18.05
CA THR A 769 -38.21 19.89 18.81
C THR A 769 -37.85 19.93 20.29
N ALA A 770 -38.41 20.91 20.98
CA ALA A 770 -38.23 21.07 22.42
C ALA A 770 -39.55 21.47 23.04
N PHE A 771 -39.65 21.23 24.34
CA PHE A 771 -40.71 21.86 25.10
C PHE A 771 -40.35 23.32 25.23
N PHE A 772 -41.28 24.21 24.87
CA PHE A 772 -40.90 25.61 24.79
C PHE A 772 -40.51 26.17 26.17
N VAL A 773 -41.29 25.85 27.21
CA VAL A 773 -40.97 26.33 28.55
C VAL A 773 -39.66 25.75 29.06
N GLU A 774 -39.09 24.77 28.39
CA GLU A 774 -37.86 24.17 28.87
C GLU A 774 -36.62 24.79 28.26
N LEU A 775 -36.77 25.82 27.43
CA LEU A 775 -35.66 26.50 26.81
C LEU A 775 -35.33 27.76 27.59
N GLY A 776 -34.03 28.06 27.68
CA GLY A 776 -33.58 29.36 28.14
C GLY A 776 -34.30 30.49 27.43
N LYS A 777 -34.60 31.56 28.15
CA LYS A 777 -35.47 32.61 27.62
C LYS A 777 -34.93 33.18 26.31
N ASP A 778 -33.60 33.33 26.21
CA ASP A 778 -33.06 33.89 24.99
C ASP A 778 -33.37 33.00 23.80
N ILE A 779 -33.24 31.69 23.98
CA ILE A 779 -33.65 30.80 22.91
C ILE A 779 -35.14 30.96 22.64
N GLN A 780 -35.93 31.08 23.70
CA GLN A 780 -37.35 31.36 23.53
C GLN A 780 -37.57 32.63 22.71
N ASP A 781 -36.84 33.69 23.05
CA ASP A 781 -37.01 34.97 22.37
C ASP A 781 -36.56 34.87 20.92
N ASP A 782 -35.45 34.16 20.66
CA ASP A 782 -35.05 33.90 19.29
C ASP A 782 -36.21 33.33 18.48
N ILE A 783 -36.85 32.28 19.02
CA ILE A 783 -37.97 31.62 18.35
C ILE A 783 -39.12 32.59 18.15
N ILE A 784 -39.49 33.30 19.21
CA ILE A 784 -40.61 34.24 19.12
C ILE A 784 -40.39 35.21 17.96
N GLN A 785 -39.19 35.76 17.83
CA GLN A 785 -38.98 36.82 16.86
C GLN A 785 -38.84 36.33 15.42
N ARG A 786 -38.96 35.02 15.18
CA ARG A 786 -38.85 34.52 13.83
C ARG A 786 -40.02 35.00 13.02
N THR A 787 -39.77 35.32 11.77
CA THR A 787 -40.84 35.76 10.90
C THR A 787 -42.00 34.78 10.94
N GLU A 788 -43.17 35.28 11.32
CA GLU A 788 -44.42 34.60 11.03
C GLU A 788 -44.73 34.84 9.56
N ILE A 789 -44.71 33.77 8.76
CA ILE A 789 -44.77 33.91 7.32
C ILE A 789 -46.23 33.89 6.89
N GLU A 790 -46.68 35.00 6.31
CA GLU A 790 -48.10 35.23 6.06
C GLU A 790 -48.54 34.92 4.64
N ASN A 791 -47.60 34.62 3.75
CA ASN A 791 -47.95 34.37 2.35
C ASN A 791 -47.15 33.18 1.90
N TRP A 792 -47.79 32.30 1.21
CA TRP A 792 -47.12 31.19 0.66
C TRP A 792 -46.11 31.56 -0.44
N GLY A 793 -46.48 32.50 -1.32
CA GLY A 793 -45.73 32.89 -2.50
C GLY A 793 -45.93 31.90 -3.62
N LYS B 3 50.66 5.00 34.35
CA LYS B 3 50.95 4.58 35.72
C LYS B 3 50.59 5.72 36.69
N ASP B 4 51.11 6.92 36.46
CA ASP B 4 50.80 8.05 37.34
C ASP B 4 49.29 8.17 37.54
N TYR B 5 48.52 8.16 36.45
CA TYR B 5 47.09 8.36 36.52
C TYR B 5 46.39 7.21 37.25
N MET B 6 47.04 6.05 37.38
CA MET B 6 46.40 4.93 38.04
C MET B 6 46.04 5.23 39.48
N LYS B 7 46.74 6.18 40.10
CA LYS B 7 46.40 6.53 41.48
C LYS B 7 44.98 7.06 41.56
N ARG B 8 44.61 7.99 40.68
CA ARG B 8 43.22 8.43 40.65
C ARG B 8 42.28 7.27 40.39
N ILE B 9 42.69 6.33 39.54
CA ILE B 9 41.81 5.20 39.17
C ILE B 9 41.61 4.28 40.37
N GLN B 10 42.70 3.91 41.04
CA GLN B 10 42.56 3.08 42.23
C GLN B 10 41.66 3.77 43.27
N ALA B 11 41.84 5.07 43.49
CA ALA B 11 41.00 5.77 44.45
C ALA B 11 39.54 5.72 44.05
N LEU B 12 39.23 6.07 42.81
CA LEU B 12 37.86 5.90 42.33
C LEU B 12 37.41 4.46 42.46
N ARG B 13 38.32 3.52 42.18
CA ARG B 13 37.96 2.11 42.24
C ARG B 13 37.63 1.71 43.67
N GLU B 14 38.51 2.06 44.60
CA GLU B 14 38.26 1.70 45.98
C GLU B 14 36.98 2.33 46.46
N ASN B 15 36.69 3.55 46.03
CA ASN B 15 35.43 4.18 46.38
C ASN B 15 34.24 3.40 45.84
N TYR B 16 34.36 2.91 44.61
CA TYR B 16 33.28 2.14 44.02
C TYR B 16 33.07 0.82 44.79
N MET B 17 34.17 0.16 45.17
CA MET B 17 34.05 -1.12 45.85
C MET B 17 33.39 -0.98 47.21
N SER B 18 33.55 0.17 47.86
CA SER B 18 33.10 0.34 49.24
C SER B 18 31.64 0.72 49.34
N ARG B 19 30.91 0.64 48.24
CA ARG B 19 29.59 1.24 48.12
C ARG B 19 28.51 0.18 48.29
N ARG B 20 27.56 0.46 49.17
CA ARG B 20 26.45 -0.44 49.36
C ARG B 20 25.44 -0.24 48.25
N VAL B 21 24.87 -1.34 47.77
CA VAL B 21 23.85 -1.25 46.72
C VAL B 21 22.52 -0.92 47.36
N GLU B 22 21.97 0.22 47.00
CA GLU B 22 20.74 0.68 47.61
C GLU B 22 19.68 0.85 46.55
N MET B 23 18.45 0.99 47.01
CA MET B 23 17.30 1.22 46.13
C MET B 23 16.98 2.72 46.11
N ASP B 24 16.86 3.28 44.92
CA ASP B 24 16.49 4.68 44.74
C ASP B 24 14.97 4.81 44.63
N ILE B 25 14.40 5.76 45.37
CA ILE B 25 13.00 6.08 45.18
C ILE B 25 12.80 7.50 44.67
N LEU B 26 13.77 8.39 44.83
CA LEU B 26 13.58 9.77 44.38
C LEU B 26 13.27 9.83 42.88
N ASP B 27 13.95 9.02 42.08
CA ASP B 27 13.63 8.97 40.65
C ASP B 27 12.15 8.69 40.45
N ALA B 28 11.64 7.64 41.09
CA ALA B 28 10.24 7.25 40.91
C ALA B 28 9.31 8.30 41.47
N TYR B 29 9.71 8.94 42.57
CA TYR B 29 8.93 10.06 43.08
C TYR B 29 8.78 11.15 42.03
N TYR B 30 9.91 11.61 41.47
CA TYR B 30 9.82 12.71 40.51
C TYR B 30 9.13 12.29 39.22
N VAL B 31 9.22 11.02 38.83
CA VAL B 31 8.45 10.58 37.68
C VAL B 31 6.96 10.67 37.99
N THR B 32 6.58 10.40 39.23
CA THR B 32 5.17 10.47 39.58
C THR B 32 4.68 11.91 39.62
N GLN B 33 5.53 12.84 40.06
CA GLN B 33 5.15 14.24 40.01
C GLN B 33 4.99 14.70 38.57
N GLY B 34 5.96 14.35 37.71
CA GLY B 34 5.84 14.63 36.29
C GLY B 34 4.54 14.14 35.71
N PHE B 35 4.23 12.86 35.92
CA PHE B 35 2.95 12.33 35.44
C PHE B 35 1.78 13.03 36.11
N LYS B 36 1.87 13.31 37.41
CA LYS B 36 0.76 14.01 38.08
C LYS B 36 0.58 15.42 37.50
N ALA B 37 1.68 16.10 37.18
CA ALA B 37 1.62 17.47 36.67
C ALA B 37 1.18 17.53 35.21
N THR B 38 0.91 16.38 34.57
CA THR B 38 0.55 16.38 33.17
C THR B 38 -0.62 15.45 32.92
N GLU B 39 -1.44 15.20 33.93
CA GLU B 39 -2.57 14.31 33.72
C GLU B 39 -3.48 14.90 32.66
N GLY B 40 -3.97 14.03 31.77
CA GLY B 40 -4.70 14.47 30.60
C GLY B 40 -3.86 14.60 29.36
N GLN B 41 -2.54 14.70 29.51
CA GLN B 41 -1.62 14.76 28.41
C GLN B 41 -1.41 13.36 27.83
N PRO B 42 -1.10 13.28 26.54
CA PRO B 42 -0.72 11.98 25.98
C PRO B 42 0.47 11.43 26.75
N TRP B 43 0.54 10.14 26.87
CA TRP B 43 1.56 9.45 27.61
C TRP B 43 3.03 9.77 27.37
N GLN B 44 3.41 9.83 26.13
CA GLN B 44 4.57 10.48 25.62
C GLN B 44 4.97 11.78 26.23
N ILE B 45 4.00 12.68 26.33
CA ILE B 45 4.25 13.99 26.94
C ILE B 45 4.47 13.85 28.44
N GLN B 46 3.65 13.04 29.12
CA GLN B 46 3.80 12.82 30.54
C GLN B 46 5.17 12.25 30.86
N LYS B 47 5.59 11.26 30.08
CA LYS B 47 6.86 10.58 30.36
C LYS B 47 8.04 11.52 30.12
N ALA B 48 7.95 12.35 29.08
CA ALA B 48 8.96 13.37 28.83
C ALA B 48 9.05 14.32 30.01
N VAL B 49 7.91 14.85 30.41
CA VAL B 49 7.86 15.79 31.51
C VAL B 49 8.34 15.13 32.79
N ALA B 50 7.88 13.90 33.04
CA ALA B 50 8.37 13.16 34.20
C ALA B 50 9.88 13.05 34.16
N MET B 51 10.45 12.91 32.97
CA MET B 51 11.88 12.77 32.90
C MET B 51 12.58 14.10 33.10
N LYS B 52 11.99 15.18 32.58
CA LYS B 52 12.48 16.52 32.89
C LYS B 52 12.45 16.75 34.40
N THR B 53 11.37 16.35 35.06
CA THR B 53 11.26 16.46 36.50
C THR B 53 12.41 15.73 37.19
N VAL B 54 12.65 14.48 36.80
CA VAL B 54 13.75 13.69 37.33
C VAL B 54 15.07 14.42 37.11
N TYR B 55 15.33 14.83 35.86
CA TYR B 55 16.64 15.37 35.49
C TYR B 55 16.91 16.68 36.23
N GLU B 56 15.89 17.51 36.38
CA GLU B 56 16.05 18.81 37.00
C GLU B 56 15.97 18.76 38.53
N ASN B 57 15.65 17.61 39.12
CA ASN B 57 15.39 17.56 40.55
C ASN B 57 16.11 16.44 41.28
N LYS B 58 16.42 15.34 40.59
CA LYS B 58 17.13 14.25 41.23
C LYS B 58 18.38 14.76 41.94
N PRO B 59 18.74 14.17 43.08
CA PRO B 59 19.94 14.61 43.77
C PRO B 59 21.17 14.14 43.01
N ILE B 60 22.04 15.08 42.67
CA ILE B 60 23.22 14.78 41.89
C ILE B 60 24.43 14.93 42.78
N PHE B 61 25.58 14.50 42.28
CA PHE B 61 26.77 14.44 43.12
C PHE B 61 27.98 14.40 42.23
N ILE B 62 29.08 14.93 42.74
CA ILE B 62 30.39 14.78 42.13
C ILE B 62 31.30 14.25 43.22
N GLN B 63 31.77 13.05 43.04
CA GLN B 63 32.58 12.38 44.05
C GLN B 63 34.05 12.73 43.87
N ASP B 64 34.79 12.62 44.97
CA ASP B 64 36.23 12.90 44.98
C ASP B 64 36.93 12.20 43.84
N HIS B 65 37.89 12.90 43.23
CA HIS B 65 38.79 12.35 42.24
C HIS B 65 38.13 12.22 40.86
N GLU B 66 36.83 12.41 40.75
CA GLU B 66 36.13 12.10 39.52
C GLU B 66 36.49 13.09 38.42
N LEU B 67 36.79 12.58 37.22
CA LEU B 67 36.89 13.45 36.07
C LEU B 67 35.56 13.57 35.33
N LEU B 68 34.89 12.45 35.12
CA LEU B 68 33.57 12.42 34.53
C LEU B 68 32.53 12.29 35.65
N VAL B 69 31.36 12.86 35.41
CA VAL B 69 30.36 12.94 36.47
C VAL B 69 29.00 12.47 35.97
N GLY B 70 28.14 12.16 36.94
CA GLY B 70 26.78 11.79 36.67
C GLY B 70 26.40 10.50 37.37
N GLY B 71 25.12 10.19 37.26
CA GLY B 71 24.60 8.97 37.81
C GLY B 71 23.12 8.89 37.48
N VAL B 72 22.59 7.68 37.58
CA VAL B 72 21.16 7.50 37.37
C VAL B 72 20.38 7.66 38.65
N ALA B 73 21.06 7.73 39.78
CA ALA B 73 20.45 7.57 41.08
C ALA B 73 21.08 8.56 42.04
N PHE B 74 20.57 8.59 43.26
CA PHE B 74 21.09 9.50 44.28
C PHE B 74 22.44 9.04 44.82
N LYS B 75 22.85 7.80 44.55
CA LYS B 75 24.12 7.24 44.94
C LYS B 75 24.62 6.35 43.82
N PRO B 76 25.93 6.28 43.63
CA PRO B 76 26.48 5.25 42.73
C PRO B 76 26.04 3.85 43.14
N ARG B 77 25.75 3.04 42.13
CA ARG B 77 25.35 1.64 42.28
C ARG B 77 23.93 1.48 42.79
N ALA B 78 23.14 2.54 42.79
CA ALA B 78 21.76 2.46 43.22
C ALA B 78 20.88 2.05 42.06
N GLY B 79 19.99 1.09 42.32
CA GLY B 79 18.92 0.81 41.38
C GLY B 79 17.85 1.90 41.39
N ILE B 80 17.17 2.05 40.27
CA ILE B 80 16.11 3.02 40.18
C ILE B 80 14.82 2.30 39.89
N LEU B 81 13.73 2.83 40.42
CA LEU B 81 12.41 2.36 40.07
C LEU B 81 11.87 3.26 38.95
N ASN B 82 11.55 2.65 37.82
CA ASN B 82 10.64 3.30 36.87
C ASN B 82 9.23 2.88 37.28
N PRO B 83 8.50 3.78 37.91
CA PRO B 83 7.18 3.38 38.41
C PRO B 83 6.26 3.03 37.28
N ASP B 84 6.36 3.76 36.17
CA ASP B 84 5.60 3.44 34.97
C ASP B 84 5.87 2.01 34.47
N SER B 85 7.04 1.43 34.77
CA SER B 85 7.25 0.05 34.36
C SER B 85 6.95 -0.94 35.48
N ALA B 86 7.47 -0.69 36.69
CA ALA B 86 7.73 -1.75 37.64
C ALA B 86 7.39 -1.37 39.08
N CYS B 87 6.42 -0.47 39.26
CA CYS B 87 6.06 0.02 40.59
C CYS B 87 5.62 -1.11 41.51
N SER B 88 4.73 -1.98 41.03
CA SER B 88 4.24 -3.08 41.86
C SER B 88 5.36 -4.01 42.36
N VAL B 89 6.49 -4.04 41.66
CA VAL B 89 7.61 -4.87 42.14
C VAL B 89 8.09 -4.38 43.50
N ILE B 90 8.42 -3.08 43.58
CA ILE B 90 8.94 -2.54 44.84
C ILE B 90 7.89 -2.62 45.95
N GLU B 91 6.60 -2.54 45.59
CA GLU B 91 5.59 -2.66 46.63
C GLU B 91 5.48 -4.09 47.11
N LYS B 92 5.51 -5.06 46.19
CA LYS B 92 5.46 -6.44 46.65
C LYS B 92 6.72 -6.81 47.43
N GLU B 93 7.85 -6.19 47.12
CA GLU B 93 9.10 -6.54 47.77
C GLU B 93 9.59 -5.48 48.74
N LEU B 94 8.73 -4.51 49.07
CA LEU B 94 9.09 -3.40 49.96
C LEU B 94 9.99 -3.88 51.09
N ASP B 95 9.58 -4.95 51.78
CA ASP B 95 10.26 -5.41 52.98
C ASP B 95 11.24 -6.54 52.75
N THR B 96 11.25 -7.14 51.56
CA THR B 96 12.19 -8.22 51.29
C THR B 96 13.34 -7.83 50.38
N ILE B 97 13.18 -6.78 49.58
CA ILE B 97 14.22 -6.43 48.61
C ILE B 97 15.57 -6.27 49.29
N SER B 98 15.60 -5.65 50.47
CA SER B 98 16.90 -5.36 51.07
C SER B 98 17.66 -6.63 51.40
N THR B 99 16.98 -7.77 51.50
CA THR B 99 17.63 -9.00 51.92
C THR B 99 17.40 -10.14 50.95
N ARG B 100 16.85 -9.88 49.76
CA ARG B 100 16.48 -11.00 48.91
C ARG B 100 17.71 -11.73 48.39
N LYS B 101 17.51 -13.00 48.09
CA LYS B 101 18.59 -13.88 47.66
C LYS B 101 19.40 -13.27 46.51
N TYR B 102 18.72 -12.87 45.45
CA TYR B 102 19.41 -12.41 44.25
C TYR B 102 19.32 -10.89 44.13
N ASP B 103 20.48 -10.25 43.98
CA ASP B 103 20.56 -8.80 43.76
C ASP B 103 19.72 -8.05 44.79
N PRO B 104 20.08 -8.12 46.07
CA PRO B 104 19.37 -7.32 47.06
C PRO B 104 19.65 -5.85 46.83
N PHE B 105 18.66 -5.01 47.06
CA PHE B 105 18.84 -3.57 47.08
C PHE B 105 18.41 -3.07 48.45
N TYR B 106 19.31 -2.39 49.14
CA TYR B 106 18.95 -1.83 50.43
C TYR B 106 17.97 -0.69 50.21
N LEU B 107 16.73 -0.88 50.65
CA LEU B 107 15.71 0.14 50.65
C LEU B 107 15.58 0.71 52.07
N SER B 108 15.91 2.00 52.21
CA SER B 108 15.88 2.67 53.50
C SER B 108 14.45 2.91 53.96
N GLU B 109 14.30 3.05 55.28
CA GLU B 109 12.96 3.26 55.82
C GLU B 109 12.34 4.53 55.26
N GLU B 110 13.08 5.65 55.31
CA GLU B 110 12.58 6.88 54.73
C GLU B 110 12.16 6.69 53.27
N ASN B 111 12.86 5.83 52.54
CA ASN B 111 12.47 5.61 51.14
C ASN B 111 11.26 4.70 51.02
N LYS B 112 11.12 3.72 51.91
CA LYS B 112 9.88 2.94 51.99
C LYS B 112 8.69 3.85 52.17
N LYS B 113 8.75 4.73 53.17
CA LYS B 113 7.62 5.62 53.40
C LYS B 113 7.38 6.51 52.19
N LEU B 114 8.44 7.06 51.61
CA LEU B 114 8.27 7.88 50.41
C LEU B 114 7.61 7.07 49.28
N PHE B 115 8.12 5.86 49.02
CA PHE B 115 7.54 5.05 47.97
C PHE B 115 6.05 4.80 48.22
N MET B 116 5.74 4.26 49.41
CA MET B 116 4.37 3.83 49.71
C MET B 116 3.41 5.00 49.76
N GLU B 117 3.87 6.18 50.13
CA GLU B 117 2.94 7.28 50.29
C GLU B 117 2.82 8.15 49.05
N GLU B 118 3.91 8.33 48.30
CA GLU B 118 3.92 9.25 47.16
C GLU B 118 4.06 8.58 45.80
N VAL B 119 4.32 7.27 45.75
CA VAL B 119 4.57 6.60 44.48
C VAL B 119 3.62 5.42 44.26
N ALA B 120 3.58 4.50 45.21
CA ALA B 120 2.84 3.26 44.99
C ALA B 120 1.39 3.47 44.58
N PRO B 121 0.60 4.32 45.26
CA PRO B 121 -0.83 4.40 44.92
C PRO B 121 -1.10 4.93 43.51
N TYR B 122 -0.26 5.81 42.99
CA TYR B 122 -0.53 6.38 41.68
C TYR B 122 -0.44 5.31 40.59
N TRP B 123 0.47 4.37 40.75
CA TRP B 123 0.81 3.47 39.65
C TRP B 123 0.08 2.14 39.69
N ARG B 124 -0.64 1.83 40.77
CA ARG B 124 -1.36 0.56 40.81
C ARG B 124 -2.33 0.47 39.64
N GLY B 125 -2.29 -0.66 38.93
CA GLY B 125 -3.07 -0.87 37.72
C GLY B 125 -2.62 -0.08 36.52
N LYS B 126 -1.62 0.77 36.67
CA LYS B 126 -1.21 1.70 35.63
C LYS B 126 0.08 1.31 34.96
N CYS B 127 1.07 0.90 35.75
CA CYS B 127 2.37 0.57 35.21
C CYS B 127 2.28 -0.66 34.30
N VAL B 128 3.33 -0.86 33.52
CA VAL B 128 3.32 -1.89 32.51
C VAL B 128 3.21 -3.27 33.15
N LEU B 129 3.85 -3.44 34.31
CA LEU B 129 3.84 -4.77 34.90
C LEU B 129 2.44 -5.12 35.41
N ASP B 130 1.71 -4.12 35.90
CA ASP B 130 0.34 -4.36 36.34
C ASP B 130 -0.52 -4.75 35.16
N ARG B 131 -0.39 -4.03 34.04
CA ARG B 131 -1.15 -4.38 32.85
C ARG B 131 -0.80 -5.80 32.43
N TRP B 132 0.49 -6.13 32.39
CA TRP B 132 0.89 -7.48 32.05
C TRP B 132 0.19 -8.52 32.93
N ASN B 133 0.24 -8.34 34.25
CA ASN B 133 -0.41 -9.29 35.13
C ASN B 133 -1.93 -9.33 34.90
N ALA B 134 -2.54 -8.18 34.66
CA ALA B 134 -3.97 -8.12 34.38
C ALA B 134 -4.32 -8.84 33.08
N MET B 135 -3.44 -8.78 32.09
CA MET B 135 -3.76 -9.21 30.74
C MET B 135 -3.20 -10.57 30.41
N MET B 136 -2.36 -11.13 31.26
CA MET B 136 -1.67 -12.36 30.95
C MET B 136 -2.68 -13.43 30.54
N PRO B 137 -2.63 -13.92 29.31
CA PRO B 137 -3.45 -15.06 28.92
C PRO B 137 -3.06 -16.32 29.68
N GLU B 138 -3.98 -17.28 29.74
CA GLU B 138 -3.83 -18.36 30.71
C GLU B 138 -2.82 -19.41 30.25
N ASP B 139 -2.74 -19.71 28.94
CA ASP B 139 -1.70 -20.63 28.51
C ASP B 139 -0.33 -20.08 28.85
N VAL B 140 -0.15 -18.77 28.67
CA VAL B 140 1.06 -18.10 29.08
C VAL B 140 1.26 -18.25 30.59
N ARG B 141 0.19 -18.11 31.36
CA ARG B 141 0.27 -18.25 32.81
C ARG B 141 0.69 -19.65 33.20
N THR B 142 0.02 -20.65 32.63
CA THR B 142 0.36 -22.03 32.93
C THR B 142 1.83 -22.30 32.66
N MET B 143 2.32 -21.95 31.47
CA MET B 143 3.70 -22.26 31.15
C MET B 143 4.64 -21.45 32.03
N ARG B 144 4.26 -20.24 32.44
CA ARG B 144 5.13 -19.51 33.35
C ARG B 144 5.05 -20.08 34.76
N ASP B 145 3.85 -20.42 35.24
CA ASP B 145 3.75 -21.07 36.55
C ASP B 145 4.47 -22.40 36.56
N GLY B 146 4.45 -23.12 35.45
CA GLY B 146 5.22 -24.34 35.41
C GLY B 146 6.71 -24.17 35.24
N GLY B 147 7.24 -22.95 35.24
CA GLY B 147 8.67 -22.74 35.03
C GLY B 147 9.18 -23.14 33.67
N MET B 148 8.30 -23.29 32.67
CA MET B 148 8.72 -23.73 31.35
C MET B 148 9.24 -22.58 30.52
N LEU B 149 8.59 -21.43 30.64
CA LEU B 149 9.05 -20.19 30.06
C LEU B 149 9.32 -19.26 31.20
N TYR B 150 10.16 -18.26 30.94
CA TYR B 150 10.20 -17.08 31.77
C TYR B 150 9.80 -15.90 30.91
N VAL B 151 8.90 -15.07 31.42
CA VAL B 151 8.20 -14.17 30.52
C VAL B 151 8.11 -12.76 31.07
N ASP B 152 8.62 -12.51 32.26
CA ASP B 152 8.22 -11.28 32.93
C ASP B 152 9.20 -10.12 32.79
N LYS B 153 10.49 -10.36 32.52
CA LYS B 153 11.49 -9.34 32.86
C LYS B 153 11.43 -8.11 31.94
N LYS B 154 11.02 -8.26 30.69
CA LYS B 154 10.86 -7.07 29.87
C LYS B 154 9.62 -6.28 30.22
N PHE B 155 8.64 -6.91 30.86
CA PHE B 155 7.57 -6.09 31.43
C PHE B 155 8.09 -5.30 32.61
N VAL B 156 9.00 -5.88 33.40
CA VAL B 156 9.53 -5.15 34.54
C VAL B 156 10.39 -3.97 34.08
N ARG B 157 11.40 -4.24 33.26
CA ARG B 157 12.40 -3.24 32.95
C ARG B 157 12.41 -2.93 31.47
N GLY B 158 12.31 -1.62 31.15
CA GLY B 158 12.24 -0.96 29.85
C GLY B 158 12.84 -1.62 28.63
N TYR B 159 13.31 -0.85 27.65
CA TYR B 159 13.88 -1.52 26.48
C TYR B 159 15.31 -1.97 26.72
N GLY B 160 16.20 -1.03 27.03
CA GLY B 160 17.61 -1.27 26.93
C GLY B 160 17.87 -2.02 25.64
N GLU B 161 18.85 -2.93 25.64
CA GLU B 161 19.04 -3.85 24.53
C GLU B 161 19.10 -3.10 23.18
N ASN B 162 19.84 -1.99 23.16
CA ASN B 162 20.06 -1.23 21.94
C ASN B 162 21.32 -0.40 22.12
N THR B 163 21.93 -0.05 21.00
CA THR B 163 22.99 0.94 20.98
C THR B 163 22.41 2.25 20.44
N PRO B 164 22.30 3.30 21.23
CA PRO B 164 21.71 4.54 20.70
C PRO B 164 22.62 5.21 19.69
N GLY B 165 22.16 6.24 19.12
CA GLY B 165 22.85 6.93 18.12
C GLY B 165 23.94 7.82 18.61
N TRP B 166 25.04 7.23 19.08
CA TRP B 166 26.16 7.91 19.59
C TRP B 166 26.77 8.92 18.63
N ARG B 167 26.87 8.56 17.38
CA ARG B 167 27.35 9.42 16.33
C ARG B 167 26.49 10.62 16.18
N THR B 168 25.20 10.44 16.28
CA THR B 168 24.27 11.56 16.25
C THR B 168 24.45 12.45 17.47
N LEU B 169 24.48 11.83 18.66
CA LEU B 169 24.71 12.61 19.86
C LEU B 169 25.97 13.45 19.73
N LEU B 170 27.03 12.88 19.15
CA LEU B 170 28.31 13.55 19.13
C LEU B 170 28.37 14.58 18.01
N ALA B 171 27.83 14.28 16.83
CA ALA B 171 27.92 15.23 15.75
C ALA B 171 27.02 16.44 15.99
N LYS B 172 25.87 16.25 16.62
CA LYS B 172 24.89 17.31 16.80
C LYS B 172 24.75 17.79 18.24
N GLY B 173 25.05 16.96 19.23
CA GLY B 173 24.77 17.37 20.59
C GLY B 173 23.28 17.39 20.77
N ILE B 174 22.81 17.52 22.02
CA ILE B 174 21.37 17.43 22.26
C ILE B 174 20.67 18.68 21.74
N THR B 175 21.39 19.80 21.69
CA THR B 175 20.81 21.05 21.21
C THR B 175 20.52 20.97 19.71
N GLY B 176 21.44 20.39 18.95
CA GLY B 176 21.20 20.18 17.54
C GLY B 176 19.98 19.32 17.29
N ILE B 177 19.89 18.21 18.02
CA ILE B 177 18.75 17.32 17.87
C ILE B 177 17.46 18.06 18.22
N LYS B 178 17.47 18.74 19.37
CA LYS B 178 16.30 19.48 19.82
C LYS B 178 15.90 20.55 18.83
N LYS B 179 16.86 21.07 18.07
CA LYS B 179 16.54 22.08 17.08
C LYS B 179 15.92 21.45 15.83
N GLU B 180 16.44 20.31 15.39
CA GLU B 180 15.75 19.55 14.37
C GLU B 180 14.32 19.24 14.78
N ALA B 181 14.10 18.94 16.07
CA ALA B 181 12.74 18.60 16.50
C ALA B 181 11.86 19.85 16.52
N GLU B 182 12.40 20.95 17.01
CA GLU B 182 11.67 22.22 16.95
C GLU B 182 11.28 22.56 15.53
N GLU B 183 12.14 22.24 14.56
CA GLU B 183 11.88 22.56 13.17
C GLU B 183 10.89 21.58 12.54
N LYS B 184 11.03 20.29 12.83
CA LYS B 184 10.05 19.33 12.34
C LYS B 184 8.68 19.64 12.93
N LEU B 185 8.67 20.02 14.20
CA LEU B 185 7.44 20.40 14.89
C LEU B 185 6.84 21.65 14.25
N ALA B 186 7.67 22.62 13.91
CA ALA B 186 7.16 23.85 13.31
C ALA B 186 6.61 23.63 11.90
N ALA B 187 7.21 22.70 11.14
CA ALA B 187 6.68 22.39 9.81
C ALA B 187 5.33 21.71 9.87
N LEU B 188 5.05 20.97 10.95
CA LEU B 188 3.85 20.18 11.06
C LEU B 188 2.67 21.06 11.42
N ASP B 189 1.47 20.60 11.07
CA ASP B 189 0.25 21.37 11.28
C ASP B 189 -0.80 20.46 11.90
N ASP B 190 -1.19 20.75 13.14
CA ASP B 190 -2.17 19.88 13.77
C ASP B 190 -3.56 19.99 13.16
N ALA B 191 -3.78 20.95 12.27
CA ALA B 191 -5.02 20.93 11.51
C ALA B 191 -5.06 19.78 10.51
N HIS B 192 -3.95 19.12 10.23
CA HIS B 192 -3.90 18.07 9.22
C HIS B 192 -4.21 16.69 9.76
N GLY B 193 -4.83 16.59 10.92
CA GLY B 193 -5.40 15.30 11.28
C GLY B 193 -4.64 14.63 12.42
N GLU B 194 -5.32 13.66 13.03
CA GLU B 194 -4.79 12.96 14.20
C GLU B 194 -3.35 12.46 13.99
N ASP B 195 -3.03 11.95 12.80
CA ASP B 195 -1.71 11.35 12.61
C ASP B 195 -0.61 12.39 12.69
N VAL B 196 -0.87 13.61 12.21
CA VAL B 196 0.09 14.69 12.43
C VAL B 196 0.18 14.98 13.92
N LEU B 197 -1.00 15.08 14.56
CA LEU B 197 -1.04 15.26 16.00
C LEU B 197 -0.11 14.28 16.71
N LYS B 198 -0.11 13.01 16.31
CA LYS B 198 0.74 12.03 17.01
C LYS B 198 2.21 12.35 16.81
N GLN B 199 2.58 12.81 15.63
CA GLN B 199 3.95 13.23 15.39
C GLN B 199 4.29 14.49 16.18
N ILE B 200 3.37 15.45 16.22
CA ILE B 200 3.58 16.65 17.02
C ILE B 200 3.83 16.28 18.48
N ILE B 201 3.09 15.30 18.98
CA ILE B 201 3.25 14.87 20.37
C ILE B 201 4.64 14.26 20.56
N PHE B 202 5.03 13.40 19.64
CA PHE B 202 6.35 12.81 19.70
C PHE B 202 7.44 13.89 19.68
N TYR B 203 7.35 14.84 18.74
CA TYR B 203 8.39 15.87 18.65
C TYR B 203 8.42 16.73 19.90
N LYS B 204 7.23 17.15 20.37
CA LYS B 204 7.13 17.81 21.66
C LYS B 204 7.87 17.02 22.73
N SER B 205 7.65 15.71 22.76
CA SER B 205 8.29 14.88 23.77
C SER B 205 9.81 14.82 23.58
N LEU B 206 10.29 14.82 22.33
CA LEU B 206 11.74 14.90 22.15
C LEU B 206 12.27 16.22 22.69
N ILE B 207 11.54 17.29 22.40
CA ILE B 207 11.96 18.61 22.82
C ILE B 207 11.99 18.70 24.34
N ILE B 208 10.90 18.26 24.98
CA ILE B 208 10.83 18.32 26.45
C ILE B 208 11.95 17.52 27.05
N SER B 209 12.08 16.26 26.63
CA SER B 209 13.08 15.37 27.18
C SER B 209 14.50 15.89 26.92
N ALA B 210 14.68 16.67 25.87
CA ALA B 210 16.00 17.14 25.51
C ALA B 210 16.37 18.35 26.35
N GLU B 211 15.40 19.23 26.60
CA GLU B 211 15.60 20.28 27.57
C GLU B 211 15.96 19.72 28.94
N GLY B 212 15.45 18.53 29.28
CA GLY B 212 15.74 17.98 30.59
C GLY B 212 17.16 17.47 30.68
N ILE B 213 17.59 16.68 29.69
CA ILE B 213 18.97 16.23 29.61
C ILE B 213 19.92 17.41 29.74
N ILE B 214 19.65 18.50 29.01
CA ILE B 214 20.57 19.63 29.06
C ILE B 214 20.57 20.24 30.44
N ALA B 215 19.39 20.35 31.07
CA ALA B 215 19.30 20.84 32.44
C ALA B 215 20.18 20.02 33.37
N LEU B 216 20.07 18.68 33.30
CA LEU B 216 20.87 17.83 34.17
C LEU B 216 22.36 18.02 33.92
N ALA B 217 22.77 18.11 32.67
CA ALA B 217 24.17 18.43 32.40
C ALA B 217 24.58 19.74 33.08
N ASN B 218 23.66 20.71 33.12
CA ASN B 218 24.02 22.02 33.64
C ASN B 218 23.98 22.06 35.15
N ARG B 219 23.13 21.26 35.77
CA ARG B 219 23.14 21.17 37.22
C ARG B 219 24.50 20.68 37.70
N HIS B 220 25.00 19.61 37.09
CA HIS B 220 26.38 19.16 37.30
C HIS B 220 27.38 20.30 37.11
N ALA B 221 27.28 21.02 35.98
CA ALA B 221 28.17 22.16 35.77
C ALA B 221 28.03 23.13 36.94
N ASP B 222 26.80 23.41 37.35
CA ASP B 222 26.57 24.27 38.50
C ASP B 222 27.21 23.68 39.74
N LEU B 223 27.04 22.38 39.97
CA LEU B 223 27.60 21.77 41.16
C LEU B 223 29.12 21.86 41.14
N ALA B 224 29.73 21.56 39.98
CA ALA B 224 31.18 21.64 39.88
C ALA B 224 31.68 23.06 40.11
N GLU B 225 30.90 24.07 39.72
CA GLU B 225 31.35 25.44 39.93
C GLU B 225 31.21 25.85 41.39
N LYS B 226 30.14 25.40 42.04
CA LYS B 226 30.00 25.63 43.47
C LYS B 226 31.14 24.98 44.24
N MET B 227 31.59 23.79 43.81
CA MET B 227 32.62 23.08 44.54
C MET B 227 33.98 23.71 44.32
N ALA B 228 34.24 24.18 43.10
CA ALA B 228 35.47 24.90 42.82
C ALA B 228 35.66 26.10 43.76
N GLU B 229 34.56 26.70 44.22
CA GLU B 229 34.65 27.82 45.15
C GLU B 229 35.23 27.40 46.49
N LYS B 230 34.85 26.25 47.00
CA LYS B 230 35.23 25.80 48.34
C LYS B 230 36.37 24.81 48.32
N GLU B 231 37.09 24.69 47.20
CA GLU B 231 38.14 23.70 47.04
C GLU B 231 39.49 24.36 47.26
N ALA B 232 40.18 23.96 48.34
CA ALA B 232 41.48 24.53 48.67
C ALA B 232 42.56 24.06 47.70
N ASP B 233 42.60 22.77 47.40
CA ASP B 233 43.57 22.26 46.43
C ASP B 233 43.30 22.87 45.07
N GLU B 234 44.36 23.42 44.44
CA GLU B 234 44.13 24.06 43.17
C GLU B 234 44.15 23.06 42.01
N LYS B 235 44.88 21.94 42.17
CA LYS B 235 44.77 20.86 41.19
C LYS B 235 43.33 20.39 41.08
N ARG B 236 42.67 20.19 42.22
CA ARG B 236 41.26 19.80 42.21
C ARG B 236 40.34 20.95 41.86
N ARG B 237 40.68 22.18 42.26
CA ARG B 237 39.89 23.31 41.81
C ARG B 237 39.94 23.41 40.29
N ALA B 238 41.13 23.26 39.70
CA ALA B 238 41.21 23.31 38.25
C ALA B 238 40.35 22.23 37.62
N GLU B 239 40.38 21.02 38.19
CA GLU B 239 39.62 19.91 37.62
C GLU B 239 38.12 20.15 37.71
N LEU B 240 37.69 20.88 38.73
CA LEU B 240 36.26 21.10 38.88
C LEU B 240 35.76 22.18 37.94
N LEU B 241 36.60 23.18 37.64
CA LEU B 241 36.20 24.11 36.58
C LEU B 241 36.22 23.41 35.23
N LYS B 242 37.16 22.49 35.01
CA LYS B 242 37.09 21.64 33.82
C LYS B 242 35.75 20.90 33.75
N ILE B 243 35.29 20.35 34.87
CA ILE B 243 33.97 19.71 34.91
C ILE B 243 32.89 20.74 34.60
N ALA B 244 32.95 21.90 35.23
CA ALA B 244 31.98 22.94 34.91
C ALA B 244 32.06 23.36 33.44
N GLU B 245 33.28 23.47 32.89
CA GLU B 245 33.39 23.79 31.48
C GLU B 245 32.79 22.69 30.63
N VAL B 246 33.15 21.43 30.91
CA VAL B 246 32.78 20.33 30.06
C VAL B 246 31.28 20.15 30.03
N ASN B 247 30.65 20.14 31.21
CA ASN B 247 29.27 19.71 31.26
C ASN B 247 28.32 20.79 30.83
N ARG B 248 28.76 22.05 30.85
CA ARG B 248 27.99 23.09 30.18
C ARG B 248 28.00 22.92 28.67
N ASN B 249 29.09 22.42 28.14
CA ASN B 249 29.15 22.20 26.73
C ASN B 249 28.40 20.89 26.27
N VAL B 250 28.55 19.82 27.00
CA VAL B 250 28.06 18.54 26.59
C VAL B 250 27.12 17.97 27.59
N PRO B 251 26.08 17.35 27.15
CA PRO B 251 25.82 16.97 25.77
C PRO B 251 25.01 17.92 24.90
N ALA B 252 24.78 19.12 25.36
CA ALA B 252 24.07 20.18 24.64
C ALA B 252 24.61 20.41 23.23
N ASN B 253 25.88 20.50 23.16
CA ASN B 253 26.57 20.70 21.96
C ASN B 253 27.40 19.52 21.61
N PRO B 254 27.83 19.45 20.34
CA PRO B 254 28.83 18.48 19.95
C PRO B 254 30.10 18.71 20.74
N PRO B 255 30.76 17.66 21.18
CA PRO B 255 32.02 17.84 21.90
C PRO B 255 33.04 18.48 20.98
N ARG B 256 34.02 19.14 21.57
CA ARG B 256 35.17 19.64 20.84
C ARG B 256 36.48 19.07 21.37
N ASN B 257 36.42 18.06 22.25
CA ASN B 257 37.62 17.30 22.57
C ASN B 257 37.19 15.97 23.16
N PHE B 258 38.19 15.14 23.44
CA PHE B 258 37.93 13.77 23.88
C PHE B 258 37.20 13.74 25.21
N TYR B 259 37.56 14.65 26.11
CA TYR B 259 36.92 14.75 27.41
C TYR B 259 35.45 15.08 27.27
N GLU B 260 35.12 16.10 26.48
CA GLU B 260 33.73 16.45 26.25
C GLU B 260 32.97 15.31 25.58
N ALA B 261 33.63 14.61 24.66
CA ALA B 261 32.96 13.48 24.03
C ALA B 261 32.62 12.39 25.06
N LEU B 262 33.62 11.94 25.84
CA LEU B 262 33.31 10.95 26.87
C LEU B 262 32.16 11.43 27.75
N GLN B 263 32.28 12.67 28.26
CA GLN B 263 31.24 13.19 29.13
C GLN B 263 29.90 13.25 28.43
N SER B 264 29.88 13.55 27.16
CA SER B 264 28.67 13.55 26.45
C SER B 264 27.94 12.16 26.48
N MET B 265 28.67 11.12 26.16
CA MET B 265 28.23 9.76 26.14
C MET B 265 27.79 9.37 27.52
N LEU B 266 28.61 9.67 28.52
CA LEU B 266 28.28 9.36 29.91
C LEU B 266 26.94 9.97 30.30
N THR B 267 26.77 11.24 30.09
CA THR B 267 25.54 11.86 30.46
C THR B 267 24.29 11.32 29.80
N TYR B 268 24.36 11.14 28.50
CA TYR B 268 23.33 10.61 27.70
C TYR B 268 22.96 9.20 28.13
N GLU B 269 23.97 8.41 28.24
CA GLU B 269 23.88 7.13 28.74
C GLU B 269 23.15 7.14 30.05
N PHE B 270 23.46 8.09 30.93
CA PHE B 270 22.76 8.10 32.20
C PHE B 270 21.31 8.51 32.03
N CYS B 271 21.04 9.45 31.13
CA CYS B 271 19.65 9.88 30.99
C CYS B 271 18.78 8.82 30.31
N ILE B 272 19.31 8.04 29.38
CA ILE B 272 18.41 7.05 28.79
C ILE B 272 18.19 5.93 29.79
N PHE B 273 19.16 5.70 30.67
CA PHE B 273 18.96 4.69 31.71
C PHE B 273 17.90 5.16 32.72
N MET B 274 17.96 6.42 33.12
CA MET B 274 16.92 6.94 34.00
C MET B 274 15.56 6.85 33.34
N GLU B 275 15.45 7.25 32.07
CA GLU B 275 14.18 7.12 31.36
C GLU B 275 13.60 5.72 31.48
N GLN B 276 14.45 4.70 31.49
CA GLN B 276 13.97 3.32 31.52
C GLN B 276 15.10 2.44 32.02
N ASN B 277 14.97 1.95 33.25
CA ASN B 277 15.96 1.07 33.82
C ASN B 277 16.01 -0.22 33.00
N ALA B 278 17.17 -0.57 32.49
CA ALA B 278 17.24 -1.70 31.58
C ALA B 278 18.70 -2.07 31.34
N SER B 279 18.93 -3.33 31.04
CA SER B 279 20.25 -3.74 30.63
C SER B 279 20.51 -3.38 29.17
N SER B 280 21.79 -3.28 28.82
CA SER B 280 22.26 -3.19 27.45
C SER B 280 21.91 -1.84 26.82
N TYR B 281 22.04 -0.78 27.59
CA TYR B 281 22.18 0.52 26.94
C TYR B 281 23.63 0.57 26.51
N ASN B 282 23.89 0.13 25.28
CA ASN B 282 25.24 -0.20 24.89
C ASN B 282 26.01 1.01 24.39
N LEU B 283 27.28 1.10 24.83
CA LEU B 283 28.19 2.12 24.35
C LEU B 283 28.57 1.87 22.90
N GLY B 284 28.56 0.60 22.48
CA GLY B 284 28.93 0.29 21.12
C GLY B 284 30.41 0.53 20.87
N ARG B 285 30.71 1.06 19.67
CA ARG B 285 32.06 1.09 19.11
C ARG B 285 32.74 2.40 19.49
N MET B 286 33.01 2.52 20.80
CA MET B 286 33.54 3.79 21.29
C MET B 286 34.90 4.08 20.66
N ASP B 287 35.65 3.03 20.29
CA ASP B 287 36.92 3.28 19.61
C ASP B 287 36.69 3.90 18.22
N GLN B 288 35.55 3.65 17.59
CA GLN B 288 35.24 4.30 16.31
C GLN B 288 34.58 5.67 16.48
N TYR B 289 33.76 5.87 17.51
CA TYR B 289 33.07 7.16 17.62
C TYR B 289 33.99 8.26 18.07
N LEU B 290 34.98 7.94 18.89
CA LEU B 290 35.77 8.95 19.58
C LEU B 290 37.14 9.15 18.96
N ILE B 291 37.43 8.51 17.83
CA ILE B 291 38.81 8.51 17.33
C ILE B 291 39.22 9.90 16.82
N GLN B 292 38.26 10.70 16.34
CA GLN B 292 38.63 12.01 15.83
C GLN B 292 38.86 13.02 16.95
N TYR B 293 38.17 12.86 18.07
CA TYR B 293 38.44 13.75 19.18
C TYR B 293 39.73 13.35 19.88
N TYR B 294 39.99 12.06 19.97
CA TYR B 294 41.28 11.60 20.50
C TYR B 294 42.43 12.11 19.66
N GLU B 295 42.36 11.91 18.35
CA GLU B 295 43.48 12.25 17.49
C GLU B 295 43.69 13.75 17.39
N LYS B 296 42.61 14.52 17.23
CA LYS B 296 42.77 15.97 17.16
C LYS B 296 43.34 16.50 18.47
N ASP B 297 42.84 16.01 19.61
CA ASP B 297 43.34 16.44 20.92
C ASP B 297 44.82 16.11 21.08
N LEU B 298 45.23 14.92 20.64
CA LEU B 298 46.63 14.56 20.72
C LEU B 298 47.49 15.47 19.84
N ALA B 299 47.05 15.70 18.60
CA ALA B 299 47.88 16.46 17.67
C ALA B 299 47.92 17.94 18.04
N ASP B 300 46.89 18.45 18.68
CA ASP B 300 46.88 19.80 19.19
C ASP B 300 47.46 19.92 20.59
N GLY B 301 48.03 18.83 21.11
CA GLY B 301 48.69 18.86 22.40
C GLY B 301 47.78 19.15 23.58
N THR B 302 46.46 19.08 23.39
CA THR B 302 45.58 19.33 24.52
C THR B 302 45.36 18.08 25.37
N MET B 303 45.93 16.94 24.97
CA MET B 303 45.73 15.73 25.75
C MET B 303 46.70 14.68 25.27
N THR B 304 47.39 14.04 26.22
CA THR B 304 48.28 12.91 25.97
C THR B 304 47.49 11.62 25.97
N GLN B 305 48.10 10.58 25.43
CA GLN B 305 47.41 9.30 25.45
C GLN B 305 47.15 8.85 26.88
N ASP B 306 48.04 9.20 27.81
CA ASP B 306 47.85 8.76 29.19
C ASP B 306 46.63 9.45 29.80
N GLU B 307 46.52 10.76 29.61
CA GLU B 307 45.35 11.48 30.07
C GLU B 307 44.07 10.92 29.46
N ALA B 308 44.11 10.53 28.19
CA ALA B 308 42.94 9.94 27.58
C ALA B 308 42.63 8.57 28.18
N GLN B 309 43.64 7.79 28.55
CA GLN B 309 43.38 6.49 29.18
C GLN B 309 42.70 6.69 30.53
N GLU B 310 43.22 7.63 31.32
CA GLU B 310 42.64 7.94 32.61
C GLU B 310 41.17 8.29 32.47
N LEU B 311 40.86 9.15 31.49
CA LEU B 311 39.46 9.52 31.23
C LEU B 311 38.63 8.30 30.89
N MET B 312 39.15 7.44 30.04
CA MET B 312 38.43 6.22 29.74
C MET B 312 38.25 5.37 30.99
N ASP B 313 39.26 5.32 31.84
CA ASP B 313 39.13 4.54 33.07
C ASP B 313 38.06 5.14 33.98
N CYS B 314 38.00 6.47 34.08
CA CYS B 314 36.91 7.09 34.84
C CYS B 314 35.57 6.76 34.22
N PHE B 315 35.46 6.87 32.91
CA PHE B 315 34.25 6.46 32.21
C PHE B 315 33.86 5.05 32.64
N TRP B 316 34.78 4.10 32.49
CA TRP B 316 34.50 2.74 32.94
C TRP B 316 33.85 2.77 34.33
N ILE B 317 34.51 3.38 35.32
CA ILE B 317 33.98 3.33 36.68
C ILE B 317 32.57 3.92 36.71
N LYS B 318 32.37 5.05 36.05
CA LYS B 318 31.09 5.74 36.12
C LYS B 318 29.97 4.88 35.53
N ILE B 319 30.21 4.31 34.35
CA ILE B 319 29.29 3.31 33.79
C ILE B 319 29.04 2.20 34.81
N SER B 320 30.07 1.74 35.50
CA SER B 320 29.84 0.67 36.48
C SER B 320 28.90 1.09 37.60
N GLU B 321 28.76 2.38 37.85
CA GLU B 321 27.91 2.80 38.96
C GLU B 321 26.44 2.58 38.67
N MET B 322 26.09 2.31 37.42
CA MET B 322 24.75 1.87 37.10
C MET B 322 24.48 0.49 37.69
N GLY B 323 23.25 0.29 38.17
CA GLY B 323 22.89 -0.99 38.75
C GLY B 323 21.54 -1.45 38.26
N LEU B 324 21.51 -2.58 37.57
CA LEU B 324 20.25 -3.02 37.00
C LEU B 324 19.32 -3.45 38.11
N PHE B 325 18.14 -2.87 38.14
CA PHE B 325 17.13 -3.24 39.11
C PHE B 325 16.08 -4.10 38.44
N GLN B 326 15.57 -5.07 39.20
CA GLN B 326 14.43 -5.86 38.78
C GLN B 326 13.87 -6.52 40.02
N ASP B 327 12.73 -7.17 39.84
CA ASP B 327 12.14 -7.93 40.92
C ASP B 327 12.98 -9.17 41.22
N GLY B 328 12.56 -9.92 42.23
CA GLY B 328 13.39 -10.99 42.77
C GLY B 328 13.42 -12.24 41.91
N GLU B 329 12.32 -12.56 41.24
CA GLU B 329 12.33 -13.74 40.37
C GLU B 329 13.34 -13.57 39.23
N SER B 330 13.12 -12.56 38.39
CA SER B 330 13.99 -12.32 37.26
C SER B 330 15.43 -12.09 37.68
N ALA B 331 15.67 -11.64 38.91
CA ALA B 331 17.04 -11.41 39.35
C ALA B 331 17.82 -12.70 39.46
N ALA B 332 17.15 -13.82 39.71
CA ALA B 332 17.82 -15.11 39.54
C ALA B 332 18.10 -15.40 38.05
N PHE B 333 17.32 -14.83 37.14
CA PHE B 333 17.53 -15.06 35.72
C PHE B 333 18.61 -14.15 35.14
N SER B 334 18.99 -13.12 35.87
CA SER B 334 19.86 -12.09 35.36
C SER B 334 20.55 -11.47 36.58
N ALA B 335 21.40 -12.26 37.21
CA ALA B 335 21.93 -11.94 38.52
C ALA B 335 23.04 -10.91 38.40
N GLY B 336 23.38 -10.31 39.53
CA GLY B 336 24.61 -9.55 39.67
C GLY B 336 24.53 -8.10 39.30
N TYR B 337 23.34 -7.53 39.26
CA TYR B 337 23.20 -6.11 38.98
C TYR B 337 23.70 -5.78 37.58
N ASN B 338 23.60 -6.76 36.69
CA ASN B 338 24.23 -6.70 35.38
C ASN B 338 23.33 -5.95 34.40
N MET B 339 23.51 -4.63 34.30
CA MET B 339 22.85 -3.98 33.17
C MET B 339 23.70 -4.06 31.90
N THR B 340 24.87 -4.71 31.98
CA THR B 340 25.64 -5.17 30.83
C THR B 340 25.68 -4.11 29.75
N VAL B 341 26.35 -2.99 30.03
CA VAL B 341 26.54 -1.98 29.01
C VAL B 341 27.73 -2.43 28.18
N GLN B 342 27.50 -2.80 26.93
CA GLN B 342 28.54 -3.37 26.11
C GLN B 342 29.28 -2.28 25.37
N VAL B 343 30.61 -2.29 25.46
CA VAL B 343 31.47 -1.48 24.64
C VAL B 343 32.37 -2.44 23.89
N CYS B 344 32.44 -2.29 22.57
CA CYS B 344 33.29 -3.15 21.77
C CYS B 344 34.40 -2.31 21.16
N ALA B 345 35.51 -2.98 20.89
CA ALA B 345 36.62 -2.42 20.12
C ALA B 345 36.92 -3.36 18.95
N GLY B 346 37.50 -2.82 17.89
CA GLY B 346 37.95 -3.64 16.79
C GLY B 346 36.96 -3.70 15.63
N GLY B 347 37.11 -4.73 14.82
CA GLY B 347 36.21 -4.89 13.70
C GLY B 347 36.67 -4.14 12.46
N ILE B 348 35.73 -3.66 11.67
CA ILE B 348 36.06 -3.08 10.37
C ILE B 348 35.40 -1.72 10.25
N ASP B 349 36.03 -0.84 9.49
CA ASP B 349 35.47 0.49 9.34
C ASP B 349 34.51 0.52 8.13
N GLN B 350 34.07 1.71 7.73
CA GLN B 350 33.16 1.85 6.60
C GLN B 350 33.78 1.41 5.29
N TYR B 351 35.09 1.25 5.25
CA TYR B 351 35.77 0.81 4.05
C TYR B 351 36.07 -0.68 4.10
N GLY B 352 35.56 -1.38 5.11
CA GLY B 352 35.91 -2.76 5.34
C GLY B 352 37.32 -2.95 5.83
N ASN B 353 38.07 -1.88 6.08
CA ASN B 353 39.43 -2.07 6.52
C ASN B 353 39.47 -2.30 8.03
N ASP B 354 40.65 -2.70 8.49
CA ASP B 354 40.86 -2.86 9.91
C ASP B 354 40.53 -1.58 10.64
N ALA B 355 39.52 -1.63 11.50
CA ALA B 355 39.11 -0.48 12.28
C ALA B 355 39.84 -0.37 13.62
N VAL B 356 40.90 -1.17 13.86
CA VAL B 356 41.61 -1.11 15.13
C VAL B 356 42.49 0.13 15.16
N ASN B 357 42.47 0.84 16.29
CA ASN B 357 43.19 2.10 16.44
C ASN B 357 43.64 2.24 17.90
N ASP B 358 44.20 3.39 18.24
CA ASP B 358 44.72 3.58 19.60
C ASP B 358 43.63 3.30 20.63
N LEU B 359 42.43 3.84 20.39
CA LEU B 359 41.34 3.66 21.33
C LEU B 359 41.00 2.17 21.50
N SER B 360 41.03 1.41 20.40
CA SER B 360 40.71 -0.01 20.49
C SER B 360 41.54 -0.67 21.57
N TYR B 361 42.86 -0.49 21.49
CA TYR B 361 43.73 -1.00 22.55
C TYR B 361 43.35 -0.38 23.89
N MET B 362 43.10 0.94 23.91
CA MET B 362 42.83 1.61 25.17
C MET B 362 41.49 1.20 25.76
N THR B 363 40.58 0.74 24.91
CA THR B 363 39.33 0.19 25.41
C THR B 363 39.61 -1.05 26.23
N ILE B 364 40.47 -1.95 25.71
CA ILE B 364 40.90 -3.11 26.48
C ILE B 364 41.65 -2.68 27.73
N GLN B 365 42.55 -1.71 27.57
CA GLN B 365 43.34 -1.22 28.70
C GLN B 365 42.44 -0.71 29.81
N ALA B 366 41.32 -0.09 29.46
CA ALA B 366 40.41 0.39 30.50
C ALA B 366 39.92 -0.76 31.35
N THR B 367 39.53 -1.87 30.72
CA THR B 367 39.07 -3.01 31.49
C THR B 367 40.17 -3.53 32.41
N GLN B 368 41.43 -3.52 31.93
CA GLN B 368 42.53 -4.00 32.76
C GLN B 368 42.78 -3.06 33.93
N ASP B 369 42.69 -1.76 33.71
CA ASP B 369 42.93 -0.83 34.80
C ASP B 369 41.82 -0.88 35.83
N THR B 370 40.57 -0.98 35.40
CA THR B 370 39.45 -0.77 36.30
C THR B 370 38.92 -2.06 36.90
N ALA B 371 39.01 -3.18 36.17
CA ALA B 371 38.72 -4.51 36.67
C ALA B 371 37.43 -4.51 37.51
N LEU B 372 36.36 -4.03 36.88
CA LEU B 372 35.05 -3.95 37.50
C LEU B 372 34.04 -4.78 36.70
N LYS B 373 32.83 -4.84 37.24
CA LYS B 373 31.71 -5.54 36.61
C LYS B 373 31.44 -5.03 35.19
N GLU B 374 31.53 -3.72 35.00
CA GLU B 374 31.09 -3.07 33.78
C GLU B 374 32.07 -1.94 33.51
N PRO B 375 32.10 -1.41 32.28
CA PRO B 375 31.23 -1.88 31.18
C PRO B 375 31.54 -3.30 30.71
N ASN B 376 30.56 -3.89 30.06
CA ASN B 376 30.77 -5.20 29.47
C ASN B 376 31.66 -5.04 28.25
N MET B 377 32.97 -5.12 28.47
CA MET B 377 33.92 -4.81 27.41
C MET B 377 34.15 -6.04 26.55
N THR B 378 34.34 -5.79 25.28
CA THR B 378 34.08 -6.78 24.27
C THR B 378 34.93 -6.40 23.07
N VAL B 379 35.21 -7.40 22.24
CA VAL B 379 36.08 -7.20 21.11
C VAL B 379 35.45 -7.84 19.88
N ARG B 380 35.18 -7.01 18.88
CA ARG B 380 34.91 -7.47 17.53
C ARG B 380 36.23 -7.89 16.89
N TYR B 381 36.36 -9.16 16.58
CA TYR B 381 37.63 -9.65 16.10
C TYR B 381 37.44 -10.08 14.66
N SER B 382 38.00 -9.32 13.74
CA SER B 382 37.99 -9.71 12.34
C SER B 382 39.32 -10.38 12.07
N ILE B 383 39.29 -11.70 11.90
CA ILE B 383 40.51 -12.47 11.72
C ILE B 383 41.24 -12.08 10.44
N SER B 384 40.55 -11.49 9.47
CA SER B 384 41.23 -11.14 8.23
C SER B 384 41.86 -9.75 8.27
N LYS B 385 41.30 -8.84 9.08
CA LYS B 385 41.77 -7.46 9.12
C LYS B 385 42.44 -7.08 10.42
N ASN B 386 42.01 -7.62 11.55
CA ASN B 386 42.45 -7.06 12.81
C ASN B 386 43.83 -7.58 13.16
N PRO B 387 44.74 -6.71 13.59
CA PRO B 387 46.12 -7.13 13.83
C PRO B 387 46.23 -8.15 14.96
N ASP B 388 47.34 -8.90 14.93
CA ASP B 388 47.60 -9.87 15.98
C ASP B 388 47.75 -9.21 17.34
N SER B 389 48.38 -8.03 17.39
CA SER B 389 48.64 -7.38 18.67
C SER B 389 47.34 -7.02 19.37
N PHE B 390 46.33 -6.63 18.60
CA PHE B 390 45.04 -6.38 19.21
C PHE B 390 44.51 -7.66 19.83
N LEU B 391 44.65 -8.77 19.10
CA LEU B 391 44.11 -10.03 19.59
C LEU B 391 44.87 -10.51 20.82
N ARG B 392 46.16 -10.21 20.89
CA ARG B 392 46.98 -10.60 22.01
C ARG B 392 46.71 -9.75 23.25
N LYS B 393 46.45 -8.46 23.07
CA LYS B 393 46.07 -7.63 24.20
C LYS B 393 44.77 -8.13 24.83
N ALA B 394 43.81 -8.54 24.00
CA ALA B 394 42.62 -9.19 24.54
C ALA B 394 43.01 -10.47 25.26
N ALA B 395 43.82 -11.30 24.61
CA ALA B 395 44.30 -12.51 25.26
C ALA B 395 44.93 -12.20 26.61
N GLU B 396 45.78 -11.16 26.66
CA GLU B 396 46.39 -10.78 27.93
C GLU B 396 45.34 -10.39 28.94
N CYS B 397 44.30 -9.69 28.49
CA CYS B 397 43.24 -9.24 29.38
C CYS B 397 42.51 -10.43 29.98
N ILE B 398 42.08 -11.36 29.12
CA ILE B 398 41.46 -12.58 29.60
C ILE B 398 42.37 -13.26 30.60
N ARG B 399 43.67 -13.31 30.28
CA ARG B 399 44.61 -14.06 31.11
C ARG B 399 44.74 -13.41 32.48
N MET B 400 44.73 -12.08 32.55
CA MET B 400 44.77 -11.40 33.84
C MET B 400 43.56 -11.77 34.70
N GLY B 401 42.64 -12.55 34.13
CA GLY B 401 41.44 -12.92 34.85
C GLY B 401 40.38 -11.84 34.89
N ARG B 402 40.54 -10.77 34.11
CA ARG B 402 39.53 -9.73 34.03
C ARG B 402 38.19 -10.25 33.50
N THR B 403 38.17 -11.41 32.88
CA THR B 403 36.98 -12.05 32.33
C THR B 403 36.48 -11.35 31.06
N MET B 404 37.19 -10.35 30.56
CA MET B 404 36.87 -9.65 29.32
C MET B 404 38.18 -9.40 28.60
N PRO B 405 38.14 -9.15 27.28
CA PRO B 405 36.87 -9.04 26.55
C PRO B 405 36.27 -10.38 26.14
N ALA B 406 34.95 -10.40 26.01
CA ALA B 406 34.31 -11.40 25.18
C ALA B 406 34.75 -11.18 23.74
N VAL B 407 34.90 -12.27 22.99
CA VAL B 407 35.50 -12.20 21.67
C VAL B 407 34.44 -12.60 20.66
N TYR B 408 34.19 -11.71 19.71
CA TYR B 408 33.18 -11.94 18.69
C TYR B 408 33.86 -12.21 17.36
N HIS B 409 33.43 -13.28 16.67
CA HIS B 409 33.85 -13.49 15.29
C HIS B 409 33.15 -12.44 14.42
N ASP B 410 33.92 -11.45 13.97
CA ASP B 410 33.32 -10.29 13.34
C ASP B 410 32.32 -10.69 12.26
N ASP B 411 32.73 -11.60 11.38
CA ASP B 411 31.87 -12.09 10.32
C ASP B 411 30.53 -12.58 10.83
N ALA B 412 30.49 -13.29 11.96
CA ALA B 412 29.22 -13.86 12.44
C ALA B 412 28.23 -12.77 12.81
N GLY B 413 28.69 -11.72 13.48
CA GLY B 413 27.78 -10.67 13.88
C GLY B 413 27.27 -9.88 12.69
N ILE B 414 28.15 -9.64 11.72
CA ILE B 414 27.71 -9.06 10.45
C ILE B 414 26.62 -9.93 9.83
N LYS B 415 26.87 -11.23 9.71
CA LYS B 415 25.83 -12.12 9.20
C LYS B 415 24.52 -11.98 9.97
N MET B 416 24.58 -11.87 11.30
CA MET B 416 23.35 -11.78 12.08
C MET B 416 22.52 -10.57 11.68
N LEU B 417 23.14 -9.39 11.67
CA LEU B 417 22.46 -8.20 11.17
C LEU B 417 21.94 -8.42 9.75
N LEU B 418 22.77 -8.97 8.87
CA LEU B 418 22.28 -9.28 7.51
C LEU B 418 21.00 -10.09 7.59
N ASN B 419 20.95 -11.04 8.54
CA ASN B 419 19.77 -11.86 8.71
C ASN B 419 18.60 -11.06 9.24
N LYS B 420 18.89 -10.06 10.08
CA LYS B 420 17.82 -9.21 10.60
C LYS B 420 17.24 -8.31 9.52
N GLY B 421 17.93 -8.13 8.39
CA GLY B 421 17.50 -7.21 7.36
C GLY B 421 18.39 -5.98 7.17
N ILE B 422 19.51 -5.89 7.85
CA ILE B 422 20.36 -4.70 7.66
C ILE B 422 21.20 -4.89 6.40
N PRO B 423 21.21 -3.93 5.50
CA PRO B 423 22.10 -4.03 4.34
C PRO B 423 23.57 -4.16 4.74
N MET B 424 24.33 -4.80 3.85
CA MET B 424 25.77 -4.93 4.08
C MET B 424 26.45 -3.58 4.23
N SER B 425 25.87 -2.51 3.68
CA SER B 425 26.48 -1.19 3.71
C SER B 425 26.46 -0.57 5.10
N GLN B 426 25.58 -1.01 5.98
CA GLN B 426 25.66 -0.64 7.38
C GLN B 426 26.02 -1.79 8.30
N ALA B 427 25.75 -3.03 7.90
CA ALA B 427 25.94 -4.17 8.77
C ALA B 427 27.38 -4.30 9.26
N TRP B 428 28.34 -3.70 8.55
CA TRP B 428 29.72 -3.70 9.02
C TRP B 428 29.81 -3.02 10.38
N ASP B 429 28.86 -2.12 10.63
CA ASP B 429 28.88 -1.27 11.79
C ASP B 429 28.16 -1.90 12.98
N TRP B 430 27.95 -3.21 12.94
CA TRP B 430 27.26 -3.91 14.02
C TRP B 430 28.01 -3.78 15.34
N THR B 431 27.26 -3.82 16.45
CA THR B 431 27.87 -3.82 17.78
C THR B 431 27.23 -4.92 18.61
N PRO B 432 28.03 -5.71 19.30
CA PRO B 432 27.47 -6.66 20.27
C PRO B 432 26.64 -5.90 21.30
N CYS B 433 25.57 -6.54 21.74
CA CYS B 433 24.57 -5.87 22.55
C CYS B 433 24.41 -6.61 23.87
N GLY B 434 24.31 -5.87 24.95
CA GLY B 434 24.02 -6.47 26.23
C GLY B 434 24.85 -7.70 26.52
N CYS B 435 24.24 -8.88 26.40
CA CYS B 435 25.00 -10.12 26.60
C CYS B 435 25.80 -10.45 25.36
N VAL B 436 25.10 -10.78 24.26
CA VAL B 436 25.76 -11.26 23.05
C VAL B 436 24.88 -10.97 21.86
N GLU B 437 23.91 -10.07 22.01
CA GLU B 437 22.96 -9.78 20.95
C GLU B 437 23.59 -8.81 19.95
N THR B 438 22.88 -8.51 18.88
CA THR B 438 23.45 -7.62 17.87
C THR B 438 22.65 -6.32 17.86
N ASN B 439 23.37 -5.22 17.72
CA ASN B 439 22.78 -3.90 17.59
C ASN B 439 23.36 -3.20 16.38
N LEU B 440 22.83 -2.01 16.15
CA LEU B 440 23.31 -1.11 15.12
C LEU B 440 23.08 0.29 15.65
N GLU B 441 24.18 1.00 15.88
CA GLU B 441 24.21 2.35 16.46
C GLU B 441 23.05 3.24 16.01
N GLY B 442 22.16 3.58 16.92
CA GLY B 442 21.10 4.52 16.63
C GLY B 442 20.21 4.15 15.46
N ARG B 443 20.17 2.89 15.05
CA ARG B 443 19.35 2.54 13.91
C ARG B 443 18.51 1.28 14.09
N LEU B 444 18.69 0.50 15.16
CA LEU B 444 18.07 -0.81 15.22
C LEU B 444 17.25 -0.95 16.49
N LYS B 445 15.99 -1.32 16.32
CA LYS B 445 15.06 -1.43 17.43
C LYS B 445 14.60 -2.88 17.55
N SER B 446 14.71 -3.42 18.76
CA SER B 446 13.95 -4.60 19.14
C SER B 446 14.33 -4.93 20.58
N TYR B 447 13.41 -5.51 21.33
CA TYR B 447 13.85 -6.27 22.49
C TYR B 447 14.70 -7.42 21.98
N THR B 448 15.84 -7.64 22.59
CA THR B 448 16.67 -8.75 22.13
C THR B 448 16.40 -10.01 22.90
N ASP B 449 15.56 -9.91 23.92
CA ASP B 449 15.35 -11.02 24.84
C ASP B 449 14.08 -10.75 25.62
N ILE B 450 12.93 -11.04 25.03
CA ILE B 450 11.67 -10.87 25.77
C ILE B 450 11.43 -11.98 26.76
N GLY B 451 12.23 -13.04 26.75
CA GLY B 451 11.89 -14.14 27.62
C GLY B 451 12.56 -15.42 27.18
N GLU B 452 12.65 -16.33 28.13
CA GLU B 452 13.48 -17.51 28.01
C GLU B 452 12.58 -18.71 27.77
N ILE B 453 13.00 -19.58 26.87
CA ILE B 453 12.40 -20.89 26.69
C ILE B 453 13.30 -21.92 27.35
N SER B 454 12.69 -22.84 28.08
CA SER B 454 13.43 -23.88 28.77
C SER B 454 13.52 -25.09 27.84
N MET B 455 14.63 -25.20 27.10
CA MET B 455 14.86 -26.40 26.32
C MET B 455 14.91 -27.64 27.22
N GLY B 456 15.56 -27.53 28.38
CA GLY B 456 15.51 -28.64 29.34
C GLY B 456 14.08 -28.97 29.73
N GLY B 457 13.25 -27.95 29.90
CA GLY B 457 11.85 -28.20 30.19
C GLY B 457 11.16 -28.89 29.05
N VAL B 458 11.62 -28.67 27.82
CA VAL B 458 10.95 -29.27 26.67
C VAL B 458 11.08 -30.78 26.73
N VAL B 459 12.29 -31.26 27.03
CA VAL B 459 12.50 -32.70 27.19
C VAL B 459 11.67 -33.21 28.36
N ASP B 460 11.63 -32.45 29.47
CA ASP B 460 10.79 -32.81 30.60
C ASP B 460 9.36 -33.03 30.15
N MET B 461 8.80 -32.07 29.41
CA MET B 461 7.43 -32.22 28.94
C MET B 461 7.28 -33.41 28.01
N VAL B 462 8.35 -33.78 27.29
CA VAL B 462 8.30 -34.99 26.48
C VAL B 462 8.42 -36.23 27.34
N MET B 463 9.36 -36.23 28.28
CA MET B 463 9.53 -37.42 29.07
C MET B 463 8.31 -37.67 29.98
N ASN B 464 7.57 -36.61 30.31
CA ASN B 464 6.50 -36.71 31.29
C ASN B 464 5.15 -36.34 30.70
N ASN B 465 5.02 -36.35 29.37
CA ASN B 465 3.73 -36.19 28.72
C ASN B 465 3.10 -34.84 29.05
N GLY B 466 3.94 -33.82 29.13
CA GLY B 466 3.46 -32.48 29.39
C GLY B 466 3.10 -32.19 30.82
N ARG B 467 3.16 -33.16 31.71
CA ARG B 467 2.82 -32.83 33.08
C ARG B 467 4.08 -32.39 33.85
N SER B 468 3.88 -31.45 34.76
CA SER B 468 4.97 -30.95 35.59
C SER B 468 5.57 -32.06 36.46
N ARG B 469 6.88 -32.01 36.66
CA ARG B 469 7.52 -32.93 37.57
C ARG B 469 7.39 -32.48 39.02
N LYS B 470 7.34 -31.20 39.26
CA LYS B 470 7.21 -30.67 40.60
C LYS B 470 5.82 -30.79 41.16
N THR B 471 4.83 -30.50 40.36
CA THR B 471 3.50 -30.45 40.85
C THR B 471 2.63 -31.52 40.43
N GLY B 472 2.80 -31.89 39.20
CA GLY B 472 2.01 -32.90 38.66
C GLY B 472 1.21 -32.41 37.54
N GLU B 473 0.68 -31.22 37.60
CA GLU B 473 -0.11 -30.53 36.63
C GLU B 473 0.30 -30.55 35.19
N GLN B 474 -0.76 -30.61 34.38
CA GLN B 474 -0.68 -30.53 32.99
C GLN B 474 -0.26 -29.06 32.68
N ILE B 475 1.03 -28.92 32.46
CA ILE B 475 1.59 -27.61 32.14
C ILE B 475 1.64 -27.37 30.64
N SER B 476 1.96 -28.40 29.87
CA SER B 476 2.13 -28.24 28.45
C SER B 476 1.23 -29.23 27.74
N ILE B 477 1.31 -29.25 26.41
CA ILE B 477 0.48 -30.16 25.65
C ILE B 477 0.90 -31.60 25.95
N ARG B 478 -0.02 -32.52 25.71
CA ARG B 478 0.24 -33.95 25.90
C ARG B 478 0.81 -34.49 24.60
N THR B 479 2.05 -34.95 24.66
CA THR B 479 2.79 -35.27 23.46
C THR B 479 3.03 -36.77 23.35
N GLY B 480 2.42 -37.55 24.24
CA GLY B 480 2.47 -39.00 24.20
C GLY B 480 3.17 -39.64 25.39
N ASP B 481 2.74 -40.85 25.75
CA ASP B 481 3.53 -41.69 26.63
C ASP B 481 4.82 -42.07 25.91
N PRO B 482 5.99 -41.74 26.45
CA PRO B 482 7.24 -42.02 25.72
C PRO B 482 7.57 -43.50 25.62
N ARG B 483 6.88 -44.36 26.36
CA ARG B 483 7.02 -45.79 26.14
C ARG B 483 6.37 -46.22 24.83
N ASP B 484 5.37 -45.48 24.35
CA ASP B 484 4.79 -45.76 23.05
C ASP B 484 5.58 -45.15 21.90
N PHE B 485 6.71 -44.51 22.15
CA PHE B 485 7.64 -44.13 21.10
C PHE B 485 8.32 -45.38 20.58
N LYS B 486 7.97 -45.81 19.36
CA LYS B 486 8.59 -46.99 18.78
C LYS B 486 9.97 -46.67 18.24
N THR B 487 10.17 -45.42 17.81
CA THR B 487 11.39 -45.02 17.14
C THR B 487 11.83 -43.67 17.67
N PHE B 488 13.08 -43.35 17.40
CA PHE B 488 13.60 -42.05 17.75
C PHE B 488 12.77 -40.94 17.12
N ASP B 489 12.24 -41.16 15.92
CA ASP B 489 11.52 -40.08 15.27
C ASP B 489 10.17 -39.83 15.92
N ASP B 490 9.55 -40.87 16.48
CA ASP B 490 8.41 -40.64 17.34
C ASP B 490 8.80 -39.72 18.47
N PHE B 491 10.00 -39.93 19.03
CA PHE B 491 10.46 -39.07 20.11
C PHE B 491 10.75 -37.66 19.58
N MET B 492 11.51 -37.56 18.49
CA MET B 492 11.67 -36.26 17.84
C MET B 492 10.33 -35.65 17.46
N ALA B 493 9.35 -36.45 17.08
CA ALA B 493 8.05 -35.85 16.80
C ALA B 493 7.49 -35.19 18.04
N ALA B 494 7.67 -35.82 19.20
CA ALA B 494 7.19 -35.20 20.43
C ALA B 494 8.03 -33.99 20.78
N VAL B 495 9.36 -34.13 20.71
CA VAL B 495 10.24 -33.00 20.98
C VAL B 495 9.83 -31.80 20.14
N LYS B 496 9.55 -32.02 18.85
CA LYS B 496 9.19 -30.93 17.97
C LYS B 496 7.84 -30.32 18.35
N LYS B 497 6.86 -31.17 18.70
CA LYS B 497 5.53 -30.65 19.04
C LYS B 497 5.59 -29.80 20.31
N GLN B 498 6.42 -30.21 21.26
CA GLN B 498 6.59 -29.43 22.47
C GLN B 498 7.25 -28.09 22.14
N ILE B 499 8.32 -28.12 21.35
CA ILE B 499 8.96 -26.89 20.91
C ILE B 499 7.91 -25.97 20.30
N ASP B 500 7.06 -26.51 19.43
CA ASP B 500 6.05 -25.68 18.79
C ASP B 500 5.22 -24.94 19.84
N HIS B 501 4.78 -25.66 20.86
CA HIS B 501 3.90 -25.04 21.87
C HIS B 501 4.65 -24.00 22.71
N PHE B 502 5.87 -24.33 23.16
CA PHE B 502 6.67 -23.36 23.89
C PHE B 502 6.90 -22.11 23.04
N VAL B 503 7.21 -22.29 21.75
CA VAL B 503 7.40 -21.13 20.88
C VAL B 503 6.10 -20.36 20.71
N HIS B 504 5.02 -21.07 20.41
CA HIS B 504 3.73 -20.41 20.32
C HIS B 504 3.45 -19.58 21.57
N THR B 505 3.69 -20.14 22.75
CA THR B 505 3.39 -19.42 23.99
C THR B 505 4.25 -18.18 24.14
N MET B 506 5.53 -18.27 23.78
CA MET B 506 6.40 -17.09 23.77
C MET B 506 5.89 -16.05 22.80
N ALA B 507 5.43 -16.50 21.63
CA ALA B 507 4.92 -15.54 20.66
C ALA B 507 3.73 -14.81 21.24
N THR B 508 2.91 -15.52 22.02
CA THR B 508 1.72 -14.92 22.59
C THR B 508 2.09 -13.75 23.48
N MET B 509 2.90 -14.03 24.50
CA MET B 509 3.36 -12.97 25.38
C MET B 509 3.91 -11.82 24.56
N ASN B 510 4.68 -12.12 23.51
CA ASN B 510 5.30 -11.07 22.73
C ASN B 510 4.28 -10.09 22.21
N SER B 511 3.09 -10.57 21.86
CA SER B 511 2.06 -9.66 21.42
C SER B 511 1.74 -8.66 22.51
N TYR B 512 1.58 -9.15 23.74
CA TYR B 512 1.31 -8.29 24.89
C TYR B 512 2.47 -7.33 25.16
N LEU B 513 3.70 -7.85 25.16
CA LEU B 513 4.87 -7.00 25.30
C LEU B 513 4.84 -5.82 24.35
N ASP B 514 4.62 -6.10 23.07
CA ASP B 514 4.60 -5.05 22.06
C ASP B 514 3.43 -4.11 22.28
N TYR B 515 2.23 -4.67 22.46
CA TYR B 515 1.06 -3.85 22.77
C TYR B 515 1.34 -2.87 23.90
N LEU B 516 1.77 -3.38 25.06
CA LEU B 516 1.98 -2.49 26.19
C LEU B 516 3.19 -1.59 25.96
N SER B 517 4.24 -2.15 25.36
CA SER B 517 5.41 -1.34 25.09
C SER B 517 5.07 -0.15 24.21
N GLU B 518 4.27 -0.37 23.15
CA GLU B 518 3.96 0.70 22.22
C GLU B 518 3.13 1.81 22.88
N ASN B 519 2.31 1.46 23.86
CA ASN B 519 1.43 2.46 24.45
C ASN B 519 2.01 3.11 25.68
N TYR B 520 2.84 2.38 26.42
CA TYR B 520 3.15 2.74 27.79
C TYR B 520 4.63 2.79 28.06
N ARG B 521 5.45 2.61 27.03
CA ARG B 521 6.90 2.70 27.17
C ARG B 521 7.44 3.48 25.98
N PRO B 522 7.03 4.73 25.82
CA PRO B 522 7.73 5.59 24.85
C PRO B 522 9.04 6.02 25.47
N VAL B 523 10.10 6.03 24.67
CA VAL B 523 11.43 6.35 25.18
C VAL B 523 11.91 7.64 24.49
N PRO B 524 11.35 8.81 24.82
CA PRO B 524 11.72 10.02 24.06
C PRO B 524 13.18 10.38 24.16
N ALA B 525 13.87 10.04 25.23
CA ALA B 525 15.27 10.42 25.29
C ALA B 525 16.11 9.52 24.40
N LEU B 526 15.87 8.21 24.45
CA LEU B 526 16.51 7.32 23.49
C LEU B 526 16.24 7.80 22.09
N SER B 527 14.96 8.04 21.78
CA SER B 527 14.56 8.41 20.44
C SER B 527 15.27 9.66 19.94
N LEU B 528 15.81 10.49 20.83
CA LEU B 528 16.62 11.63 20.40
C LEU B 528 17.79 11.20 19.54
N THR B 529 18.36 10.03 19.77
CA THR B 529 19.56 9.69 19.02
C THR B 529 19.29 8.62 17.97
N TYR B 530 18.04 8.49 17.56
CA TYR B 530 17.62 7.56 16.50
C TYR B 530 17.09 8.40 15.38
N PRO B 531 17.96 8.78 14.50
CA PRO B 531 17.69 9.77 13.49
C PRO B 531 16.52 9.50 12.64
N ASN B 532 16.15 8.26 12.41
CA ASN B 532 14.96 8.00 11.63
C ASN B 532 13.68 8.34 12.38
N CYS B 533 13.68 8.27 13.72
CA CYS B 533 12.55 8.76 14.48
C CYS B 533 12.28 10.22 14.17
N MET B 534 13.35 11.00 13.97
CA MET B 534 13.18 12.38 13.61
C MET B 534 12.62 12.52 12.21
N ALA B 535 13.01 11.60 11.32
CA ALA B 535 12.51 11.57 9.96
C ALA B 535 11.00 11.38 9.94
N VAL B 536 10.51 10.26 10.49
CA VAL B 536 9.09 9.90 10.35
C VAL B 536 8.23 10.42 11.49
N GLY B 537 8.81 11.06 12.50
CA GLY B 537 8.04 11.53 13.65
C GLY B 537 7.36 10.43 14.44
N LYS B 538 8.10 9.35 14.72
CA LYS B 538 7.64 8.26 15.58
C LYS B 538 8.73 7.90 16.57
N ASP B 539 8.31 7.59 17.79
CA ASP B 539 9.19 7.09 18.83
C ASP B 539 9.85 5.77 18.43
N TYR B 540 11.08 5.56 18.91
CA TYR B 540 11.69 4.23 19.00
C TYR B 540 10.70 3.12 19.37
N ALA B 541 9.87 3.39 20.38
CA ALA B 541 8.88 2.39 20.80
C ALA B 541 7.85 2.13 19.72
N ASN B 542 7.59 3.11 18.86
CA ASN B 542 6.53 2.98 17.89
C ASN B 542 7.07 2.76 16.49
N GLY B 543 8.30 2.26 16.38
CA GLY B 543 8.85 1.79 15.13
C GLY B 543 9.66 2.81 14.37
N GLY B 544 9.81 4.03 14.89
CA GLY B 544 10.48 5.08 14.17
C GLY B 544 11.95 4.82 13.88
N ALA B 545 12.57 3.82 14.52
CA ALA B 545 13.97 3.55 14.20
C ALA B 545 14.10 3.07 12.75
N GLU B 546 15.30 3.26 12.20
CA GLU B 546 15.51 2.97 10.79
C GLU B 546 15.19 1.53 10.50
N PHE B 547 15.60 0.63 11.38
CA PHE B 547 15.39 -0.80 11.23
C PHE B 547 14.62 -1.30 12.43
N ASN B 548 13.71 -2.23 12.18
CA ASN B 548 12.95 -2.90 13.23
C ASN B 548 12.95 -4.39 12.94
N VAL B 549 13.18 -5.17 14.00
CA VAL B 549 13.10 -6.62 13.92
C VAL B 549 12.08 -7.09 14.95
N GLY B 550 11.65 -8.33 14.79
CA GLY B 550 10.82 -8.92 15.80
C GLY B 550 11.60 -9.17 17.07
N ASN B 551 10.90 -9.13 18.18
CA ASN B 551 11.60 -9.27 19.45
C ASN B 551 12.26 -10.64 19.54
N GLY B 552 13.39 -10.67 20.24
CA GLY B 552 14.15 -11.91 20.37
C GLY B 552 13.56 -12.82 21.43
N ILE B 553 13.53 -14.11 21.09
CA ILE B 553 13.23 -15.20 22.01
C ILE B 553 14.54 -15.80 22.47
N ASN B 554 14.73 -15.88 23.77
CA ASN B 554 15.88 -16.51 24.35
C ASN B 554 15.60 -18.00 24.51
N ILE B 555 16.66 -18.79 24.53
CA ILE B 555 16.54 -20.24 24.52
C ILE B 555 17.64 -20.80 25.40
N ILE B 556 17.23 -21.48 26.47
CA ILE B 556 18.13 -21.92 27.54
C ILE B 556 18.12 -23.44 27.63
N GLY B 557 19.30 -24.03 27.62
CA GLY B 557 19.49 -25.42 27.95
C GLY B 557 19.91 -26.27 26.77
N GLN B 558 20.82 -25.74 25.94
CA GLN B 558 21.20 -26.46 24.74
C GLN B 558 21.77 -27.82 25.09
N ALA B 559 22.81 -27.84 25.92
CA ALA B 559 23.47 -29.12 26.20
C ALA B 559 22.48 -30.10 26.81
N ASP B 560 21.41 -29.62 27.44
CA ASP B 560 20.55 -30.58 28.10
C ASP B 560 19.53 -31.19 27.15
N ILE B 561 19.01 -30.41 26.21
CA ILE B 561 18.19 -30.99 25.16
C ILE B 561 19.07 -31.85 24.24
N ILE B 562 20.21 -31.31 23.81
CA ILE B 562 21.11 -32.08 22.93
C ILE B 562 21.47 -33.41 23.57
N ASN B 563 21.94 -33.35 24.82
CA ASN B 563 22.38 -34.56 25.50
C ASN B 563 21.22 -35.51 25.75
N SER B 564 20.09 -34.99 26.24
CA SER B 564 18.90 -35.81 26.40
C SER B 564 18.54 -36.49 25.09
N VAL B 565 18.56 -35.73 24.00
CA VAL B 565 18.17 -36.27 22.70
C VAL B 565 19.17 -37.32 22.23
N ALA B 566 20.47 -36.98 22.26
CA ALA B 566 21.47 -37.98 21.86
C ALA B 566 21.48 -39.17 22.81
N ASP B 567 21.27 -38.93 24.10
CA ASP B 567 21.37 -40.03 25.07
C ASP B 567 20.13 -40.92 25.05
N ILE B 568 18.95 -40.34 24.88
CA ILE B 568 17.75 -41.11 24.62
C ILE B 568 17.94 -42.00 23.39
N LYS B 569 18.44 -41.40 22.31
CA LYS B 569 18.61 -42.17 21.09
C LYS B 569 19.64 -43.27 21.29
N TYR B 570 20.74 -42.95 21.95
CA TYR B 570 21.79 -43.92 22.17
C TYR B 570 21.34 -45.03 23.12
N LEU B 571 20.55 -44.68 24.14
CA LEU B 571 20.32 -45.60 25.24
C LEU B 571 19.16 -46.55 25.01
N VAL B 572 18.07 -46.05 24.44
CA VAL B 572 16.87 -46.86 24.29
C VAL B 572 16.67 -47.33 22.86
N PHE B 573 17.10 -46.55 21.88
CA PHE B 573 16.78 -46.82 20.47
C PHE B 573 17.92 -47.47 19.72
N ASP B 574 19.14 -46.97 19.88
CA ASP B 574 20.28 -47.41 19.07
C ASP B 574 21.00 -48.57 19.74
N GLU B 575 21.64 -48.31 20.87
CA GLU B 575 22.29 -49.41 21.58
C GLU B 575 21.31 -50.21 22.42
N LYS B 576 20.02 -49.84 22.44
CA LYS B 576 19.03 -50.60 23.19
C LYS B 576 19.58 -51.04 24.54
N LYS B 577 20.30 -50.14 25.22
CA LYS B 577 20.87 -50.50 26.52
C LYS B 577 19.80 -50.68 27.58
N ILE B 578 18.80 -49.80 27.59
CA ILE B 578 17.74 -49.84 28.59
C ILE B 578 16.41 -49.62 27.89
N SER B 579 15.33 -49.97 28.58
CA SER B 579 13.99 -49.80 28.06
C SER B 579 13.48 -48.41 28.43
N MET B 580 12.75 -47.81 27.50
CA MET B 580 12.07 -46.56 27.77
C MET B 580 11.43 -46.59 29.16
N ASP B 581 10.79 -47.73 29.49
CA ASP B 581 10.11 -47.82 30.79
C ASP B 581 11.09 -47.64 31.94
N GLU B 582 12.26 -48.20 31.88
CA GLU B 582 13.22 -48.08 32.88
C GLU B 582 13.71 -46.62 32.96
N LEU B 583 14.04 -46.01 31.84
CA LEU B 583 14.48 -44.65 31.80
C LEU B 583 13.45 -43.75 32.43
N CYS B 584 12.20 -43.92 32.05
CA CYS B 584 11.09 -43.20 32.58
C CYS B 584 11.03 -43.38 34.06
N ARG B 585 10.99 -44.60 34.54
CA ARG B 585 11.01 -44.87 35.97
C ARG B 585 12.20 -44.19 36.64
N ALA B 586 13.34 -44.19 35.96
CA ALA B 586 14.53 -43.55 36.53
C ALA B 586 14.38 -42.03 36.59
N LEU B 587 13.79 -41.41 35.56
CA LEU B 587 13.60 -39.97 35.58
C LEU B 587 12.53 -39.57 36.59
N ASP B 588 11.44 -40.33 36.68
CA ASP B 588 10.44 -40.06 37.72
C ASP B 588 11.10 -40.10 39.09
N ALA B 589 11.86 -41.15 39.37
CA ALA B 589 12.52 -41.29 40.67
C ALA B 589 13.68 -40.32 40.88
N ASP B 590 13.93 -39.41 39.92
CA ASP B 590 15.11 -38.54 39.94
C ASP B 590 16.38 -39.35 40.21
N PHE B 591 16.49 -40.50 39.54
CA PHE B 591 17.61 -41.43 39.62
C PHE B 591 17.75 -42.07 40.99
N GLU B 592 16.87 -41.80 41.94
CA GLU B 592 17.02 -42.42 43.25
C GLU B 592 16.69 -43.90 43.15
N GLY B 593 17.59 -44.75 43.63
CA GLY B 593 17.45 -46.16 43.42
C GLY B 593 17.74 -46.60 42.00
N TYR B 594 18.15 -45.69 41.14
CA TYR B 594 18.50 -45.97 39.76
C TYR B 594 19.91 -45.48 39.42
N GLU B 595 20.87 -45.63 40.33
CA GLU B 595 22.21 -45.10 40.01
C GLU B 595 22.82 -45.82 38.82
N HIS B 596 22.44 -47.08 38.60
CA HIS B 596 22.91 -47.78 37.41
C HIS B 596 22.42 -47.08 36.14
N ILE B 597 21.17 -46.58 36.18
CA ILE B 597 20.62 -45.83 35.05
C ILE B 597 21.37 -44.51 34.88
N HIS B 598 21.56 -43.78 35.97
CA HIS B 598 22.26 -42.52 35.89
C HIS B 598 23.68 -42.71 35.37
N LYS B 599 24.34 -43.80 35.75
CA LYS B 599 25.67 -44.05 35.25
C LYS B 599 25.66 -44.24 33.73
N MET B 600 24.62 -44.88 33.19
CA MET B 600 24.54 -45.03 31.75
C MET B 600 24.27 -43.70 31.07
N CYS B 601 23.45 -42.85 31.69
CA CYS B 601 23.22 -41.54 31.13
C CYS B 601 24.52 -40.77 31.04
N MET B 602 25.25 -40.68 32.16
CA MET B 602 26.54 -39.99 32.18
C MET B 602 27.48 -40.50 31.10
N ASP B 603 27.60 -41.81 30.94
CA ASP B 603 28.55 -42.33 29.96
C ASP B 603 28.05 -42.17 28.54
N ALA B 604 26.74 -41.99 28.35
CA ALA B 604 26.19 -41.77 27.01
C ALA B 604 26.86 -40.55 26.36
N PRO B 605 26.70 -40.39 25.04
CA PRO B 605 27.38 -39.31 24.35
C PRO B 605 27.01 -37.95 24.95
N LYS B 606 28.02 -37.11 25.07
CA LYS B 606 27.86 -35.81 25.69
C LYS B 606 28.26 -34.77 24.66
N TYR B 607 27.37 -33.81 24.46
CA TYR B 607 27.65 -32.67 23.60
C TYR B 607 28.84 -31.88 24.13
N GLY B 608 29.66 -31.38 23.23
CA GLY B 608 30.87 -30.69 23.59
C GLY B 608 32.13 -31.51 23.52
N ASN B 609 32.11 -32.68 22.88
CA ASN B 609 33.33 -33.44 22.71
C ASN B 609 33.64 -33.77 21.25
N ASP B 610 32.94 -33.16 20.31
CA ASP B 610 33.08 -33.53 18.90
C ASP B 610 32.70 -34.99 18.71
N ASP B 611 31.83 -35.47 19.58
CA ASP B 611 31.32 -36.83 19.55
C ASP B 611 30.16 -36.84 18.56
N PRO B 612 30.29 -37.50 17.41
CA PRO B 612 29.18 -37.49 16.44
C PRO B 612 27.88 -38.05 16.99
N LYS B 613 27.96 -38.96 17.96
CA LYS B 613 26.75 -39.51 18.56
C LYS B 613 26.07 -38.56 19.53
N ALA B 614 26.75 -37.49 19.94
CA ALA B 614 26.10 -36.39 20.62
C ALA B 614 25.56 -35.36 19.63
N ASP B 615 26.41 -34.96 18.68
CA ASP B 615 26.24 -33.73 17.93
C ASP B 615 25.33 -33.89 16.71
N PHE B 616 24.98 -35.11 16.33
CA PHE B 616 24.25 -35.32 15.09
C PHE B 616 23.00 -34.44 15.04
N CYS B 617 22.34 -34.24 16.17
CA CYS B 617 21.02 -33.60 16.24
C CYS B 617 21.07 -32.08 16.39
N VAL B 618 22.22 -31.50 16.73
CA VAL B 618 22.24 -30.07 17.01
C VAL B 618 21.65 -29.29 15.83
N GLY B 619 22.25 -29.49 14.66
CA GLY B 619 21.75 -28.86 13.47
C GLY B 619 20.25 -28.93 13.39
N GLU B 620 19.67 -30.13 13.53
CA GLU B 620 18.24 -30.26 13.29
C GLU B 620 17.42 -29.54 14.37
N ILE B 621 17.65 -29.85 15.64
CA ILE B 621 16.83 -29.23 16.69
C ILE B 621 16.84 -27.71 16.57
N TYR B 622 18.01 -27.13 16.35
CA TYR B 622 18.05 -25.68 16.49
C TYR B 622 17.56 -24.96 15.25
N ASN B 623 17.85 -25.50 14.05
CA ASN B 623 17.21 -24.94 12.86
C ASN B 623 15.71 -25.07 12.96
N TYR B 624 15.22 -26.19 13.46
CA TYR B 624 13.79 -26.33 13.68
C TYR B 624 13.29 -25.24 14.62
N LEU B 625 13.97 -25.08 15.76
CA LEU B 625 13.62 -24.08 16.74
C LEU B 625 13.46 -22.72 16.12
N VAL B 626 14.46 -22.29 15.35
CA VAL B 626 14.39 -20.95 14.81
C VAL B 626 13.29 -20.87 13.76
N ASP B 627 13.08 -21.95 12.99
CA ASP B 627 12.02 -21.94 11.99
C ASP B 627 10.67 -21.68 12.63
N GLN B 628 10.45 -22.22 13.84
CA GLN B 628 9.15 -22.04 14.47
C GLN B 628 9.03 -20.65 15.04
N ILE B 629 10.16 -20.05 15.39
CA ILE B 629 10.15 -18.71 15.93
C ILE B 629 9.90 -17.70 14.83
N GLU B 630 10.45 -17.94 13.64
CA GLU B 630 10.45 -16.94 12.59
C GLU B 630 9.16 -16.90 11.84
N GLN B 631 8.27 -17.85 12.08
CA GLN B 631 6.94 -17.78 11.50
C GLN B 631 6.09 -16.72 12.16
N TYR B 632 6.42 -16.35 13.40
CA TYR B 632 5.59 -15.39 14.12
C TYR B 632 5.96 -13.97 13.73
N ASP B 633 4.94 -13.19 13.33
CA ASP B 633 5.07 -11.85 12.82
C ASP B 633 4.53 -10.85 13.83
N SER B 634 5.07 -9.63 13.79
CA SER B 634 4.65 -8.56 14.67
C SER B 634 4.69 -7.25 13.89
N PRO B 635 4.23 -6.14 14.47
CA PRO B 635 4.34 -4.86 13.75
C PRO B 635 5.77 -4.47 13.48
N PHE B 636 6.74 -5.08 14.15
CA PHE B 636 8.14 -4.79 13.94
C PHE B 636 8.86 -5.87 13.12
N GLY B 637 8.17 -6.88 12.66
CA GLY B 637 8.78 -7.92 11.86
C GLY B 637 8.82 -9.24 12.60
N LYS B 638 9.42 -10.21 11.90
CA LYS B 638 9.42 -11.59 12.35
C LYS B 638 10.19 -11.72 13.66
N LEU B 639 9.68 -12.59 14.55
CA LEU B 639 10.38 -12.87 15.79
C LEU B 639 11.77 -13.39 15.49
N THR B 640 12.67 -13.12 16.42
CA THR B 640 14.07 -13.49 16.29
C THR B 640 14.45 -14.33 17.50
N ALA B 641 15.62 -14.95 17.44
CA ALA B 641 16.01 -15.92 18.43
C ALA B 641 17.41 -15.62 18.93
N GLY B 642 17.66 -15.96 20.19
CA GLY B 642 19.01 -15.88 20.68
C GLY B 642 19.24 -16.98 21.70
N MET B 643 20.49 -17.16 22.05
CA MET B 643 20.89 -18.17 23.02
C MET B 643 21.81 -17.47 24.02
N LEU B 644 21.19 -16.77 24.95
CA LEU B 644 21.89 -16.05 25.99
C LEU B 644 21.15 -16.35 27.28
N PRO B 645 21.41 -17.51 27.89
CA PRO B 645 20.68 -17.87 29.11
C PRO B 645 20.79 -16.81 30.19
N VAL B 646 21.81 -15.94 30.13
CA VAL B 646 22.20 -15.10 31.25
C VAL B 646 22.45 -16.04 32.42
N SER B 647 22.03 -15.68 33.62
CA SER B 647 22.06 -16.65 34.70
C SER B 647 20.79 -17.50 34.74
N GLY B 648 19.96 -17.41 33.71
CA GLY B 648 18.66 -18.07 33.76
C GLY B 648 18.68 -19.60 33.79
N ASN B 649 19.81 -20.24 33.52
CA ASN B 649 19.81 -21.70 33.45
C ASN B 649 19.66 -22.32 34.83
N VAL B 650 20.06 -21.62 35.87
CA VAL B 650 19.85 -22.05 37.25
C VAL B 650 18.36 -21.99 37.56
N PRO B 651 17.73 -20.82 37.60
CA PRO B 651 16.30 -20.81 37.96
C PRO B 651 15.48 -21.73 37.07
N ILE B 652 15.63 -21.67 35.75
CA ILE B 652 14.77 -22.47 34.89
C ILE B 652 14.94 -23.93 35.22
N GLY B 653 16.18 -24.35 35.46
CA GLY B 653 16.47 -25.70 35.88
C GLY B 653 15.80 -26.13 37.19
N GLN B 654 15.43 -25.19 38.04
CA GLN B 654 14.71 -25.63 39.24
C GLN B 654 13.31 -26.12 38.91
N SER B 655 12.86 -25.97 37.68
CA SER B 655 11.56 -26.51 37.28
C SER B 655 11.67 -27.75 36.40
N VAL B 656 12.88 -28.24 36.10
CA VAL B 656 13.06 -29.35 35.17
C VAL B 656 13.56 -30.56 35.95
N GLY B 657 12.76 -31.63 35.96
CA GLY B 657 13.15 -32.88 36.58
C GLY B 657 14.41 -33.50 36.01
N ALA B 658 14.73 -34.73 36.41
CA ALA B 658 15.92 -35.40 35.88
C ALA B 658 15.76 -35.66 34.40
N LEU B 659 16.89 -35.69 33.70
CA LEU B 659 16.81 -35.79 32.26
C LEU B 659 17.62 -36.99 31.79
N PRO B 660 17.28 -37.53 30.62
CA PRO B 660 18.06 -38.65 30.09
C PRO B 660 19.49 -38.27 29.78
N SER B 661 19.78 -36.97 29.72
CA SER B 661 21.16 -36.51 29.64
C SER B 661 21.96 -36.95 30.85
N GLY B 662 21.28 -37.34 31.93
CA GLY B 662 21.92 -37.60 33.19
C GLY B 662 21.84 -36.47 34.20
N ARG B 663 21.17 -35.36 33.86
CA ARG B 663 21.05 -34.27 34.81
C ARG B 663 20.06 -34.65 35.91
N LYS B 664 20.43 -34.33 37.14
CA LYS B 664 19.57 -34.56 38.30
C LYS B 664 18.51 -33.47 38.42
N ALA B 665 17.36 -33.83 38.98
CA ALA B 665 16.24 -32.89 39.03
C ALA B 665 16.63 -31.58 39.72
N TRP B 666 15.98 -30.50 39.28
CA TRP B 666 16.01 -29.17 39.86
C TRP B 666 17.37 -28.48 39.77
N THR B 667 18.39 -29.12 39.21
CA THR B 667 19.71 -28.53 39.09
C THR B 667 19.73 -27.55 37.92
N PRO B 668 20.78 -26.73 37.82
CA PRO B 668 20.88 -25.81 36.68
C PRO B 668 20.90 -26.54 35.35
N LEU B 669 20.31 -25.89 34.36
CA LEU B 669 20.11 -26.41 33.01
C LEU B 669 21.36 -26.37 32.15
N ALA B 670 22.44 -25.76 32.64
CA ALA B 670 23.70 -25.67 31.90
C ALA B 670 23.78 -24.39 31.06
N ASP B 671 24.93 -23.75 31.11
CA ASP B 671 25.12 -22.36 30.70
C ASP B 671 25.23 -22.22 29.17
N GLY B 672 24.86 -21.04 28.69
CA GLY B 672 25.05 -20.68 27.30
C GLY B 672 24.79 -21.82 26.33
N ILE B 673 25.66 -21.99 25.33
CA ILE B 673 25.55 -23.06 24.34
C ILE B 673 26.64 -24.11 24.54
N GLY B 674 27.39 -24.03 25.62
CA GLY B 674 28.48 -24.94 25.82
C GLY B 674 28.01 -26.23 26.43
N ALA B 675 28.97 -27.02 26.85
CA ALA B 675 28.72 -28.34 27.41
C ALA B 675 28.20 -28.21 28.83
N THR B 676 27.57 -29.27 29.31
CA THR B 676 27.34 -29.41 30.74
C THR B 676 28.67 -29.62 31.46
N GLY B 677 28.85 -28.93 32.58
CA GLY B 677 30.07 -29.01 33.34
C GLY B 677 30.51 -30.43 33.64
N GLY B 678 31.80 -30.72 33.44
CA GLY B 678 32.36 -32.03 33.69
C GLY B 678 32.11 -33.07 32.61
N THR B 679 31.49 -32.70 31.48
CA THR B 679 31.21 -33.65 30.41
C THR B 679 32.02 -33.40 29.14
N ASP B 680 32.69 -32.25 29.01
CA ASP B 680 33.56 -31.96 27.87
C ASP B 680 34.97 -32.34 28.28
N ILE B 681 35.40 -33.53 27.89
CA ILE B 681 36.69 -34.06 28.31
C ILE B 681 37.66 -34.17 27.14
N ASN B 682 37.40 -33.51 26.01
CA ASN B 682 38.32 -33.49 24.88
C ASN B 682 38.92 -32.12 24.61
N GLY B 683 38.90 -31.21 25.58
CA GLY B 683 39.62 -29.97 25.46
C GLY B 683 38.88 -28.89 24.70
N ALA B 684 39.43 -27.67 24.77
CA ALA B 684 38.74 -26.49 24.27
C ALA B 684 38.30 -26.66 22.83
N THR B 685 39.21 -27.09 21.97
CA THR B 685 38.97 -27.04 20.53
C THR B 685 37.92 -28.04 20.09
N ALA B 686 37.76 -29.16 20.81
CA ALA B 686 36.71 -30.13 20.49
C ALA B 686 35.34 -29.61 20.93
N LEU B 687 35.29 -29.01 22.11
CA LEU B 687 34.10 -28.29 22.54
C LEU B 687 33.69 -27.24 21.51
N LEU B 688 34.66 -26.55 20.92
CA LEU B 688 34.33 -25.52 19.93
C LEU B 688 33.76 -26.16 18.67
N LYS B 689 34.33 -27.29 18.24
CA LYS B 689 33.77 -28.01 17.12
C LYS B 689 32.31 -28.39 17.35
N SER B 690 31.97 -28.82 18.57
CA SER B 690 30.60 -29.21 18.91
C SER B 690 29.62 -28.05 18.74
N ILE B 691 29.90 -26.91 19.38
CA ILE B 691 28.97 -25.79 19.29
C ILE B 691 29.01 -25.15 17.91
N SER B 692 30.09 -25.34 17.15
CA SER B 692 30.06 -24.89 15.76
C SER B 692 28.94 -25.56 14.97
N ASN B 693 28.40 -26.69 15.46
CA ASN B 693 27.29 -27.38 14.82
C ASN B 693 25.96 -26.66 14.99
N LEU B 694 25.92 -25.61 15.80
CA LEU B 694 24.71 -24.81 15.92
C LEU B 694 24.59 -23.86 14.73
N PRO B 695 23.38 -23.48 14.38
CA PRO B 695 23.19 -22.53 13.26
C PRO B 695 23.28 -21.08 13.77
N HIS B 696 24.49 -20.69 14.17
CA HIS B 696 24.71 -19.42 14.86
C HIS B 696 23.97 -18.26 14.21
N ALA B 697 24.22 -18.07 12.91
CA ALA B 697 23.66 -16.93 12.19
C ALA B 697 22.15 -17.00 12.11
N ARG B 698 21.55 -18.16 12.40
CA ARG B 698 20.11 -18.21 12.58
C ARG B 698 19.67 -17.46 13.82
N PHE B 699 20.55 -17.32 14.80
CA PHE B 699 20.21 -16.65 16.04
C PHE B 699 20.78 -15.24 15.94
N THR B 700 19.96 -14.34 15.41
CA THR B 700 20.39 -12.96 15.22
C THR B 700 20.42 -12.19 16.53
N GLN B 701 19.83 -12.72 17.59
CA GLN B 701 20.06 -12.18 18.92
C GLN B 701 21.31 -12.74 19.56
N GLY B 702 22.03 -13.60 18.84
CA GLY B 702 23.35 -14.02 19.28
C GLY B 702 23.33 -15.36 20.01
N THR B 703 24.53 -15.83 20.26
CA THR B 703 24.78 -17.10 20.92
C THR B 703 25.89 -16.88 21.92
N GLN B 704 25.82 -17.54 23.06
CA GLN B 704 26.61 -17.18 24.23
C GLN B 704 27.35 -18.42 24.69
N MET B 705 28.68 -18.39 24.59
CA MET B 705 29.53 -19.54 24.93
C MET B 705 30.43 -19.20 26.10
N ASN B 706 30.51 -20.10 27.08
CA ASN B 706 31.42 -19.96 28.20
C ASN B 706 32.55 -20.97 28.08
N LEU B 707 33.75 -20.52 28.41
CA LEU B 707 34.90 -21.40 28.58
C LEU B 707 35.58 -21.05 29.89
N LYS B 708 35.84 -22.06 30.69
CA LYS B 708 36.71 -21.94 31.85
C LYS B 708 38.01 -22.62 31.48
N ILE B 709 39.12 -21.90 31.59
CA ILE B 709 40.43 -22.39 31.17
C ILE B 709 41.29 -22.56 32.41
N ASP B 710 42.01 -23.67 32.46
CA ASP B 710 43.06 -23.80 33.47
C ASP B 710 44.03 -22.65 33.32
N PRO B 711 44.18 -21.79 34.33
CA PRO B 711 45.09 -20.64 34.18
C PRO B 711 46.52 -21.05 33.83
N LYS B 712 46.87 -22.32 34.00
CA LYS B 712 48.20 -22.79 33.66
C LYS B 712 48.39 -22.96 32.17
N LEU B 713 47.29 -23.15 31.44
CA LEU B 713 47.33 -23.21 29.99
C LEU B 713 47.64 -21.86 29.36
N LEU B 714 47.61 -20.77 30.13
CA LEU B 714 47.86 -19.46 29.57
C LEU B 714 49.19 -18.88 29.99
N GLU B 715 50.01 -19.64 30.71
CA GLU B 715 51.27 -19.09 31.16
C GLU B 715 52.21 -18.89 29.98
N GLY B 716 53.20 -18.03 30.18
CA GLY B 716 54.20 -17.76 29.17
C GLY B 716 53.63 -17.15 27.91
N GLU B 717 54.50 -16.59 27.07
CA GLU B 717 54.02 -16.20 25.75
C GLU B 717 53.42 -17.38 25.01
N ARG B 718 53.83 -18.61 25.34
CA ARG B 718 53.24 -19.78 24.71
C ARG B 718 51.74 -19.85 24.98
N GLY B 719 51.33 -19.54 26.21
CA GLY B 719 49.92 -19.60 26.56
C GLY B 719 49.09 -18.61 25.77
N LEU B 720 49.56 -17.36 25.70
CA LEU B 720 48.87 -16.35 24.90
C LEU B 720 48.67 -16.83 23.46
N ASN B 721 49.70 -17.43 22.87
CA ASN B 721 49.58 -17.87 21.49
C ASN B 721 48.49 -18.91 21.35
N SER B 722 48.49 -19.92 22.23
CA SER B 722 47.48 -20.97 22.17
C SER B 722 46.08 -20.39 22.34
N MET B 723 45.92 -19.43 23.25
CA MET B 723 44.65 -18.73 23.39
C MET B 723 44.27 -18.02 22.09
N MET B 724 45.25 -17.43 21.41
CA MET B 724 44.97 -16.81 20.13
C MET B 724 44.59 -17.85 19.07
N VAL B 725 45.31 -18.98 19.04
CA VAL B 725 44.93 -20.06 18.14
C VAL B 725 43.51 -20.50 18.40
N LEU B 726 43.12 -20.58 19.68
CA LEU B 726 41.77 -20.96 20.00
C LEU B 726 40.77 -19.95 19.46
N LEU B 727 41.00 -18.66 19.73
CA LEU B 727 40.13 -17.63 19.19
C LEU B 727 40.08 -17.71 17.67
N LYS B 728 41.24 -17.86 17.04
CA LYS B 728 41.24 -17.93 15.58
C LYS B 728 40.52 -19.18 15.11
N THR B 729 40.62 -20.27 15.88
CA THR B 729 39.82 -21.45 15.58
C THR B 729 38.35 -21.11 15.67
N GLN B 730 37.96 -20.36 16.69
CA GLN B 730 36.56 -20.00 16.86
C GLN B 730 36.03 -19.28 15.62
N CYS B 731 36.84 -18.43 14.99
CA CYS B 731 36.43 -17.75 13.77
C CYS B 731 36.30 -18.73 12.61
N THR B 732 37.36 -19.49 12.33
CA THR B 732 37.30 -20.61 11.40
C THR B 732 35.98 -21.39 11.54
N LEU B 733 35.56 -21.67 12.76
CA LEU B 733 34.29 -22.35 12.92
C LEU B 733 33.09 -21.42 12.85
N ASP B 734 33.29 -20.16 12.51
CA ASP B 734 32.25 -19.14 12.55
C ASP B 734 31.41 -19.27 13.81
N ILE B 735 32.08 -19.43 14.94
CA ILE B 735 31.43 -19.34 16.24
C ILE B 735 31.27 -17.87 16.57
N TYR B 736 30.03 -17.45 16.81
CA TYR B 736 29.77 -16.04 17.08
C TYR B 736 30.58 -15.53 18.26
N HIS B 737 30.50 -16.23 19.39
CA HIS B 737 30.90 -15.62 20.64
C HIS B 737 31.70 -16.61 21.45
N THR B 738 32.71 -16.09 22.13
CA THR B 738 33.48 -16.86 23.08
C THR B 738 33.82 -15.95 24.26
N GLN B 739 34.04 -16.59 25.41
CA GLN B 739 34.10 -15.95 26.71
C GLN B 739 34.91 -16.83 27.63
N TYR B 740 35.68 -16.21 28.51
CA TYR B 740 36.71 -16.94 29.21
C TYR B 740 36.77 -16.51 30.65
N ASN B 741 36.52 -17.48 31.54
CA ASN B 741 36.94 -17.40 32.93
C ASN B 741 38.34 -17.98 33.04
N VAL B 742 39.27 -17.19 33.55
CA VAL B 742 40.60 -17.67 33.89
C VAL B 742 40.75 -17.46 35.38
N ILE B 743 40.54 -18.50 36.17
CA ILE B 743 40.51 -18.29 37.60
C ILE B 743 40.96 -19.53 38.32
N ASN B 744 41.64 -19.33 39.43
CA ASN B 744 41.98 -20.42 40.30
C ASN B 744 40.69 -20.92 40.93
N PRO B 745 40.33 -22.19 40.75
CA PRO B 745 39.08 -22.69 41.36
C PRO B 745 39.03 -22.48 42.87
N GLU B 746 40.19 -22.55 43.55
CA GLU B 746 40.24 -22.30 44.99
C GLU B 746 39.87 -20.85 45.34
N ILE B 747 40.22 -19.90 44.47
CA ILE B 747 39.77 -18.53 44.66
C ILE B 747 38.25 -18.50 44.77
N LEU B 748 37.56 -19.27 43.93
CA LEU B 748 36.11 -19.24 43.95
C LEU B 748 35.56 -19.97 45.15
N MET B 749 36.27 -20.98 45.64
CA MET B 749 35.86 -21.62 46.89
C MET B 749 36.02 -20.63 48.04
N ASP B 750 37.22 -20.08 48.19
CA ASP B 750 37.48 -19.16 49.28
C ASP B 750 36.56 -17.96 49.24
N ALA B 751 36.05 -17.62 48.06
CA ALA B 751 35.14 -16.48 47.95
C ALA B 751 33.76 -16.83 48.46
N GLN B 752 33.39 -18.11 48.43
CA GLN B 752 32.17 -18.50 49.11
C GLN B 752 32.33 -18.45 50.61
N LYS B 753 33.47 -18.94 51.11
CA LYS B 753 33.71 -19.01 52.55
C LYS B 753 34.07 -17.66 53.15
N ASN B 754 34.74 -16.80 52.38
CA ASN B 754 35.16 -15.49 52.86
C ASN B 754 34.83 -14.43 51.82
N PRO B 755 33.53 -14.22 51.56
CA PRO B 755 33.13 -13.24 50.52
C PRO B 755 33.75 -11.86 50.72
N GLY B 756 33.87 -11.42 51.96
CA GLY B 756 34.52 -10.15 52.24
C GLY B 756 35.95 -10.06 51.77
N ASP B 757 36.65 -11.18 51.62
CA ASP B 757 38.01 -11.17 51.09
C ASP B 757 38.08 -11.16 49.57
N HIS B 758 36.93 -11.19 48.89
CA HIS B 758 36.88 -11.28 47.43
C HIS B 758 35.78 -10.36 46.93
N LYS B 759 35.71 -9.18 47.53
CA LYS B 759 34.66 -8.23 47.20
C LYS B 759 34.70 -7.83 45.74
N ASP B 760 35.87 -7.86 45.10
CA ASP B 760 36.01 -7.44 43.71
C ASP B 760 36.34 -8.59 42.77
N LEU B 761 36.29 -9.84 43.25
CA LEU B 761 36.57 -10.98 42.38
C LEU B 761 35.52 -11.08 41.29
N LEU B 762 35.98 -11.04 40.05
CA LEU B 762 35.13 -11.03 38.86
C LEU B 762 35.02 -12.42 38.28
N VAL B 763 33.80 -12.82 37.94
CA VAL B 763 33.56 -14.02 37.14
C VAL B 763 32.74 -13.64 35.92
N ARG B 764 32.95 -14.37 34.84
CA ARG B 764 32.09 -14.26 33.66
C ARG B 764 30.92 -15.20 33.89
N VAL B 765 29.73 -14.63 34.06
CA VAL B 765 28.53 -15.43 34.22
C VAL B 765 28.16 -16.00 32.86
N ALA B 766 27.43 -15.22 32.05
CA ALA B 766 26.89 -15.72 30.79
C ALA B 766 26.55 -14.51 29.93
N GLY B 767 27.54 -14.03 29.19
CA GLY B 767 27.40 -12.84 28.40
C GLY B 767 27.81 -11.59 29.11
N TYR B 768 28.20 -11.70 30.37
CA TYR B 768 28.52 -10.53 31.16
C TYR B 768 29.35 -10.97 32.34
N THR B 769 29.79 -9.98 33.11
CA THR B 769 30.62 -10.18 34.27
C THR B 769 29.86 -9.75 35.50
N ALA B 770 29.99 -10.54 36.55
CA ALA B 770 29.45 -10.17 37.85
C ALA B 770 30.57 -10.25 38.87
N PHE B 771 30.46 -9.40 39.89
CA PHE B 771 31.18 -9.64 41.12
C PHE B 771 30.68 -10.94 41.69
N PHE B 772 31.58 -11.91 41.79
CA PHE B 772 31.25 -13.26 42.26
C PHE B 772 30.44 -13.24 43.56
N VAL B 773 30.87 -12.46 44.56
CA VAL B 773 30.22 -12.54 45.87
C VAL B 773 28.82 -11.97 45.84
N GLU B 774 28.44 -11.31 44.76
CA GLU B 774 27.11 -10.76 44.63
C GLU B 774 26.15 -11.72 43.97
N LEU B 775 26.65 -12.81 43.41
CA LEU B 775 25.78 -13.78 42.80
C LEU B 775 25.20 -14.68 43.87
N GLY B 776 23.94 -15.06 43.72
CA GLY B 776 23.36 -16.05 44.59
C GLY B 776 24.14 -17.35 44.53
N LYS B 777 24.16 -18.07 45.66
CA LYS B 777 25.01 -19.25 45.78
C LYS B 777 24.77 -20.27 44.67
N ASP B 778 23.51 -20.45 44.26
CA ASP B 778 23.28 -21.43 43.23
C ASP B 778 23.96 -21.05 41.92
N ILE B 779 24.12 -19.75 41.68
CA ILE B 779 24.85 -19.32 40.48
C ILE B 779 26.34 -19.45 40.70
N GLN B 780 26.81 -19.11 41.91
CA GLN B 780 28.19 -19.42 42.25
C GLN B 780 28.48 -20.88 42.00
N ASP B 781 27.64 -21.76 42.55
CA ASP B 781 27.82 -23.19 42.37
C ASP B 781 27.84 -23.54 40.89
N ASP B 782 26.89 -23.02 40.13
CA ASP B 782 26.86 -23.34 38.71
C ASP B 782 28.14 -22.90 38.02
N ILE B 783 28.67 -21.73 38.37
CA ILE B 783 29.93 -21.29 37.78
C ILE B 783 31.06 -22.23 38.20
N ILE B 784 31.11 -22.57 39.50
CA ILE B 784 32.15 -23.42 40.08
C ILE B 784 32.23 -24.76 39.35
N GLN B 785 31.06 -25.34 39.07
CA GLN B 785 30.96 -26.68 38.49
C GLN B 785 31.31 -26.69 37.01
N ARG B 786 31.49 -25.53 36.40
CA ARG B 786 31.90 -25.48 35.01
C ARG B 786 33.26 -26.13 34.80
N THR B 787 33.42 -26.75 33.64
CA THR B 787 34.64 -27.49 33.39
C THR B 787 35.83 -26.53 33.28
N GLU B 788 36.87 -26.80 34.05
CA GLU B 788 38.12 -26.07 33.90
C GLU B 788 38.92 -26.79 32.81
N ILE B 789 38.84 -26.25 31.60
CA ILE B 789 39.48 -26.88 30.46
C ILE B 789 40.98 -26.97 30.67
N GLU B 790 41.51 -28.17 30.53
CA GLU B 790 42.93 -28.41 30.79
C GLU B 790 43.74 -28.54 29.50
N ASN B 791 43.07 -28.66 28.37
CA ASN B 791 43.74 -28.95 27.12
C ASN B 791 43.20 -28.01 26.06
N TRP B 792 44.11 -27.33 25.35
CA TRP B 792 43.70 -26.46 24.25
C TRP B 792 43.06 -27.30 23.14
N GLY B 793 43.79 -28.29 22.65
CA GLY B 793 43.25 -29.26 21.71
C GLY B 793 43.72 -29.04 20.27
N SER C 2 35.41 -48.87 -11.66
CA SER C 2 36.03 -47.55 -11.73
C SER C 2 36.53 -47.23 -13.14
N LYS C 3 36.54 -48.23 -14.02
CA LYS C 3 37.15 -48.01 -15.34
C LYS C 3 36.36 -48.57 -16.50
N ASP C 4 35.66 -49.70 -16.37
CA ASP C 4 34.92 -50.24 -17.52
C ASP C 4 34.12 -49.14 -18.21
N TYR C 5 33.38 -48.35 -17.43
CA TYR C 5 32.52 -47.34 -18.02
C TYR C 5 33.31 -46.28 -18.79
N MET C 6 34.59 -46.07 -18.47
CA MET C 6 35.33 -45.01 -19.13
C MET C 6 35.55 -45.26 -20.61
N LYS C 7 35.42 -46.50 -21.07
CA LYS C 7 35.45 -46.78 -22.50
C LYS C 7 34.40 -45.94 -23.20
N ARG C 8 33.17 -45.95 -22.68
CA ARG C 8 32.07 -45.20 -23.29
C ARG C 8 32.32 -43.70 -23.18
N ILE C 9 32.62 -43.21 -21.99
CA ILE C 9 32.86 -41.78 -21.81
C ILE C 9 33.89 -41.29 -22.80
N GLN C 10 34.97 -42.05 -22.97
CA GLN C 10 36.02 -41.64 -23.90
C GLN C 10 35.51 -41.59 -25.32
N ALA C 11 34.53 -42.42 -25.65
CA ALA C 11 33.95 -42.42 -26.98
C ALA C 11 33.01 -41.22 -27.17
N LEU C 12 32.16 -40.94 -26.19
CA LEU C 12 31.36 -39.72 -26.25
C LEU C 12 32.26 -38.49 -26.29
N ARG C 13 33.37 -38.55 -25.58
CA ARG C 13 34.30 -37.44 -25.56
C ARG C 13 34.95 -37.26 -26.92
N GLU C 14 35.32 -38.35 -27.60
CA GLU C 14 35.91 -38.22 -28.92
C GLU C 14 34.91 -37.62 -29.91
N ASN C 15 33.67 -38.13 -29.91
CA ASN C 15 32.66 -37.54 -30.77
C ASN C 15 32.43 -36.08 -30.43
N TYR C 16 32.48 -35.74 -29.15
CA TYR C 16 32.37 -34.34 -28.76
C TYR C 16 33.48 -33.50 -29.39
N MET C 17 34.74 -33.91 -29.18
CA MET C 17 35.89 -33.11 -29.56
C MET C 17 36.02 -32.91 -31.07
N SER C 18 35.45 -33.80 -31.87
CA SER C 18 35.60 -33.72 -33.32
C SER C 18 34.46 -32.94 -33.97
N ARG C 19 33.72 -32.14 -33.19
CA ARG C 19 32.48 -31.52 -33.62
C ARG C 19 32.74 -30.08 -34.02
N ARG C 20 32.40 -29.75 -35.27
CA ARG C 20 32.56 -28.38 -35.76
C ARG C 20 31.41 -27.51 -35.25
N VAL C 21 31.76 -26.37 -34.66
CA VAL C 21 30.78 -25.44 -34.09
C VAL C 21 30.00 -24.80 -35.23
N GLU C 22 28.71 -25.10 -35.32
CA GLU C 22 27.84 -24.63 -36.37
C GLU C 22 26.76 -23.72 -35.79
N MET C 23 26.19 -22.90 -36.66
CA MET C 23 25.06 -22.04 -36.32
C MET C 23 23.77 -22.74 -36.71
N ASP C 24 22.93 -23.06 -35.73
CA ASP C 24 21.62 -23.63 -36.00
C ASP C 24 20.63 -22.54 -36.38
N ILE C 25 19.83 -22.79 -37.42
CA ILE C 25 18.81 -21.83 -37.80
C ILE C 25 17.40 -22.41 -37.72
N LEU C 26 17.24 -23.73 -37.74
CA LEU C 26 15.90 -24.30 -37.66
C LEU C 26 15.16 -23.82 -36.41
N ASP C 27 15.86 -23.67 -35.29
CA ASP C 27 15.23 -23.14 -34.08
C ASP C 27 14.58 -21.80 -34.35
N ALA C 28 15.39 -20.83 -34.80
CA ALA C 28 14.87 -19.51 -35.14
C ALA C 28 13.69 -19.64 -36.09
N TYR C 29 13.73 -20.62 -36.99
CA TYR C 29 12.65 -20.74 -37.95
C TYR C 29 11.35 -21.14 -37.26
N TYR C 30 11.38 -22.22 -36.50
CA TYR C 30 10.15 -22.70 -35.89
C TYR C 30 9.58 -21.67 -34.92
N VAL C 31 10.44 -20.90 -34.25
CA VAL C 31 9.92 -19.85 -33.39
C VAL C 31 9.17 -18.81 -34.22
N THR C 32 9.82 -18.30 -35.26
CA THR C 32 9.11 -17.48 -36.25
C THR C 32 7.77 -18.11 -36.63
N GLN C 33 7.78 -19.40 -36.93
CA GLN C 33 6.53 -20.09 -37.25
C GLN C 33 5.55 -20.00 -36.10
N GLY C 34 6.04 -20.18 -34.87
CA GLY C 34 5.17 -20.10 -33.71
C GLY C 34 4.56 -18.73 -33.53
N PHE C 35 5.37 -17.68 -33.67
CA PHE C 35 4.84 -16.33 -33.58
C PHE C 35 3.85 -16.08 -34.69
N LYS C 36 4.22 -16.45 -35.92
CA LYS C 36 3.31 -16.25 -37.06
C LYS C 36 2.00 -16.99 -36.84
N ALA C 37 2.07 -18.23 -36.37
CA ALA C 37 0.87 -19.01 -36.06
C ALA C 37 0.01 -18.38 -34.98
N THR C 38 0.50 -17.35 -34.29
CA THR C 38 -0.21 -16.83 -33.13
C THR C 38 -0.31 -15.32 -33.18
N GLU C 39 -0.28 -14.74 -34.38
CA GLU C 39 -0.30 -13.28 -34.47
C GLU C 39 -1.56 -12.76 -33.78
N GLY C 40 -1.42 -11.62 -33.13
CA GLY C 40 -2.52 -11.06 -32.38
C GLY C 40 -2.58 -11.51 -30.94
N GLN C 41 -1.85 -12.57 -30.59
CA GLN C 41 -1.86 -13.09 -29.23
C GLN C 41 -0.84 -12.38 -28.37
N PRO C 42 -1.02 -12.39 -27.05
CA PRO C 42 -0.03 -11.78 -26.19
C PRO C 42 1.31 -12.44 -26.43
N TRP C 43 2.36 -11.66 -26.26
CA TRP C 43 3.69 -12.15 -26.56
C TRP C 43 4.01 -13.41 -25.76
N GLN C 44 3.50 -13.49 -24.52
CA GLN C 44 3.73 -14.69 -23.71
C GLN C 44 3.16 -15.92 -24.38
N ILE C 45 1.95 -15.82 -24.93
CA ILE C 45 1.36 -16.95 -25.62
C ILE C 45 2.14 -17.31 -26.87
N GLN C 46 2.61 -16.30 -27.61
CA GLN C 46 3.35 -16.57 -28.85
C GLN C 46 4.68 -17.24 -28.56
N LYS C 47 5.35 -16.79 -27.50
CA LYS C 47 6.65 -17.35 -27.18
C LYS C 47 6.52 -18.78 -26.72
N ALA C 48 5.46 -19.09 -25.96
CA ALA C 48 5.19 -20.47 -25.60
C ALA C 48 4.91 -21.29 -26.85
N VAL C 49 3.93 -20.86 -27.64
CA VAL C 49 3.58 -21.59 -28.86
C VAL C 49 4.82 -21.78 -29.74
N ALA C 50 5.61 -20.71 -29.91
CA ALA C 50 6.86 -20.84 -30.64
C ALA C 50 7.75 -21.92 -30.03
N MET C 51 7.90 -21.89 -28.70
CA MET C 51 8.72 -22.90 -28.04
C MET C 51 8.17 -24.30 -28.27
N LYS C 52 6.86 -24.46 -28.07
CA LYS C 52 6.28 -25.77 -28.33
C LYS C 52 6.51 -26.18 -29.78
N THR C 53 6.51 -25.21 -30.69
CA THR C 53 6.77 -25.54 -32.07
C THR C 53 8.21 -26.00 -32.25
N VAL C 54 9.15 -25.31 -31.61
CA VAL C 54 10.53 -25.79 -31.59
C VAL C 54 10.60 -27.20 -31.05
N TYR C 55 10.07 -27.42 -29.84
CA TYR C 55 10.20 -28.72 -29.20
C TYR C 55 9.61 -29.82 -30.05
N GLU C 56 8.51 -29.55 -30.72
CA GLU C 56 7.80 -30.59 -31.45
C GLU C 56 8.43 -30.88 -32.82
N ASN C 57 9.24 -29.97 -33.35
CA ASN C 57 9.62 -30.02 -34.76
C ASN C 57 11.12 -30.03 -34.99
N LYS C 58 11.92 -29.62 -34.02
CA LYS C 58 13.36 -29.54 -34.22
C LYS C 58 13.92 -30.93 -34.53
N PRO C 59 14.89 -31.02 -35.45
CA PRO C 59 15.65 -32.27 -35.59
C PRO C 59 16.25 -32.68 -34.25
N ILE C 60 16.10 -33.96 -33.93
CA ILE C 60 16.62 -34.53 -32.69
C ILE C 60 17.48 -35.73 -33.03
N PHE C 61 18.39 -36.06 -32.13
CA PHE C 61 19.39 -37.07 -32.41
C PHE C 61 19.75 -37.80 -31.12
N ILE C 62 19.95 -39.10 -31.25
CA ILE C 62 20.53 -39.92 -30.20
C ILE C 62 21.86 -40.42 -30.73
N GLN C 63 22.95 -39.90 -30.16
CA GLN C 63 24.28 -40.15 -30.67
C GLN C 63 24.79 -41.49 -30.19
N ASP C 64 25.76 -42.04 -30.93
CA ASP C 64 26.47 -43.24 -30.56
C ASP C 64 26.89 -43.21 -29.09
N HIS C 65 26.60 -44.29 -28.37
CA HIS C 65 27.03 -44.51 -27.00
C HIS C 65 26.28 -43.67 -25.97
N GLU C 66 25.36 -42.81 -26.36
CA GLU C 66 24.72 -41.94 -25.40
C GLU C 66 23.79 -42.73 -24.48
N LEU C 67 23.77 -42.36 -23.20
CA LEU C 67 22.75 -42.80 -22.27
C LEU C 67 21.78 -41.69 -21.91
N LEU C 68 22.26 -40.46 -21.89
CA LEU C 68 21.39 -39.30 -21.74
C LEU C 68 21.30 -38.61 -23.10
N VAL C 69 20.08 -38.30 -23.50
CA VAL C 69 19.81 -37.85 -24.86
C VAL C 69 19.35 -36.40 -24.85
N GLY C 70 19.45 -35.74 -25.99
CA GLY C 70 18.86 -34.44 -26.19
C GLY C 70 19.86 -33.44 -26.73
N GLY C 71 19.41 -32.20 -26.81
CA GLY C 71 20.19 -31.15 -27.42
C GLY C 71 19.37 -29.90 -27.61
N VAL C 72 20.03 -28.77 -27.82
CA VAL C 72 19.35 -27.49 -27.94
C VAL C 72 19.26 -27.03 -29.38
N ALA C 73 19.58 -27.90 -30.32
CA ALA C 73 19.84 -27.52 -31.70
C ALA C 73 20.13 -28.77 -32.51
N PHE C 74 20.37 -28.61 -33.80
CA PHE C 74 20.34 -29.74 -34.73
C PHE C 74 21.60 -30.59 -34.67
N LYS C 75 22.70 -30.02 -34.22
CA LYS C 75 23.91 -30.78 -34.00
C LYS C 75 24.50 -30.35 -32.66
N PRO C 76 25.23 -31.22 -31.98
CA PRO C 76 25.91 -30.81 -30.76
C PRO C 76 26.86 -29.62 -31.00
N ARG C 77 26.92 -28.75 -30.01
CA ARG C 77 27.79 -27.59 -29.92
C ARG C 77 27.30 -26.44 -30.81
N ALA C 78 26.22 -26.62 -31.54
CA ALA C 78 25.76 -25.60 -32.47
C ALA C 78 25.02 -24.50 -31.72
N GLY C 79 25.27 -23.25 -32.14
CA GLY C 79 24.56 -22.12 -31.58
C GLY C 79 23.15 -22.01 -32.12
N ILE C 80 22.24 -21.65 -31.24
CA ILE C 80 20.84 -21.41 -31.60
C ILE C 80 20.61 -19.91 -31.57
N LEU C 81 19.79 -19.44 -32.49
CA LEU C 81 19.37 -18.06 -32.51
C LEU C 81 17.97 -17.97 -31.93
N ASN C 82 17.81 -17.18 -30.88
CA ASN C 82 16.44 -16.79 -30.51
C ASN C 82 16.17 -15.51 -31.27
N PRO C 83 15.40 -15.58 -32.36
CA PRO C 83 15.16 -14.37 -33.15
C PRO C 83 14.46 -13.31 -32.36
N ASP C 84 13.59 -13.71 -31.43
CA ASP C 84 12.88 -12.75 -30.61
C ASP C 84 13.83 -11.91 -29.78
N SER C 85 15.09 -12.32 -29.64
CA SER C 85 16.10 -11.58 -28.90
C SER C 85 17.12 -10.91 -29.80
N ALA C 86 17.70 -11.68 -30.72
CA ALA C 86 18.95 -11.27 -31.35
C ALA C 86 18.96 -11.48 -32.87
N CYS C 87 17.79 -11.52 -33.51
CA CYS C 87 17.73 -11.79 -34.94
C CYS C 87 18.70 -10.92 -35.76
N SER C 88 18.71 -9.61 -35.52
CA SER C 88 19.51 -8.73 -36.38
C SER C 88 20.99 -9.05 -36.29
N VAL C 89 21.46 -9.63 -35.18
CA VAL C 89 22.84 -10.11 -35.12
C VAL C 89 23.15 -11.00 -36.31
N ILE C 90 22.34 -12.05 -36.52
CA ILE C 90 22.66 -12.98 -37.61
C ILE C 90 22.53 -12.29 -38.97
N GLU C 91 21.63 -11.33 -39.10
CA GLU C 91 21.51 -10.61 -40.36
C GLU C 91 22.76 -9.81 -40.66
N LYS C 92 23.24 -9.02 -39.70
CA LYS C 92 24.43 -8.20 -39.91
C LYS C 92 25.69 -9.04 -40.07
N GLU C 93 25.68 -10.26 -39.55
CA GLU C 93 26.88 -11.06 -39.47
C GLU C 93 26.79 -12.27 -40.37
N LEU C 94 25.80 -12.29 -41.25
CA LEU C 94 25.52 -13.47 -42.06
C LEU C 94 26.79 -14.03 -42.69
N ASP C 95 27.60 -13.15 -43.30
CA ASP C 95 28.74 -13.61 -44.09
C ASP C 95 30.06 -13.47 -43.36
N THR C 96 30.05 -13.16 -42.06
CA THR C 96 31.28 -13.12 -41.29
C THR C 96 31.22 -13.96 -40.03
N ILE C 97 30.04 -14.39 -39.60
CA ILE C 97 29.94 -15.22 -38.39
C ILE C 97 30.82 -16.44 -38.50
N SER C 98 30.91 -17.02 -39.69
CA SER C 98 31.61 -18.29 -39.86
C SER C 98 33.11 -18.17 -39.70
N THR C 99 33.64 -16.94 -39.62
CA THR C 99 35.08 -16.72 -39.50
C THR C 99 35.42 -15.58 -38.56
N ARG C 100 34.49 -15.11 -37.74
CA ARG C 100 34.76 -13.94 -36.93
C ARG C 100 35.83 -14.26 -35.89
N LYS C 101 36.44 -13.20 -35.35
CA LYS C 101 37.59 -13.39 -34.49
C LYS C 101 37.23 -14.22 -33.25
N TYR C 102 36.05 -13.98 -32.69
CA TYR C 102 35.63 -14.62 -31.45
C TYR C 102 34.44 -15.53 -31.68
N ASP C 103 34.58 -16.78 -31.29
CA ASP C 103 33.49 -17.74 -31.28
C ASP C 103 32.82 -17.79 -32.65
N PRO C 104 33.56 -18.10 -33.71
CA PRO C 104 32.93 -18.32 -35.01
C PRO C 104 31.91 -19.43 -34.90
N PHE C 105 31.00 -19.42 -35.86
CA PHE C 105 29.94 -20.40 -36.01
C PHE C 105 29.83 -20.68 -37.49
N TYR C 106 29.93 -21.95 -37.88
CA TYR C 106 29.71 -22.29 -39.27
C TYR C 106 28.24 -22.11 -39.59
N LEU C 107 27.94 -21.11 -40.41
CA LEU C 107 26.60 -20.86 -40.91
C LEU C 107 26.56 -21.38 -42.35
N SER C 108 25.82 -22.46 -42.57
CA SER C 108 25.80 -23.02 -43.91
C SER C 108 25.11 -22.07 -44.90
N GLU C 109 25.45 -22.23 -46.17
CA GLU C 109 24.70 -21.57 -47.22
C GLU C 109 23.22 -21.86 -47.10
N GLU C 110 22.87 -23.15 -47.02
CA GLU C 110 21.47 -23.55 -46.92
C GLU C 110 20.81 -22.95 -45.70
N ASN C 111 21.58 -22.73 -44.63
CA ASN C 111 21.02 -22.07 -43.45
C ASN C 111 20.99 -20.55 -43.59
N LYS C 112 21.89 -19.98 -44.40
CA LYS C 112 21.79 -18.55 -44.67
C LYS C 112 20.51 -18.24 -45.40
N LYS C 113 20.09 -19.14 -46.28
CA LYS C 113 18.93 -18.84 -47.11
C LYS C 113 17.65 -19.09 -46.33
N LEU C 114 17.60 -20.16 -45.54
CA LEU C 114 16.55 -20.29 -44.54
C LEU C 114 16.38 -18.97 -43.79
N PHE C 115 17.46 -18.49 -43.15
CA PHE C 115 17.32 -17.36 -42.23
C PHE C 115 16.90 -16.08 -42.94
N MET C 116 17.55 -15.75 -44.07
CA MET C 116 17.23 -14.49 -44.73
C MET C 116 15.84 -14.51 -45.33
N GLU C 117 15.36 -15.69 -45.69
CA GLU C 117 14.07 -15.79 -46.36
C GLU C 117 12.93 -16.01 -45.40
N GLU C 118 13.17 -16.72 -44.30
CA GLU C 118 12.09 -17.18 -43.47
C GLU C 118 12.15 -16.68 -42.05
N VAL C 119 13.20 -15.95 -41.67
CA VAL C 119 13.36 -15.51 -40.29
C VAL C 119 13.67 -14.02 -40.25
N ALA C 120 14.79 -13.63 -40.84
CA ALA C 120 15.19 -12.22 -40.82
C ALA C 120 14.04 -11.25 -41.07
N PRO C 121 13.22 -11.39 -42.11
CA PRO C 121 12.25 -10.31 -42.40
C PRO C 121 11.22 -10.11 -41.30
N TYR C 122 10.77 -11.20 -40.68
CA TYR C 122 9.72 -11.09 -39.66
C TYR C 122 10.19 -10.26 -38.47
N TRP C 123 11.46 -10.35 -38.11
CA TRP C 123 11.91 -9.86 -36.82
C TRP C 123 12.53 -8.46 -36.84
N ARG C 124 12.68 -7.84 -38.00
CA ARG C 124 13.32 -6.52 -38.04
C ARG C 124 12.54 -5.51 -37.20
N GLY C 125 13.23 -4.92 -36.22
CA GLY C 125 12.59 -4.01 -35.29
C GLY C 125 11.67 -4.69 -34.30
N LYS C 126 11.83 -5.99 -34.09
CA LYS C 126 10.91 -6.76 -33.27
C LYS C 126 11.62 -7.53 -32.17
N CYS C 127 12.79 -8.09 -32.47
CA CYS C 127 13.63 -8.68 -31.45
C CYS C 127 14.07 -7.62 -30.45
N VAL C 128 14.45 -8.09 -29.25
CA VAL C 128 14.89 -7.19 -28.18
C VAL C 128 16.10 -6.37 -28.62
N LEU C 129 17.05 -6.99 -29.32
CA LEU C 129 18.22 -6.22 -29.76
C LEU C 129 17.81 -4.98 -30.52
N ASP C 130 16.93 -5.14 -31.52
CA ASP C 130 16.52 -4.01 -32.35
C ASP C 130 15.78 -2.96 -31.53
N ARG C 131 14.91 -3.39 -30.62
CA ARG C 131 14.24 -2.43 -29.76
C ARG C 131 15.28 -1.58 -29.08
N TRP C 132 16.32 -2.23 -28.57
CA TRP C 132 17.34 -1.55 -27.78
C TRP C 132 18.11 -0.55 -28.63
N ASN C 133 18.55 -0.99 -29.82
CA ASN C 133 19.24 -0.05 -30.69
C ASN C 133 18.34 1.14 -31.02
N ALA C 134 17.05 0.90 -31.20
CA ALA C 134 16.13 2.03 -31.39
C ALA C 134 16.09 2.91 -30.15
N MET C 135 15.83 2.33 -28.99
CA MET C 135 15.56 3.14 -27.81
C MET C 135 16.82 3.64 -27.12
N MET C 136 17.99 3.10 -27.46
CA MET C 136 19.21 3.41 -26.73
C MET C 136 19.38 4.90 -26.48
N PRO C 137 19.25 5.35 -25.22
CA PRO C 137 19.50 6.75 -24.89
C PRO C 137 20.91 7.20 -25.27
N GLU C 138 21.05 8.52 -25.45
CA GLU C 138 22.27 9.09 -26.01
C GLU C 138 23.45 8.87 -25.08
N ASP C 139 23.25 9.01 -23.77
CA ASP C 139 24.41 8.93 -22.87
C ASP C 139 24.92 7.51 -22.75
N VAL C 140 24.02 6.52 -22.71
CA VAL C 140 24.48 5.16 -22.90
C VAL C 140 25.29 5.09 -24.18
N ARG C 141 24.73 5.59 -25.28
CA ARG C 141 25.33 5.42 -26.61
C ARG C 141 26.74 6.00 -26.66
N THR C 142 26.89 7.23 -26.19
CA THR C 142 28.20 7.86 -26.11
C THR C 142 29.20 6.97 -25.37
N MET C 143 28.88 6.64 -24.11
CA MET C 143 29.76 5.84 -23.27
C MET C 143 30.04 4.50 -23.91
N ARG C 144 29.03 3.93 -24.56
CA ARG C 144 29.23 2.64 -25.24
C ARG C 144 30.18 2.80 -26.41
N ASP C 145 29.95 3.83 -27.25
CA ASP C 145 30.82 4.08 -28.39
C ASP C 145 32.23 4.42 -27.96
N GLY C 146 32.40 5.06 -26.81
CA GLY C 146 33.73 5.28 -26.31
C GLY C 146 34.37 4.07 -25.65
N GLY C 147 33.63 2.97 -25.50
CA GLY C 147 34.19 1.78 -24.85
C GLY C 147 34.35 1.90 -23.34
N MET C 148 33.65 2.84 -22.72
CA MET C 148 33.65 2.94 -21.27
C MET C 148 32.70 1.93 -20.64
N LEU C 149 31.70 1.49 -21.38
CA LEU C 149 30.69 0.55 -20.95
C LEU C 149 30.46 -0.44 -22.07
N TYR C 150 30.35 -1.71 -21.72
CA TYR C 150 29.74 -2.69 -22.60
C TYR C 150 28.34 -2.93 -22.06
N VAL C 151 27.34 -2.61 -22.87
CA VAL C 151 25.97 -2.53 -22.42
C VAL C 151 25.08 -3.49 -23.18
N ASP C 152 25.66 -4.32 -24.05
CA ASP C 152 24.86 -4.96 -25.08
C ASP C 152 24.54 -6.42 -24.79
N LYS C 153 25.28 -7.07 -23.89
CA LYS C 153 25.20 -8.52 -23.77
C LYS C 153 23.77 -8.99 -23.53
N LYS C 154 23.08 -8.43 -22.56
CA LYS C 154 21.81 -9.01 -22.16
C LYS C 154 20.70 -8.74 -23.16
N PHE C 155 20.79 -7.68 -23.95
CA PHE C 155 19.81 -7.50 -25.00
C PHE C 155 19.94 -8.59 -26.06
N VAL C 156 21.18 -9.07 -26.28
CA VAL C 156 21.46 -10.06 -27.30
C VAL C 156 20.89 -11.43 -26.92
N ARG C 157 20.95 -11.80 -25.63
CA ARG C 157 20.69 -13.20 -25.24
C ARG C 157 19.95 -13.32 -23.91
N GLY C 158 18.64 -13.59 -23.98
CA GLY C 158 17.78 -14.08 -22.90
C GLY C 158 18.24 -13.83 -21.48
N TYR C 159 17.65 -14.51 -20.50
CA TYR C 159 18.09 -14.30 -19.10
C TYR C 159 19.23 -15.24 -18.74
N GLY C 160 18.94 -16.54 -18.67
CA GLY C 160 19.88 -17.42 -18.01
C GLY C 160 20.21 -16.83 -16.66
N GLU C 161 21.47 -16.92 -16.27
CA GLU C 161 21.93 -16.39 -14.98
C GLU C 161 21.01 -16.81 -13.84
N ASN C 162 20.60 -18.07 -13.83
CA ASN C 162 19.75 -18.47 -12.73
C ASN C 162 19.80 -19.97 -12.55
N THR C 163 19.35 -20.40 -11.37
CA THR C 163 19.27 -21.81 -11.05
C THR C 163 17.81 -22.21 -11.00
N PRO C 164 17.33 -22.94 -12.01
CA PRO C 164 15.91 -23.32 -12.05
C PRO C 164 15.49 -24.12 -10.83
N GLY C 165 14.18 -24.24 -10.68
CA GLY C 165 13.61 -25.01 -9.60
C GLY C 165 13.86 -26.50 -9.79
N TRP C 166 15.13 -26.91 -9.79
CA TRP C 166 15.47 -28.31 -9.99
C TRP C 166 14.67 -29.23 -9.09
N ARG C 167 14.53 -28.86 -7.82
CA ARG C 167 13.77 -29.65 -6.86
C ARG C 167 12.28 -29.69 -7.21
N THR C 168 11.76 -28.62 -7.81
CA THR C 168 10.36 -28.72 -8.22
C THR C 168 10.24 -29.61 -9.46
N LEU C 169 11.19 -29.51 -10.38
CA LEU C 169 11.23 -30.43 -11.52
C LEU C 169 11.27 -31.88 -11.04
N LEU C 170 12.23 -32.19 -10.17
CA LEU C 170 12.42 -33.57 -9.75
C LEU C 170 11.29 -34.04 -8.86
N ALA C 171 10.60 -33.10 -8.18
CA ALA C 171 9.52 -33.48 -7.28
C ALA C 171 8.21 -33.69 -8.01
N LYS C 172 7.83 -32.75 -8.88
CA LYS C 172 6.50 -32.78 -9.46
C LYS C 172 6.48 -33.27 -10.89
N GLY C 173 7.61 -33.17 -11.61
CA GLY C 173 7.60 -33.42 -13.03
C GLY C 173 6.85 -32.32 -13.78
N ILE C 174 7.09 -32.22 -15.09
CA ILE C 174 6.45 -31.16 -15.87
C ILE C 174 4.94 -31.34 -15.82
N THR C 175 4.48 -32.58 -15.78
CA THR C 175 3.04 -32.83 -15.77
C THR C 175 2.42 -32.33 -14.48
N GLY C 176 3.07 -32.59 -13.35
CA GLY C 176 2.54 -32.08 -12.10
C GLY C 176 2.48 -30.56 -12.07
N ILE C 177 3.51 -29.92 -12.63
CA ILE C 177 3.52 -28.47 -12.77
C ILE C 177 2.40 -28.01 -13.68
N LYS C 178 2.20 -28.70 -14.80
CA LYS C 178 1.15 -28.32 -15.73
C LYS C 178 -0.22 -28.42 -15.06
N LYS C 179 -0.50 -29.57 -14.40
CA LYS C 179 -1.75 -29.72 -13.67
C LYS C 179 -1.91 -28.63 -12.61
N GLU C 180 -0.83 -28.28 -11.92
CA GLU C 180 -0.88 -27.14 -11.01
C GLU C 180 -1.39 -25.89 -11.74
N ALA C 181 -0.82 -25.59 -12.90
CA ALA C 181 -1.22 -24.40 -13.62
C ALA C 181 -2.64 -24.52 -14.16
N GLU C 182 -3.05 -25.75 -14.48
CA GLU C 182 -4.41 -25.97 -14.99
C GLU C 182 -5.44 -25.77 -13.89
N GLU C 183 -5.10 -26.16 -12.65
CA GLU C 183 -5.97 -25.83 -11.52
C GLU C 183 -5.99 -24.33 -11.26
N LYS C 184 -4.81 -23.70 -11.25
CA LYS C 184 -4.75 -22.24 -11.15
C LYS C 184 -5.61 -21.61 -12.25
N LEU C 185 -5.33 -21.98 -13.51
CA LEU C 185 -6.06 -21.40 -14.63
C LEU C 185 -7.56 -21.58 -14.46
N ALA C 186 -7.98 -22.76 -14.01
CA ALA C 186 -9.41 -23.03 -13.86
C ALA C 186 -10.03 -22.16 -12.76
N ALA C 187 -9.26 -21.90 -11.69
CA ALA C 187 -9.79 -21.09 -10.59
C ALA C 187 -9.93 -19.62 -10.94
N LEU C 188 -9.30 -19.17 -12.01
CA LEU C 188 -9.28 -17.78 -12.43
C LEU C 188 -10.42 -17.47 -13.38
N ASP C 189 -10.92 -16.24 -13.30
CA ASP C 189 -12.09 -15.81 -14.06
C ASP C 189 -11.70 -14.57 -14.85
N ASP C 190 -11.61 -14.71 -16.17
CA ASP C 190 -11.22 -13.57 -16.99
C ASP C 190 -12.27 -12.46 -16.96
N ALA C 191 -13.38 -12.67 -16.26
CA ALA C 191 -14.33 -11.60 -15.98
C ALA C 191 -13.86 -10.69 -14.85
N HIS C 192 -12.81 -11.05 -14.14
CA HIS C 192 -12.41 -10.30 -12.95
C HIS C 192 -11.34 -9.25 -13.24
N GLY C 193 -11.14 -8.88 -14.50
CA GLY C 193 -10.38 -7.68 -14.85
C GLY C 193 -9.05 -8.00 -15.54
N GLU C 194 -8.39 -6.92 -15.96
CA GLU C 194 -7.18 -7.06 -16.76
C GLU C 194 -6.03 -7.69 -15.99
N ASP C 195 -5.94 -7.48 -14.68
CA ASP C 195 -4.87 -8.12 -13.94
C ASP C 195 -5.06 -9.63 -13.92
N VAL C 196 -6.31 -10.08 -13.79
CA VAL C 196 -6.60 -11.51 -13.80
C VAL C 196 -6.33 -12.10 -15.17
N LEU C 197 -6.69 -11.37 -16.23
CA LEU C 197 -6.40 -11.85 -17.58
C LEU C 197 -4.90 -11.98 -17.79
N LYS C 198 -4.11 -11.06 -17.26
CA LYS C 198 -2.65 -11.22 -17.36
C LYS C 198 -2.24 -12.55 -16.78
N GLN C 199 -2.86 -12.95 -15.67
CA GLN C 199 -2.51 -14.21 -15.03
C GLN C 199 -2.95 -15.39 -15.87
N ILE C 200 -4.21 -15.40 -16.27
CA ILE C 200 -4.68 -16.42 -17.18
C ILE C 200 -3.67 -16.60 -18.31
N ILE C 201 -3.22 -15.49 -18.89
CA ILE C 201 -2.27 -15.54 -19.99
C ILE C 201 -0.98 -16.21 -19.55
N PHE C 202 -0.52 -15.88 -18.34
CA PHE C 202 0.69 -16.49 -17.83
C PHE C 202 0.55 -18.00 -17.73
N TYR C 203 -0.56 -18.46 -17.15
CA TYR C 203 -0.76 -19.89 -16.97
C TYR C 203 -0.90 -20.58 -18.32
N LYS C 204 -1.75 -20.02 -19.19
CA LYS C 204 -1.80 -20.47 -20.57
C LYS C 204 -0.41 -20.67 -21.14
N SER C 205 0.49 -19.71 -20.93
CA SER C 205 1.83 -19.84 -21.48
C SER C 205 2.59 -20.98 -20.81
N LEU C 206 2.42 -21.16 -19.49
CA LEU C 206 3.02 -22.29 -18.79
C LEU C 206 2.50 -23.61 -19.34
N ILE C 207 1.17 -23.75 -19.42
CA ILE C 207 0.56 -24.98 -19.94
C ILE C 207 1.19 -25.36 -21.26
N ILE C 208 1.36 -24.37 -22.15
CA ILE C 208 1.80 -24.68 -23.50
C ILE C 208 3.27 -25.03 -23.52
N SER C 209 4.09 -24.22 -22.86
CA SER C 209 5.49 -24.57 -22.74
C SER C 209 5.62 -25.97 -22.15
N ALA C 210 4.71 -26.33 -21.23
CA ALA C 210 4.81 -27.64 -20.58
C ALA C 210 4.54 -28.75 -21.58
N GLU C 211 3.35 -28.75 -22.18
CA GLU C 211 2.99 -29.71 -23.19
C GLU C 211 4.11 -29.91 -24.20
N GLY C 212 4.75 -28.81 -24.60
CA GLY C 212 5.81 -28.91 -25.59
C GLY C 212 7.04 -29.62 -25.07
N ILE C 213 7.47 -29.27 -23.85
CA ILE C 213 8.63 -29.92 -23.25
C ILE C 213 8.41 -31.41 -23.13
N ILE C 214 7.21 -31.80 -22.71
CA ILE C 214 6.85 -33.21 -22.65
C ILE C 214 6.83 -33.82 -24.04
N ALA C 215 6.26 -33.10 -25.00
CA ALA C 215 6.30 -33.57 -26.38
C ALA C 215 7.72 -33.90 -26.80
N LEU C 216 8.68 -33.05 -26.42
CA LEU C 216 10.05 -33.25 -26.89
C LEU C 216 10.69 -34.46 -26.24
N ALA C 217 10.42 -34.70 -24.95
CA ALA C 217 10.97 -35.90 -24.34
C ALA C 217 10.39 -37.16 -25.02
N ASN C 218 9.08 -37.17 -25.25
CA ASN C 218 8.48 -38.32 -25.91
C ASN C 218 9.08 -38.56 -27.28
N ARG C 219 9.54 -37.48 -27.92
CA ARG C 219 10.15 -37.61 -29.25
C ARG C 219 11.47 -38.36 -29.17
N HIS C 220 12.28 -38.10 -28.15
CA HIS C 220 13.49 -38.88 -27.95
C HIS C 220 13.16 -40.31 -27.58
N ALA C 221 12.13 -40.49 -26.76
CA ALA C 221 11.67 -41.84 -26.44
C ALA C 221 11.36 -42.60 -27.73
N ASP C 222 10.50 -42.03 -28.56
CA ASP C 222 10.09 -42.77 -29.76
C ASP C 222 11.26 -42.93 -30.72
N LEU C 223 12.17 -41.96 -30.77
CA LEU C 223 13.33 -42.11 -31.64
C LEU C 223 14.26 -43.19 -31.12
N ALA C 224 14.47 -43.24 -29.81
CA ALA C 224 15.17 -44.38 -29.21
C ALA C 224 14.46 -45.69 -29.50
N GLU C 225 13.12 -45.68 -29.53
CA GLU C 225 12.37 -46.89 -29.86
C GLU C 225 12.60 -47.30 -31.31
N LYS C 226 12.56 -46.34 -32.22
CA LYS C 226 12.78 -46.66 -33.63
C LYS C 226 14.20 -47.14 -33.88
N MET C 227 15.18 -46.52 -33.22
CA MET C 227 16.55 -47.01 -33.32
C MET C 227 16.67 -48.42 -32.76
N ALA C 228 15.92 -48.74 -31.72
CA ALA C 228 16.06 -50.05 -31.10
C ALA C 228 15.56 -51.15 -32.03
N GLU C 229 14.63 -50.85 -32.91
CA GLU C 229 14.21 -51.86 -33.87
C GLU C 229 15.28 -52.10 -34.93
N LYS C 230 16.11 -51.08 -35.22
CA LYS C 230 17.15 -51.16 -36.23
C LYS C 230 18.52 -51.54 -35.65
N GLU C 231 18.58 -52.10 -34.44
CA GLU C 231 19.86 -52.27 -33.75
C GLU C 231 20.10 -53.74 -33.44
N ALA C 232 21.28 -54.23 -33.82
CA ALA C 232 21.64 -55.63 -33.62
C ALA C 232 22.33 -55.88 -32.28
N ASP C 233 23.27 -55.02 -31.89
CA ASP C 233 23.97 -55.23 -30.62
C ASP C 233 22.98 -55.19 -29.46
N GLU C 234 22.70 -56.35 -28.85
CA GLU C 234 21.65 -56.39 -27.84
C GLU C 234 21.97 -55.49 -26.66
N LYS C 235 23.25 -55.16 -26.43
CA LYS C 235 23.61 -54.18 -25.43
C LYS C 235 22.95 -52.85 -25.76
N ARG C 236 23.35 -52.25 -26.89
CA ARG C 236 22.83 -50.95 -27.28
C ARG C 236 21.32 -50.97 -27.37
N ARG C 237 20.74 -52.09 -27.80
CA ARG C 237 19.29 -52.17 -27.90
C ARG C 237 18.66 -51.99 -26.52
N ALA C 238 19.11 -52.77 -25.54
CA ALA C 238 18.66 -52.54 -24.17
C ALA C 238 18.84 -51.09 -23.77
N GLU C 239 20.06 -50.57 -23.92
CA GLU C 239 20.31 -49.14 -23.70
C GLU C 239 19.27 -48.28 -24.42
N LEU C 240 19.02 -48.56 -25.70
CA LEU C 240 18.06 -47.73 -26.40
C LEU C 240 16.66 -47.95 -25.86
N LEU C 241 16.30 -49.20 -25.58
CA LEU C 241 15.00 -49.46 -24.97
C LEU C 241 14.92 -48.79 -23.61
N LYS C 242 16.03 -48.76 -22.87
CA LYS C 242 16.05 -48.04 -21.59
C LYS C 242 15.91 -46.54 -21.78
N ILE C 243 16.73 -45.96 -22.65
CA ILE C 243 16.58 -44.55 -23.00
C ILE C 243 15.13 -44.21 -23.30
N ALA C 244 14.41 -45.11 -23.98
CA ALA C 244 13.04 -44.79 -24.36
C ALA C 244 12.11 -44.81 -23.15
N GLU C 245 12.31 -45.75 -22.23
CA GLU C 245 11.49 -45.79 -21.03
C GLU C 245 11.74 -44.57 -20.15
N VAL C 246 12.96 -44.07 -20.14
CA VAL C 246 13.31 -42.93 -19.31
C VAL C 246 12.61 -41.68 -19.83
N ASN C 247 12.81 -41.36 -21.11
CA ASN C 247 12.26 -40.16 -21.71
C ASN C 247 10.74 -40.21 -21.84
N ARG C 248 10.13 -41.39 -21.86
CA ARG C 248 8.69 -41.46 -21.72
C ARG C 248 8.25 -40.94 -20.36
N ASN C 249 9.05 -41.20 -19.33
CA ASN C 249 8.57 -40.90 -17.99
C ASN C 249 8.98 -39.52 -17.49
N VAL C 250 10.16 -39.03 -17.86
CA VAL C 250 10.66 -37.75 -17.38
C VAL C 250 11.07 -36.85 -18.55
N PRO C 251 11.04 -35.51 -18.41
CA PRO C 251 10.73 -34.77 -17.18
C PRO C 251 9.24 -34.62 -16.88
N ALA C 252 8.39 -35.22 -17.70
CA ALA C 252 6.95 -35.21 -17.44
C ALA C 252 6.61 -35.61 -16.00
N ASN C 253 7.16 -36.72 -15.53
CA ASN C 253 6.86 -37.21 -14.20
C ASN C 253 8.04 -37.01 -13.27
N PRO C 254 7.82 -37.14 -11.98
CA PRO C 254 8.94 -37.30 -11.06
C PRO C 254 9.80 -38.47 -11.50
N PRO C 255 11.10 -38.37 -11.38
CA PRO C 255 11.95 -39.50 -11.77
C PRO C 255 11.83 -40.64 -10.78
N ARG C 256 12.00 -41.85 -11.29
CA ARG C 256 11.95 -43.02 -10.45
C ARG C 256 13.34 -43.50 -10.03
N ASN C 257 14.40 -42.94 -10.60
CA ASN C 257 15.73 -43.41 -10.27
C ASN C 257 16.74 -42.39 -10.75
N PHE C 258 17.99 -42.61 -10.37
CA PHE C 258 19.06 -41.67 -10.70
C PHE C 258 19.09 -41.37 -12.20
N TYR C 259 19.04 -42.42 -13.01
CA TYR C 259 19.07 -42.24 -14.46
C TYR C 259 17.97 -41.28 -14.91
N GLU C 260 16.72 -41.53 -14.52
CA GLU C 260 15.65 -40.64 -14.96
C GLU C 260 15.84 -39.23 -14.41
N ALA C 261 16.27 -39.11 -13.15
CA ALA C 261 16.40 -37.79 -12.56
C ALA C 261 17.41 -36.96 -13.33
N LEU C 262 18.50 -37.59 -13.81
CA LEU C 262 19.46 -36.88 -14.64
C LEU C 262 18.84 -36.49 -15.97
N GLN C 263 18.11 -37.40 -16.58
CA GLN C 263 17.49 -37.07 -17.86
C GLN C 263 16.49 -35.95 -17.67
N SER C 264 15.78 -35.97 -16.53
CA SER C 264 14.81 -34.90 -16.26
C SER C 264 15.51 -33.55 -16.19
N MET C 265 16.63 -33.50 -15.47
CA MET C 265 17.40 -32.26 -15.46
C MET C 265 17.96 -31.97 -16.84
N LEU C 266 18.40 -33.00 -17.55
CA LEU C 266 18.95 -32.76 -18.87
C LEU C 266 17.90 -32.17 -19.81
N THR C 267 16.74 -32.81 -19.91
CA THR C 267 15.74 -32.36 -20.87
C THR C 267 15.28 -30.94 -20.58
N TYR C 268 14.89 -30.67 -19.35
CA TYR C 268 14.47 -29.34 -18.97
C TYR C 268 15.56 -28.31 -19.25
N GLU C 269 16.81 -28.65 -18.91
CA GLU C 269 17.92 -27.71 -19.11
C GLU C 269 18.08 -27.35 -20.58
N PHE C 270 17.96 -28.33 -21.47
CA PHE C 270 17.97 -28.05 -22.90
C PHE C 270 16.81 -27.15 -23.27
N CYS C 271 15.62 -27.42 -22.73
CA CYS C 271 14.44 -26.67 -23.13
C CYS C 271 14.49 -25.22 -22.65
N ILE C 272 15.02 -24.97 -21.45
CA ILE C 272 15.05 -23.59 -20.99
C ILE C 272 16.12 -22.81 -21.73
N PHE C 273 17.17 -23.49 -22.19
CA PHE C 273 18.21 -22.83 -22.98
C PHE C 273 17.73 -22.54 -24.39
N MET C 274 16.93 -23.43 -24.97
CA MET C 274 16.32 -23.12 -26.26
C MET C 274 15.30 -22.01 -26.14
N GLU C 275 14.58 -21.97 -25.03
CA GLU C 275 13.65 -20.86 -24.84
C GLU C 275 14.38 -19.52 -24.91
N GLN C 276 15.63 -19.49 -24.47
CA GLN C 276 16.43 -18.27 -24.54
C GLN C 276 17.89 -18.70 -24.49
N ASN C 277 18.55 -18.69 -25.64
CA ASN C 277 20.00 -18.71 -25.62
C ASN C 277 20.51 -17.79 -24.52
N ALA C 278 21.34 -18.33 -23.64
CA ALA C 278 21.76 -17.51 -22.52
C ALA C 278 22.79 -18.28 -21.71
N SER C 279 23.72 -17.54 -21.13
CA SER C 279 24.72 -18.16 -20.30
C SER C 279 24.12 -18.54 -18.96
N SER C 280 24.70 -19.56 -18.37
CA SER C 280 24.61 -19.76 -16.94
C SER C 280 23.18 -20.06 -16.48
N TYR C 281 22.56 -21.07 -17.11
CA TYR C 281 21.42 -21.76 -16.51
C TYR C 281 22.02 -22.88 -15.67
N ASN C 282 22.02 -22.71 -14.37
CA ASN C 282 22.91 -23.48 -13.54
C ASN C 282 22.23 -24.74 -12.99
N LEU C 283 22.91 -25.88 -13.10
CA LEU C 283 22.43 -27.10 -12.45
C LEU C 283 22.51 -27.03 -10.94
N GLY C 284 23.31 -26.10 -10.40
CA GLY C 284 23.37 -25.95 -8.96
C GLY C 284 23.81 -27.22 -8.25
N ARG C 285 23.09 -27.58 -7.18
CA ARG C 285 23.58 -28.55 -6.19
C ARG C 285 23.09 -29.96 -6.52
N MET C 286 23.58 -30.45 -7.65
CA MET C 286 23.22 -31.80 -8.09
C MET C 286 23.42 -32.81 -6.98
N ASP C 287 24.58 -32.76 -6.30
CA ASP C 287 24.84 -33.70 -5.19
C ASP C 287 23.73 -33.64 -4.17
N GLN C 288 23.08 -32.48 -4.01
CA GLN C 288 21.98 -32.36 -3.06
C GLN C 288 20.70 -32.88 -3.67
N TYR C 289 20.29 -32.33 -4.82
CA TYR C 289 19.02 -32.74 -5.42
C TYR C 289 18.99 -34.22 -5.75
N LEU C 290 20.14 -34.86 -5.97
CA LEU C 290 20.11 -36.21 -6.54
C LEU C 290 20.42 -37.32 -5.54
N ILE C 291 20.73 -36.96 -4.29
CA ILE C 291 21.24 -37.97 -3.35
C ILE C 291 20.16 -39.00 -3.01
N GLN C 292 18.88 -38.61 -2.95
CA GLN C 292 17.83 -39.58 -2.62
C GLN C 292 17.70 -40.66 -3.70
N TYR C 293 17.77 -40.27 -4.97
CA TYR C 293 17.70 -41.26 -6.03
C TYR C 293 18.97 -42.09 -6.07
N TYR C 294 20.12 -41.45 -5.92
CA TYR C 294 21.36 -42.20 -5.87
C TYR C 294 21.33 -43.20 -4.72
N GLU C 295 21.01 -42.74 -3.50
CA GLU C 295 20.92 -43.66 -2.37
C GLU C 295 19.91 -44.77 -2.64
N LYS C 296 18.66 -44.39 -2.96
CA LYS C 296 17.61 -45.38 -3.13
C LYS C 296 17.99 -46.42 -4.18
N ASP C 297 18.57 -45.96 -5.30
CA ASP C 297 18.97 -46.86 -6.38
C ASP C 297 20.13 -47.76 -5.99
N LEU C 298 21.02 -47.30 -5.12
CA LEU C 298 22.14 -48.13 -4.72
C LEU C 298 21.68 -49.22 -3.76
N ALA C 299 20.67 -48.92 -2.93
CA ALA C 299 20.18 -49.88 -1.97
C ALA C 299 19.36 -50.96 -2.64
N ASP C 300 18.70 -50.62 -3.75
CA ASP C 300 17.82 -51.53 -4.47
C ASP C 300 18.54 -52.37 -5.52
N GLY C 301 19.87 -52.26 -5.64
CA GLY C 301 20.61 -52.93 -6.70
C GLY C 301 20.33 -52.42 -8.10
N THR C 302 19.37 -51.50 -8.26
CA THR C 302 19.02 -51.00 -9.58
C THR C 302 20.12 -50.15 -10.20
N MET C 303 21.15 -49.77 -9.44
CA MET C 303 22.28 -49.07 -10.02
C MET C 303 23.44 -49.12 -9.04
N THR C 304 24.64 -49.10 -9.60
CA THR C 304 25.88 -49.06 -8.84
C THR C 304 26.47 -47.65 -8.87
N GLN C 305 27.46 -47.44 -8.01
CA GLN C 305 28.16 -46.17 -8.06
C GLN C 305 28.84 -45.97 -9.40
N ASP C 306 29.33 -47.04 -10.04
CA ASP C 306 29.95 -46.86 -11.34
C ASP C 306 28.92 -46.56 -12.42
N GLU C 307 27.74 -47.19 -12.37
CA GLU C 307 26.70 -46.79 -13.30
C GLU C 307 26.35 -45.33 -13.10
N ALA C 308 26.20 -44.91 -11.84
CA ALA C 308 25.91 -43.52 -11.54
C ALA C 308 26.99 -42.60 -12.11
N GLN C 309 28.26 -42.94 -11.86
CA GLN C 309 29.35 -42.07 -12.27
C GLN C 309 29.40 -41.94 -13.79
N GLU C 310 29.25 -43.07 -14.49
CA GLU C 310 29.15 -43.03 -15.93
C GLU C 310 27.91 -42.25 -16.37
N LEU C 311 26.78 -42.46 -15.71
CA LEU C 311 25.62 -41.63 -16.02
C LEU C 311 25.94 -40.16 -15.83
N MET C 312 26.62 -39.82 -14.73
CA MET C 312 26.98 -38.43 -14.52
C MET C 312 27.94 -37.96 -15.59
N ASP C 313 28.83 -38.83 -16.03
CA ASP C 313 29.82 -38.41 -17.00
C ASP C 313 29.14 -38.06 -18.32
N CYS C 314 28.17 -38.87 -18.73
CA CYS C 314 27.40 -38.57 -19.92
C CYS C 314 26.75 -37.20 -19.82
N PHE C 315 25.95 -37.00 -18.76
CA PHE C 315 25.35 -35.70 -18.47
C PHE C 315 26.34 -34.58 -18.69
N TRP C 316 27.55 -34.72 -18.14
CA TRP C 316 28.55 -33.68 -18.30
C TRP C 316 28.78 -33.38 -19.77
N ILE C 317 28.90 -34.43 -20.59
CA ILE C 317 29.18 -34.21 -22.00
C ILE C 317 27.98 -33.62 -22.70
N LYS C 318 26.78 -34.17 -22.45
CA LYS C 318 25.56 -33.54 -22.92
C LYS C 318 25.53 -32.06 -22.55
N ILE C 319 25.73 -31.75 -21.26
CA ILE C 319 25.74 -30.35 -20.82
C ILE C 319 26.68 -29.54 -21.68
N SER C 320 27.83 -30.13 -22.02
CA SER C 320 28.92 -29.42 -22.68
C SER C 320 28.65 -29.16 -24.15
N GLU C 321 27.62 -29.79 -24.73
CA GLU C 321 27.27 -29.60 -26.13
C GLU C 321 26.43 -28.35 -26.37
N MET C 322 26.04 -27.60 -25.34
CA MET C 322 25.43 -26.31 -25.59
C MET C 322 26.51 -25.30 -25.93
N GLY C 323 26.24 -24.46 -26.93
CA GLY C 323 27.20 -23.45 -27.31
C GLY C 323 26.62 -22.05 -27.20
N LEU C 324 27.15 -21.23 -26.30
CA LEU C 324 26.62 -19.88 -26.15
C LEU C 324 26.82 -19.11 -27.45
N PHE C 325 25.70 -18.67 -28.04
CA PHE C 325 25.74 -17.84 -29.22
C PHE C 325 25.64 -16.37 -28.82
N GLN C 326 26.47 -15.54 -29.42
CA GLN C 326 26.36 -14.09 -29.23
C GLN C 326 26.87 -13.41 -30.47
N ASP C 327 26.62 -12.09 -30.54
CA ASP C 327 27.15 -11.25 -31.60
C ASP C 327 28.68 -11.16 -31.48
N GLY C 328 29.31 -10.64 -32.54
CA GLY C 328 30.75 -10.72 -32.63
C GLY C 328 31.47 -9.85 -31.63
N GLU C 329 30.87 -8.70 -31.29
CA GLU C 329 31.47 -7.80 -30.30
C GLU C 329 31.33 -8.37 -28.91
N SER C 330 30.17 -8.93 -28.60
CA SER C 330 29.96 -9.53 -27.29
C SER C 330 30.89 -10.70 -27.06
N ALA C 331 31.19 -11.46 -28.13
CA ALA C 331 31.99 -12.66 -27.99
C ALA C 331 33.40 -12.34 -27.54
N ALA C 332 33.87 -11.13 -27.78
CA ALA C 332 35.15 -10.74 -27.20
C ALA C 332 35.04 -10.66 -25.69
N PHE C 333 33.88 -10.27 -25.19
CA PHE C 333 33.66 -10.12 -23.76
C PHE C 333 33.36 -11.44 -23.09
N SER C 334 33.03 -12.48 -23.86
CA SER C 334 32.61 -13.74 -23.27
C SER C 334 32.98 -14.85 -24.26
N ALA C 335 34.28 -15.07 -24.41
CA ALA C 335 34.80 -15.89 -25.49
C ALA C 335 34.88 -17.34 -25.07
N GLY C 336 34.72 -18.23 -26.04
CA GLY C 336 34.84 -19.64 -25.82
C GLY C 336 33.54 -20.41 -25.82
N TYR C 337 32.47 -19.84 -26.36
CA TYR C 337 31.17 -20.50 -26.35
C TYR C 337 30.78 -20.90 -24.93
N ASN C 338 30.95 -19.96 -24.01
CA ASN C 338 30.84 -20.28 -22.58
C ASN C 338 29.40 -20.08 -22.13
N MET C 339 28.65 -21.18 -22.14
CA MET C 339 27.33 -21.26 -21.53
C MET C 339 27.41 -21.24 -20.02
N THR C 340 28.56 -21.60 -19.45
CA THR C 340 28.82 -21.61 -18.02
C THR C 340 27.60 -22.11 -17.24
N VAL C 341 27.22 -23.36 -17.53
CA VAL C 341 26.25 -24.06 -16.70
C VAL C 341 26.97 -24.56 -15.45
N GLN C 342 26.68 -23.96 -14.31
CA GLN C 342 27.38 -24.32 -13.08
C GLN C 342 26.64 -25.42 -12.33
N VAL C 343 27.37 -26.47 -12.05
CA VAL C 343 26.98 -27.45 -11.06
C VAL C 343 27.96 -27.25 -9.93
N CYS C 344 27.48 -27.31 -8.71
CA CYS C 344 28.38 -27.20 -7.59
C CYS C 344 28.18 -28.40 -6.68
N ALA C 345 29.22 -28.72 -5.91
CA ALA C 345 29.13 -29.73 -4.87
C ALA C 345 29.63 -29.16 -3.56
N GLY C 346 29.18 -29.75 -2.47
CA GLY C 346 29.65 -29.40 -1.15
C GLY C 346 28.83 -28.33 -0.46
N GLY C 347 29.46 -27.74 0.54
CA GLY C 347 28.73 -26.83 1.36
C GLY C 347 27.87 -27.56 2.38
N ILE C 348 26.83 -26.87 2.83
CA ILE C 348 26.07 -27.28 3.99
C ILE C 348 24.64 -27.56 3.56
N ASP C 349 23.92 -28.24 4.45
CA ASP C 349 22.57 -28.67 4.17
C ASP C 349 21.58 -27.85 5.01
N GLN C 350 20.32 -28.26 5.01
CA GLN C 350 19.26 -27.52 5.70
C GLN C 350 19.39 -27.53 7.21
N TYR C 351 20.28 -28.33 7.77
CA TYR C 351 20.54 -28.33 9.20
C TYR C 351 21.85 -27.65 9.49
N GLY C 352 22.43 -27.01 8.47
CA GLY C 352 23.72 -26.38 8.62
C GLY C 352 24.83 -27.37 8.69
N ASN C 353 24.55 -28.63 8.42
CA ASN C 353 25.55 -29.68 8.50
C ASN C 353 26.24 -29.87 7.15
N ASP C 354 27.38 -30.54 7.21
CA ASP C 354 28.16 -30.92 6.04
C ASP C 354 27.29 -31.57 4.97
N ALA C 355 27.19 -30.92 3.81
CA ALA C 355 26.37 -31.42 2.73
C ALA C 355 27.09 -32.42 1.83
N VAL C 356 28.43 -32.44 1.87
CA VAL C 356 29.19 -33.33 1.01
C VAL C 356 28.63 -34.75 1.08
N ASN C 357 28.54 -35.41 -0.06
CA ASN C 357 28.07 -36.80 -0.07
C ASN C 357 28.72 -37.53 -1.25
N ASP C 358 28.39 -38.81 -1.39
CA ASP C 358 28.95 -39.58 -2.50
C ASP C 358 28.94 -38.79 -3.78
N LEU C 359 27.77 -38.19 -4.09
CA LEU C 359 27.60 -37.45 -5.32
C LEU C 359 28.52 -36.24 -5.36
N SER C 360 28.88 -35.70 -4.20
CA SER C 360 29.79 -34.57 -4.14
C SER C 360 31.17 -34.93 -4.69
N TYR C 361 31.64 -36.13 -4.37
CA TYR C 361 32.93 -36.53 -4.90
C TYR C 361 32.84 -36.95 -6.36
N MET C 362 31.64 -37.35 -6.81
CA MET C 362 31.43 -37.75 -8.19
C MET C 362 31.23 -36.54 -9.08
N THR C 363 30.81 -35.43 -8.49
CA THR C 363 30.76 -34.18 -9.23
C THR C 363 32.15 -33.83 -9.72
N ILE C 364 33.11 -33.72 -8.80
CA ILE C 364 34.50 -33.51 -9.19
C ILE C 364 34.96 -34.60 -10.15
N GLN C 365 34.67 -35.87 -9.80
CA GLN C 365 35.08 -37.00 -10.64
C GLN C 365 34.55 -36.88 -12.06
N ALA C 366 33.27 -36.50 -12.21
CA ALA C 366 32.76 -36.32 -13.56
C ALA C 366 33.59 -35.30 -14.32
N THR C 367 34.10 -34.29 -13.63
CA THR C 367 34.91 -33.32 -14.33
C THR C 367 36.27 -33.90 -14.68
N GLN C 368 36.83 -34.74 -13.81
CA GLN C 368 38.11 -35.37 -14.13
C GLN C 368 37.94 -36.46 -15.18
N ASP C 369 36.75 -37.04 -15.32
CA ASP C 369 36.53 -38.09 -16.30
C ASP C 369 36.28 -37.52 -17.69
N THR C 370 35.59 -36.39 -17.77
CA THR C 370 35.13 -35.83 -19.04
C THR C 370 36.05 -34.73 -19.55
N ALA C 371 36.51 -33.84 -18.68
CA ALA C 371 37.62 -32.96 -19.00
C ALA C 371 37.27 -32.04 -20.18
N LEU C 372 36.05 -31.54 -20.18
CA LEU C 372 35.60 -30.59 -21.19
C LEU C 372 35.53 -29.20 -20.58
N LYS C 373 35.07 -28.24 -21.38
CA LYS C 373 34.97 -26.88 -20.88
C LYS C 373 33.77 -26.70 -19.97
N GLU C 374 32.75 -27.52 -20.12
CA GLU C 374 31.54 -27.49 -19.30
C GLU C 374 31.20 -28.90 -18.86
N PRO C 375 30.43 -29.05 -17.77
CA PRO C 375 29.87 -27.90 -17.08
C PRO C 375 30.89 -27.15 -16.25
N ASN C 376 30.52 -25.92 -15.88
CA ASN C 376 31.34 -25.13 -14.98
C ASN C 376 31.27 -25.72 -13.55
N MET C 377 32.18 -26.64 -13.24
CA MET C 377 32.10 -27.38 -11.99
C MET C 377 32.88 -26.64 -10.92
N THR C 378 32.21 -26.41 -9.80
CA THR C 378 32.78 -25.65 -8.70
C THR C 378 32.37 -26.32 -7.40
N VAL C 379 33.02 -25.92 -6.32
CA VAL C 379 32.75 -26.50 -5.01
C VAL C 379 32.49 -25.37 -4.02
N ARG C 380 31.38 -25.52 -3.29
CA ARG C 380 31.13 -24.72 -2.10
C ARG C 380 31.94 -25.35 -0.98
N TYR C 381 33.01 -24.68 -0.57
CA TYR C 381 33.86 -25.22 0.49
C TYR C 381 33.48 -24.56 1.82
N SER C 382 32.89 -25.34 2.70
CA SER C 382 32.57 -24.88 4.05
C SER C 382 33.74 -25.25 4.93
N ILE C 383 34.55 -24.25 5.31
CA ILE C 383 35.74 -24.55 6.08
C ILE C 383 35.39 -25.28 7.38
N SER C 384 34.22 -24.97 7.97
CA SER C 384 33.92 -25.46 9.30
C SER C 384 33.22 -26.81 9.28
N LYS C 385 32.82 -27.29 8.10
CA LYS C 385 31.90 -28.40 7.90
C LYS C 385 32.40 -29.45 6.92
N ASN C 386 32.96 -29.02 5.74
CA ASN C 386 33.28 -30.01 4.71
C ASN C 386 34.59 -30.73 5.01
N PRO C 387 34.62 -32.05 4.75
CA PRO C 387 35.81 -32.86 5.08
C PRO C 387 37.00 -32.52 4.22
N ASP C 388 38.18 -32.65 4.84
CA ASP C 388 39.43 -32.44 4.11
C ASP C 388 39.51 -33.31 2.86
N SER C 389 39.06 -34.56 2.94
CA SER C 389 39.06 -35.41 1.76
C SER C 389 38.42 -34.71 0.56
N PHE C 390 37.33 -34.01 0.80
CA PHE C 390 36.61 -33.39 -0.31
C PHE C 390 37.36 -32.17 -0.84
N LEU C 391 37.91 -31.37 0.07
CA LEU C 391 38.73 -30.26 -0.40
C LEU C 391 39.96 -30.78 -1.13
N ARG C 392 40.42 -32.00 -0.82
CA ARG C 392 41.60 -32.53 -1.45
C ARG C 392 41.31 -33.16 -2.80
N LYS C 393 40.14 -33.77 -2.96
CA LYS C 393 39.74 -34.25 -4.28
C LYS C 393 39.59 -33.08 -5.25
N ALA C 394 39.18 -31.91 -4.74
CA ALA C 394 39.13 -30.70 -5.54
C ALA C 394 40.53 -30.24 -5.91
N ALA C 395 41.42 -30.18 -4.94
CA ALA C 395 42.82 -29.90 -5.26
C ALA C 395 43.33 -30.86 -6.32
N GLU C 396 43.12 -32.17 -6.11
CA GLU C 396 43.57 -33.16 -7.09
C GLU C 396 43.15 -32.76 -8.50
N CYS C 397 41.87 -32.44 -8.65
CA CYS C 397 41.32 -32.06 -9.94
C CYS C 397 42.08 -30.88 -10.52
N ILE C 398 42.09 -29.77 -9.76
CA ILE C 398 42.89 -28.61 -10.11
C ILE C 398 44.29 -29.01 -10.55
N ARG C 399 44.89 -29.99 -9.86
CA ARG C 399 46.26 -30.35 -10.18
C ARG C 399 46.37 -30.99 -11.56
N MET C 400 45.37 -31.76 -11.95
CA MET C 400 45.37 -32.44 -13.23
C MET C 400 45.04 -31.53 -14.38
N GLY C 401 45.14 -30.22 -14.17
CA GLY C 401 44.86 -29.26 -15.22
C GLY C 401 43.44 -29.23 -15.70
N ARG C 402 42.47 -29.67 -14.89
CA ARG C 402 41.08 -29.63 -15.33
C ARG C 402 40.49 -28.24 -15.27
N THR C 403 41.21 -27.28 -14.65
CA THR C 403 40.82 -25.88 -14.51
C THR C 403 39.57 -25.73 -13.65
N MET C 404 39.09 -26.82 -13.07
CA MET C 404 37.99 -26.82 -12.13
C MET C 404 38.43 -27.72 -10.99
N PRO C 405 37.73 -27.69 -9.86
CA PRO C 405 36.64 -26.73 -9.72
C PRO C 405 37.17 -25.37 -9.30
N ALA C 406 36.37 -24.34 -9.56
CA ALA C 406 36.54 -23.15 -8.78
C ALA C 406 36.14 -23.47 -7.35
N VAL C 407 36.64 -22.69 -6.41
CA VAL C 407 36.44 -22.96 -5.00
C VAL C 407 35.77 -21.74 -4.40
N TYR C 408 34.57 -21.94 -3.85
CA TYR C 408 33.78 -20.89 -3.24
C TYR C 408 33.88 -21.04 -1.74
N HIS C 409 34.31 -19.97 -1.07
CA HIS C 409 34.19 -19.86 0.38
C HIS C 409 32.72 -19.75 0.73
N ASP C 410 32.18 -20.85 1.25
CA ASP C 410 30.74 -21.04 1.35
C ASP C 410 30.06 -19.90 2.10
N ASP C 411 30.58 -19.55 3.29
CA ASP C 411 29.99 -18.45 4.04
C ASP C 411 29.90 -17.16 3.21
N ALA C 412 30.94 -16.87 2.43
CA ALA C 412 30.93 -15.70 1.56
C ALA C 412 29.76 -15.73 0.58
N GLY C 413 29.48 -16.91 0.01
CA GLY C 413 28.28 -17.04 -0.79
C GLY C 413 27.03 -16.72 0.02
N ILE C 414 26.95 -17.27 1.23
CA ILE C 414 25.75 -17.09 2.05
C ILE C 414 25.55 -15.62 2.35
N LYS C 415 26.61 -14.94 2.79
CA LYS C 415 26.52 -13.50 3.03
C LYS C 415 26.00 -12.75 1.82
N MET C 416 26.45 -13.14 0.62
CA MET C 416 25.93 -12.51 -0.60
C MET C 416 24.42 -12.71 -0.70
N LEU C 417 23.95 -13.95 -0.53
CA LEU C 417 22.51 -14.16 -0.62
C LEU C 417 21.78 -13.42 0.49
N LEU C 418 22.32 -13.48 1.71
CA LEU C 418 21.76 -12.69 2.79
C LEU C 418 21.72 -11.21 2.41
N ASN C 419 22.77 -10.72 1.74
CA ASN C 419 22.80 -9.31 1.33
C ASN C 419 21.95 -9.02 0.10
N LYS C 420 21.32 -10.03 -0.48
CA LYS C 420 20.28 -9.81 -1.47
C LYS C 420 18.89 -9.91 -0.84
N GLY C 421 18.82 -10.09 0.46
CA GLY C 421 17.56 -10.15 1.16
C GLY C 421 17.00 -11.54 1.26
N ILE C 422 17.81 -12.56 1.06
CA ILE C 422 17.36 -13.94 1.22
C ILE C 422 17.57 -14.31 2.68
N PRO C 423 16.55 -14.76 3.41
CA PRO C 423 16.74 -15.09 4.82
C PRO C 423 17.70 -16.25 4.96
N MET C 424 18.42 -16.25 6.08
CA MET C 424 19.36 -17.33 6.35
C MET C 424 18.66 -18.68 6.27
N SER C 425 17.36 -18.71 6.57
CA SER C 425 16.62 -19.96 6.48
C SER C 425 16.76 -20.60 5.10
N GLN C 426 17.01 -19.79 4.07
CA GLN C 426 17.17 -20.30 2.71
C GLN C 426 18.55 -20.11 2.15
N ALA C 427 19.28 -19.08 2.60
CA ALA C 427 20.53 -18.67 1.96
C ALA C 427 21.57 -19.76 1.99
N TRP C 428 21.44 -20.70 2.92
CA TRP C 428 22.40 -21.79 3.01
C TRP C 428 22.39 -22.60 1.73
N ASP C 429 21.31 -22.49 1.00
CA ASP C 429 21.09 -23.24 -0.21
C ASP C 429 21.57 -22.49 -1.43
N TRP C 430 22.51 -21.57 -1.27
CA TRP C 430 22.92 -20.78 -2.41
C TRP C 430 23.60 -21.66 -3.44
N THR C 431 23.69 -21.14 -4.68
CA THR C 431 24.40 -21.83 -5.75
C THR C 431 25.22 -20.80 -6.49
N PRO C 432 26.50 -21.05 -6.73
CA PRO C 432 27.27 -20.14 -7.58
C PRO C 432 26.71 -20.16 -9.00
N CYS C 433 26.77 -19.01 -9.65
CA CYS C 433 26.05 -18.78 -10.90
C CYS C 433 27.02 -18.50 -12.03
N GLY C 434 26.80 -19.13 -13.17
CA GLY C 434 27.66 -18.97 -14.33
C GLY C 434 29.14 -18.92 -13.99
N CYS C 435 29.69 -17.71 -13.98
CA CYS C 435 31.04 -17.51 -13.48
C CYS C 435 31.02 -17.55 -11.96
N VAL C 436 30.68 -16.42 -11.33
CA VAL C 436 30.83 -16.26 -9.89
C VAL C 436 29.58 -15.73 -9.22
N GLU C 437 28.52 -15.44 -9.95
CA GLU C 437 27.35 -14.85 -9.31
C GLU C 437 26.69 -15.84 -8.37
N THR C 438 25.69 -15.38 -7.63
CA THR C 438 25.00 -16.20 -6.66
C THR C 438 23.54 -16.36 -7.08
N ASN C 439 22.96 -17.49 -6.70
CA ASN C 439 21.67 -17.93 -7.17
C ASN C 439 20.99 -18.65 -6.02
N LEU C 440 19.70 -18.86 -6.15
CA LEU C 440 19.01 -19.76 -5.24
C LEU C 440 17.98 -20.51 -6.06
N GLU C 441 18.23 -21.80 -6.22
CA GLU C 441 17.39 -22.77 -6.91
C GLU C 441 15.92 -22.40 -6.96
N GLY C 442 15.45 -21.92 -8.12
CA GLY C 442 14.04 -21.74 -8.41
C GLY C 442 13.35 -20.67 -7.63
N ARG C 443 14.08 -19.83 -6.94
CA ARG C 443 13.50 -18.90 -6.01
C ARG C 443 13.92 -17.47 -6.26
N LEU C 444 15.05 -17.25 -6.93
CA LEU C 444 15.71 -15.97 -7.05
C LEU C 444 15.78 -15.56 -8.51
N LYS C 445 15.45 -14.30 -8.79
CA LYS C 445 15.49 -13.74 -10.13
C LYS C 445 16.42 -12.53 -10.19
N SER C 446 17.27 -12.50 -11.20
CA SER C 446 17.77 -11.22 -11.70
C SER C 446 18.81 -11.51 -12.78
N TYR C 447 19.06 -10.51 -13.61
CA TYR C 447 20.27 -10.50 -14.41
C TYR C 447 21.45 -10.34 -13.47
N THR C 448 22.38 -11.27 -13.53
CA THR C 448 23.58 -11.12 -12.70
C THR C 448 24.60 -10.19 -13.32
N ASP C 449 24.44 -9.85 -14.60
CA ASP C 449 25.51 -9.18 -15.33
C ASP C 449 24.85 -8.48 -16.53
N ILE C 450 24.38 -7.25 -16.32
CA ILE C 450 23.77 -6.54 -17.44
C ILE C 450 24.81 -5.89 -18.35
N GLY C 451 26.05 -5.84 -17.93
CA GLY C 451 27.06 -5.17 -18.70
C GLY C 451 28.21 -4.74 -17.83
N GLU C 452 29.18 -4.08 -18.47
CA GLU C 452 30.50 -3.91 -17.89
C GLU C 452 30.82 -2.43 -17.76
N ILE C 453 31.23 -2.04 -16.57
CA ILE C 453 31.86 -0.75 -16.34
C ILE C 453 33.38 -0.96 -16.41
N SER C 454 34.03 -0.27 -17.32
CA SER C 454 35.50 -0.33 -17.37
C SER C 454 36.05 0.63 -16.32
N MET C 455 36.60 0.08 -15.23
CA MET C 455 37.27 0.90 -14.24
C MET C 455 38.56 1.49 -14.80
N GLY C 456 39.25 0.73 -15.65
CA GLY C 456 40.27 1.35 -16.47
C GLY C 456 39.77 2.62 -17.11
N GLY C 457 38.61 2.55 -17.75
CA GLY C 457 38.05 3.74 -18.38
C GLY C 457 37.88 4.87 -17.40
N VAL C 458 37.37 4.57 -16.21
CA VAL C 458 37.16 5.59 -15.18
C VAL C 458 38.45 6.36 -14.90
N VAL C 459 39.58 5.66 -14.81
CA VAL C 459 40.85 6.35 -14.60
C VAL C 459 41.21 7.19 -15.82
N ASP C 460 41.16 6.60 -17.00
CA ASP C 460 41.38 7.37 -18.21
C ASP C 460 40.52 8.64 -18.23
N MET C 461 39.22 8.48 -17.99
CA MET C 461 38.33 9.65 -17.99
C MET C 461 38.82 10.70 -17.00
N VAL C 462 39.22 10.28 -15.80
CA VAL C 462 39.78 11.26 -14.87
C VAL C 462 41.02 11.90 -15.47
N MET C 463 41.88 11.09 -16.10
CA MET C 463 43.17 11.62 -16.52
C MET C 463 43.04 12.51 -17.75
N ASN C 464 42.08 12.22 -18.62
CA ASN C 464 41.83 13.02 -19.81
C ASN C 464 40.62 13.92 -19.67
N ASN C 465 40.17 14.17 -18.45
CA ASN C 465 39.01 15.03 -18.19
C ASN C 465 37.83 14.67 -19.11
N GLY C 466 37.49 13.38 -19.09
CA GLY C 466 36.33 12.82 -19.75
C GLY C 466 36.42 12.62 -21.24
N ARG C 467 37.59 12.75 -21.84
CA ARG C 467 37.70 12.66 -23.29
C ARG C 467 38.37 11.36 -23.71
N SER C 468 37.87 10.78 -24.80
CA SER C 468 38.44 9.55 -25.32
C SER C 468 39.90 9.79 -25.71
N ARG C 469 40.79 8.92 -25.21
CA ARG C 469 42.17 8.97 -25.67
C ARG C 469 42.28 8.46 -27.10
N LYS C 470 41.32 7.65 -27.54
CA LYS C 470 41.23 7.21 -28.92
C LYS C 470 40.79 8.37 -29.80
N THR C 471 39.50 8.67 -29.80
CA THR C 471 38.93 9.70 -30.67
C THR C 471 39.17 11.12 -30.18
N GLY C 472 39.44 11.31 -28.89
CA GLY C 472 39.55 12.65 -28.35
C GLY C 472 38.24 13.33 -28.00
N GLU C 473 37.10 12.70 -28.23
CA GLU C 473 35.84 13.38 -27.92
C GLU C 473 35.43 13.21 -26.47
N GLN C 474 34.72 14.20 -25.96
CA GLN C 474 34.04 14.14 -24.67
C GLN C 474 33.10 12.94 -24.58
N ILE C 475 33.57 11.82 -24.05
CA ILE C 475 32.71 10.64 -23.96
C ILE C 475 32.11 10.52 -22.57
N SER C 476 32.78 11.08 -21.56
CA SER C 476 32.23 11.10 -20.21
C SER C 476 32.18 12.52 -19.66
N ILE C 477 31.81 12.67 -18.38
CA ILE C 477 31.68 14.01 -17.81
C ILE C 477 33.05 14.68 -17.72
N ARG C 478 33.03 16.00 -17.54
CA ARG C 478 34.26 16.78 -17.42
C ARG C 478 34.66 16.81 -15.95
N THR C 479 35.61 15.97 -15.59
CA THR C 479 36.01 15.83 -14.19
C THR C 479 36.95 16.92 -13.73
N GLY C 480 37.64 17.59 -14.64
CA GLY C 480 38.63 18.58 -14.29
C GLY C 480 40.03 18.23 -14.75
N ASP C 481 40.76 19.20 -15.27
CA ASP C 481 42.15 18.97 -15.57
C ASP C 481 42.88 18.44 -14.33
N PRO C 482 43.43 17.21 -14.39
CA PRO C 482 44.14 16.66 -13.24
C PRO C 482 45.35 17.48 -12.85
N ARG C 483 45.85 18.32 -13.75
CA ARG C 483 46.89 19.26 -13.35
C ARG C 483 46.40 20.18 -12.24
N ASP C 484 45.09 20.34 -12.09
CA ASP C 484 44.54 21.21 -11.06
C ASP C 484 44.09 20.45 -9.82
N PHE C 485 44.42 19.17 -9.72
CA PHE C 485 44.19 18.40 -8.50
C PHE C 485 45.28 18.78 -7.52
N LYS C 486 44.99 19.71 -6.61
CA LYS C 486 46.00 20.07 -5.62
C LYS C 486 46.33 18.88 -4.74
N THR C 487 45.33 18.05 -4.43
CA THR C 487 45.42 17.00 -3.43
C THR C 487 45.01 15.65 -4.01
N PHE C 488 45.54 14.58 -3.42
CA PHE C 488 45.05 13.25 -3.77
C PHE C 488 43.56 13.15 -3.52
N ASP C 489 43.06 13.79 -2.47
CA ASP C 489 41.63 13.78 -2.24
C ASP C 489 40.87 14.46 -3.37
N ASP C 490 41.46 15.50 -3.98
CA ASP C 490 40.86 16.11 -5.18
C ASP C 490 40.91 15.14 -6.34
N PHE C 491 42.02 14.45 -6.48
CA PHE C 491 42.09 13.30 -7.39
C PHE C 491 40.94 12.34 -7.14
N MET C 492 40.86 11.80 -5.91
CA MET C 492 39.87 10.77 -5.65
C MET C 492 38.44 11.27 -5.86
N ALA C 493 38.19 12.57 -5.63
CA ALA C 493 36.86 13.13 -5.88
C ALA C 493 36.52 13.06 -7.37
N ALA C 494 37.49 13.33 -8.23
CA ALA C 494 37.25 13.20 -9.66
C ALA C 494 37.05 11.74 -10.03
N VAL C 495 37.75 10.83 -9.37
CA VAL C 495 37.54 9.41 -9.59
C VAL C 495 36.14 8.99 -9.15
N LYS C 496 35.71 9.46 -7.98
CA LYS C 496 34.35 9.14 -7.54
C LYS C 496 33.30 9.81 -8.42
N LYS C 497 33.57 11.05 -8.84
CA LYS C 497 32.67 11.70 -9.79
C LYS C 497 32.53 10.91 -11.09
N GLN C 498 33.61 10.28 -11.54
CA GLN C 498 33.52 9.46 -12.75
C GLN C 498 32.77 8.16 -12.48
N ILE C 499 33.08 7.51 -11.36
CA ILE C 499 32.33 6.32 -10.99
C ILE C 499 30.85 6.62 -10.97
N ASP C 500 30.47 7.81 -10.46
CA ASP C 500 29.05 8.14 -10.37
C ASP C 500 28.42 8.13 -11.74
N HIS C 501 29.17 8.59 -12.75
CA HIS C 501 28.60 8.72 -14.06
C HIS C 501 28.59 7.40 -14.81
N PHE C 502 29.64 6.60 -14.65
CA PHE C 502 29.62 5.26 -15.21
C PHE C 502 28.43 4.48 -14.66
N VAL C 503 28.38 4.34 -13.33
CA VAL C 503 27.26 3.71 -12.64
C VAL C 503 25.94 4.27 -13.14
N HIS C 504 25.81 5.59 -13.06
CA HIS C 504 24.58 6.24 -13.50
C HIS C 504 24.20 5.81 -14.91
N THR C 505 25.18 5.63 -15.80
CA THR C 505 24.83 5.28 -17.17
C THR C 505 24.42 3.82 -17.27
N MET C 506 25.08 2.96 -16.51
CA MET C 506 24.65 1.57 -16.45
C MET C 506 23.25 1.46 -15.88
N ALA C 507 22.94 2.26 -14.84
CA ALA C 507 21.61 2.24 -14.26
C ALA C 507 20.57 2.66 -15.29
N THR C 508 20.87 3.68 -16.07
CA THR C 508 20.02 4.05 -17.19
C THR C 508 19.78 2.86 -18.11
N MET C 509 20.87 2.25 -18.59
CA MET C 509 20.70 1.09 -19.44
C MET C 509 19.81 0.05 -18.77
N ASN C 510 19.93 -0.12 -17.46
CA ASN C 510 19.21 -1.19 -16.79
C ASN C 510 17.70 -0.97 -16.89
N SER C 511 17.25 0.28 -16.86
CA SER C 511 15.82 0.50 -16.98
C SER C 511 15.30 0.03 -18.33
N TYR C 512 16.08 0.25 -19.40
CA TYR C 512 15.65 -0.23 -20.71
C TYR C 512 15.75 -1.75 -20.80
N LEU C 513 16.75 -2.33 -20.14
CA LEU C 513 16.86 -3.78 -20.13
C LEU C 513 15.66 -4.39 -19.41
N ASP C 514 15.27 -3.79 -18.29
CA ASP C 514 14.11 -4.28 -17.55
C ASP C 514 12.84 -4.09 -18.36
N TYR C 515 12.67 -2.89 -18.92
CA TYR C 515 11.54 -2.63 -19.81
C TYR C 515 11.46 -3.68 -20.91
N LEU C 516 12.50 -3.74 -21.76
CA LEU C 516 12.47 -4.69 -22.87
C LEU C 516 12.22 -6.11 -22.38
N SER C 517 12.88 -6.51 -21.30
CA SER C 517 12.77 -7.88 -20.81
C SER C 517 11.37 -8.21 -20.33
N GLU C 518 10.77 -7.33 -19.54
CA GLU C 518 9.45 -7.62 -19.01
C GLU C 518 8.45 -7.82 -20.13
N ASN C 519 8.62 -7.08 -21.21
CA ASN C 519 7.62 -7.09 -22.25
C ASN C 519 7.91 -8.14 -23.31
N TYR C 520 9.19 -8.39 -23.61
CA TYR C 520 9.57 -9.16 -24.79
C TYR C 520 10.39 -10.39 -24.47
N ARG C 521 10.64 -10.67 -23.20
CA ARG C 521 11.40 -11.84 -22.81
C ARG C 521 10.70 -12.59 -21.69
N PRO C 522 9.49 -13.09 -21.93
CA PRO C 522 8.87 -13.99 -20.97
C PRO C 522 9.44 -15.39 -21.17
N VAL C 523 9.63 -16.09 -20.07
CA VAL C 523 10.30 -17.38 -20.16
C VAL C 523 9.39 -18.41 -19.52
N PRO C 524 8.29 -18.75 -20.18
CA PRO C 524 7.33 -19.68 -19.56
C PRO C 524 7.97 -21.00 -19.15
N ALA C 525 8.84 -21.56 -19.99
CA ALA C 525 9.49 -22.82 -19.61
C ALA C 525 10.30 -22.68 -18.34
N LEU C 526 11.08 -21.61 -18.21
CA LEU C 526 11.83 -21.40 -16.99
C LEU C 526 10.89 -21.26 -15.80
N SER C 527 9.81 -20.47 -15.98
CA SER C 527 8.93 -20.18 -14.87
C SER C 527 8.23 -21.41 -14.36
N LEU C 528 8.20 -22.47 -15.18
CA LEU C 528 7.68 -23.75 -14.72
C LEU C 528 8.24 -24.15 -13.37
N THR C 529 9.55 -23.99 -13.19
CA THR C 529 10.18 -24.49 -11.98
C THR C 529 10.48 -23.40 -10.95
N TYR C 530 9.94 -22.20 -11.13
CA TYR C 530 9.91 -21.21 -10.07
C TYR C 530 8.53 -21.26 -9.39
N PRO C 531 8.40 -21.95 -8.25
CA PRO C 531 7.05 -22.15 -7.65
C PRO C 531 6.30 -20.89 -7.34
N ASN C 532 6.96 -19.84 -6.88
CA ASN C 532 6.20 -18.64 -6.59
C ASN C 532 5.47 -18.14 -7.82
N CYS C 533 6.03 -18.42 -9.00
CA CYS C 533 5.38 -18.02 -10.24
C CYS C 533 4.00 -18.64 -10.34
N MET C 534 3.88 -19.89 -9.92
CA MET C 534 2.59 -20.58 -9.92
C MET C 534 1.62 -19.91 -8.96
N ALA C 535 2.10 -19.52 -7.78
CA ALA C 535 1.22 -18.97 -6.74
C ALA C 535 0.82 -17.54 -7.01
N VAL C 536 1.67 -16.74 -7.65
CA VAL C 536 1.33 -15.34 -7.93
C VAL C 536 0.87 -15.10 -9.37
N GLY C 537 0.99 -16.09 -10.24
CA GLY C 537 0.52 -15.92 -11.62
C GLY C 537 1.31 -14.93 -12.43
N LYS C 538 2.64 -14.93 -12.31
CA LYS C 538 3.48 -13.97 -13.02
C LYS C 538 4.76 -14.66 -13.46
N ASP C 539 5.15 -14.42 -14.71
CA ASP C 539 6.35 -15.04 -15.26
C ASP C 539 7.60 -14.61 -14.51
N TYR C 540 8.58 -15.50 -14.48
CA TYR C 540 9.93 -15.17 -14.02
C TYR C 540 10.30 -13.75 -14.46
N ALA C 541 9.97 -13.41 -15.71
CA ALA C 541 10.38 -12.11 -16.25
C ALA C 541 9.74 -10.94 -15.52
N ASN C 542 8.55 -11.15 -14.94
CA ASN C 542 7.73 -10.07 -14.41
C ASN C 542 7.62 -10.11 -12.90
N GLY C 543 8.69 -10.51 -12.22
CA GLY C 543 8.72 -10.50 -10.77
C GLY C 543 8.02 -11.67 -10.09
N GLY C 544 7.76 -12.76 -10.81
CA GLY C 544 7.08 -13.89 -10.22
C GLY C 544 7.93 -14.75 -9.30
N ALA C 545 9.26 -14.71 -9.45
CA ALA C 545 10.12 -15.49 -8.57
C ALA C 545 9.94 -15.05 -7.12
N GLU C 546 10.08 -16.00 -6.20
CA GLU C 546 9.88 -15.67 -4.79
C GLU C 546 10.79 -14.53 -4.33
N PHE C 547 11.99 -14.43 -4.90
CA PHE C 547 12.92 -13.39 -4.51
C PHE C 547 13.37 -12.66 -5.77
N ASN C 548 13.30 -11.33 -5.73
CA ASN C 548 13.74 -10.54 -6.86
C ASN C 548 14.75 -9.52 -6.38
N VAL C 549 15.93 -9.50 -6.99
CA VAL C 549 16.88 -8.42 -6.80
C VAL C 549 17.09 -7.73 -8.13
N GLY C 550 17.50 -6.47 -8.05
CA GLY C 550 17.78 -5.74 -9.26
C GLY C 550 19.05 -6.24 -9.93
N ASN C 551 19.14 -5.93 -11.21
CA ASN C 551 20.19 -6.51 -12.02
C ASN C 551 21.58 -6.08 -11.55
N GLY C 552 22.54 -6.97 -11.76
CA GLY C 552 23.91 -6.72 -11.35
C GLY C 552 24.67 -5.90 -12.39
N ILE C 553 25.43 -4.95 -11.89
CA ILE C 553 26.38 -4.18 -12.67
C ILE C 553 27.75 -4.85 -12.56
N ASN C 554 28.37 -5.11 -13.70
CA ASN C 554 29.63 -5.82 -13.74
C ASN C 554 30.80 -4.84 -13.79
N ILE C 555 31.81 -5.07 -12.95
CA ILE C 555 32.92 -4.14 -12.80
C ILE C 555 34.20 -4.80 -13.31
N ILE C 556 34.78 -4.23 -14.36
CA ILE C 556 36.01 -4.72 -14.96
C ILE C 556 37.15 -3.76 -14.64
N GLY C 557 38.32 -4.29 -14.35
CA GLY C 557 39.51 -3.48 -14.23
C GLY C 557 40.02 -3.20 -12.84
N GLN C 558 39.88 -4.14 -11.91
CA GLN C 558 40.19 -3.84 -10.52
C GLN C 558 41.62 -3.37 -10.36
N ALA C 559 42.58 -4.24 -10.68
CA ALA C 559 43.97 -3.88 -10.45
C ALA C 559 44.33 -2.59 -11.15
N ASP C 560 43.64 -2.25 -12.23
CA ASP C 560 44.02 -1.08 -13.01
C ASP C 560 43.64 0.22 -12.31
N ILE C 561 42.40 0.33 -11.80
CA ILE C 561 42.05 1.55 -11.07
C ILE C 561 42.77 1.58 -9.74
N ILE C 562 42.85 0.44 -9.05
CA ILE C 562 43.58 0.36 -7.80
C ILE C 562 45.02 0.79 -8.00
N ASN C 563 45.68 0.23 -9.03
CA ASN C 563 47.09 0.54 -9.23
C ASN C 563 47.28 1.97 -9.69
N SER C 564 46.33 2.46 -10.47
CA SER C 564 46.41 3.82 -10.98
C SER C 564 46.13 4.82 -9.87
N VAL C 565 45.19 4.48 -8.99
CA VAL C 565 44.93 5.34 -7.84
C VAL C 565 46.11 5.30 -6.88
N ALA C 566 46.56 4.09 -6.53
CA ALA C 566 47.72 3.97 -5.66
C ALA C 566 48.95 4.63 -6.27
N ASP C 567 49.15 4.49 -7.58
CA ASP C 567 50.38 4.97 -8.17
C ASP C 567 50.32 6.47 -8.44
N ILE C 568 49.14 6.99 -8.81
CA ILE C 568 48.95 8.44 -8.83
C ILE C 568 49.33 9.03 -7.47
N LYS C 569 48.76 8.48 -6.40
CA LYS C 569 49.07 8.99 -5.06
C LYS C 569 50.58 8.89 -4.79
N TYR C 570 51.17 7.74 -5.09
CA TYR C 570 52.59 7.55 -4.83
C TYR C 570 53.43 8.50 -5.68
N LEU C 571 53.21 8.51 -6.99
CA LEU C 571 54.11 9.21 -7.89
C LEU C 571 53.94 10.73 -7.84
N VAL C 572 52.71 11.19 -7.66
CA VAL C 572 52.39 12.59 -7.80
C VAL C 572 52.30 13.30 -6.45
N PHE C 573 51.63 12.69 -5.48
CA PHE C 573 51.20 13.40 -4.29
C PHE C 573 52.02 13.07 -3.06
N ASP C 574 52.45 11.82 -2.94
CA ASP C 574 53.26 11.42 -1.79
C ASP C 574 54.73 11.64 -2.12
N GLU C 575 55.25 10.87 -3.08
CA GLU C 575 56.67 10.94 -3.41
C GLU C 575 57.04 12.11 -4.31
N LYS C 576 56.07 12.74 -4.96
CA LYS C 576 56.39 13.85 -5.84
C LYS C 576 57.54 13.47 -6.79
N LYS C 577 57.58 12.19 -7.17
CA LYS C 577 58.55 11.77 -8.16
C LYS C 577 58.29 12.41 -9.51
N ILE C 578 57.12 13.03 -9.71
CA ILE C 578 56.75 13.52 -11.03
C ILE C 578 55.56 14.47 -10.93
N SER C 579 55.53 15.48 -11.80
CA SER C 579 54.41 16.39 -11.79
C SER C 579 53.20 15.70 -12.42
N MET C 580 52.01 16.15 -12.02
CA MET C 580 50.81 15.75 -12.74
C MET C 580 50.97 16.08 -14.21
N ASP C 581 51.35 17.32 -14.50
CA ASP C 581 51.58 17.76 -15.88
C ASP C 581 52.39 16.75 -16.67
N GLU C 582 53.61 16.45 -16.23
CA GLU C 582 54.43 15.49 -16.96
C GLU C 582 53.75 14.13 -17.02
N LEU C 583 53.16 13.68 -15.91
CA LEU C 583 52.42 12.43 -15.93
C LEU C 583 51.33 12.43 -16.99
N CYS C 584 50.57 13.52 -17.07
CA CYS C 584 49.54 13.61 -18.10
C CYS C 584 50.15 13.52 -19.48
N ARG C 585 51.28 14.17 -19.70
CA ARG C 585 51.92 14.12 -21.01
C ARG C 585 52.41 12.71 -21.34
N ALA C 586 52.89 11.97 -20.34
CA ALA C 586 53.28 10.60 -20.60
C ALA C 586 52.08 9.74 -20.99
N LEU C 587 50.95 9.91 -20.30
CA LEU C 587 49.76 9.15 -20.66
C LEU C 587 49.28 9.50 -22.07
N ASP C 588 49.23 10.80 -22.39
CA ASP C 588 48.89 11.20 -23.74
C ASP C 588 49.78 10.49 -24.76
N ALA C 589 51.08 10.63 -24.61
CA ALA C 589 52.04 10.00 -25.50
C ALA C 589 51.98 8.47 -25.43
N ASP C 590 51.16 7.90 -24.56
CA ASP C 590 51.23 6.47 -24.28
C ASP C 590 52.65 6.08 -23.89
N PHE C 591 53.29 6.97 -23.14
CA PHE C 591 54.62 6.75 -22.59
C PHE C 591 55.73 6.86 -23.64
N GLU C 592 55.36 6.89 -24.91
CA GLU C 592 56.35 7.07 -25.96
C GLU C 592 57.04 8.41 -25.79
N GLY C 593 58.36 8.38 -25.65
CA GLY C 593 59.11 9.55 -25.28
C GLY C 593 59.14 9.83 -23.79
N TYR C 594 58.47 9.00 -22.99
CA TYR C 594 58.41 9.12 -21.54
C TYR C 594 58.65 7.75 -20.90
N GLU C 595 59.70 7.07 -21.36
CA GLU C 595 59.94 5.69 -20.95
C GLU C 595 60.44 5.61 -19.52
N HIS C 596 61.06 6.68 -19.01
CA HIS C 596 61.39 6.71 -17.59
C HIS C 596 60.14 6.90 -16.76
N ILE C 597 59.11 7.52 -17.33
CA ILE C 597 57.85 7.60 -16.60
C ILE C 597 57.21 6.23 -16.53
N HIS C 598 57.19 5.54 -17.66
CA HIS C 598 56.62 4.21 -17.68
C HIS C 598 57.31 3.30 -16.69
N LYS C 599 58.64 3.43 -16.56
CA LYS C 599 59.35 2.58 -15.61
C LYS C 599 58.99 2.98 -14.18
N MET C 600 58.92 4.29 -13.93
CA MET C 600 58.55 4.77 -12.61
C MET C 600 57.12 4.38 -12.26
N CYS C 601 56.21 4.41 -13.24
CA CYS C 601 54.85 3.91 -13.02
C CYS C 601 54.86 2.40 -12.79
N MET C 602 55.73 1.68 -13.49
CA MET C 602 55.77 0.23 -13.34
C MET C 602 56.30 -0.15 -11.97
N ASP C 603 57.15 0.70 -11.39
CA ASP C 603 57.77 0.47 -10.11
C ASP C 603 56.97 1.00 -8.93
N ALA C 604 55.99 1.85 -9.19
CA ALA C 604 55.12 2.29 -8.13
C ALA C 604 54.36 1.10 -7.53
N PRO C 605 53.85 1.23 -6.30
CA PRO C 605 53.08 0.16 -5.67
C PRO C 605 52.21 -0.60 -6.62
N LYS C 606 52.19 -1.92 -6.47
CA LYS C 606 51.32 -2.76 -7.26
C LYS C 606 50.44 -3.59 -6.35
N TYR C 607 49.18 -3.64 -6.73
CA TYR C 607 48.15 -4.38 -6.02
C TYR C 607 48.39 -5.88 -6.21
N GLY C 608 48.10 -6.65 -5.18
CA GLY C 608 48.36 -8.07 -5.21
C GLY C 608 49.64 -8.49 -4.56
N ASN C 609 50.27 -7.63 -3.76
CA ASN C 609 51.50 -7.96 -3.05
C ASN C 609 51.37 -7.76 -1.56
N ASP C 610 50.15 -7.66 -1.03
CA ASP C 610 49.93 -7.24 0.34
C ASP C 610 50.74 -5.99 0.69
N ASP C 611 50.87 -5.13 -0.30
CA ASP C 611 51.59 -3.87 -0.16
C ASP C 611 50.56 -2.83 0.28
N PRO C 612 50.66 -2.27 1.51
CA PRO C 612 49.69 -1.25 1.92
C PRO C 612 49.67 -0.02 1.03
N LYS C 613 50.82 0.33 0.42
CA LYS C 613 50.88 1.54 -0.41
C LYS C 613 50.01 1.43 -1.64
N ALA C 614 49.61 0.22 -2.02
CA ALA C 614 48.68 -0.01 -3.08
C ALA C 614 47.28 -0.29 -2.53
N ASP C 615 47.16 -1.35 -1.73
CA ASP C 615 45.87 -1.84 -1.27
C ASP C 615 45.11 -0.86 -0.41
N PHE C 616 45.69 0.29 -0.05
CA PHE C 616 45.01 1.18 0.89
C PHE C 616 43.69 1.67 0.33
N CYS C 617 43.63 1.95 -0.99
CA CYS C 617 42.42 2.49 -1.59
C CYS C 617 41.36 1.43 -1.86
N VAL C 618 41.75 0.16 -1.91
CA VAL C 618 40.88 -0.91 -2.40
C VAL C 618 39.52 -0.90 -1.72
N GLY C 619 39.50 -0.78 -0.39
CA GLY C 619 38.23 -0.80 0.33
C GLY C 619 37.38 0.43 0.04
N GLU C 620 38.00 1.61 0.04
CA GLU C 620 37.25 2.83 -0.22
C GLU C 620 36.63 2.81 -1.63
N ILE C 621 37.43 2.53 -2.65
CA ILE C 621 36.92 2.68 -4.02
C ILE C 621 35.71 1.79 -4.24
N TYR C 622 35.81 0.53 -3.82
CA TYR C 622 34.84 -0.45 -4.24
C TYR C 622 33.59 -0.41 -3.39
N ASN C 623 33.71 0.06 -2.15
CA ASN C 623 32.53 0.37 -1.35
C ASN C 623 31.81 1.58 -1.90
N TYR C 624 32.57 2.64 -2.20
CA TYR C 624 31.97 3.77 -2.90
C TYR C 624 31.22 3.28 -4.13
N LEU C 625 31.88 2.42 -4.90
CA LEU C 625 31.30 2.03 -6.19
C LEU C 625 30.00 1.26 -5.98
N VAL C 626 29.98 0.33 -5.01
CA VAL C 626 28.75 -0.40 -4.73
C VAL C 626 27.71 0.50 -4.07
N ASP C 627 28.16 1.46 -3.24
CA ASP C 627 27.23 2.47 -2.74
C ASP C 627 26.50 3.14 -3.91
N GLN C 628 27.23 3.47 -4.97
CA GLN C 628 26.58 4.12 -6.11
C GLN C 628 25.60 3.17 -6.77
N ILE C 629 26.02 1.95 -7.05
CA ILE C 629 25.13 1.00 -7.71
C ILE C 629 23.84 0.84 -6.91
N GLU C 630 23.96 0.66 -5.59
CA GLU C 630 22.88 0.25 -4.71
C GLU C 630 21.85 1.33 -4.47
N GLN C 631 22.11 2.55 -4.91
CA GLN C 631 21.16 3.62 -4.69
C GLN C 631 20.05 3.61 -5.73
N TYR C 632 20.16 2.78 -6.75
CA TYR C 632 19.22 2.79 -7.88
C TYR C 632 18.22 1.68 -7.72
N ASP C 633 16.94 2.05 -7.79
CA ASP C 633 15.87 1.08 -7.66
C ASP C 633 15.41 0.61 -9.03
N SER C 634 14.73 -0.51 -9.02
CA SER C 634 13.98 -1.00 -10.17
C SER C 634 12.76 -1.68 -9.60
N PRO C 635 11.84 -2.14 -10.46
CA PRO C 635 10.72 -2.92 -9.96
C PRO C 635 11.13 -4.25 -9.38
N PHE C 636 12.42 -4.61 -9.46
CA PHE C 636 12.93 -5.86 -8.90
C PHE C 636 13.83 -5.64 -7.69
N GLY C 637 14.01 -4.41 -7.26
CA GLY C 637 14.89 -4.12 -6.16
C GLY C 637 16.06 -3.26 -6.61
N LYS C 638 16.91 -2.92 -5.63
CA LYS C 638 18.05 -2.06 -5.91
C LYS C 638 19.07 -2.83 -6.74
N LEU C 639 19.87 -2.11 -7.50
CA LEU C 639 20.84 -2.81 -8.32
C LEU C 639 21.87 -3.48 -7.43
N THR C 640 22.59 -4.40 -8.04
CA THR C 640 23.58 -5.22 -7.39
C THR C 640 24.86 -5.11 -8.21
N ALA C 641 25.96 -5.59 -7.62
CA ALA C 641 27.28 -5.43 -8.21
C ALA C 641 27.99 -6.77 -8.23
N GLY C 642 28.70 -7.02 -9.33
CA GLY C 642 29.57 -8.17 -9.41
C GLY C 642 30.91 -7.72 -9.97
N MET C 643 31.88 -8.57 -9.82
CA MET C 643 33.20 -8.34 -10.37
C MET C 643 33.57 -9.60 -11.11
N LEU C 644 32.95 -9.78 -12.28
CA LEU C 644 33.21 -10.92 -13.15
C LEU C 644 33.44 -10.38 -14.55
N PRO C 645 34.68 -10.04 -14.88
CA PRO C 645 34.94 -9.49 -16.23
C PRO C 645 34.73 -10.48 -17.36
N VAL C 646 34.55 -11.78 -17.09
CA VAL C 646 34.55 -12.78 -18.15
C VAL C 646 35.85 -12.60 -18.93
N SER C 647 35.77 -12.43 -20.24
CA SER C 647 36.98 -12.08 -20.99
C SER C 647 36.98 -10.63 -21.43
N GLY C 648 36.17 -9.78 -20.80
CA GLY C 648 35.99 -8.42 -21.24
C GLY C 648 37.06 -7.46 -20.81
N ASN C 649 37.97 -7.87 -19.96
CA ASN C 649 39.12 -7.02 -19.68
C ASN C 649 39.95 -6.80 -20.93
N VAL C 650 39.80 -7.64 -21.94
CA VAL C 650 40.64 -7.58 -23.13
C VAL C 650 40.03 -6.55 -24.08
N PRO C 651 38.79 -6.73 -24.52
CA PRO C 651 38.18 -5.73 -25.42
C PRO C 651 37.96 -4.39 -24.74
N ILE C 652 37.56 -4.37 -23.47
CA ILE C 652 37.38 -3.07 -22.84
C ILE C 652 38.71 -2.39 -22.67
N GLY C 653 39.79 -3.18 -22.53
CA GLY C 653 41.12 -2.59 -22.50
C GLY C 653 41.45 -1.84 -23.78
N GLN C 654 40.99 -2.36 -24.92
CA GLN C 654 41.23 -1.69 -26.21
C GLN C 654 40.71 -0.26 -26.28
N SER C 655 39.77 0.15 -25.44
CA SER C 655 39.31 1.53 -25.49
C SER C 655 39.98 2.40 -24.44
N VAL C 656 40.87 1.83 -23.62
CA VAL C 656 41.47 2.54 -22.51
C VAL C 656 42.92 2.85 -22.85
N GLY C 657 43.31 4.13 -22.74
CA GLY C 657 44.68 4.52 -22.99
C GLY C 657 45.57 4.26 -21.79
N ALA C 658 46.88 4.46 -21.99
CA ALA C 658 47.88 4.23 -20.95
C ALA C 658 47.44 4.83 -19.63
N LEU C 659 47.73 4.11 -18.55
CA LEU C 659 47.31 4.48 -17.21
C LEU C 659 48.49 4.67 -16.28
N PRO C 660 48.30 5.42 -15.18
CA PRO C 660 49.42 5.69 -14.28
C PRO C 660 49.90 4.44 -13.56
N SER C 661 49.18 3.34 -13.63
CA SER C 661 49.78 2.09 -13.16
C SER C 661 50.90 1.62 -14.06
N GLY C 662 51.02 2.19 -15.26
CA GLY C 662 51.97 1.72 -16.25
C GLY C 662 51.39 0.87 -17.33
N ARG C 663 50.08 0.61 -17.31
CA ARG C 663 49.45 -0.12 -18.40
C ARG C 663 49.51 0.68 -19.69
N LYS C 664 50.05 0.06 -20.73
CA LYS C 664 50.13 0.68 -22.04
C LYS C 664 48.73 0.84 -22.62
N ALA C 665 48.60 1.79 -23.54
CA ALA C 665 47.30 2.02 -24.15
C ALA C 665 46.83 0.77 -24.90
N TRP C 666 45.55 0.44 -24.75
CA TRP C 666 44.82 -0.51 -25.56
C TRP C 666 45.11 -1.95 -25.16
N THR C 667 46.06 -2.21 -24.27
CA THR C 667 46.28 -3.54 -23.79
C THR C 667 45.11 -3.94 -22.90
N PRO C 668 45.00 -5.19 -22.52
CA PRO C 668 43.89 -5.59 -21.64
C PRO C 668 44.05 -5.02 -20.24
N LEU C 669 42.91 -4.71 -19.62
CA LEU C 669 42.90 -4.49 -18.18
C LEU C 669 43.09 -5.83 -17.48
N ALA C 670 43.25 -5.77 -16.15
CA ALA C 670 43.47 -6.99 -15.38
C ALA C 670 42.26 -7.90 -15.42
N ASP C 671 42.53 -9.21 -15.45
CA ASP C 671 41.44 -10.15 -15.34
C ASP C 671 40.91 -10.18 -13.90
N GLY C 672 39.62 -10.44 -13.76
CA GLY C 672 39.02 -10.71 -12.47
C GLY C 672 39.31 -9.64 -11.43
N ILE C 673 39.65 -10.07 -10.22
CA ILE C 673 39.96 -9.14 -9.13
C ILE C 673 41.42 -9.23 -8.74
N GLY C 674 42.23 -9.96 -9.50
CA GLY C 674 43.60 -10.23 -9.13
C GLY C 674 44.58 -9.15 -9.59
N ALA C 675 45.84 -9.57 -9.71
CA ALA C 675 46.95 -8.70 -10.06
C ALA C 675 47.10 -8.58 -11.57
N THR C 676 47.63 -7.45 -12.01
CA THR C 676 48.03 -7.28 -13.40
C THR C 676 49.21 -8.19 -13.67
N GLY C 677 49.20 -8.82 -14.85
CA GLY C 677 50.25 -9.75 -15.23
C GLY C 677 51.63 -9.30 -14.78
N GLY C 678 52.27 -10.13 -13.97
CA GLY C 678 53.65 -9.91 -13.56
C GLY C 678 53.86 -8.79 -12.55
N THR C 679 52.80 -8.19 -12.03
CA THR C 679 52.97 -7.17 -11.00
C THR C 679 52.99 -7.75 -9.58
N ASP C 680 52.57 -9.00 -9.41
CA ASP C 680 52.39 -9.60 -8.09
C ASP C 680 53.53 -10.59 -7.90
N ILE C 681 54.41 -10.29 -6.95
CA ILE C 681 55.68 -11.00 -6.87
C ILE C 681 56.00 -11.41 -5.44
N ASN C 682 55.00 -11.44 -4.56
CA ASN C 682 55.20 -11.93 -3.19
C ASN C 682 54.51 -13.27 -2.95
N GLY C 683 54.14 -13.99 -4.01
CA GLY C 683 53.49 -15.27 -3.85
C GLY C 683 51.96 -15.22 -3.70
N ALA C 684 51.37 -16.41 -3.66
CA ALA C 684 49.92 -16.51 -3.77
C ALA C 684 49.22 -15.98 -2.53
N THR C 685 49.89 -16.00 -1.38
CA THR C 685 49.22 -15.57 -0.15
C THR C 685 49.21 -14.05 -0.04
N ALA C 686 50.33 -13.40 -0.33
CA ALA C 686 50.29 -11.96 -0.45
C ALA C 686 49.25 -11.54 -1.48
N LEU C 687 49.10 -12.34 -2.53
CA LEU C 687 48.10 -12.07 -3.54
C LEU C 687 46.69 -12.12 -2.95
N LEU C 688 46.38 -13.21 -2.24
CA LEU C 688 45.06 -13.34 -1.61
C LEU C 688 44.86 -12.30 -0.52
N LYS C 689 45.89 -12.03 0.28
CA LYS C 689 45.81 -10.94 1.24
C LYS C 689 45.42 -9.65 0.53
N SER C 690 46.01 -9.40 -0.63
CA SER C 690 45.73 -8.16 -1.34
C SER C 690 44.26 -8.06 -1.72
N ILE C 691 43.72 -9.12 -2.35
CA ILE C 691 42.34 -9.05 -2.86
C ILE C 691 41.33 -9.16 -1.74
N SER C 692 41.75 -9.56 -0.54
CA SER C 692 40.82 -9.59 0.57
C SER C 692 40.57 -8.22 1.15
N ASN C 693 41.10 -7.17 0.53
CA ASN C 693 40.68 -5.82 0.83
C ASN C 693 39.43 -5.42 0.05
N LEU C 694 39.13 -6.10 -1.04
CA LEU C 694 37.85 -5.88 -1.67
C LEU C 694 36.74 -6.28 -0.70
N PRO C 695 35.61 -5.59 -0.73
CA PRO C 695 34.46 -5.98 0.13
C PRO C 695 33.53 -7.00 -0.53
N HIS C 696 33.96 -8.26 -0.51
CA HIS C 696 33.34 -9.27 -1.37
C HIS C 696 31.84 -9.34 -1.16
N ALA C 697 31.39 -9.20 0.09
CA ALA C 697 29.98 -9.33 0.43
C ALA C 697 29.13 -8.26 -0.26
N ARG C 698 29.66 -7.03 -0.39
CA ARG C 698 28.90 -5.98 -1.05
C ARG C 698 28.58 -6.37 -2.49
N PHE C 699 29.45 -7.15 -3.14
CA PHE C 699 29.25 -7.57 -4.52
C PHE C 699 28.47 -8.88 -4.51
N THR C 700 27.13 -8.75 -4.40
CA THR C 700 26.31 -9.94 -4.22
C THR C 700 26.20 -10.74 -5.51
N GLN C 701 26.56 -10.16 -6.65
CA GLN C 701 26.71 -10.95 -7.86
C GLN C 701 28.10 -11.59 -7.98
N GLY C 702 28.90 -11.57 -6.90
CA GLY C 702 30.14 -12.32 -6.84
C GLY C 702 31.34 -11.49 -7.27
N THR C 703 32.51 -12.09 -7.04
CA THR C 703 33.79 -11.51 -7.44
C THR C 703 34.64 -12.65 -7.95
N GLN C 704 35.42 -12.41 -9.00
CA GLN C 704 36.13 -13.49 -9.65
C GLN C 704 37.63 -13.28 -9.52
N MET C 705 38.34 -14.31 -9.05
CA MET C 705 39.77 -14.26 -8.84
C MET C 705 40.47 -15.42 -9.56
N ASN C 706 41.48 -15.09 -10.37
CA ASN C 706 42.29 -16.06 -11.09
C ASN C 706 43.66 -16.20 -10.44
N LEU C 707 44.13 -17.44 -10.35
CA LEU C 707 45.51 -17.73 -9.99
C LEU C 707 46.05 -18.76 -10.98
N LYS C 708 47.24 -18.51 -11.50
CA LYS C 708 47.96 -19.49 -12.29
C LYS C 708 49.11 -19.97 -11.43
N ILE C 709 49.15 -21.27 -11.19
CA ILE C 709 50.08 -21.87 -10.24
C ILE C 709 51.12 -22.62 -11.05
N ASP C 710 52.37 -22.22 -10.92
CA ASP C 710 53.47 -23.04 -11.39
C ASP C 710 53.19 -24.48 -11.02
N PRO C 711 52.98 -25.35 -12.02
CA PRO C 711 52.69 -26.76 -11.70
C PRO C 711 53.69 -27.38 -10.75
N LYS C 712 54.97 -27.02 -10.86
CA LYS C 712 55.97 -27.54 -9.93
C LYS C 712 55.47 -27.45 -8.49
N LEU C 713 54.78 -26.36 -8.15
CA LEU C 713 54.31 -26.13 -6.78
C LEU C 713 53.28 -27.16 -6.33
N LEU C 714 52.52 -27.73 -7.26
CA LEU C 714 51.46 -28.64 -6.86
C LEU C 714 51.92 -30.10 -6.83
N GLU C 715 53.17 -30.37 -7.17
CA GLU C 715 53.66 -31.75 -7.21
C GLU C 715 53.66 -32.36 -5.82
N GLY C 716 53.35 -33.65 -5.75
CA GLY C 716 53.45 -34.40 -4.52
C GLY C 716 52.31 -34.11 -3.57
N GLU C 717 52.36 -34.80 -2.43
CA GLU C 717 51.40 -34.54 -1.39
C GLU C 717 51.64 -33.18 -0.74
N ARG C 718 52.89 -32.79 -0.64
CA ARG C 718 53.15 -31.49 -0.15
C ARG C 718 52.47 -30.40 -1.01
N GLY C 719 52.47 -30.57 -2.30
CA GLY C 719 51.85 -29.69 -3.25
C GLY C 719 50.37 -29.62 -3.02
N LEU C 720 49.73 -30.74 -2.84
CA LEU C 720 48.36 -30.71 -2.55
C LEU C 720 48.07 -30.11 -1.18
N ASN C 721 48.88 -30.44 -0.17
CA ASN C 721 48.64 -29.87 1.15
C ASN C 721 48.76 -28.35 1.12
N SER C 722 49.76 -27.83 0.41
CA SER C 722 49.90 -26.38 0.26
C SER C 722 48.71 -25.79 -0.45
N MET C 723 48.26 -26.42 -1.53
CA MET C 723 47.03 -25.99 -2.17
C MET C 723 45.91 -25.88 -1.14
N MET C 724 45.70 -26.93 -0.35
CA MET C 724 44.63 -26.91 0.62
C MET C 724 44.84 -25.84 1.68
N VAL C 725 46.10 -25.55 2.02
CA VAL C 725 46.33 -24.45 2.96
C VAL C 725 45.90 -23.13 2.33
N LEU C 726 46.39 -22.86 1.12
CA LEU C 726 45.95 -21.70 0.36
C LEU C 726 44.43 -21.60 0.32
N LEU C 727 43.76 -22.71 0.00
CA LEU C 727 42.30 -22.70 -0.06
C LEU C 727 41.70 -22.32 1.29
N LYS C 728 42.23 -22.90 2.37
CA LYS C 728 41.70 -22.58 3.69
C LYS C 728 42.08 -21.17 4.09
N THR C 729 43.18 -20.66 3.53
CA THR C 729 43.51 -19.26 3.74
C THR C 729 42.53 -18.35 3.01
N GLN C 730 42.09 -18.75 1.81
CA GLN C 730 41.03 -18.02 1.12
C GLN C 730 39.80 -17.85 2.02
N CYS C 731 39.37 -18.92 2.68
CA CYS C 731 38.26 -18.78 3.62
C CYS C 731 38.62 -17.87 4.79
N THR C 732 39.79 -18.10 5.41
CA THR C 732 40.23 -17.23 6.50
C THR C 732 40.17 -15.76 6.09
N LEU C 733 40.57 -15.44 4.87
CA LEU C 733 40.53 -14.07 4.37
C LEU C 733 39.15 -13.68 3.83
N ASP C 734 38.18 -14.58 3.89
CA ASP C 734 36.81 -14.32 3.42
C ASP C 734 36.73 -14.09 1.92
N ILE C 735 37.69 -14.64 1.17
CA ILE C 735 37.72 -14.44 -0.27
C ILE C 735 36.68 -15.37 -0.88
N TYR C 736 35.68 -14.79 -1.51
CA TYR C 736 34.54 -15.56 -2.00
C TYR C 736 34.98 -16.70 -2.92
N HIS C 737 35.84 -16.41 -3.90
CA HIS C 737 36.06 -17.32 -5.01
C HIS C 737 37.54 -17.34 -5.42
N THR C 738 37.97 -18.48 -5.92
CA THR C 738 39.30 -18.61 -6.45
C THR C 738 39.30 -19.72 -7.49
N GLN C 739 40.11 -19.57 -8.53
CA GLN C 739 40.20 -20.60 -9.54
C GLN C 739 41.62 -20.67 -10.05
N TYR C 740 41.94 -21.77 -10.75
CA TYR C 740 43.33 -22.10 -10.97
C TYR C 740 43.58 -22.64 -12.36
N ASN C 741 44.56 -22.06 -13.02
CA ASN C 741 45.22 -22.70 -14.14
C ASN C 741 46.48 -23.35 -13.59
N VAL C 742 46.65 -24.63 -13.89
CA VAL C 742 47.87 -25.36 -13.57
C VAL C 742 48.35 -25.95 -14.90
N ILE C 743 49.12 -25.17 -15.64
CA ILE C 743 49.52 -25.58 -16.98
C ILE C 743 50.97 -25.16 -17.17
N ASN C 744 51.78 -26.07 -17.70
CA ASN C 744 53.14 -25.66 -18.05
C ASN C 744 53.05 -24.63 -19.17
N PRO C 745 53.68 -23.47 -19.02
CA PRO C 745 53.49 -22.39 -20.01
C PRO C 745 53.72 -22.79 -21.45
N GLU C 746 54.84 -23.45 -21.75
CA GLU C 746 55.12 -23.82 -23.13
C GLU C 746 53.94 -24.54 -23.79
N ILE C 747 53.07 -25.18 -22.99
CA ILE C 747 51.89 -25.83 -23.55
C ILE C 747 50.96 -24.81 -24.19
N LEU C 748 50.68 -23.72 -23.48
CA LEU C 748 49.89 -22.65 -24.10
C LEU C 748 50.65 -22.02 -25.25
N MET C 749 51.98 -21.99 -25.18
CA MET C 749 52.76 -21.45 -26.29
C MET C 749 52.66 -22.37 -27.50
N ASP C 750 52.77 -23.68 -27.31
CA ASP C 750 52.58 -24.54 -28.48
C ASP C 750 51.14 -24.52 -28.97
N ALA C 751 50.17 -24.32 -28.07
CA ALA C 751 48.78 -24.33 -28.49
C ALA C 751 48.45 -23.11 -29.32
N GLN C 752 49.29 -22.08 -29.26
CA GLN C 752 49.19 -20.98 -30.20
C GLN C 752 49.65 -21.41 -31.58
N LYS C 753 50.70 -22.23 -31.65
CA LYS C 753 51.34 -22.57 -32.92
C LYS C 753 50.65 -23.75 -33.59
N ASN C 754 50.38 -24.81 -32.83
CA ASN C 754 49.77 -26.03 -33.36
C ASN C 754 48.43 -26.24 -32.66
N PRO C 755 47.47 -25.38 -32.91
CA PRO C 755 46.15 -25.55 -32.29
C PRO C 755 45.59 -26.95 -32.54
N GLY C 756 46.05 -27.61 -33.60
CA GLY C 756 45.57 -28.95 -33.89
C GLY C 756 45.99 -29.96 -32.86
N ASP C 757 47.15 -29.74 -32.24
CA ASP C 757 47.70 -30.62 -31.22
C ASP C 757 47.15 -30.33 -29.83
N HIS C 758 46.12 -29.50 -29.70
CA HIS C 758 45.62 -29.08 -28.39
C HIS C 758 44.14 -28.77 -28.48
N LYS C 759 43.41 -29.55 -29.27
CA LYS C 759 42.02 -29.21 -29.54
C LYS C 759 41.22 -29.10 -28.25
N ASP C 760 41.64 -29.81 -27.20
CA ASP C 760 40.88 -29.92 -25.97
C ASP C 760 41.62 -29.37 -24.75
N LEU C 761 42.62 -28.52 -24.94
CA LEU C 761 43.33 -27.96 -23.81
C LEU C 761 42.45 -26.92 -23.14
N LEU C 762 42.26 -27.05 -21.83
CA LEU C 762 41.39 -26.17 -21.07
C LEU C 762 42.18 -25.10 -20.36
N VAL C 763 41.66 -23.88 -20.37
CA VAL C 763 42.18 -22.82 -19.53
C VAL C 763 41.00 -22.20 -18.81
N ARG C 764 41.28 -21.77 -17.59
CA ARG C 764 40.33 -21.01 -16.80
C ARG C 764 40.43 -19.55 -17.21
N VAL C 765 39.40 -19.02 -17.84
CA VAL C 765 39.45 -17.63 -18.30
C VAL C 765 39.09 -16.70 -17.15
N ALA C 766 37.79 -16.58 -16.85
CA ALA C 766 37.39 -15.64 -15.80
C ALA C 766 36.04 -16.10 -15.25
N GLY C 767 36.06 -17.20 -14.53
CA GLY C 767 34.87 -17.77 -13.93
C GLY C 767 34.38 -18.99 -14.65
N TYR C 768 35.04 -19.37 -15.73
CA TYR C 768 34.56 -20.43 -16.59
C TYR C 768 35.76 -20.96 -17.35
N THR C 769 35.55 -22.08 -18.00
CA THR C 769 36.61 -22.71 -18.75
C THR C 769 36.28 -22.68 -20.22
N ALA C 770 37.32 -22.60 -21.03
CA ALA C 770 37.17 -22.65 -22.47
C ALA C 770 38.31 -23.50 -23.01
N PHE C 771 38.15 -23.94 -24.24
CA PHE C 771 39.26 -24.54 -24.95
C PHE C 771 40.18 -23.41 -25.38
N PHE C 772 41.45 -23.49 -24.95
CA PHE C 772 42.42 -22.46 -25.28
C PHE C 772 42.45 -22.15 -26.78
N VAL C 773 42.41 -23.17 -27.64
CA VAL C 773 42.54 -22.89 -29.07
C VAL C 773 41.29 -22.20 -29.60
N GLU C 774 40.13 -22.41 -28.96
CA GLU C 774 38.91 -21.72 -29.38
C GLU C 774 38.87 -20.27 -28.94
N LEU C 775 39.87 -19.77 -28.22
CA LEU C 775 39.86 -18.39 -27.80
C LEU C 775 40.61 -17.49 -28.81
N GLY C 776 40.12 -16.27 -28.96
CA GLY C 776 40.83 -15.31 -29.79
C GLY C 776 42.21 -15.03 -29.25
N LYS C 777 43.13 -14.71 -30.17
CA LYS C 777 44.54 -14.61 -29.80
C LYS C 777 44.79 -13.60 -28.67
N ASP C 778 44.21 -12.40 -28.79
CA ASP C 778 44.38 -11.40 -27.74
C ASP C 778 43.96 -11.92 -26.37
N ILE C 779 42.99 -12.84 -26.32
CA ILE C 779 42.58 -13.42 -25.06
C ILE C 779 43.60 -14.47 -24.60
N GLN C 780 44.06 -15.32 -25.51
CA GLN C 780 45.12 -16.25 -25.15
C GLN C 780 46.34 -15.52 -24.66
N ASP C 781 46.71 -14.43 -25.33
CA ASP C 781 47.82 -13.60 -24.86
C ASP C 781 47.59 -13.16 -23.42
N ASP C 782 46.36 -12.74 -23.11
CA ASP C 782 46.09 -12.24 -21.78
C ASP C 782 46.24 -13.34 -20.75
N ILE C 783 45.76 -14.54 -21.06
CA ILE C 783 45.95 -15.68 -20.20
C ILE C 783 47.44 -16.03 -20.11
N ILE C 784 48.16 -15.93 -21.21
CA ILE C 784 49.58 -16.29 -21.18
C ILE C 784 50.37 -15.34 -20.28
N GLN C 785 50.10 -14.04 -20.36
CA GLN C 785 50.84 -13.11 -19.50
C GLN C 785 50.36 -13.10 -18.05
N ARG C 786 49.37 -13.92 -17.69
CA ARG C 786 49.02 -14.05 -16.29
C ARG C 786 50.23 -14.52 -15.49
N THR C 787 50.40 -13.96 -14.29
CA THR C 787 51.52 -14.34 -13.45
C THR C 787 51.49 -15.83 -13.21
N GLU C 788 52.63 -16.48 -13.44
CA GLU C 788 52.82 -17.86 -13.00
C GLU C 788 53.41 -17.79 -11.60
N ILE C 789 52.58 -18.02 -10.59
CA ILE C 789 52.99 -17.87 -9.21
C ILE C 789 53.94 -19.00 -8.83
N GLU C 790 55.07 -18.64 -8.25
CA GLU C 790 56.09 -19.62 -7.88
C GLU C 790 56.23 -19.79 -6.38
N ASN C 791 55.48 -19.05 -5.56
CA ASN C 791 55.50 -19.29 -4.13
C ASN C 791 54.10 -19.19 -3.55
N TRP C 792 53.70 -20.22 -2.78
CA TRP C 792 52.55 -20.07 -1.90
C TRP C 792 52.72 -18.89 -0.94
N GLY C 793 53.89 -18.76 -0.33
CA GLY C 793 54.17 -17.71 0.66
C GLY C 793 53.12 -17.43 1.73
N LYS D 3 -30.29 38.27 -40.53
CA LYS D 3 -28.90 38.45 -40.09
C LYS D 3 -27.95 38.24 -41.25
N ASP D 4 -27.13 39.27 -41.51
CA ASP D 4 -26.23 39.21 -42.66
C ASP D 4 -25.34 37.97 -42.57
N TYR D 5 -24.66 37.78 -41.43
CA TYR D 5 -23.72 36.68 -41.33
C TYR D 5 -24.32 35.35 -41.73
N MET D 6 -25.66 35.26 -41.77
CA MET D 6 -26.30 34.02 -42.22
C MET D 6 -26.03 33.75 -43.68
N LYS D 7 -25.61 34.77 -44.43
CA LYS D 7 -25.20 34.54 -45.81
C LYS D 7 -23.97 33.65 -45.86
N ARG D 8 -23.02 33.87 -44.96
CA ARG D 8 -21.84 33.01 -44.95
C ARG D 8 -22.15 31.64 -44.39
N ILE D 9 -23.10 31.53 -43.46
CA ILE D 9 -23.45 30.24 -42.87
C ILE D 9 -24.26 29.42 -43.86
N GLN D 10 -25.21 30.05 -44.55
CA GLN D 10 -25.89 29.39 -45.67
C GLN D 10 -24.88 28.80 -46.64
N ALA D 11 -23.90 29.59 -47.05
CA ALA D 11 -22.92 29.12 -48.02
C ALA D 11 -22.08 27.98 -47.43
N LEU D 12 -21.54 28.17 -46.22
CA LEU D 12 -20.84 27.08 -45.55
C LEU D 12 -21.73 25.86 -45.42
N ARG D 13 -23.03 26.07 -45.17
CA ARG D 13 -23.95 24.97 -44.98
C ARG D 13 -24.29 24.28 -46.29
N GLU D 14 -24.40 25.05 -47.38
CA GLU D 14 -24.58 24.42 -48.69
C GLU D 14 -23.33 23.64 -49.08
N ASN D 15 -22.15 24.18 -48.77
CA ASN D 15 -20.93 23.42 -49.00
C ASN D 15 -20.97 22.08 -48.27
N TYR D 16 -21.39 22.08 -47.00
CA TYR D 16 -21.42 20.85 -46.23
C TYR D 16 -22.46 19.87 -46.75
N MET D 17 -23.65 20.36 -47.09
CA MET D 17 -24.75 19.49 -47.51
C MET D 17 -24.52 18.81 -48.86
N SER D 18 -23.54 19.28 -49.64
CA SER D 18 -23.27 18.68 -50.93
C SER D 18 -22.01 17.83 -50.92
N ARG D 19 -21.51 17.50 -49.74
CA ARG D 19 -20.27 16.74 -49.58
C ARG D 19 -20.56 15.25 -49.62
N ARG D 20 -19.91 14.54 -50.55
CA ARG D 20 -19.98 13.09 -50.59
C ARG D 20 -19.10 12.52 -49.48
N VAL D 21 -19.61 11.49 -48.80
CA VAL D 21 -18.90 10.86 -47.68
C VAL D 21 -17.90 9.85 -48.23
N GLU D 22 -16.61 10.10 -47.97
CA GLU D 22 -15.54 9.28 -48.51
C GLU D 22 -14.69 8.69 -47.38
N MET D 23 -13.90 7.70 -47.74
CA MET D 23 -13.01 6.99 -46.83
C MET D 23 -11.59 7.51 -47.04
N ASP D 24 -11.02 8.14 -46.02
CA ASP D 24 -9.64 8.62 -46.08
C ASP D 24 -8.67 7.48 -45.81
N ILE D 25 -7.52 7.49 -46.50
CA ILE D 25 -6.54 6.43 -46.31
C ILE D 25 -5.20 7.07 -45.99
N LEU D 26 -4.99 8.30 -46.47
CA LEU D 26 -3.75 9.01 -46.21
C LEU D 26 -3.42 9.07 -44.74
N ASP D 27 -4.42 9.32 -43.87
CA ASP D 27 -4.20 9.24 -42.44
C ASP D 27 -3.63 7.88 -42.06
N ALA D 28 -4.27 6.80 -42.53
CA ALA D 28 -3.75 5.47 -42.21
C ALA D 28 -2.37 5.26 -42.85
N TYR D 29 -2.18 5.78 -44.06
CA TYR D 29 -0.89 5.63 -44.72
C TYR D 29 0.20 6.33 -43.92
N TYR D 30 -0.03 7.58 -43.54
CA TYR D 30 1.00 8.31 -42.79
C TYR D 30 1.21 7.71 -41.39
N VAL D 31 0.14 7.23 -40.76
CA VAL D 31 0.29 6.53 -39.49
C VAL D 31 1.15 5.29 -39.67
N THR D 32 0.98 4.57 -40.79
CA THR D 32 1.82 3.41 -41.04
C THR D 32 3.27 3.83 -41.22
N GLN D 33 3.49 4.97 -41.87
CA GLN D 33 4.84 5.52 -42.04
C GLN D 33 5.46 5.87 -40.71
N GLY D 34 4.74 6.64 -39.89
CA GLY D 34 5.26 6.98 -38.58
C GLY D 34 5.67 5.75 -37.81
N PHE D 35 4.85 4.70 -37.87
CA PHE D 35 5.16 3.48 -37.16
C PHE D 35 6.38 2.80 -37.75
N LYS D 36 6.43 2.68 -39.09
CA LYS D 36 7.59 2.09 -39.74
C LYS D 36 8.86 2.85 -39.39
N ALA D 37 8.79 4.18 -39.37
CA ALA D 37 9.92 5.02 -39.02
C ALA D 37 10.34 4.90 -37.57
N THR D 38 9.61 4.14 -36.76
CA THR D 38 9.88 4.07 -35.34
C THR D 38 10.07 2.64 -34.85
N GLU D 39 10.36 1.69 -35.74
CA GLU D 39 10.46 0.29 -35.33
C GLU D 39 11.43 0.13 -34.17
N GLY D 40 11.05 -0.73 -33.24
CA GLY D 40 11.79 -0.92 -32.01
C GLY D 40 11.44 0.04 -30.90
N GLN D 41 10.59 1.03 -31.17
CA GLN D 41 10.22 2.01 -30.18
C GLN D 41 8.94 1.56 -29.45
N PRO D 42 8.71 2.05 -28.24
CA PRO D 42 7.45 1.77 -27.58
C PRO D 42 6.28 2.26 -28.41
N TRP D 43 5.19 1.54 -28.29
CA TRP D 43 3.97 1.92 -28.99
C TRP D 43 3.67 3.40 -28.81
N GLN D 44 3.91 3.92 -27.61
CA GLN D 44 3.54 5.29 -27.34
C GLN D 44 4.36 6.27 -28.15
N ILE D 45 5.63 5.99 -28.35
CA ILE D 45 6.46 6.85 -29.18
C ILE D 45 6.03 6.74 -30.62
N GLN D 46 5.78 5.51 -31.06
CA GLN D 46 5.33 5.28 -32.41
C GLN D 46 4.05 6.05 -32.69
N LYS D 47 3.00 5.73 -31.94
CA LYS D 47 1.73 6.42 -32.07
C LYS D 47 1.96 7.92 -32.17
N ALA D 48 2.74 8.47 -31.23
CA ALA D 48 3.01 9.90 -31.24
C ALA D 48 3.67 10.32 -32.53
N VAL D 49 4.76 9.65 -32.91
CA VAL D 49 5.44 9.98 -34.17
C VAL D 49 4.51 9.74 -35.35
N ALA D 50 3.66 8.73 -35.27
CA ALA D 50 2.73 8.55 -36.38
C ALA D 50 1.74 9.70 -36.45
N MET D 51 1.47 10.35 -35.33
CA MET D 51 0.52 11.43 -35.40
C MET D 51 1.18 12.75 -35.75
N LYS D 52 2.46 12.94 -35.38
CA LYS D 52 3.23 14.03 -35.97
C LYS D 52 3.17 13.94 -37.49
N THR D 53 3.51 12.76 -38.01
CA THR D 53 3.52 12.53 -39.45
C THR D 53 2.14 12.80 -40.06
N VAL D 54 1.08 12.26 -39.45
CA VAL D 54 -0.24 12.56 -39.98
C VAL D 54 -0.48 14.07 -39.99
N TYR D 55 -0.19 14.72 -38.87
CA TYR D 55 -0.46 16.15 -38.74
C TYR D 55 0.36 16.98 -39.71
N GLU D 56 1.60 16.57 -39.96
CA GLU D 56 2.49 17.37 -40.79
C GLU D 56 2.39 17.03 -42.26
N ASN D 57 1.54 16.09 -42.65
CA ASN D 57 1.62 15.61 -44.03
C ASN D 57 0.27 15.48 -44.70
N LYS D 58 -0.73 14.98 -43.99
CA LYS D 58 -2.08 14.92 -44.50
C LYS D 58 -2.35 16.20 -45.29
N PRO D 59 -3.15 16.15 -46.34
CA PRO D 59 -3.53 17.37 -47.03
C PRO D 59 -4.49 18.17 -46.17
N ILE D 60 -4.35 19.49 -46.20
CA ILE D 60 -5.22 20.40 -45.47
C ILE D 60 -5.91 21.30 -46.48
N PHE D 61 -6.97 21.96 -46.04
CA PHE D 61 -7.76 22.79 -46.94
C PHE D 61 -8.33 23.97 -46.16
N ILE D 62 -8.59 25.03 -46.91
CA ILE D 62 -9.32 26.18 -46.41
C ILE D 62 -10.44 26.44 -47.41
N GLN D 63 -11.67 26.18 -46.99
CA GLN D 63 -12.82 26.29 -47.87
C GLN D 63 -13.30 27.72 -47.98
N ASP D 64 -13.94 28.02 -49.11
CA ASP D 64 -14.59 29.31 -49.28
C ASP D 64 -15.43 29.63 -48.05
N HIS D 65 -15.38 30.88 -47.62
CA HIS D 65 -16.27 31.35 -46.56
C HIS D 65 -15.90 30.80 -45.17
N GLU D 66 -15.00 29.82 -45.09
CA GLU D 66 -14.65 29.30 -43.78
C GLU D 66 -13.90 30.36 -42.99
N LEU D 67 -14.35 30.61 -41.77
CA LEU D 67 -13.61 31.43 -40.82
C LEU D 67 -12.74 30.58 -39.91
N LEU D 68 -13.23 29.40 -39.57
CA LEU D 68 -12.47 28.41 -38.83
C LEU D 68 -12.11 27.29 -39.78
N VAL D 69 -10.92 26.71 -39.58
CA VAL D 69 -10.34 25.83 -40.58
C VAL D 69 -9.89 24.54 -39.90
N GLY D 70 -9.63 23.55 -40.74
CA GLY D 70 -9.09 22.27 -40.32
C GLY D 70 -9.95 21.12 -40.79
N GLY D 71 -9.64 19.96 -40.25
CA GLY D 71 -10.29 18.74 -40.66
C GLY D 71 -9.47 17.56 -40.22
N VAL D 72 -10.06 16.39 -40.36
CA VAL D 72 -9.42 15.17 -39.89
C VAL D 72 -9.07 14.24 -41.03
N ALA D 73 -9.18 14.70 -42.26
CA ALA D 73 -9.04 13.82 -43.41
C ALA D 73 -8.96 14.70 -44.63
N PHE D 74 -8.73 14.08 -45.78
CA PHE D 74 -8.45 14.82 -47.00
C PHE D 74 -9.63 15.67 -47.46
N LYS D 75 -10.84 15.40 -46.97
CA LYS D 75 -11.97 16.24 -47.27
C LYS D 75 -12.93 16.23 -46.07
N PRO D 76 -13.80 17.22 -45.97
CA PRO D 76 -14.84 17.17 -44.94
C PRO D 76 -15.70 15.93 -45.09
N ARG D 77 -16.10 15.38 -43.95
CA ARG D 77 -17.00 14.24 -43.78
C ARG D 77 -16.36 12.91 -44.15
N ALA D 78 -15.07 12.89 -44.46
CA ALA D 78 -14.36 11.63 -44.67
C ALA D 78 -14.12 10.91 -43.33
N GLY D 79 -14.36 9.61 -43.33
CA GLY D 79 -13.99 8.78 -42.20
C GLY D 79 -12.53 8.35 -42.31
N ILE D 80 -11.84 8.36 -41.19
CA ILE D 80 -10.43 8.04 -41.20
C ILE D 80 -10.22 6.63 -40.66
N LEU D 81 -9.10 6.06 -41.04
CA LEU D 81 -8.72 4.72 -40.64
C LEU D 81 -7.56 4.84 -39.68
N ASN D 82 -7.80 4.53 -38.43
CA ASN D 82 -6.63 4.36 -37.57
C ASN D 82 -6.24 2.93 -37.80
N PRO D 83 -5.26 2.70 -38.67
CA PRO D 83 -4.85 1.32 -38.94
C PRO D 83 -4.53 0.56 -37.65
N ASP D 84 -3.97 1.27 -36.65
CA ASP D 84 -3.60 0.64 -35.39
C ASP D 84 -4.79 0.06 -34.64
N SER D 85 -6.00 0.57 -34.89
CA SER D 85 -7.14 -0.03 -34.23
C SER D 85 -7.98 -0.93 -35.15
N ALA D 86 -8.16 -0.57 -36.42
CA ALA D 86 -9.18 -1.26 -37.20
C ALA D 86 -8.74 -1.57 -38.63
N CYS D 87 -7.43 -1.69 -38.85
CA CYS D 87 -6.94 -1.94 -40.21
C CYS D 87 -7.73 -3.04 -40.91
N SER D 88 -7.87 -4.19 -40.26
CA SER D 88 -8.49 -5.34 -40.90
C SER D 88 -9.95 -5.11 -41.30
N VAL D 89 -10.61 -4.06 -40.81
CA VAL D 89 -11.97 -3.85 -41.30
C VAL D 89 -11.94 -3.30 -42.72
N ILE D 90 -11.05 -2.35 -42.99
CA ILE D 90 -10.94 -1.85 -44.36
C ILE D 90 -10.57 -2.99 -45.30
N GLU D 91 -9.81 -3.97 -44.81
CA GLU D 91 -9.43 -5.07 -45.68
C GLU D 91 -10.60 -6.01 -45.96
N LYS D 92 -11.41 -6.31 -44.94
CA LYS D 92 -12.53 -7.21 -45.18
C LYS D 92 -13.64 -6.54 -45.97
N GLU D 93 -13.78 -5.22 -45.86
CA GLU D 93 -14.83 -4.48 -46.53
C GLU D 93 -14.30 -3.64 -47.67
N LEU D 94 -13.13 -3.99 -48.20
CA LEU D 94 -12.46 -3.14 -49.17
C LEU D 94 -13.37 -2.85 -50.36
N ASP D 95 -14.15 -3.85 -50.78
CA ASP D 95 -14.99 -3.70 -51.95
C ASP D 95 -16.46 -3.59 -51.61
N THR D 96 -16.83 -3.65 -50.34
CA THR D 96 -18.22 -3.46 -49.96
C THR D 96 -18.52 -2.15 -49.26
N ILE D 97 -17.50 -1.45 -48.73
CA ILE D 97 -17.76 -0.30 -47.87
C ILE D 97 -18.44 0.82 -48.63
N SER D 98 -18.19 0.95 -49.93
CA SER D 98 -18.77 2.04 -50.71
C SER D 98 -20.26 1.85 -50.95
N THR D 99 -20.79 0.68 -50.69
CA THR D 99 -22.21 0.42 -50.92
C THR D 99 -22.82 -0.40 -49.80
N ARG D 100 -22.15 -0.49 -48.64
CA ARG D 100 -22.71 -1.27 -47.56
C ARG D 100 -23.97 -0.61 -47.03
N LYS D 101 -24.74 -1.39 -46.29
CA LYS D 101 -26.07 -0.94 -45.88
C LYS D 101 -25.99 0.27 -44.95
N TYR D 102 -25.06 0.25 -43.98
CA TYR D 102 -25.01 1.29 -42.96
C TYR D 102 -23.74 2.10 -43.11
N ASP D 103 -23.90 3.41 -43.07
CA ASP D 103 -22.83 4.38 -43.26
C ASP D 103 -21.88 3.84 -44.32
N PRO D 104 -22.22 3.99 -45.61
CA PRO D 104 -21.23 3.72 -46.66
C PRO D 104 -20.18 4.81 -46.67
N PHE D 105 -18.97 4.41 -47.05
CA PHE D 105 -17.85 5.30 -47.24
C PHE D 105 -17.30 4.96 -48.60
N TYR D 106 -17.41 5.89 -49.55
CA TYR D 106 -16.86 5.66 -50.88
C TYR D 106 -15.34 5.56 -50.78
N LEU D 107 -14.82 4.38 -51.06
CA LEU D 107 -13.39 4.12 -51.08
C LEU D 107 -12.94 4.23 -52.54
N SER D 108 -12.20 5.29 -52.85
CA SER D 108 -11.70 5.43 -54.20
C SER D 108 -10.81 4.24 -54.56
N GLU D 109 -10.90 3.80 -55.81
CA GLU D 109 -10.04 2.72 -56.28
C GLU D 109 -8.58 3.03 -55.98
N GLU D 110 -8.21 4.30 -56.07
CA GLU D 110 -6.84 4.70 -55.80
C GLU D 110 -6.51 4.55 -54.32
N ASN D 111 -7.41 4.98 -53.45
CA ASN D 111 -7.23 4.74 -52.02
C ASN D 111 -7.27 3.25 -51.69
N LYS D 112 -8.09 2.47 -52.39
CA LYS D 112 -8.00 1.01 -52.23
C LYS D 112 -6.58 0.53 -52.48
N LYS D 113 -5.94 1.02 -53.54
CA LYS D 113 -4.62 0.50 -53.89
C LYS D 113 -3.58 0.92 -52.85
N LEU D 114 -3.56 2.21 -52.48
CA LEU D 114 -2.61 2.67 -51.49
C LEU D 114 -2.79 1.95 -50.17
N PHE D 115 -4.05 1.71 -49.79
CA PHE D 115 -4.29 1.00 -48.53
C PHE D 115 -3.76 -0.43 -48.59
N MET D 116 -4.03 -1.14 -49.67
CA MET D 116 -3.69 -2.56 -49.71
C MET D 116 -2.18 -2.77 -49.85
N GLU D 117 -1.47 -1.82 -50.42
CA GLU D 117 -0.07 -2.03 -50.72
C GLU D 117 0.85 -1.48 -49.65
N GLU D 118 0.53 -0.32 -49.10
CA GLU D 118 1.36 0.33 -48.11
C GLU D 118 0.80 0.26 -46.68
N VAL D 119 -0.42 -0.21 -46.48
CA VAL D 119 -1.05 -0.10 -45.17
C VAL D 119 -1.46 -1.47 -44.62
N ALA D 120 -2.39 -2.15 -45.28
CA ALA D 120 -2.85 -3.44 -44.79
C ALA D 120 -1.72 -4.38 -44.39
N PRO D 121 -0.71 -4.63 -45.22
CA PRO D 121 0.33 -5.60 -44.81
C PRO D 121 0.90 -5.35 -43.43
N TYR D 122 1.17 -4.08 -43.12
CA TYR D 122 1.86 -3.77 -41.87
C TYR D 122 1.02 -4.11 -40.66
N TRP D 123 -0.31 -4.08 -40.76
CA TRP D 123 -1.16 -4.09 -39.59
C TRP D 123 -1.81 -5.42 -39.29
N ARG D 124 -1.74 -6.40 -40.19
CA ARG D 124 -2.30 -7.72 -39.93
C ARG D 124 -1.75 -8.30 -38.62
N GLY D 125 -2.66 -8.74 -37.75
CA GLY D 125 -2.27 -9.29 -36.47
C GLY D 125 -1.68 -8.28 -35.53
N LYS D 126 -1.68 -7.00 -35.93
CA LYS D 126 -1.04 -5.94 -35.18
C LYS D 126 -2.03 -4.98 -34.57
N CYS D 127 -3.07 -4.60 -35.32
CA CYS D 127 -4.05 -3.67 -34.78
C CYS D 127 -4.92 -4.34 -33.72
N VAL D 128 -5.45 -3.51 -32.83
CA VAL D 128 -6.20 -4.00 -31.68
C VAL D 128 -7.36 -4.88 -32.13
N LEU D 129 -8.03 -4.50 -33.20
CA LEU D 129 -9.09 -5.36 -33.72
C LEU D 129 -8.54 -6.74 -34.03
N ASP D 130 -7.35 -6.81 -34.61
CA ASP D 130 -6.73 -8.09 -34.92
C ASP D 130 -6.43 -8.86 -33.64
N ARG D 131 -5.87 -8.18 -32.65
CA ARG D 131 -5.59 -8.83 -31.38
C ARG D 131 -6.87 -9.37 -30.75
N TRP D 132 -7.90 -8.53 -30.68
CA TRP D 132 -9.15 -8.95 -30.06
C TRP D 132 -9.68 -10.21 -30.72
N ASN D 133 -9.63 -10.27 -32.05
CA ASN D 133 -10.10 -11.47 -32.72
C ASN D 133 -9.21 -12.66 -32.43
N ALA D 134 -7.88 -12.47 -32.48
CA ALA D 134 -7.01 -13.54 -32.02
C ALA D 134 -7.46 -14.05 -30.65
N MET D 135 -7.70 -13.12 -29.73
CA MET D 135 -7.80 -13.42 -28.30
C MET D 135 -9.21 -13.71 -27.83
N MET D 136 -10.22 -13.11 -28.51
CA MET D 136 -11.60 -13.17 -28.05
C MET D 136 -11.89 -14.56 -27.50
N PRO D 137 -12.17 -14.67 -26.19
CA PRO D 137 -12.46 -15.97 -25.60
C PRO D 137 -13.77 -16.53 -26.11
N GLU D 138 -13.93 -17.85 -25.93
CA GLU D 138 -15.02 -18.52 -26.63
C GLU D 138 -16.38 -18.19 -26.01
N ASP D 139 -16.42 -17.89 -24.71
CA ASP D 139 -17.70 -17.47 -24.11
C ASP D 139 -18.21 -16.17 -24.75
N VAL D 140 -17.31 -15.20 -24.99
CA VAL D 140 -17.69 -14.02 -25.74
C VAL D 140 -18.16 -14.40 -27.14
N ARG D 141 -17.36 -15.20 -27.85
CA ARG D 141 -17.69 -15.52 -29.23
C ARG D 141 -19.10 -16.10 -29.36
N THR D 142 -19.44 -17.10 -28.56
CA THR D 142 -20.73 -17.73 -28.77
C THR D 142 -21.89 -16.90 -28.27
N MET D 143 -21.65 -15.88 -27.45
CA MET D 143 -22.70 -14.93 -27.12
C MET D 143 -22.80 -13.85 -28.19
N ARG D 144 -21.65 -13.31 -28.60
CA ARG D 144 -21.63 -12.41 -29.76
C ARG D 144 -22.28 -13.09 -30.95
N ASP D 145 -21.70 -14.21 -31.38
CA ASP D 145 -22.41 -15.12 -32.25
C ASP D 145 -23.75 -15.45 -31.62
N GLY D 146 -24.81 -15.43 -32.41
CA GLY D 146 -26.11 -15.49 -31.79
C GLY D 146 -26.61 -14.17 -31.24
N GLY D 147 -25.81 -13.11 -31.27
CA GLY D 147 -26.32 -11.75 -31.08
C GLY D 147 -26.75 -11.34 -29.69
N MET D 148 -26.46 -12.14 -28.66
CA MET D 148 -26.86 -11.73 -27.31
C MET D 148 -26.12 -10.48 -26.85
N LEU D 149 -24.81 -10.41 -27.12
CA LEU D 149 -24.03 -9.23 -26.83
C LEU D 149 -23.47 -8.66 -28.12
N TYR D 150 -23.24 -7.36 -28.14
CA TYR D 150 -22.40 -6.76 -29.16
C TYR D 150 -21.15 -6.24 -28.49
N VAL D 151 -20.00 -6.70 -28.97
CA VAL D 151 -18.75 -6.57 -28.24
C VAL D 151 -17.67 -5.84 -29.01
N ASP D 152 -17.87 -5.58 -30.29
CA ASP D 152 -16.75 -5.26 -31.18
C ASP D 152 -16.51 -3.76 -31.32
N LYS D 153 -17.44 -2.92 -30.88
CA LYS D 153 -17.36 -1.48 -31.05
C LYS D 153 -15.99 -0.96 -30.63
N LYS D 154 -15.71 -0.96 -29.34
CA LYS D 154 -14.55 -0.23 -28.85
C LYS D 154 -13.23 -0.86 -29.28
N PHE D 155 -13.22 -2.13 -29.71
CA PHE D 155 -12.00 -2.64 -30.32
C PHE D 155 -11.73 -2.00 -31.67
N VAL D 156 -12.78 -1.52 -32.32
CA VAL D 156 -12.64 -0.92 -33.64
C VAL D 156 -12.33 0.57 -33.53
N ARG D 157 -12.96 1.26 -32.59
CA ARG D 157 -12.96 2.72 -32.54
C ARG D 157 -12.40 3.16 -31.20
N GLY D 158 -11.30 3.94 -31.23
CA GLY D 158 -10.48 4.36 -30.10
C GLY D 158 -11.28 4.82 -28.92
N TYR D 159 -10.68 5.58 -27.99
CA TYR D 159 -11.47 5.85 -26.79
C TYR D 159 -12.69 6.69 -27.12
N GLY D 160 -12.48 7.93 -27.52
CA GLY D 160 -13.60 8.84 -27.55
C GLY D 160 -14.29 8.87 -26.21
N GLU D 161 -15.61 8.99 -26.26
CA GLU D 161 -16.48 9.11 -25.10
C GLU D 161 -15.80 9.81 -23.92
N ASN D 162 -15.43 11.06 -24.12
CA ASN D 162 -14.84 11.82 -23.04
C ASN D 162 -14.82 13.29 -23.45
N THR D 163 -14.60 14.13 -22.49
CA THR D 163 -14.50 15.51 -22.69
C THR D 163 -13.11 15.91 -22.29
N PRO D 164 -12.36 16.29 -23.27
CA PRO D 164 -11.01 16.73 -22.99
C PRO D 164 -10.90 18.03 -22.17
N GLY D 165 -9.73 18.21 -21.69
CA GLY D 165 -9.37 19.31 -20.90
C GLY D 165 -9.33 20.61 -21.61
N TRP D 166 -10.47 21.06 -22.11
CA TRP D 166 -10.66 22.25 -22.77
C TRP D 166 -10.09 23.49 -22.05
N ARG D 167 -10.30 23.58 -20.77
CA ARG D 167 -9.79 24.63 -19.94
C ARG D 167 -8.26 24.61 -19.87
N THR D 168 -7.68 23.43 -19.92
CA THR D 168 -6.23 23.37 -19.88
C THR D 168 -5.65 23.85 -21.20
N LEU D 169 -6.15 23.33 -22.32
CA LEU D 169 -5.78 23.81 -23.62
C LEU D 169 -5.95 25.33 -23.72
N LEU D 170 -7.13 25.82 -23.35
CA LEU D 170 -7.44 27.23 -23.56
C LEU D 170 -6.54 28.13 -22.74
N ALA D 171 -6.22 27.73 -21.50
CA ALA D 171 -5.41 28.60 -20.65
C ALA D 171 -3.93 28.40 -20.87
N LYS D 172 -3.49 27.23 -21.29
CA LYS D 172 -2.06 27.00 -21.41
C LYS D 172 -1.58 26.99 -22.85
N GLY D 173 -2.43 26.56 -23.79
CA GLY D 173 -1.98 26.39 -25.14
C GLY D 173 -1.16 25.13 -25.20
N ILE D 174 -1.04 24.55 -26.41
CA ILE D 174 -0.26 23.33 -26.56
C ILE D 174 1.22 23.58 -26.27
N THR D 175 1.71 24.79 -26.49
CA THR D 175 3.09 25.06 -26.10
C THR D 175 3.23 25.05 -24.60
N GLY D 176 2.31 25.71 -23.92
CA GLY D 176 2.34 25.70 -22.46
C GLY D 176 2.41 24.30 -21.90
N ILE D 177 1.62 23.39 -22.47
CA ILE D 177 1.59 22.00 -21.98
C ILE D 177 2.89 21.29 -22.34
N LYS D 178 3.26 21.36 -23.61
CA LYS D 178 4.55 20.83 -24.06
C LYS D 178 5.66 21.33 -23.17
N LYS D 179 5.63 22.61 -22.78
CA LYS D 179 6.63 23.15 -21.88
C LYS D 179 6.63 22.41 -20.55
N GLU D 180 5.45 22.02 -20.07
CA GLU D 180 5.35 21.25 -18.84
C GLU D 180 5.90 19.85 -19.04
N ALA D 181 5.42 19.16 -20.08
CA ALA D 181 5.95 17.84 -20.38
C ALA D 181 7.46 17.87 -20.48
N GLU D 182 8.00 18.87 -21.18
CA GLU D 182 9.44 19.03 -21.25
C GLU D 182 10.07 19.20 -19.87
N GLU D 183 9.40 19.95 -18.98
CA GLU D 183 9.96 20.19 -17.64
C GLU D 183 9.87 18.94 -16.76
N LYS D 184 8.72 18.23 -16.78
CA LYS D 184 8.64 16.93 -16.13
C LYS D 184 9.69 15.99 -16.69
N LEU D 185 9.87 16.00 -18.00
CA LEU D 185 10.87 15.15 -18.63
C LEU D 185 12.27 15.47 -18.10
N ALA D 186 12.60 16.76 -17.98
CA ALA D 186 13.94 17.11 -17.54
C ALA D 186 14.15 16.79 -16.06
N ALA D 187 13.08 16.71 -15.27
CA ALA D 187 13.16 16.43 -13.84
C ALA D 187 13.14 14.93 -13.52
N LEU D 188 13.00 14.08 -14.53
CA LEU D 188 13.07 12.64 -14.35
C LEU D 188 14.42 12.14 -14.83
N ASP D 189 14.94 11.16 -14.12
CA ASP D 189 16.20 10.53 -14.44
C ASP D 189 15.94 9.07 -14.80
N ASP D 190 16.24 8.71 -16.05
CA ASP D 190 16.02 7.34 -16.51
C ASP D 190 16.97 6.34 -15.89
N ALA D 191 17.78 6.74 -14.93
CA ALA D 191 18.54 5.79 -14.14
C ALA D 191 17.74 5.24 -12.97
N HIS D 192 16.54 5.76 -12.73
CA HIS D 192 15.76 5.40 -11.55
C HIS D 192 14.80 4.26 -11.77
N GLY D 193 14.77 3.67 -12.96
CA GLY D 193 14.22 2.34 -13.15
C GLY D 193 13.14 2.32 -14.20
N GLU D 194 12.65 1.10 -14.47
CA GLU D 194 11.67 0.87 -15.52
C GLU D 194 10.44 1.75 -15.36
N ASP D 195 10.01 1.99 -14.12
CA ASP D 195 8.82 2.80 -13.90
C ASP D 195 9.04 4.23 -14.36
N VAL D 196 10.24 4.78 -14.12
CA VAL D 196 10.49 6.14 -14.57
C VAL D 196 10.63 6.18 -16.08
N LEU D 197 11.35 5.23 -16.65
CA LEU D 197 11.47 5.19 -18.10
C LEU D 197 10.08 5.20 -18.75
N LYS D 198 9.14 4.44 -18.22
CA LYS D 198 7.76 4.51 -18.69
C LYS D 198 7.24 5.94 -18.62
N GLN D 199 7.45 6.61 -17.48
CA GLN D 199 7.05 8.01 -17.42
C GLN D 199 7.70 8.82 -18.53
N ILE D 200 9.02 8.69 -18.66
CA ILE D 200 9.80 9.40 -19.67
C ILE D 200 9.22 9.13 -21.05
N ILE D 201 8.99 7.85 -21.34
CA ILE D 201 8.37 7.47 -22.60
C ILE D 201 7.08 8.23 -22.78
N PHE D 202 6.27 8.33 -21.72
CA PHE D 202 4.99 9.01 -21.86
C PHE D 202 5.18 10.51 -22.08
N TYR D 203 6.08 11.15 -21.35
CA TYR D 203 6.24 12.59 -21.55
C TYR D 203 6.73 12.89 -22.97
N LYS D 204 7.73 12.15 -23.43
CA LYS D 204 8.18 12.27 -24.81
C LYS D 204 7.00 12.18 -25.76
N SER D 205 6.18 11.16 -25.60
CA SER D 205 5.05 11.01 -26.52
C SER D 205 4.15 12.24 -26.48
N LEU D 206 3.98 12.84 -25.31
CA LEU D 206 3.24 14.10 -25.24
C LEU D 206 3.95 15.19 -26.03
N ILE D 207 5.27 15.30 -25.84
CA ILE D 207 6.04 16.35 -26.52
C ILE D 207 5.94 16.17 -28.02
N ILE D 208 6.08 14.94 -28.49
CA ILE D 208 6.03 14.69 -29.93
C ILE D 208 4.66 15.04 -30.47
N SER D 209 3.61 14.52 -29.82
CA SER D 209 2.24 14.92 -30.13
C SER D 209 2.11 16.43 -30.16
N ALA D 210 2.55 17.09 -29.10
CA ALA D 210 2.34 18.52 -29.03
C ALA D 210 3.02 19.25 -30.18
N GLU D 211 4.23 18.81 -30.56
CA GLU D 211 4.93 19.43 -31.67
C GLU D 211 4.12 19.28 -32.96
N GLY D 212 3.54 18.10 -33.18
CA GLY D 212 2.77 17.88 -34.38
C GLY D 212 1.53 18.73 -34.48
N ILE D 213 0.88 18.99 -33.34
CA ILE D 213 -0.36 19.77 -33.39
C ILE D 213 -0.06 21.23 -33.67
N ILE D 214 1.06 21.74 -33.15
CA ILE D 214 1.46 23.09 -33.52
C ILE D 214 1.99 23.10 -34.94
N ALA D 215 2.53 21.98 -35.43
CA ALA D 215 2.93 21.95 -36.82
C ALA D 215 1.71 22.09 -37.72
N LEU D 216 0.65 21.33 -37.39
CA LEU D 216 -0.59 21.33 -38.15
C LEU D 216 -1.21 22.72 -38.19
N ALA D 217 -1.36 23.35 -37.02
CA ALA D 217 -1.91 24.70 -37.03
C ALA D 217 -1.09 25.63 -37.93
N ASN D 218 0.24 25.54 -37.86
CA ASN D 218 1.06 26.47 -38.63
C ASN D 218 0.91 26.20 -40.13
N ARG D 219 0.77 24.94 -40.51
CA ARG D 219 0.49 24.65 -41.90
C ARG D 219 -0.78 25.38 -42.34
N HIS D 220 -1.77 25.45 -41.46
CA HIS D 220 -3.00 26.15 -41.82
C HIS D 220 -2.78 27.64 -41.96
N ALA D 221 -1.99 28.21 -41.05
CA ALA D 221 -1.64 29.63 -41.19
C ALA D 221 -0.86 29.85 -42.49
N ASP D 222 0.08 28.95 -42.79
CA ASP D 222 0.86 29.07 -44.01
C ASP D 222 -0.05 29.06 -45.22
N LEU D 223 -0.84 28.00 -45.34
CA LEU D 223 -1.80 27.87 -46.43
C LEU D 223 -2.68 29.10 -46.56
N ALA D 224 -3.07 29.68 -45.42
CA ALA D 224 -3.92 30.87 -45.45
C ALA D 224 -3.17 32.08 -46.00
N GLU D 225 -1.89 32.25 -45.64
CA GLU D 225 -1.17 33.42 -46.16
C GLU D 225 -0.91 33.25 -47.65
N LYS D 226 -0.65 32.02 -48.08
CA LYS D 226 -0.47 31.78 -49.50
C LYS D 226 -1.77 32.04 -50.24
N MET D 227 -2.88 31.50 -49.74
CA MET D 227 -4.18 31.84 -50.32
C MET D 227 -4.38 33.35 -50.35
N ALA D 228 -4.06 34.03 -49.26
CA ALA D 228 -4.16 35.48 -49.21
C ALA D 228 -3.47 36.14 -50.41
N GLU D 229 -2.25 35.68 -50.73
CA GLU D 229 -1.51 36.22 -51.88
C GLU D 229 -2.30 36.17 -53.17
N LYS D 230 -3.14 35.15 -53.34
CA LYS D 230 -3.86 34.92 -54.60
C LYS D 230 -5.31 35.39 -54.56
N GLU D 231 -5.69 36.18 -53.56
CA GLU D 231 -7.09 36.53 -53.36
C GLU D 231 -7.33 37.98 -53.77
N ALA D 232 -8.22 38.17 -54.75
CA ALA D 232 -8.51 39.51 -55.25
C ALA D 232 -9.33 40.30 -54.23
N ASP D 233 -10.55 39.85 -53.94
CA ASP D 233 -11.41 40.54 -52.98
C ASP D 233 -10.66 40.79 -51.68
N GLU D 234 -10.64 42.05 -51.25
CA GLU D 234 -9.92 42.36 -50.01
C GLU D 234 -10.66 41.81 -48.80
N LYS D 235 -12.00 41.68 -48.87
CA LYS D 235 -12.72 41.13 -47.73
C LYS D 235 -12.25 39.69 -47.45
N ARG D 236 -12.32 38.84 -48.47
CA ARG D 236 -11.83 37.47 -48.31
C ARG D 236 -10.35 37.46 -47.98
N ARG D 237 -9.56 38.24 -48.73
CA ARG D 237 -8.13 38.31 -48.43
C ARG D 237 -7.89 38.72 -46.99
N ALA D 238 -8.75 39.57 -46.44
CA ALA D 238 -8.53 39.99 -45.07
C ALA D 238 -8.92 38.90 -44.07
N GLU D 239 -9.93 38.09 -44.40
CA GLU D 239 -10.23 36.92 -43.58
C GLU D 239 -9.08 35.94 -43.61
N LEU D 240 -8.58 35.63 -44.81
CA LEU D 240 -7.48 34.69 -44.91
C LEU D 240 -6.27 35.16 -44.11
N LEU D 241 -6.05 36.47 -44.07
CA LEU D 241 -4.96 36.99 -43.26
C LEU D 241 -5.24 36.82 -41.78
N LYS D 242 -6.50 37.02 -41.38
CA LYS D 242 -6.89 36.78 -40.00
C LYS D 242 -6.81 35.28 -39.68
N ILE D 243 -7.34 34.44 -40.57
CA ILE D 243 -7.18 33.01 -40.39
C ILE D 243 -5.72 32.65 -40.16
N ALA D 244 -4.81 33.32 -40.87
CA ALA D 244 -3.39 33.03 -40.71
C ALA D 244 -2.90 33.44 -39.34
N GLU D 245 -3.32 34.63 -38.90
CA GLU D 245 -2.86 35.16 -37.64
C GLU D 245 -3.31 34.26 -36.49
N VAL D 246 -4.56 33.79 -36.52
CA VAL D 246 -5.05 33.02 -35.37
C VAL D 246 -4.46 31.62 -35.36
N ASN D 247 -4.28 31.00 -36.53
CA ASN D 247 -3.71 29.66 -36.52
C ASN D 247 -2.22 29.65 -36.21
N ARG D 248 -1.54 30.80 -36.31
CA ARG D 248 -0.16 30.91 -35.82
C ARG D 248 -0.12 30.95 -34.29
N ASN D 249 -1.23 31.34 -33.67
CA ASN D 249 -1.25 31.51 -32.23
C ASN D 249 -1.81 30.30 -31.51
N VAL D 250 -2.93 29.76 -32.00
CA VAL D 250 -3.64 28.70 -31.32
C VAL D 250 -3.56 27.46 -32.21
N PRO D 251 -3.60 26.22 -31.64
CA PRO D 251 -3.72 25.92 -30.21
C PRO D 251 -2.40 26.06 -29.45
N ALA D 252 -1.36 26.52 -30.16
CA ALA D 252 -0.04 26.68 -29.56
C ALA D 252 -0.11 27.48 -28.26
N ASN D 253 -0.68 28.67 -28.32
CA ASN D 253 -0.73 29.59 -27.21
C ASN D 253 -2.16 29.77 -26.73
N PRO D 254 -2.33 30.29 -25.53
CA PRO D 254 -3.68 30.64 -25.06
C PRO D 254 -4.33 31.64 -26.01
N PRO D 255 -5.61 31.44 -26.33
CA PRO D 255 -6.29 32.34 -27.26
C PRO D 255 -6.29 33.78 -26.75
N ARG D 256 -5.93 34.71 -27.64
CA ARG D 256 -6.02 36.13 -27.30
C ARG D 256 -7.44 36.66 -27.39
N ASN D 257 -8.33 35.94 -28.09
CA ASN D 257 -9.71 36.38 -28.26
C ASN D 257 -10.60 35.16 -28.47
N PHE D 258 -11.90 35.44 -28.64
CA PHE D 258 -12.93 34.43 -28.83
C PHE D 258 -12.75 33.69 -30.15
N TYR D 259 -12.48 34.41 -31.23
CA TYR D 259 -12.07 33.80 -32.48
C TYR D 259 -10.96 32.78 -32.25
N GLU D 260 -9.90 33.20 -31.55
CA GLU D 260 -8.76 32.31 -31.37
C GLU D 260 -9.13 31.11 -30.50
N ALA D 261 -9.99 31.31 -29.49
CA ALA D 261 -10.40 30.23 -28.61
C ALA D 261 -11.16 29.15 -29.37
N LEU D 262 -12.06 29.55 -30.26
CA LEU D 262 -12.79 28.59 -31.08
C LEU D 262 -11.84 27.78 -31.94
N GLN D 263 -10.96 28.48 -32.68
CA GLN D 263 -9.99 27.77 -33.50
C GLN D 263 -9.17 26.82 -32.66
N SER D 264 -8.86 27.22 -31.42
CA SER D 264 -8.04 26.40 -30.56
C SER D 264 -8.72 25.05 -30.27
N MET D 265 -9.95 25.10 -29.75
CA MET D 265 -10.64 23.85 -29.46
C MET D 265 -10.77 23.02 -30.72
N LEU D 266 -11.07 23.66 -31.84
CA LEU D 266 -11.35 22.93 -33.06
C LEU D 266 -10.11 22.23 -33.58
N THR D 267 -9.01 22.97 -33.69
CA THR D 267 -7.76 22.34 -34.09
C THR D 267 -7.44 21.17 -33.16
N TYR D 268 -7.53 21.40 -31.85
CA TYR D 268 -7.29 20.32 -30.91
C TYR D 268 -8.30 19.20 -31.08
N GLU D 269 -9.59 19.55 -31.22
CA GLU D 269 -10.60 18.51 -31.38
C GLU D 269 -10.33 17.65 -32.60
N PHE D 270 -9.90 18.26 -33.70
CA PHE D 270 -9.57 17.47 -34.88
C PHE D 270 -8.34 16.59 -34.65
N CYS D 271 -7.37 17.07 -33.86
CA CYS D 271 -6.17 16.25 -33.68
C CYS D 271 -6.44 15.05 -32.79
N ILE D 272 -7.39 15.14 -31.86
CA ILE D 272 -7.60 13.97 -31.03
C ILE D 272 -8.53 13.01 -31.74
N PHE D 273 -9.39 13.52 -32.63
CA PHE D 273 -10.13 12.60 -33.48
C PHE D 273 -9.18 11.88 -34.43
N MET D 274 -8.26 12.61 -35.06
CA MET D 274 -7.26 11.93 -35.88
C MET D 274 -6.48 10.92 -35.06
N GLU D 275 -6.07 11.30 -33.85
CA GLU D 275 -5.37 10.34 -32.99
C GLU D 275 -6.12 9.01 -32.95
N GLN D 276 -7.43 9.04 -32.71
CA GLN D 276 -8.24 7.83 -32.80
C GLN D 276 -9.64 8.20 -33.29
N ASN D 277 -10.03 7.64 -34.44
CA ASN D 277 -11.44 7.69 -34.84
C ASN D 277 -12.29 7.19 -33.69
N ALA D 278 -13.23 8.01 -33.26
CA ALA D 278 -14.02 7.64 -32.10
C ALA D 278 -15.14 8.65 -31.91
N SER D 279 -16.23 8.19 -31.35
CA SER D 279 -17.34 9.07 -31.07
C SER D 279 -17.13 9.77 -29.73
N SER D 280 -17.69 10.97 -29.64
CA SER D 280 -17.87 11.63 -28.36
C SER D 280 -16.57 12.18 -27.78
N TYR D 281 -15.73 12.78 -28.63
CA TYR D 281 -14.82 13.78 -28.10
C TYR D 281 -15.71 14.99 -27.95
N ASN D 282 -16.14 15.26 -26.73
CA ASN D 282 -17.16 16.25 -26.52
C ASN D 282 -16.53 17.62 -26.26
N LEU D 283 -17.09 18.63 -26.89
CA LEU D 283 -16.71 19.99 -26.58
C LEU D 283 -17.15 20.40 -25.18
N GLY D 284 -18.13 19.69 -24.62
CA GLY D 284 -18.62 20.08 -23.31
C GLY D 284 -19.21 21.48 -23.25
N ARG D 285 -18.89 22.16 -22.17
CA ARG D 285 -19.56 23.41 -21.80
C ARG D 285 -18.82 24.62 -22.39
N MET D 286 -18.96 24.78 -23.67
CA MET D 286 -18.41 25.85 -24.42
C MET D 286 -18.73 27.23 -23.81
N ASP D 287 -20.00 27.43 -23.48
CA ASP D 287 -20.63 28.52 -22.83
C ASP D 287 -19.88 28.90 -21.55
N GLN D 288 -19.26 27.99 -20.87
CA GLN D 288 -18.46 28.33 -19.70
C GLN D 288 -16.99 28.48 -20.04
N TYR D 289 -16.48 27.69 -20.98
CA TYR D 289 -15.05 27.82 -21.29
C TYR D 289 -14.74 29.11 -22.04
N LEU D 290 -15.65 29.61 -22.85
CA LEU D 290 -15.32 30.69 -23.76
C LEU D 290 -15.90 32.03 -23.34
N ILE D 291 -16.70 32.06 -22.28
CA ILE D 291 -17.48 33.24 -21.96
C ILE D 291 -16.57 34.42 -21.64
N GLN D 292 -15.39 34.18 -21.09
CA GLN D 292 -14.56 35.34 -20.79
C GLN D 292 -13.86 35.87 -22.02
N TYR D 293 -13.66 35.04 -23.04
CA TYR D 293 -13.20 35.55 -24.32
C TYR D 293 -14.30 36.36 -24.99
N TYR D 294 -15.50 35.80 -25.05
CA TYR D 294 -16.61 36.49 -25.70
C TYR D 294 -16.85 37.84 -25.05
N GLU D 295 -16.81 37.89 -23.71
CA GLU D 295 -17.15 39.11 -23.00
C GLU D 295 -16.02 40.13 -23.03
N LYS D 296 -14.76 39.67 -22.95
CA LYS D 296 -13.65 40.61 -23.14
C LYS D 296 -13.64 41.16 -24.56
N ASP D 297 -13.82 40.29 -25.56
CA ASP D 297 -13.86 40.73 -26.95
C ASP D 297 -14.99 41.72 -27.20
N LEU D 298 -16.15 41.51 -26.57
CA LEU D 298 -17.25 42.43 -26.81
C LEU D 298 -16.97 43.77 -26.16
N ALA D 299 -16.35 43.76 -24.98
CA ALA D 299 -15.95 45.01 -24.35
C ALA D 299 -14.96 45.78 -25.22
N ASP D 300 -14.06 45.08 -25.90
CA ASP D 300 -12.98 45.70 -26.66
C ASP D 300 -13.40 46.12 -28.06
N GLY D 301 -14.66 45.97 -28.42
CA GLY D 301 -15.07 46.31 -29.76
C GLY D 301 -14.42 45.46 -30.82
N THR D 302 -13.66 44.44 -30.40
CA THR D 302 -13.03 43.59 -31.39
C THR D 302 -13.97 42.56 -31.98
N MET D 303 -15.18 42.41 -31.41
CA MET D 303 -16.13 41.44 -31.90
C MET D 303 -17.53 41.80 -31.41
N THR D 304 -18.52 41.55 -32.25
CA THR D 304 -19.92 41.75 -31.86
C THR D 304 -20.56 40.40 -31.58
N GLN D 305 -21.64 40.43 -30.82
CA GLN D 305 -22.40 39.20 -30.61
C GLN D 305 -22.73 38.54 -31.94
N ASP D 306 -23.02 39.34 -32.97
CA ASP D 306 -23.32 38.75 -34.26
C ASP D 306 -22.11 37.99 -34.80
N GLU D 307 -20.96 38.64 -34.84
CA GLU D 307 -19.75 37.94 -35.26
C GLU D 307 -19.46 36.72 -34.39
N ALA D 308 -19.63 36.83 -33.06
CA ALA D 308 -19.46 35.66 -32.21
C ALA D 308 -20.40 34.54 -32.62
N GLN D 309 -21.66 34.86 -32.91
CA GLN D 309 -22.61 33.85 -33.38
C GLN D 309 -22.14 33.21 -34.68
N GLU D 310 -21.64 34.04 -35.60
CA GLU D 310 -21.21 33.53 -36.90
C GLU D 310 -20.05 32.56 -36.74
N LEU D 311 -19.04 32.96 -35.97
CA LEU D 311 -17.95 32.04 -35.71
C LEU D 311 -18.49 30.72 -35.18
N MET D 312 -19.34 30.78 -34.15
CA MET D 312 -19.87 29.55 -33.58
C MET D 312 -20.55 28.69 -34.62
N ASP D 313 -21.36 29.32 -35.50
CA ASP D 313 -21.98 28.60 -36.61
C ASP D 313 -20.93 27.96 -37.50
N CYS D 314 -19.90 28.72 -37.86
CA CYS D 314 -18.78 28.11 -38.56
C CYS D 314 -18.31 26.89 -37.82
N PHE D 315 -18.00 27.09 -36.52
CA PHE D 315 -17.51 26.03 -35.65
C PHE D 315 -18.44 24.82 -35.68
N TRP D 316 -19.74 25.05 -35.63
CA TRP D 316 -20.68 23.95 -35.64
C TRP D 316 -20.52 23.13 -36.90
N ILE D 317 -20.37 23.80 -38.04
CA ILE D 317 -20.24 23.10 -39.30
C ILE D 317 -18.93 22.33 -39.33
N LYS D 318 -17.83 23.00 -38.97
CA LYS D 318 -16.54 22.32 -38.91
C LYS D 318 -16.69 21.01 -38.16
N ILE D 319 -17.16 21.08 -36.90
CA ILE D 319 -17.36 19.89 -36.09
C ILE D 319 -18.13 18.83 -36.87
N SER D 320 -19.19 19.24 -37.57
CA SER D 320 -19.99 18.31 -38.37
C SER D 320 -19.18 17.58 -39.43
N GLU D 321 -18.01 18.10 -39.80
CA GLU D 321 -17.22 17.58 -40.92
C GLU D 321 -16.46 16.32 -40.56
N MET D 322 -16.53 15.87 -39.32
CA MET D 322 -16.11 14.53 -39.00
C MET D 322 -17.27 13.58 -39.18
N GLY D 323 -16.95 12.34 -39.54
CA GLY D 323 -17.94 11.29 -39.64
C GLY D 323 -17.38 10.00 -39.10
N LEU D 324 -17.98 9.49 -38.02
CA LEU D 324 -17.43 8.31 -37.37
C LEU D 324 -17.28 7.17 -38.37
N PHE D 325 -16.16 6.46 -38.28
CA PHE D 325 -15.93 5.29 -39.08
C PHE D 325 -16.00 4.02 -38.22
N GLN D 326 -16.42 2.92 -38.83
CA GLN D 326 -16.40 1.60 -38.18
C GLN D 326 -16.75 0.55 -39.22
N ASP D 327 -16.66 -0.71 -38.80
CA ASP D 327 -16.98 -1.84 -39.65
C ASP D 327 -18.45 -1.82 -40.05
N GLY D 328 -18.77 -2.68 -41.02
CA GLY D 328 -20.14 -2.75 -41.50
C GLY D 328 -21.15 -3.11 -40.43
N GLU D 329 -20.76 -3.94 -39.48
CA GLU D 329 -21.73 -4.43 -38.50
C GLU D 329 -21.89 -3.45 -37.35
N SER D 330 -20.78 -2.95 -36.80
CA SER D 330 -20.84 -1.84 -35.87
C SER D 330 -21.74 -0.71 -36.38
N ALA D 331 -21.72 -0.48 -37.70
CA ALA D 331 -22.47 0.63 -38.29
C ALA D 331 -23.96 0.47 -38.02
N ALA D 332 -24.47 -0.75 -38.08
CA ALA D 332 -25.87 -0.96 -37.76
C ALA D 332 -26.21 -0.50 -36.34
N PHE D 333 -25.25 -0.62 -35.42
CA PHE D 333 -25.42 -0.27 -34.02
C PHE D 333 -25.27 1.22 -33.73
N SER D 334 -24.74 2.00 -34.67
CA SER D 334 -24.31 3.40 -34.50
C SER D 334 -24.39 4.09 -35.87
N ALA D 335 -25.61 4.21 -36.41
CA ALA D 335 -25.79 4.62 -37.79
C ALA D 335 -25.82 6.15 -37.93
N GLY D 336 -25.54 6.63 -39.13
CA GLY D 336 -25.59 8.04 -39.42
C GLY D 336 -24.27 8.79 -39.33
N TYR D 337 -23.14 8.08 -39.39
CA TYR D 337 -21.82 8.70 -39.22
C TYR D 337 -21.75 9.47 -37.90
N ASN D 338 -22.20 8.83 -36.82
CA ASN D 338 -22.50 9.54 -35.56
C ASN D 338 -21.27 9.61 -34.67
N MET D 339 -20.43 10.61 -34.96
CA MET D 339 -19.31 10.97 -34.08
C MET D 339 -19.76 11.56 -32.75
N THR D 340 -21.05 11.86 -32.59
CA THR D 340 -21.66 12.38 -31.37
C THR D 340 -20.74 13.30 -30.57
N VAL D 341 -20.41 14.45 -31.12
CA VAL D 341 -19.60 15.43 -30.41
C VAL D 341 -20.59 16.33 -29.66
N GLN D 342 -20.70 16.11 -28.35
CA GLN D 342 -21.71 16.77 -27.55
C GLN D 342 -21.19 18.08 -27.00
N VAL D 343 -22.05 19.07 -27.02
CA VAL D 343 -21.72 20.37 -26.49
C VAL D 343 -23.00 20.83 -25.84
N CYS D 344 -22.92 21.14 -24.55
CA CYS D 344 -24.09 21.50 -23.80
C CYS D 344 -23.94 22.91 -23.26
N ALA D 345 -25.05 23.60 -23.16
CA ALA D 345 -25.15 24.88 -22.49
C ALA D 345 -25.96 24.68 -21.22
N GLY D 346 -25.87 25.65 -20.34
CA GLY D 346 -26.68 25.65 -19.14
C GLY D 346 -25.99 25.08 -17.94
N GLY D 347 -26.80 24.62 -17.00
CA GLY D 347 -26.28 24.07 -15.77
C GLY D 347 -25.92 25.16 -14.79
N ILE D 348 -25.06 24.79 -13.86
CA ILE D 348 -24.68 25.63 -12.74
C ILE D 348 -23.18 25.87 -12.80
N ASP D 349 -22.74 27.00 -12.28
CA ASP D 349 -21.32 27.31 -12.33
C ASP D 349 -20.65 26.80 -11.04
N GLN D 350 -19.39 27.17 -10.82
CA GLN D 350 -18.62 26.64 -9.70
C GLN D 350 -19.16 27.08 -8.36
N TYR D 351 -20.00 28.12 -8.34
CA TYR D 351 -20.65 28.61 -7.15
C TYR D 351 -22.06 28.05 -7.01
N GLY D 352 -22.42 27.07 -7.83
CA GLY D 352 -23.77 26.53 -7.78
C GLY D 352 -24.84 27.42 -8.35
N ASN D 353 -24.46 28.56 -8.94
CA ASN D 353 -25.35 29.56 -9.53
C ASN D 353 -25.64 29.27 -11.00
N ASP D 354 -26.74 29.83 -11.49
CA ASP D 354 -27.12 29.71 -12.89
C ASP D 354 -25.92 29.99 -13.80
N ALA D 355 -25.55 28.99 -14.60
CA ALA D 355 -24.42 29.13 -15.51
C ALA D 355 -24.82 29.75 -16.86
N VAL D 356 -26.13 29.90 -17.11
CA VAL D 356 -26.59 30.43 -18.39
C VAL D 356 -26.05 31.83 -18.62
N ASN D 357 -25.45 32.05 -19.78
CA ASN D 357 -24.93 33.34 -20.22
C ASN D 357 -25.22 33.49 -21.72
N ASP D 358 -24.66 34.51 -22.35
CA ASP D 358 -24.97 34.75 -23.76
C ASP D 358 -24.69 33.53 -24.61
N LEU D 359 -23.51 32.94 -24.43
CA LEU D 359 -23.11 31.80 -25.24
C LEU D 359 -24.04 30.61 -25.03
N SER D 360 -24.59 30.46 -23.82
CA SER D 360 -25.57 29.42 -23.58
C SER D 360 -26.72 29.53 -24.58
N TYR D 361 -27.15 30.77 -24.87
CA TYR D 361 -28.20 31.01 -25.86
C TYR D 361 -27.67 30.90 -27.28
N MET D 362 -26.43 31.33 -27.49
CA MET D 362 -25.83 31.25 -28.82
C MET D 362 -25.49 29.82 -29.18
N THR D 363 -25.20 28.98 -28.18
CA THR D 363 -25.11 27.55 -28.40
C THR D 363 -26.36 27.00 -29.04
N ILE D 364 -27.52 27.26 -28.43
CA ILE D 364 -28.77 26.85 -29.08
C ILE D 364 -28.91 27.53 -30.43
N GLN D 365 -28.60 28.83 -30.49
CA GLN D 365 -28.75 29.59 -31.73
C GLN D 365 -27.95 28.98 -32.86
N ALA D 366 -26.71 28.59 -32.61
CA ALA D 366 -25.87 28.00 -33.64
C ALA D 366 -26.54 26.77 -34.23
N THR D 367 -26.98 25.86 -33.37
CA THR D 367 -27.68 24.69 -33.87
C THR D 367 -28.85 25.07 -34.74
N GLN D 368 -29.65 26.05 -34.29
CA GLN D 368 -30.80 26.47 -35.08
C GLN D 368 -30.35 27.03 -36.42
N ASP D 369 -29.21 27.74 -36.42
CA ASP D 369 -28.66 28.30 -37.64
C ASP D 369 -28.14 27.23 -38.57
N THR D 370 -27.43 26.26 -38.03
CA THR D 370 -26.73 25.36 -38.93
C THR D 370 -27.56 24.15 -39.31
N ALA D 371 -28.53 23.77 -38.48
CA ALA D 371 -29.42 22.62 -38.69
C ALA D 371 -28.69 21.44 -39.34
N LEU D 372 -27.57 21.04 -38.76
CA LEU D 372 -26.80 19.89 -39.17
C LEU D 372 -26.89 18.80 -38.11
N LYS D 373 -26.30 17.64 -38.38
CA LYS D 373 -26.47 16.56 -37.43
C LYS D 373 -25.56 16.70 -36.21
N GLU D 374 -24.39 17.32 -36.35
CA GLU D 374 -23.54 17.64 -35.22
C GLU D 374 -23.26 19.14 -35.21
N PRO D 375 -22.77 19.68 -34.09
CA PRO D 375 -22.52 18.94 -32.87
C PRO D 375 -23.80 18.40 -32.22
N ASN D 376 -23.64 17.46 -31.32
CA ASN D 376 -24.76 16.99 -30.52
C ASN D 376 -24.99 18.04 -29.44
N MET D 377 -25.86 18.99 -29.74
CA MET D 377 -26.03 20.13 -28.88
C MET D 377 -27.09 19.78 -27.86
N THR D 378 -26.77 20.03 -26.59
CA THR D 378 -27.63 19.57 -25.52
C THR D 378 -27.62 20.60 -24.42
N VAL D 379 -28.66 20.55 -23.60
CA VAL D 379 -28.91 21.51 -22.56
C VAL D 379 -28.77 20.78 -21.24
N ARG D 380 -27.82 21.22 -20.41
CA ARG D 380 -27.85 20.93 -18.96
C ARG D 380 -28.86 21.86 -18.32
N TYR D 381 -29.98 21.33 -17.88
CA TYR D 381 -31.05 22.19 -17.40
C TYR D 381 -31.24 21.97 -15.91
N SER D 382 -30.80 22.96 -15.10
CA SER D 382 -31.08 23.00 -13.66
C SER D 382 -32.39 23.74 -13.45
N ILE D 383 -33.40 23.00 -12.99
CA ILE D 383 -34.72 23.60 -12.81
C ILE D 383 -34.69 24.66 -11.71
N SER D 384 -33.88 24.46 -10.67
CA SER D 384 -33.81 25.43 -9.58
C SER D 384 -33.03 26.68 -9.94
N LYS D 385 -32.27 26.68 -11.05
CA LYS D 385 -31.37 27.80 -11.34
C LYS D 385 -31.46 28.37 -12.74
N ASN D 386 -31.77 27.57 -13.73
CA ASN D 386 -31.68 28.10 -15.08
C ASN D 386 -32.95 28.87 -15.44
N PRO D 387 -32.82 30.01 -16.12
CA PRO D 387 -34.00 30.82 -16.41
C PRO D 387 -34.93 30.14 -17.39
N ASP D 388 -36.22 30.42 -17.27
CA ASP D 388 -37.17 29.93 -18.23
C ASP D 388 -36.82 30.38 -19.64
N SER D 389 -36.33 31.61 -19.79
CA SER D 389 -35.98 32.09 -21.11
C SER D 389 -35.06 31.10 -21.81
N PHE D 390 -34.10 30.56 -21.07
CA PHE D 390 -33.22 29.53 -21.62
C PHE D 390 -34.01 28.30 -22.01
N LEU D 391 -34.92 27.85 -21.13
CA LEU D 391 -35.69 26.65 -21.42
C LEU D 391 -36.54 26.85 -22.66
N ARG D 392 -37.15 28.03 -22.77
CA ARG D 392 -38.03 28.28 -23.91
C ARG D 392 -37.22 28.31 -25.20
N LYS D 393 -36.02 28.87 -25.16
CA LYS D 393 -35.19 28.84 -26.36
C LYS D 393 -34.94 27.40 -26.79
N ALA D 394 -34.52 26.57 -25.83
CA ALA D 394 -34.37 25.14 -26.13
C ALA D 394 -35.63 24.61 -26.79
N ALA D 395 -36.78 24.83 -26.15
CA ALA D 395 -38.04 24.33 -26.69
C ALA D 395 -38.36 24.92 -28.06
N GLU D 396 -38.00 26.19 -28.29
CA GLU D 396 -38.20 26.75 -29.63
C GLU D 396 -37.32 26.06 -30.66
N CYS D 397 -36.12 25.63 -30.25
CA CYS D 397 -35.22 24.94 -31.17
C CYS D 397 -35.73 23.55 -31.48
N ILE D 398 -36.18 22.84 -30.44
CA ILE D 398 -36.82 21.54 -30.63
C ILE D 398 -38.02 21.66 -31.56
N ARG D 399 -38.82 22.71 -31.38
CA ARG D 399 -40.05 22.82 -32.16
C ARG D 399 -39.75 22.99 -33.65
N MET D 400 -38.64 23.67 -33.99
CA MET D 400 -38.25 23.88 -35.37
C MET D 400 -37.89 22.59 -36.10
N GLY D 401 -37.86 21.46 -35.41
CA GLY D 401 -37.41 20.22 -36.02
C GLY D 401 -35.91 20.03 -36.00
N ARG D 402 -35.18 20.84 -35.24
CA ARG D 402 -33.73 20.66 -35.16
C ARG D 402 -33.33 19.39 -34.45
N THR D 403 -34.27 18.71 -33.80
CA THR D 403 -34.05 17.49 -33.03
C THR D 403 -33.17 17.72 -31.81
N MET D 404 -32.73 18.95 -31.58
CA MET D 404 -31.91 19.31 -30.44
C MET D 404 -32.47 20.58 -29.84
N PRO D 405 -32.15 20.88 -28.59
CA PRO D 405 -31.22 20.01 -27.83
C PRO D 405 -31.89 18.84 -27.10
N ALA D 406 -31.09 17.86 -26.69
CA ALA D 406 -31.52 16.98 -25.64
C ALA D 406 -31.45 17.74 -24.31
N VAL D 407 -32.48 17.59 -23.50
CA VAL D 407 -32.55 18.23 -22.19
C VAL D 407 -32.17 17.21 -21.13
N TYR D 408 -31.15 17.54 -20.34
CA TYR D 408 -30.71 16.72 -19.21
C TYR D 408 -31.13 17.37 -17.92
N HIS D 409 -31.75 16.59 -17.06
CA HIS D 409 -32.02 17.06 -15.72
C HIS D 409 -30.68 17.19 -15.02
N ASP D 410 -30.30 18.43 -14.70
CA ASP D 410 -28.93 18.70 -14.28
C ASP D 410 -28.54 17.88 -13.07
N ASP D 411 -29.41 17.85 -12.05
CA ASP D 411 -29.11 17.15 -10.81
C ASP D 411 -28.83 15.67 -11.05
N ALA D 412 -29.56 15.05 -11.99
CA ALA D 412 -29.29 13.66 -12.32
C ALA D 412 -27.89 13.50 -12.91
N GLY D 413 -27.49 14.41 -13.79
CA GLY D 413 -26.13 14.38 -14.29
C GLY D 413 -25.13 14.44 -13.17
N ILE D 414 -25.35 15.34 -12.21
CA ILE D 414 -24.45 15.43 -11.07
C ILE D 414 -24.46 14.12 -10.27
N LYS D 415 -25.65 13.53 -10.03
CA LYS D 415 -25.69 12.32 -9.21
C LYS D 415 -24.85 11.21 -9.82
N MET D 416 -24.89 11.07 -11.15
CA MET D 416 -24.11 10.03 -11.80
C MET D 416 -22.62 10.26 -11.64
N LEU D 417 -22.16 11.51 -11.77
CA LEU D 417 -20.75 11.78 -11.51
C LEU D 417 -20.41 11.52 -10.05
N LEU D 418 -21.28 11.91 -9.13
CA LEU D 418 -21.01 11.56 -7.74
C LEU D 418 -20.91 10.06 -7.59
N ASN D 419 -21.83 9.30 -8.21
CA ASN D 419 -21.78 7.85 -8.08
C ASN D 419 -20.59 7.24 -8.83
N LYS D 420 -19.96 7.97 -9.75
CA LYS D 420 -18.65 7.59 -10.27
C LYS D 420 -17.52 7.93 -9.32
N GLY D 421 -17.83 8.58 -8.20
CA GLY D 421 -16.80 8.93 -7.25
C GLY D 421 -16.18 10.29 -7.48
N ILE D 422 -16.85 11.15 -8.23
CA ILE D 422 -16.38 12.52 -8.40
C ILE D 422 -16.95 13.32 -7.24
N PRO D 423 -16.13 14.10 -6.56
CA PRO D 423 -16.66 14.91 -5.46
C PRO D 423 -17.59 16.00 -5.98
N MET D 424 -18.61 16.32 -5.18
CA MET D 424 -19.52 17.40 -5.54
C MET D 424 -18.77 18.69 -5.82
N SER D 425 -17.52 18.80 -5.35
CA SER D 425 -16.74 19.99 -5.65
C SER D 425 -16.37 20.09 -7.12
N GLN D 426 -16.48 18.99 -7.87
CA GLN D 426 -16.22 18.99 -9.28
C GLN D 426 -17.40 18.53 -10.11
N ALA D 427 -18.41 17.92 -9.50
CA ALA D 427 -19.48 17.31 -10.26
C ALA D 427 -20.43 18.35 -10.83
N TRP D 428 -20.55 19.49 -10.19
CA TRP D 428 -21.31 20.57 -10.81
C TRP D 428 -20.90 20.76 -12.25
N ASP D 429 -19.66 20.39 -12.56
CA ASP D 429 -19.02 20.60 -13.84
C ASP D 429 -19.19 19.41 -14.81
N TRP D 430 -20.23 18.59 -14.66
CA TRP D 430 -20.37 17.45 -15.56
C TRP D 430 -20.80 17.89 -16.95
N THR D 431 -20.46 17.07 -17.94
CA THR D 431 -20.81 17.34 -19.31
C THR D 431 -21.40 16.04 -19.84
N PRO D 432 -22.60 16.08 -20.42
CA PRO D 432 -23.10 14.89 -21.13
C PRO D 432 -22.08 14.47 -22.18
N CYS D 433 -22.01 13.17 -22.43
CA CYS D 433 -21.00 12.61 -23.30
C CYS D 433 -21.65 11.85 -24.44
N GLY D 434 -20.94 11.79 -25.56
CA GLY D 434 -21.44 11.16 -26.76
C GLY D 434 -22.93 11.24 -26.92
N CYS D 435 -23.61 10.16 -26.54
CA CYS D 435 -25.06 10.13 -26.59
C CYS D 435 -25.67 10.76 -25.35
N VAL D 436 -25.40 10.17 -24.18
CA VAL D 436 -26.02 10.57 -22.92
C VAL D 436 -25.15 10.11 -21.76
N GLU D 437 -23.89 9.79 -22.03
CA GLU D 437 -23.03 9.38 -20.93
C GLU D 437 -22.60 10.61 -20.14
N THR D 438 -21.89 10.40 -19.03
CA THR D 438 -21.42 11.51 -18.23
C THR D 438 -19.91 11.64 -18.32
N ASN D 439 -19.43 12.87 -18.28
CA ASN D 439 -18.02 13.18 -18.41
C ASN D 439 -17.67 14.27 -17.42
N LEU D 440 -16.37 14.47 -17.26
CA LEU D 440 -15.84 15.61 -16.52
C LEU D 440 -14.62 16.11 -17.29
N GLU D 441 -14.74 17.31 -17.85
CA GLU D 441 -13.70 18.00 -18.61
C GLU D 441 -12.28 17.69 -18.18
N GLY D 442 -11.54 16.97 -19.01
CA GLY D 442 -10.12 16.81 -18.81
C GLY D 442 -9.73 16.03 -17.58
N ARG D 443 -10.64 15.24 -17.01
CA ARG D 443 -10.45 14.69 -15.68
C ARG D 443 -11.00 13.27 -15.48
N LEU D 444 -11.84 12.75 -16.36
CA LEU D 444 -12.51 11.48 -16.18
C LEU D 444 -12.14 10.54 -17.33
N LYS D 445 -11.70 9.34 -17.00
CA LYS D 445 -11.38 8.33 -17.99
C LYS D 445 -12.29 7.13 -17.84
N SER D 446 -12.91 6.74 -18.95
CA SER D 446 -13.55 5.43 -19.06
C SER D 446 -14.14 5.25 -20.44
N TYR D 447 -14.11 4.03 -20.93
CA TYR D 447 -15.05 3.68 -21.97
C TYR D 447 -16.44 3.78 -21.38
N THR D 448 -17.25 4.67 -21.93
CA THR D 448 -18.63 4.75 -21.48
C THR D 448 -19.52 3.71 -22.11
N ASP D 449 -19.07 3.00 -23.14
CA ASP D 449 -19.95 2.04 -23.81
C ASP D 449 -19.08 1.00 -24.52
N ILE D 450 -18.85 -0.12 -23.87
CA ILE D 450 -17.97 -1.10 -24.50
C ILE D 450 -18.76 -2.07 -25.36
N GLY D 451 -19.96 -2.43 -24.93
CA GLY D 451 -20.72 -3.38 -25.70
C GLY D 451 -22.17 -3.24 -25.31
N GLU D 452 -22.98 -4.12 -25.85
CA GLU D 452 -24.41 -4.05 -25.63
C GLU D 452 -24.88 -5.40 -25.14
N ILE D 453 -25.59 -5.40 -24.03
CA ILE D 453 -26.39 -6.53 -23.62
C ILE D 453 -27.78 -6.39 -24.23
N SER D 454 -28.27 -7.45 -24.86
CA SER D 454 -29.66 -7.50 -25.31
C SER D 454 -30.53 -7.98 -24.17
N MET D 455 -31.29 -7.07 -23.57
CA MET D 455 -32.31 -7.49 -22.62
C MET D 455 -33.38 -8.33 -23.31
N GLY D 456 -33.69 -8.03 -24.57
CA GLY D 456 -34.47 -8.95 -25.36
C GLY D 456 -33.87 -10.32 -25.26
N GLY D 457 -32.65 -10.47 -25.77
CA GLY D 457 -31.96 -11.73 -25.68
C GLY D 457 -32.06 -12.37 -24.31
N VAL D 458 -31.92 -11.59 -23.24
CA VAL D 458 -32.07 -12.16 -21.90
C VAL D 458 -33.39 -12.91 -21.80
N VAL D 459 -34.48 -12.24 -22.17
CA VAL D 459 -35.80 -12.81 -22.07
C VAL D 459 -35.98 -13.97 -23.04
N ASP D 460 -35.41 -13.85 -24.24
CA ASP D 460 -35.45 -14.97 -25.15
C ASP D 460 -34.72 -16.16 -24.57
N MET D 461 -33.68 -15.92 -23.77
CA MET D 461 -32.88 -17.01 -23.25
C MET D 461 -33.59 -17.74 -22.14
N VAL D 462 -34.44 -17.06 -21.37
CA VAL D 462 -35.26 -17.76 -20.39
C VAL D 462 -36.33 -18.58 -21.11
N MET D 463 -37.06 -17.94 -22.03
CA MET D 463 -38.17 -18.59 -22.70
C MET D 463 -37.73 -19.79 -23.52
N ASN D 464 -36.49 -19.77 -24.01
CA ASN D 464 -35.96 -20.82 -24.86
C ASN D 464 -34.81 -21.55 -24.19
N ASN D 465 -34.71 -21.46 -22.86
CA ASN D 465 -33.72 -22.17 -22.07
C ASN D 465 -32.32 -22.05 -22.67
N GLY D 466 -31.92 -20.80 -22.94
CA GLY D 466 -30.58 -20.49 -23.36
C GLY D 466 -30.22 -20.89 -24.77
N ARG D 467 -31.19 -21.24 -25.59
CA ARG D 467 -30.90 -21.68 -26.95
C ARG D 467 -31.35 -20.61 -27.95
N SER D 468 -30.59 -20.46 -29.03
CA SER D 468 -30.97 -19.47 -30.02
C SER D 468 -32.24 -19.89 -30.73
N ARG D 469 -33.15 -18.93 -30.91
CA ARG D 469 -34.33 -19.19 -31.74
C ARG D 469 -33.97 -19.20 -33.22
N LYS D 470 -32.98 -18.42 -33.62
CA LYS D 470 -32.51 -18.45 -35.01
C LYS D 470 -31.89 -19.80 -35.34
N THR D 471 -30.78 -20.14 -34.68
CA THR D 471 -29.98 -21.29 -35.10
C THR D 471 -30.27 -22.56 -34.29
N GLY D 472 -30.91 -22.44 -33.14
CA GLY D 472 -31.07 -23.56 -32.24
C GLY D 472 -29.84 -23.89 -31.40
N GLU D 473 -28.73 -23.21 -31.62
CA GLU D 473 -27.53 -23.50 -30.84
C GLU D 473 -27.74 -23.12 -29.38
N GLN D 474 -27.05 -23.84 -28.49
CA GLN D 474 -26.96 -23.43 -27.11
C GLN D 474 -25.96 -22.28 -27.03
N ILE D 475 -26.45 -21.07 -26.78
CA ILE D 475 -25.61 -19.88 -26.83
C ILE D 475 -25.52 -19.23 -25.45
N SER D 476 -26.55 -19.39 -24.65
CA SER D 476 -26.49 -18.93 -23.28
C SER D 476 -26.58 -20.14 -22.35
N ILE D 477 -26.43 -19.88 -21.05
CA ILE D 477 -26.56 -20.90 -20.02
C ILE D 477 -27.96 -21.49 -20.05
N ARG D 478 -28.16 -22.52 -19.24
CA ARG D 478 -29.45 -23.18 -19.08
C ARG D 478 -30.09 -22.67 -17.80
N THR D 479 -31.30 -22.15 -17.89
CA THR D 479 -32.00 -21.73 -16.68
C THR D 479 -33.28 -22.51 -16.45
N GLY D 480 -33.60 -23.47 -17.30
CA GLY D 480 -34.71 -24.33 -17.00
C GLY D 480 -35.83 -24.14 -18.01
N ASP D 481 -36.49 -25.24 -18.34
CA ASP D 481 -37.73 -25.16 -19.09
C ASP D 481 -38.66 -24.16 -18.41
N PRO D 482 -39.19 -23.18 -19.14
CA PRO D 482 -40.14 -22.24 -18.52
C PRO D 482 -41.45 -22.88 -18.09
N ARG D 483 -41.79 -24.05 -18.64
CA ARG D 483 -42.95 -24.80 -18.17
C ARG D 483 -42.77 -25.31 -16.76
N ASP D 484 -41.55 -25.28 -16.24
CA ASP D 484 -41.31 -25.74 -14.88
C ASP D 484 -41.26 -24.60 -13.86
N PHE D 485 -41.40 -23.35 -14.28
CA PHE D 485 -41.46 -22.24 -13.34
C PHE D 485 -42.84 -22.24 -12.66
N LYS D 486 -42.90 -22.76 -11.43
CA LYS D 486 -44.17 -22.81 -10.70
C LYS D 486 -44.71 -21.41 -10.41
N THR D 487 -43.83 -20.46 -10.11
CA THR D 487 -44.29 -19.11 -9.84
C THR D 487 -43.45 -18.10 -10.60
N PHE D 488 -43.96 -16.87 -10.63
CA PHE D 488 -43.22 -15.76 -11.17
C PHE D 488 -41.84 -15.63 -10.55
N ASP D 489 -41.65 -16.06 -9.30
CA ASP D 489 -40.34 -15.91 -8.65
C ASP D 489 -39.28 -16.79 -9.29
N ASP D 490 -39.62 -18.03 -9.63
CA ASP D 490 -38.69 -18.86 -10.38
C ASP D 490 -38.44 -18.28 -11.76
N PHE D 491 -39.47 -17.73 -12.39
CA PHE D 491 -39.26 -17.05 -13.67
C PHE D 491 -38.28 -15.90 -13.50
N MET D 492 -38.55 -15.02 -12.54
CA MET D 492 -37.63 -13.92 -12.26
C MET D 492 -36.25 -14.43 -11.89
N ALA D 493 -36.19 -15.52 -11.14
CA ALA D 493 -34.88 -16.05 -10.77
C ALA D 493 -34.10 -16.46 -12.02
N ALA D 494 -34.78 -17.05 -13.01
CA ALA D 494 -34.11 -17.39 -14.24
C ALA D 494 -33.68 -16.15 -15.00
N VAL D 495 -34.54 -15.13 -15.06
CA VAL D 495 -34.15 -13.87 -15.70
C VAL D 495 -32.89 -13.34 -15.03
N LYS D 496 -32.84 -13.38 -13.70
CA LYS D 496 -31.62 -12.99 -13.00
C LYS D 496 -30.44 -13.86 -13.41
N LYS D 497 -30.64 -15.18 -13.51
CA LYS D 497 -29.53 -16.05 -13.86
C LYS D 497 -29.01 -15.73 -15.25
N GLN D 498 -29.92 -15.51 -16.21
CA GLN D 498 -29.50 -15.07 -17.53
C GLN D 498 -28.74 -13.76 -17.44
N ILE D 499 -29.30 -12.78 -16.74
CA ILE D 499 -28.61 -11.49 -16.59
C ILE D 499 -27.22 -11.69 -16.00
N ASP D 500 -27.10 -12.58 -15.01
CA ASP D 500 -25.78 -12.83 -14.43
C ASP D 500 -24.79 -13.25 -15.49
N HIS D 501 -25.22 -14.12 -16.40
CA HIS D 501 -24.33 -14.71 -17.38
C HIS D 501 -24.00 -13.72 -18.47
N PHE D 502 -25.01 -12.99 -18.95
CA PHE D 502 -24.76 -11.92 -19.92
C PHE D 502 -23.74 -10.95 -19.36
N VAL D 503 -24.02 -10.41 -18.17
CA VAL D 503 -23.12 -9.41 -17.56
C VAL D 503 -21.74 -10.02 -17.38
N HIS D 504 -21.69 -11.26 -16.87
CA HIS D 504 -20.41 -11.92 -16.71
C HIS D 504 -19.64 -11.94 -18.02
N THR D 505 -20.32 -12.26 -19.12
CA THR D 505 -19.63 -12.36 -20.37
C THR D 505 -19.23 -11.00 -20.92
N MET D 506 -20.03 -9.97 -20.65
CA MET D 506 -19.58 -8.62 -20.94
C MET D 506 -18.37 -8.26 -20.10
N ALA D 507 -18.34 -8.70 -18.84
CA ALA D 507 -17.20 -8.37 -18.00
C ALA D 507 -15.94 -9.02 -18.56
N THR D 508 -16.06 -10.25 -19.04
CA THR D 508 -14.95 -10.94 -19.67
C THR D 508 -14.38 -10.14 -20.83
N MET D 509 -15.26 -9.72 -21.73
CA MET D 509 -14.80 -8.92 -22.86
C MET D 509 -14.15 -7.62 -22.38
N ASN D 510 -14.65 -7.01 -21.30
CA ASN D 510 -14.00 -5.80 -20.79
C ASN D 510 -12.55 -6.05 -20.38
N SER D 511 -12.26 -7.19 -19.77
CA SER D 511 -10.87 -7.46 -19.41
C SER D 511 -9.97 -7.39 -20.63
N TYR D 512 -10.42 -7.96 -21.75
CA TYR D 512 -9.62 -7.90 -22.97
C TYR D 512 -9.51 -6.48 -23.48
N LEU D 513 -10.59 -5.72 -23.42
CA LEU D 513 -10.60 -4.36 -23.95
C LEU D 513 -9.61 -3.47 -23.22
N ASP D 514 -9.62 -3.52 -21.89
CA ASP D 514 -8.64 -2.78 -21.09
C ASP D 514 -7.23 -3.21 -21.40
N TYR D 515 -7.00 -4.52 -21.47
CA TYR D 515 -5.65 -5.03 -21.74
C TYR D 515 -5.12 -4.50 -23.07
N LEU D 516 -5.88 -4.71 -24.16
CA LEU D 516 -5.51 -4.15 -25.45
C LEU D 516 -5.44 -2.64 -25.41
N SER D 517 -6.47 -2.00 -24.86
CA SER D 517 -6.45 -0.54 -24.78
C SER D 517 -5.16 -0.05 -24.16
N GLU D 518 -4.84 -0.58 -22.99
CA GLU D 518 -3.73 -0.05 -22.20
C GLU D 518 -2.39 -0.24 -22.90
N ASN D 519 -2.26 -1.29 -23.69
CA ASN D 519 -1.00 -1.55 -24.36
C ASN D 519 -0.96 -0.89 -25.74
N TYR D 520 -2.05 -0.96 -26.49
CA TYR D 520 -2.05 -0.63 -27.91
C TYR D 520 -2.93 0.54 -28.24
N ARG D 521 -3.38 1.31 -27.24
CA ARG D 521 -4.17 2.49 -27.53
C ARG D 521 -3.77 3.68 -26.65
N PRO D 522 -2.49 4.03 -26.61
CA PRO D 522 -2.13 5.31 -26.03
C PRO D 522 -2.73 6.44 -26.84
N VAL D 523 -3.14 7.50 -26.15
CA VAL D 523 -3.65 8.65 -26.87
C VAL D 523 -2.91 9.89 -26.39
N PRO D 524 -1.68 10.08 -26.84
CA PRO D 524 -0.89 11.24 -26.39
C PRO D 524 -1.55 12.59 -26.63
N ALA D 525 -2.15 12.80 -27.81
CA ALA D 525 -2.86 14.04 -28.05
C ALA D 525 -3.91 14.27 -26.97
N LEU D 526 -4.74 13.26 -26.71
CA LEU D 526 -5.77 13.44 -25.69
C LEU D 526 -5.15 13.71 -24.32
N SER D 527 -4.05 13.04 -24.01
CA SER D 527 -3.42 13.20 -22.71
C SER D 527 -2.85 14.59 -22.51
N LEU D 528 -2.68 15.36 -23.59
CA LEU D 528 -2.15 16.71 -23.46
C LEU D 528 -3.02 17.56 -22.55
N THR D 529 -4.34 17.36 -22.64
CA THR D 529 -5.27 18.17 -21.87
C THR D 529 -5.83 17.43 -20.66
N TYR D 530 -5.19 16.35 -20.24
CA TYR D 530 -5.56 15.81 -18.93
C TYR D 530 -4.48 16.20 -17.95
N PRO D 531 -4.71 17.22 -17.10
CA PRO D 531 -3.63 17.66 -16.19
C PRO D 531 -3.01 16.54 -15.38
N ASN D 532 -3.81 15.58 -14.93
CA ASN D 532 -3.27 14.56 -14.04
C ASN D 532 -2.34 13.60 -14.76
N CYS D 533 -2.55 13.32 -16.06
CA CYS D 533 -1.58 12.50 -16.78
C CYS D 533 -0.21 13.14 -16.73
N MET D 534 -0.16 14.46 -16.79
CA MET D 534 1.08 15.20 -16.64
C MET D 534 1.63 15.09 -15.22
N ALA D 535 0.74 15.11 -14.23
CA ALA D 535 1.22 15.06 -12.85
C ALA D 535 1.71 13.67 -12.45
N VAL D 536 1.14 12.61 -13.02
CA VAL D 536 1.57 11.24 -12.72
C VAL D 536 2.39 10.64 -13.85
N GLY D 537 2.38 11.25 -15.03
CA GLY D 537 3.19 10.75 -16.11
C GLY D 537 2.70 9.44 -16.65
N LYS D 538 1.38 9.22 -16.65
CA LYS D 538 0.78 8.09 -17.33
C LYS D 538 -0.30 8.59 -18.27
N ASP D 539 -0.36 7.98 -19.46
CA ASP D 539 -1.38 8.33 -20.48
C ASP D 539 -2.79 8.12 -19.94
N TYR D 540 -3.71 8.90 -20.47
CA TYR D 540 -5.14 8.65 -20.33
C TYR D 540 -5.48 7.16 -20.36
N ALA D 541 -4.84 6.41 -21.26
CA ALA D 541 -5.11 4.99 -21.42
C ALA D 541 -4.50 4.16 -20.30
N ASN D 542 -3.65 4.73 -19.45
CA ASN D 542 -3.02 3.97 -18.39
C ASN D 542 -3.35 4.54 -17.01
N GLY D 543 -4.53 5.14 -16.87
CA GLY D 543 -4.96 5.65 -15.58
C GLY D 543 -4.41 7.00 -15.20
N GLY D 544 -3.81 7.72 -16.14
CA GLY D 544 -3.36 9.07 -15.86
C GLY D 544 -4.45 10.02 -15.39
N ALA D 545 -5.68 9.87 -15.89
CA ALA D 545 -6.70 10.87 -15.59
C ALA D 545 -6.89 11.02 -14.08
N GLU D 546 -7.48 12.14 -13.67
CA GLU D 546 -7.71 12.36 -12.25
C GLU D 546 -8.73 11.36 -11.71
N PHE D 547 -9.66 10.91 -12.53
CA PHE D 547 -10.72 10.03 -12.08
C PHE D 547 -10.90 8.93 -13.11
N ASN D 548 -10.75 7.70 -12.68
CA ASN D 548 -11.01 6.57 -13.55
C ASN D 548 -12.17 5.79 -12.98
N VAL D 549 -13.09 5.43 -13.85
CA VAL D 549 -14.13 4.48 -13.50
C VAL D 549 -13.99 3.35 -14.49
N GLY D 550 -14.47 2.18 -14.11
CA GLY D 550 -14.54 1.08 -15.04
C GLY D 550 -15.49 1.37 -16.19
N ASN D 551 -15.35 0.55 -17.22
CA ASN D 551 -16.02 0.77 -18.47
C ASN D 551 -17.50 0.46 -18.38
N GLY D 552 -18.28 1.08 -19.26
CA GLY D 552 -19.72 1.06 -19.18
C GLY D 552 -20.33 -0.02 -20.05
N ILE D 553 -21.07 -0.92 -19.41
CA ILE D 553 -21.81 -1.95 -20.13
C ILE D 553 -23.14 -1.35 -20.59
N ASN D 554 -23.39 -1.37 -21.89
CA ASN D 554 -24.61 -0.81 -22.43
C ASN D 554 -25.74 -1.83 -22.44
N ILE D 555 -26.95 -1.37 -22.19
CA ILE D 555 -28.07 -2.26 -21.96
C ILE D 555 -29.20 -1.87 -22.89
N ILE D 556 -29.60 -2.81 -23.76
CA ILE D 556 -30.59 -2.56 -24.80
C ILE D 556 -31.79 -3.47 -24.58
N GLY D 557 -32.97 -2.92 -24.79
CA GLY D 557 -34.19 -3.70 -24.83
C GLY D 557 -35.04 -3.50 -23.60
N GLN D 558 -35.11 -2.27 -23.10
CA GLN D 558 -35.76 -1.99 -21.85
C GLN D 558 -37.22 -2.36 -21.91
N ALA D 559 -38.00 -1.67 -22.75
CA ALA D 559 -39.41 -1.99 -22.80
C ALA D 559 -39.61 -3.47 -23.10
N ASP D 560 -38.63 -4.12 -23.76
CA ASP D 560 -38.83 -5.49 -24.20
C ASP D 560 -38.76 -6.47 -23.04
N ILE D 561 -37.75 -6.35 -22.18
CA ILE D 561 -37.72 -7.28 -21.04
C ILE D 561 -38.77 -6.86 -20.02
N ILE D 562 -38.93 -5.56 -19.79
CA ILE D 562 -39.97 -5.11 -18.89
C ILE D 562 -41.33 -5.65 -19.32
N ASN D 563 -41.71 -5.37 -20.58
CA ASN D 563 -43.00 -5.85 -21.05
C ASN D 563 -43.07 -7.38 -21.01
N SER D 564 -42.00 -8.05 -21.44
CA SER D 564 -42.04 -9.51 -21.41
C SER D 564 -42.16 -10.01 -19.98
N VAL D 565 -41.37 -9.44 -19.07
CA VAL D 565 -41.51 -9.82 -17.68
C VAL D 565 -42.91 -9.52 -17.19
N ALA D 566 -43.37 -8.29 -17.40
CA ALA D 566 -44.70 -7.91 -16.94
C ALA D 566 -45.76 -8.80 -17.55
N ASP D 567 -45.63 -9.11 -18.83
CA ASP D 567 -46.69 -9.81 -19.53
C ASP D 567 -46.67 -11.29 -19.24
N ILE D 568 -45.51 -11.88 -19.06
CA ILE D 568 -45.47 -13.23 -18.52
C ILE D 568 -46.22 -13.26 -17.19
N LYS D 569 -45.99 -12.26 -16.35
CA LYS D 569 -46.57 -12.29 -15.02
C LYS D 569 -48.08 -12.15 -15.10
N TYR D 570 -48.54 -11.14 -15.84
CA TYR D 570 -49.97 -10.94 -16.04
C TYR D 570 -50.63 -12.15 -16.71
N LEU D 571 -50.07 -12.62 -17.83
CA LEU D 571 -50.72 -13.67 -18.61
C LEU D 571 -50.64 -15.04 -17.93
N VAL D 572 -49.48 -15.40 -17.40
CA VAL D 572 -49.28 -16.79 -16.98
C VAL D 572 -49.50 -16.98 -15.48
N PHE D 573 -49.29 -15.92 -14.70
CA PHE D 573 -49.30 -16.11 -13.25
C PHE D 573 -50.40 -15.36 -12.52
N ASP D 574 -50.70 -14.10 -12.87
CA ASP D 574 -51.80 -13.38 -12.22
C ASP D 574 -53.14 -13.74 -12.85
N GLU D 575 -53.30 -13.48 -14.14
CA GLU D 575 -54.57 -13.75 -14.80
C GLU D 575 -54.69 -15.21 -15.24
N LYS D 576 -53.57 -15.92 -15.37
CA LYS D 576 -53.59 -17.34 -15.71
C LYS D 576 -54.52 -17.59 -16.90
N LYS D 577 -54.49 -16.67 -17.85
CA LYS D 577 -55.31 -16.74 -19.06
C LYS D 577 -54.55 -17.30 -20.24
N ILE D 578 -53.38 -17.88 -19.98
CA ILE D 578 -52.56 -18.50 -21.02
C ILE D 578 -51.58 -19.40 -20.29
N SER D 579 -51.45 -20.63 -20.75
CA SER D 579 -50.52 -21.54 -20.12
C SER D 579 -49.11 -21.26 -20.61
N MET D 580 -48.13 -21.53 -19.76
CA MET D 580 -46.75 -21.28 -20.18
C MET D 580 -46.43 -22.07 -21.45
N ASP D 581 -46.92 -23.30 -21.55
CA ASP D 581 -46.70 -24.09 -22.76
C ASP D 581 -47.39 -23.43 -23.96
N GLU D 582 -48.71 -23.19 -23.85
CA GLU D 582 -49.40 -22.43 -24.88
C GLU D 582 -48.59 -21.20 -25.27
N LEU D 583 -48.06 -20.49 -24.27
CA LEU D 583 -47.28 -19.30 -24.54
C LEU D 583 -46.02 -19.64 -25.31
N CYS D 584 -45.31 -20.67 -24.86
CA CYS D 584 -44.08 -21.04 -25.55
C CYS D 584 -44.38 -21.57 -26.93
N ARG D 585 -45.39 -22.41 -27.07
CA ARG D 585 -45.73 -22.90 -28.40
C ARG D 585 -45.99 -21.73 -29.33
N ALA D 586 -46.65 -20.68 -28.83
CA ALA D 586 -46.94 -19.53 -29.68
C ALA D 586 -45.68 -18.73 -29.97
N LEU D 587 -44.78 -18.64 -28.99
CA LEU D 587 -43.51 -17.94 -29.22
C LEU D 587 -42.64 -18.71 -30.19
N ASP D 588 -42.55 -20.05 -30.05
CA ASP D 588 -41.81 -20.84 -31.04
C ASP D 588 -42.37 -20.62 -32.44
N ALA D 589 -43.67 -20.37 -32.53
CA ALA D 589 -44.33 -20.18 -33.80
C ALA D 589 -44.26 -18.75 -34.30
N ASP D 590 -43.63 -17.85 -33.55
CA ASP D 590 -43.67 -16.42 -33.85
C ASP D 590 -45.11 -15.92 -33.98
N PHE D 591 -46.00 -16.45 -33.15
CA PHE D 591 -47.41 -16.10 -33.17
C PHE D 591 -48.10 -16.54 -34.46
N GLU D 592 -47.40 -17.30 -35.30
CA GLU D 592 -47.95 -17.84 -36.55
C GLU D 592 -49.02 -18.87 -36.22
N GLY D 593 -50.28 -18.52 -36.46
CA GLY D 593 -51.39 -19.38 -36.08
C GLY D 593 -51.80 -19.27 -34.63
N TYR D 594 -51.19 -18.37 -33.86
CA TYR D 594 -51.66 -18.10 -32.51
C TYR D 594 -52.10 -16.64 -32.41
N GLU D 595 -53.03 -16.24 -33.29
CA GLU D 595 -53.46 -14.86 -33.34
C GLU D 595 -54.14 -14.43 -32.05
N HIS D 596 -54.81 -15.37 -31.36
CA HIS D 596 -55.46 -15.01 -30.10
C HIS D 596 -54.42 -14.77 -29.02
N ILE D 597 -53.38 -15.60 -28.95
CA ILE D 597 -52.32 -15.39 -27.96
C ILE D 597 -51.58 -14.09 -28.23
N HIS D 598 -51.28 -13.81 -29.49
CA HIS D 598 -50.58 -12.56 -29.79
C HIS D 598 -51.44 -11.36 -29.45
N LYS D 599 -52.75 -11.45 -29.65
CA LYS D 599 -53.63 -10.37 -29.25
C LYS D 599 -53.67 -10.22 -27.73
N MET D 600 -53.52 -11.32 -27.00
CA MET D 600 -53.48 -11.25 -25.55
C MET D 600 -52.18 -10.62 -25.08
N CYS D 601 -51.07 -10.95 -25.73
CA CYS D 601 -49.80 -10.36 -25.31
C CYS D 601 -49.76 -8.89 -25.66
N MET D 602 -50.22 -8.53 -26.85
CA MET D 602 -50.33 -7.11 -27.17
C MET D 602 -51.15 -6.39 -26.12
N ASP D 603 -52.13 -7.05 -25.54
CA ASP D 603 -53.05 -6.38 -24.63
C ASP D 603 -52.63 -6.45 -23.18
N ALA D 604 -51.62 -7.26 -22.87
CA ALA D 604 -51.06 -7.28 -21.53
C ALA D 604 -50.43 -5.91 -21.26
N PRO D 605 -50.13 -5.62 -20.00
CA PRO D 605 -49.72 -4.26 -19.66
C PRO D 605 -48.45 -3.88 -20.41
N LYS D 606 -48.29 -2.60 -20.65
CA LYS D 606 -47.17 -2.14 -21.44
C LYS D 606 -46.40 -1.10 -20.64
N TYR D 607 -45.10 -1.33 -20.50
CA TYR D 607 -44.18 -0.30 -20.05
C TYR D 607 -44.40 0.99 -20.84
N GLY D 608 -44.47 2.11 -20.12
CA GLY D 608 -44.65 3.40 -20.76
C GLY D 608 -46.01 4.03 -20.56
N ASN D 609 -46.93 3.37 -19.88
CA ASN D 609 -48.24 3.95 -19.66
C ASN D 609 -48.48 4.33 -18.22
N ASP D 610 -47.45 4.28 -17.38
CA ASP D 610 -47.66 4.49 -15.96
C ASP D 610 -48.64 3.46 -15.41
N ASP D 611 -48.43 2.22 -15.82
CA ASP D 611 -49.23 1.09 -15.36
C ASP D 611 -48.43 0.32 -14.34
N PRO D 612 -48.87 0.23 -13.08
CA PRO D 612 -48.13 -0.61 -12.12
C PRO D 612 -48.10 -2.08 -12.51
N LYS D 613 -49.12 -2.56 -13.20
CA LYS D 613 -49.11 -3.94 -13.68
C LYS D 613 -47.93 -4.22 -14.59
N ALA D 614 -47.39 -3.20 -15.22
CA ALA D 614 -46.22 -3.27 -16.10
C ALA D 614 -44.96 -2.76 -15.43
N ASP D 615 -45.05 -1.59 -14.79
CA ASP D 615 -43.93 -0.90 -14.20
C ASP D 615 -43.54 -1.46 -12.83
N PHE D 616 -44.15 -2.56 -12.37
CA PHE D 616 -43.84 -3.04 -11.02
C PHE D 616 -42.41 -3.60 -10.93
N CYS D 617 -41.91 -4.18 -12.02
CA CYS D 617 -40.63 -4.89 -12.06
C CYS D 617 -39.46 -4.02 -12.46
N VAL D 618 -39.68 -2.76 -12.83
CA VAL D 618 -38.62 -2.01 -13.48
C VAL D 618 -37.46 -1.80 -12.52
N GLY D 619 -37.74 -1.24 -11.33
CA GLY D 619 -36.68 -0.98 -10.37
C GLY D 619 -35.92 -2.25 -9.98
N GLU D 620 -36.64 -3.37 -9.88
CA GLU D 620 -35.99 -4.58 -9.37
C GLU D 620 -35.05 -5.19 -10.40
N ILE D 621 -35.51 -5.32 -11.65
CA ILE D 621 -34.65 -5.91 -12.68
C ILE D 621 -33.44 -5.02 -12.94
N TYR D 622 -33.65 -3.72 -12.91
CA TYR D 622 -32.58 -2.84 -13.34
C TYR D 622 -31.66 -2.50 -12.19
N ASN D 623 -32.10 -2.67 -10.95
CA ASN D 623 -31.15 -2.59 -9.86
C ASN D 623 -30.36 -3.88 -9.78
N TYR D 624 -31.03 -5.02 -10.01
CA TYR D 624 -30.29 -6.26 -10.11
C TYR D 624 -29.17 -6.13 -11.13
N LEU D 625 -29.53 -5.66 -12.32
CA LEU D 625 -28.58 -5.57 -13.43
C LEU D 625 -27.36 -4.76 -13.04
N VAL D 626 -27.58 -3.54 -12.56
CA VAL D 626 -26.43 -2.70 -12.21
C VAL D 626 -25.66 -3.32 -11.06
N ASP D 627 -26.37 -3.98 -10.13
CA ASP D 627 -25.67 -4.72 -9.08
C ASP D 627 -24.73 -5.75 -9.69
N GLN D 628 -25.21 -6.51 -10.67
CA GLN D 628 -24.33 -7.46 -11.34
C GLN D 628 -23.13 -6.76 -11.97
N ILE D 629 -23.39 -5.75 -12.80
CA ILE D 629 -22.29 -5.03 -13.45
C ILE D 629 -21.32 -4.53 -12.41
N GLU D 630 -21.83 -4.01 -11.32
CA GLU D 630 -20.95 -3.34 -10.38
C GLU D 630 -20.09 -4.30 -9.58
N GLN D 631 -20.36 -5.60 -9.61
CA GLN D 631 -19.50 -6.49 -8.83
C GLN D 631 -18.14 -6.66 -9.47
N TYR D 632 -17.97 -6.23 -10.71
CA TYR D 632 -16.77 -6.52 -11.47
C TYR D 632 -15.80 -5.36 -11.42
N ASP D 633 -14.57 -5.65 -11.07
CA ASP D 633 -13.53 -4.66 -10.95
C ASP D 633 -12.64 -4.71 -12.18
N SER D 634 -11.91 -3.63 -12.37
CA SER D 634 -10.90 -3.56 -13.41
C SER D 634 -9.78 -2.70 -12.87
N PRO D 635 -8.72 -2.48 -13.63
CA PRO D 635 -7.67 -1.56 -13.17
C PRO D 635 -8.17 -0.14 -12.97
N PHE D 636 -9.38 0.17 -13.42
CA PHE D 636 -9.89 1.52 -13.43
C PHE D 636 -11.07 1.71 -12.49
N GLY D 637 -11.47 0.70 -11.75
CA GLY D 637 -12.64 0.76 -10.90
C GLY D 637 -13.68 -0.27 -11.32
N LYS D 638 -14.78 -0.26 -10.58
CA LYS D 638 -15.89 -1.14 -10.88
C LYS D 638 -16.51 -0.74 -12.20
N LEU D 639 -17.04 -1.72 -12.91
CA LEU D 639 -17.68 -1.42 -14.17
C LEU D 639 -18.86 -0.50 -13.92
N THR D 640 -19.32 0.14 -14.99
CA THR D 640 -20.42 1.07 -14.91
C THR D 640 -21.45 0.65 -15.93
N ALA D 641 -22.62 1.27 -15.88
CA ALA D 641 -23.71 0.86 -16.75
C ALA D 641 -24.39 2.09 -17.32
N GLY D 642 -24.91 1.93 -18.53
CA GLY D 642 -25.74 2.94 -19.13
C GLY D 642 -26.78 2.28 -19.98
N MET D 643 -27.84 3.01 -20.27
CA MET D 643 -28.89 2.57 -21.17
C MET D 643 -28.91 3.55 -22.34
N LEU D 644 -27.99 3.36 -23.28
CA LEU D 644 -27.91 4.16 -24.49
C LEU D 644 -27.76 3.22 -25.67
N PRO D 645 -28.86 2.59 -26.10
CA PRO D 645 -28.77 1.57 -27.15
C PRO D 645 -28.24 2.10 -28.48
N VAL D 646 -28.16 3.42 -28.66
CA VAL D 646 -27.76 4.00 -29.94
C VAL D 646 -28.82 3.56 -30.94
N SER D 647 -28.42 2.95 -32.05
CA SER D 647 -29.38 2.29 -32.92
C SER D 647 -29.25 0.78 -32.86
N GLY D 648 -28.57 0.29 -31.85
CA GLY D 648 -28.39 -1.14 -31.72
C GLY D 648 -29.65 -1.90 -31.44
N ASN D 649 -30.75 -1.23 -31.08
CA ASN D 649 -31.97 -1.99 -30.86
C ASN D 649 -32.46 -2.62 -32.16
N VAL D 650 -32.08 -2.06 -33.30
CA VAL D 650 -32.50 -2.61 -34.59
C VAL D 650 -31.65 -3.84 -34.92
N PRO D 651 -30.32 -3.75 -34.92
CA PRO D 651 -29.54 -4.95 -35.20
C PRO D 651 -29.74 -6.01 -34.14
N ILE D 652 -29.58 -5.64 -32.86
CA ILE D 652 -29.66 -6.61 -31.77
C ILE D 652 -31.01 -7.31 -31.80
N GLY D 653 -32.06 -6.62 -32.27
CA GLY D 653 -33.36 -7.24 -32.40
C GLY D 653 -33.44 -8.34 -33.44
N GLN D 654 -32.56 -8.31 -34.45
CA GLN D 654 -32.65 -9.36 -35.46
C GLN D 654 -32.27 -10.72 -34.90
N SER D 655 -31.77 -10.78 -33.67
CA SER D 655 -31.45 -12.03 -33.01
C SER D 655 -32.46 -12.46 -31.96
N VAL D 656 -33.53 -11.70 -31.74
CA VAL D 656 -34.47 -12.00 -30.67
C VAL D 656 -35.79 -12.43 -31.30
N GLY D 657 -36.21 -13.64 -30.98
CA GLY D 657 -37.49 -14.13 -31.45
C GLY D 657 -38.62 -13.34 -30.83
N ALA D 658 -39.84 -13.78 -31.15
CA ALA D 658 -41.01 -13.16 -30.54
C ALA D 658 -40.91 -13.23 -29.02
N LEU D 659 -41.60 -12.30 -28.36
CA LEU D 659 -41.52 -12.21 -26.91
C LEU D 659 -42.92 -12.19 -26.32
N PRO D 660 -43.07 -12.64 -25.08
CA PRO D 660 -44.41 -12.60 -24.46
C PRO D 660 -44.98 -11.19 -24.36
N SER D 661 -44.16 -10.16 -24.54
CA SER D 661 -44.67 -8.79 -24.68
C SER D 661 -45.45 -8.61 -25.98
N GLY D 662 -45.48 -9.62 -26.84
CA GLY D 662 -46.17 -9.54 -28.10
C GLY D 662 -45.30 -9.07 -29.24
N ARG D 663 -44.02 -8.84 -28.98
CA ARG D 663 -43.12 -8.39 -30.03
C ARG D 663 -42.75 -9.56 -30.92
N LYS D 664 -43.00 -9.42 -32.22
CA LYS D 664 -42.72 -10.47 -33.20
C LYS D 664 -41.20 -10.68 -33.36
N ALA D 665 -40.87 -11.80 -33.98
CA ALA D 665 -39.50 -12.30 -33.99
C ALA D 665 -38.61 -11.51 -34.94
N TRP D 666 -37.51 -10.99 -34.41
CA TRP D 666 -36.39 -10.43 -35.14
C TRP D 666 -36.62 -8.98 -35.54
N THR D 667 -37.71 -8.38 -35.08
CA THR D 667 -37.92 -6.96 -35.23
C THR D 667 -37.04 -6.23 -34.23
N PRO D 668 -36.93 -4.91 -34.34
CA PRO D 668 -36.14 -4.16 -33.36
C PRO D 668 -36.71 -4.26 -31.96
N LEU D 669 -35.81 -4.30 -30.99
CA LEU D 669 -36.21 -4.06 -29.60
C LEU D 669 -36.62 -2.60 -29.44
N ALA D 670 -37.11 -2.27 -28.26
CA ALA D 670 -37.45 -0.87 -28.01
C ALA D 670 -36.16 -0.04 -27.92
N ASP D 671 -36.20 1.14 -28.51
CA ASP D 671 -35.08 2.05 -28.41
C ASP D 671 -34.94 2.54 -26.96
N GLY D 672 -33.78 3.12 -26.67
CA GLY D 672 -33.50 3.73 -25.38
C GLY D 672 -34.12 3.07 -24.17
N ILE D 673 -34.95 3.83 -23.46
CA ILE D 673 -35.57 3.41 -22.22
C ILE D 673 -37.06 3.64 -22.21
N GLY D 674 -37.62 4.15 -23.29
CA GLY D 674 -39.03 4.47 -23.33
C GLY D 674 -39.79 3.23 -23.70
N ALA D 675 -41.01 3.45 -24.17
CA ALA D 675 -41.94 2.38 -24.48
C ALA D 675 -41.82 1.94 -25.94
N THR D 676 -42.28 0.72 -26.18
CA THR D 676 -42.34 0.18 -27.53
C THR D 676 -43.31 0.97 -28.39
N GLY D 677 -42.92 1.24 -29.63
CA GLY D 677 -43.76 2.02 -30.50
C GLY D 677 -45.18 1.51 -30.46
N GLY D 678 -46.14 2.43 -30.36
CA GLY D 678 -47.53 2.04 -30.40
C GLY D 678 -48.09 1.40 -29.14
N THR D 679 -47.32 1.33 -28.04
CA THR D 679 -47.85 0.82 -26.78
C THR D 679 -48.07 1.89 -25.73
N ASP D 680 -47.35 3.00 -25.78
CA ASP D 680 -47.58 4.12 -24.86
C ASP D 680 -48.71 4.98 -25.41
N ILE D 681 -49.90 4.80 -24.84
CA ILE D 681 -51.15 5.38 -25.29
C ILE D 681 -51.74 6.32 -24.26
N ASN D 682 -50.95 6.71 -23.27
CA ASN D 682 -51.42 7.49 -22.13
C ASN D 682 -50.84 8.90 -22.11
N GLY D 683 -50.09 9.31 -23.12
CA GLY D 683 -49.52 10.64 -23.15
C GLY D 683 -48.05 10.65 -22.74
N ALA D 684 -47.43 11.81 -22.96
CA ALA D 684 -46.01 11.95 -22.67
C ALA D 684 -45.75 11.83 -21.17
N THR D 685 -46.64 12.37 -20.35
CA THR D 685 -46.35 12.47 -18.94
C THR D 685 -46.39 11.11 -18.28
N ALA D 686 -47.43 10.34 -18.57
CA ALA D 686 -47.45 8.95 -18.14
C ALA D 686 -46.22 8.20 -18.65
N LEU D 687 -45.80 8.51 -19.87
CA LEU D 687 -44.59 7.90 -20.41
C LEU D 687 -43.39 8.22 -19.54
N LEU D 688 -43.25 9.50 -19.17
CA LEU D 688 -42.16 9.91 -18.29
C LEU D 688 -42.28 9.28 -16.92
N LYS D 689 -43.50 9.11 -16.41
CA LYS D 689 -43.68 8.45 -15.12
C LYS D 689 -43.21 7.00 -15.18
N SER D 690 -43.51 6.29 -16.28
CA SER D 690 -43.04 4.91 -16.42
C SER D 690 -41.51 4.87 -16.38
N ILE D 691 -40.84 5.79 -17.07
CA ILE D 691 -39.40 5.70 -17.18
C ILE D 691 -38.73 6.22 -15.92
N SER D 692 -39.49 6.89 -15.06
CA SER D 692 -38.92 7.36 -13.81
C SER D 692 -38.72 6.21 -12.85
N ASN D 693 -39.39 5.08 -13.12
CA ASN D 693 -39.17 3.87 -12.32
C ASN D 693 -37.80 3.27 -12.59
N LEU D 694 -37.13 3.66 -13.67
CA LEU D 694 -35.73 3.28 -13.83
C LEU D 694 -34.90 4.02 -12.77
N PRO D 695 -33.89 3.37 -12.22
CA PRO D 695 -33.00 4.05 -11.27
C PRO D 695 -31.86 4.76 -11.99
N HIS D 696 -32.20 5.89 -12.63
CA HIS D 696 -31.25 6.58 -13.50
C HIS D 696 -29.91 6.78 -12.80
N ALA D 697 -29.94 7.11 -11.51
CA ALA D 697 -28.73 7.23 -10.71
C ALA D 697 -27.79 6.06 -10.91
N ARG D 698 -28.29 4.83 -10.84
CA ARG D 698 -27.37 3.70 -10.85
C ARG D 698 -26.66 3.57 -12.20
N PHE D 699 -27.17 4.18 -13.25
CA PHE D 699 -26.55 4.09 -14.58
C PHE D 699 -25.65 5.31 -14.78
N THR D 700 -24.42 5.21 -14.31
CA THR D 700 -23.54 6.37 -14.32
C THR D 700 -23.09 6.76 -15.72
N GLN D 701 -23.29 5.87 -16.70
CA GLN D 701 -23.10 6.16 -18.12
C GLN D 701 -24.40 6.56 -18.81
N GLY D 702 -25.44 6.90 -18.05
CA GLY D 702 -26.57 7.61 -18.60
C GLY D 702 -27.68 6.72 -19.11
N THR D 703 -28.83 7.34 -19.34
CA THR D 703 -30.01 6.70 -19.91
C THR D 703 -30.50 7.59 -21.03
N GLN D 704 -31.03 6.99 -22.10
CA GLN D 704 -31.44 7.76 -23.26
C GLN D 704 -32.93 7.54 -23.50
N MET D 705 -33.70 8.62 -23.45
CA MET D 705 -35.13 8.57 -23.68
C MET D 705 -35.50 9.33 -24.95
N ASN D 706 -36.27 8.69 -25.82
CA ASN D 706 -36.84 9.33 -26.99
C ASN D 706 -38.31 9.62 -26.74
N LEU D 707 -38.75 10.78 -27.21
CA LEU D 707 -40.16 11.03 -27.44
C LEU D 707 -40.32 11.59 -28.85
N LYS D 708 -41.49 11.35 -29.42
CA LYS D 708 -41.84 11.94 -30.69
C LYS D 708 -43.16 12.64 -30.45
N ILE D 709 -43.21 13.95 -30.68
CA ILE D 709 -44.37 14.76 -30.33
C ILE D 709 -45.04 15.22 -31.62
N ASP D 710 -46.33 14.89 -31.77
CA ASP D 710 -47.19 15.46 -32.78
C ASP D 710 -46.88 16.95 -32.91
N PRO D 711 -46.41 17.43 -34.08
CA PRO D 711 -46.16 18.87 -34.22
C PRO D 711 -47.31 19.72 -33.72
N LYS D 712 -48.56 19.38 -34.08
CA LYS D 712 -49.71 20.17 -33.65
C LYS D 712 -49.68 20.47 -32.16
N LEU D 713 -49.06 19.60 -31.37
CA LEU D 713 -48.99 19.79 -29.93
C LEU D 713 -48.12 20.98 -29.52
N LEU D 714 -47.32 21.53 -30.43
CA LEU D 714 -46.35 22.55 -30.06
C LEU D 714 -46.66 23.93 -30.62
N GLU D 715 -47.74 24.09 -31.38
CA GLU D 715 -48.07 25.38 -31.99
C GLU D 715 -48.16 26.46 -30.92
N GLY D 716 -47.79 27.68 -31.30
CA GLY D 716 -48.03 28.84 -30.46
C GLY D 716 -47.42 28.83 -29.08
N GLU D 717 -47.63 29.91 -28.33
CA GLU D 717 -47.00 30.04 -27.02
C GLU D 717 -47.46 28.95 -26.07
N ARG D 718 -48.68 28.47 -26.23
CA ARG D 718 -49.17 27.40 -25.36
C ARG D 718 -48.36 26.13 -25.56
N GLY D 719 -48.15 25.74 -26.82
CA GLY D 719 -47.42 24.51 -27.08
C GLY D 719 -46.01 24.53 -26.51
N LEU D 720 -45.31 25.66 -26.67
CA LEU D 720 -44.03 25.83 -25.98
C LEU D 720 -44.21 25.67 -24.48
N ASN D 721 -45.25 26.29 -23.92
CA ASN D 721 -45.54 26.16 -22.49
C ASN D 721 -45.62 24.70 -22.09
N SER D 722 -46.40 23.92 -22.84
CA SER D 722 -46.56 22.50 -22.53
C SER D 722 -45.23 21.76 -22.65
N MET D 723 -44.46 22.03 -23.69
CA MET D 723 -43.10 21.53 -23.77
C MET D 723 -42.33 21.82 -22.48
N MET D 724 -42.33 23.08 -22.04
CA MET D 724 -41.58 23.43 -20.83
C MET D 724 -42.11 22.69 -19.60
N VAL D 725 -43.44 22.69 -19.41
CA VAL D 725 -44.01 21.91 -18.33
C VAL D 725 -43.55 20.46 -18.42
N LEU D 726 -43.56 19.88 -19.62
CA LEU D 726 -43.06 18.52 -19.77
C LEU D 726 -41.63 18.41 -19.28
N LEU D 727 -40.76 19.36 -19.64
CA LEU D 727 -39.37 19.25 -19.25
C LEU D 727 -39.20 19.44 -17.76
N LYS D 728 -40.07 20.25 -17.15
CA LYS D 728 -40.02 20.39 -15.71
C LYS D 728 -40.53 19.13 -15.03
N THR D 729 -41.55 18.50 -15.62
CA THR D 729 -41.97 17.21 -15.10
C THR D 729 -40.82 16.22 -15.19
N GLN D 730 -40.10 16.23 -16.32
CA GLN D 730 -38.91 15.42 -16.42
C GLN D 730 -38.02 15.59 -15.21
N CYS D 731 -37.69 16.83 -14.87
CA CYS D 731 -36.82 17.06 -13.72
C CYS D 731 -37.48 16.62 -12.42
N THR D 732 -38.73 17.03 -12.20
CA THR D 732 -39.48 16.57 -11.03
C THR D 732 -39.32 15.06 -10.83
N LEU D 733 -39.48 14.29 -11.91
CA LEU D 733 -39.39 12.85 -11.85
C LEU D 733 -37.98 12.31 -11.81
N ASP D 734 -36.97 13.19 -11.82
CA ASP D 734 -35.58 12.76 -11.69
C ASP D 734 -35.12 12.01 -12.93
N ILE D 735 -35.69 12.35 -14.07
CA ILE D 735 -35.33 11.69 -15.32
C ILE D 735 -34.08 12.33 -15.91
N TYR D 736 -33.08 11.50 -16.18
CA TYR D 736 -31.81 12.03 -16.66
C TYR D 736 -31.99 12.83 -17.93
N HIS D 737 -32.61 12.22 -18.93
CA HIS D 737 -32.48 12.73 -20.27
C HIS D 737 -33.77 12.56 -21.04
N THR D 738 -34.10 13.55 -21.87
CA THR D 738 -35.12 13.33 -22.90
C THR D 738 -34.69 13.99 -24.19
N GLN D 739 -35.14 13.40 -25.29
CA GLN D 739 -34.94 13.88 -26.65
C GLN D 739 -36.29 13.98 -27.35
N TYR D 740 -36.34 14.86 -28.33
CA TYR D 740 -37.60 15.23 -28.97
C TYR D 740 -37.45 15.16 -30.47
N ASN D 741 -38.12 14.19 -31.10
CA ASN D 741 -38.40 14.28 -32.52
C ASN D 741 -39.71 15.04 -32.66
N VAL D 742 -39.72 16.00 -33.56
CA VAL D 742 -40.88 16.84 -33.84
C VAL D 742 -40.89 17.01 -35.35
N ILE D 743 -41.75 16.27 -36.04
CA ILE D 743 -41.62 16.14 -37.48
C ILE D 743 -42.90 15.58 -38.04
N ASN D 744 -43.43 16.20 -39.07
CA ASN D 744 -44.64 15.66 -39.67
C ASN D 744 -44.33 14.26 -40.19
N PRO D 745 -45.20 13.27 -39.94
CA PRO D 745 -44.85 11.89 -40.32
C PRO D 745 -44.73 11.69 -41.82
N GLU D 746 -45.59 12.34 -42.60
CA GLU D 746 -45.46 12.28 -44.06
C GLU D 746 -44.03 12.57 -44.49
N ILE D 747 -43.42 13.64 -43.95
CA ILE D 747 -42.06 14.01 -44.32
C ILE D 747 -41.14 12.81 -44.21
N LEU D 748 -41.13 12.16 -43.05
CA LEU D 748 -40.40 10.92 -42.90
C LEU D 748 -40.68 9.96 -44.06
N MET D 749 -41.96 9.72 -44.34
CA MET D 749 -42.27 8.73 -45.37
C MET D 749 -41.87 9.26 -46.76
N ASP D 750 -42.10 10.55 -47.02
CA ASP D 750 -41.55 11.07 -48.26
C ASP D 750 -40.04 10.94 -48.28
N ALA D 751 -39.37 11.11 -47.14
CA ALA D 751 -37.93 11.02 -47.14
C ALA D 751 -37.46 9.62 -47.50
N GLN D 752 -38.30 8.61 -47.31
CA GLN D 752 -37.97 7.28 -47.80
C GLN D 752 -38.19 7.14 -49.31
N LYS D 753 -39.21 7.81 -49.85
CA LYS D 753 -39.44 7.76 -51.30
C LYS D 753 -38.49 8.64 -52.07
N ASN D 754 -38.11 9.79 -51.51
CA ASN D 754 -37.39 10.83 -52.25
C ASN D 754 -36.20 11.32 -51.44
N PRO D 755 -35.25 10.45 -51.16
CA PRO D 755 -34.06 10.83 -50.39
C PRO D 755 -33.43 12.14 -50.81
N GLY D 756 -33.37 12.40 -52.11
CA GLY D 756 -32.70 13.60 -52.60
C GLY D 756 -33.42 14.88 -52.26
N ASP D 757 -34.73 14.81 -52.03
CA ASP D 757 -35.53 15.95 -51.57
C ASP D 757 -35.41 16.20 -50.08
N HIS D 758 -34.51 15.48 -49.38
CA HIS D 758 -34.51 15.55 -47.92
C HIS D 758 -33.12 15.31 -47.33
N LYS D 759 -32.05 15.62 -48.08
CA LYS D 759 -30.72 15.17 -47.66
C LYS D 759 -30.32 15.74 -46.30
N ASP D 760 -30.99 16.80 -45.86
CA ASP D 760 -30.70 17.42 -44.57
C ASP D 760 -31.77 17.17 -43.52
N LEU D 761 -32.82 16.41 -43.84
CA LEU D 761 -33.83 16.07 -42.85
C LEU D 761 -33.16 15.40 -41.66
N LEU D 762 -33.23 16.05 -40.50
CA LEU D 762 -32.63 15.55 -39.28
C LEU D 762 -33.65 14.77 -38.49
N VAL D 763 -33.23 13.63 -37.96
CA VAL D 763 -34.04 12.90 -36.99
C VAL D 763 -33.21 12.65 -35.73
N ARG D 764 -33.87 12.72 -34.58
CA ARG D 764 -33.24 12.27 -33.36
C ARG D 764 -33.39 10.76 -33.26
N VAL D 765 -32.28 10.06 -33.19
CA VAL D 765 -32.27 8.60 -33.22
C VAL D 765 -32.26 8.06 -31.79
N ALA D 766 -31.10 8.09 -31.15
CA ALA D 766 -31.03 7.58 -29.79
C ALA D 766 -29.83 8.16 -29.08
N GLY D 767 -29.96 9.37 -28.56
CA GLY D 767 -28.84 10.07 -27.96
C GLY D 767 -28.11 11.00 -28.89
N TYR D 768 -28.53 11.10 -30.14
CA TYR D 768 -27.81 11.81 -31.17
C TYR D 768 -28.74 12.01 -32.35
N THR D 769 -28.25 12.74 -33.33
CA THR D 769 -29.01 13.11 -34.51
C THR D 769 -28.30 12.50 -35.71
N ALA D 770 -29.08 12.01 -36.65
CA ALA D 770 -28.56 11.58 -37.92
C ALA D 770 -29.25 12.39 -39.00
N PHE D 771 -28.70 12.35 -40.20
CA PHE D 771 -29.46 12.71 -41.38
C PHE D 771 -30.34 11.51 -41.68
N PHE D 772 -31.67 11.72 -41.73
CA PHE D 772 -32.58 10.60 -41.87
C PHE D 772 -32.26 9.77 -43.11
N VAL D 773 -31.86 10.42 -44.22
CA VAL D 773 -31.65 9.65 -45.45
C VAL D 773 -30.35 8.89 -45.45
N GLU D 774 -29.45 9.12 -44.50
CA GLU D 774 -28.22 8.34 -44.38
C GLU D 774 -28.36 7.12 -43.48
N LEU D 775 -29.55 6.85 -42.96
CA LEU D 775 -29.77 5.74 -42.05
C LEU D 775 -30.34 4.55 -42.82
N GLY D 776 -29.85 3.36 -42.50
CA GLY D 776 -30.40 2.17 -43.12
C GLY D 776 -31.90 2.08 -42.91
N LYS D 777 -32.61 1.70 -43.98
CA LYS D 777 -34.06 1.68 -43.98
C LYS D 777 -34.65 1.09 -42.68
N ASP D 778 -34.16 -0.06 -42.25
CA ASP D 778 -34.76 -0.68 -41.09
C ASP D 778 -34.61 0.18 -39.84
N ILE D 779 -33.55 1.00 -39.77
CA ILE D 779 -33.47 1.96 -38.69
C ILE D 779 -34.45 3.10 -38.93
N GLN D 780 -34.63 3.50 -40.20
CA GLN D 780 -35.66 4.49 -40.51
C GLN D 780 -37.03 3.99 -40.10
N ASP D 781 -37.30 2.71 -40.35
CA ASP D 781 -38.61 2.17 -40.00
C ASP D 781 -38.80 2.19 -38.51
N ASP D 782 -37.76 1.85 -37.76
CA ASP D 782 -37.88 1.93 -36.31
C ASP D 782 -38.28 3.33 -35.90
N ILE D 783 -37.57 4.34 -36.42
CA ILE D 783 -37.88 5.72 -36.07
C ILE D 783 -39.31 6.05 -36.44
N ILE D 784 -39.74 5.60 -37.63
CA ILE D 784 -41.08 5.91 -38.10
C ILE D 784 -42.15 5.30 -37.19
N GLN D 785 -41.93 4.07 -36.70
CA GLN D 785 -42.95 3.42 -35.87
C GLN D 785 -42.90 3.86 -34.41
N ARG D 786 -42.01 4.78 -34.08
CA ARG D 786 -42.09 5.43 -32.78
C ARG D 786 -43.45 6.08 -32.64
N THR D 787 -43.96 6.08 -31.41
CA THR D 787 -45.25 6.68 -31.12
C THR D 787 -45.18 8.19 -31.35
N GLU D 788 -46.16 8.73 -32.07
CA GLU D 788 -46.27 10.17 -32.17
C GLU D 788 -47.18 10.61 -31.03
N ILE D 789 -46.55 11.02 -29.93
CA ILE D 789 -47.32 11.40 -28.75
C ILE D 789 -48.23 12.55 -29.11
N GLU D 790 -49.53 12.34 -28.96
CA GLU D 790 -50.54 13.33 -29.28
C GLU D 790 -51.14 13.93 -28.03
N ASN D 791 -50.53 13.69 -26.87
CA ASN D 791 -51.12 14.15 -25.62
C ASN D 791 -50.01 14.38 -24.60
N TRP D 792 -49.92 15.61 -24.10
CA TRP D 792 -48.88 15.94 -23.11
C TRP D 792 -49.10 15.22 -21.79
N GLY D 793 -50.35 15.18 -21.30
CA GLY D 793 -50.65 14.61 -20.00
C GLY D 793 -50.19 15.45 -18.82
#